data_7WM4
#
_entry.id   7WM4
#
_cell.length_a   1.00
_cell.length_b   1.00
_cell.length_c   1.00
_cell.angle_alpha   90.00
_cell.angle_beta   90.00
_cell.angle_gamma   90.00
#
_symmetry.space_group_name_H-M   'P 1'
#
loop_
_entity.id
_entity.type
_entity.pdbx_description
1 polymer 'Toll-like receptor 3'
2 polymer 'RNA (81-MER)'
3 polymer 'RNA (81-MER)'
4 branched beta-D-mannopyranose-(1-4)-2-acetamido-2-deoxy-beta-D-glucopyranose-(1-4)-2-acetamido-2-deoxy-beta-D-glucopyranose
5 branched 2-acetamido-2-deoxy-beta-D-glucopyranose-(1-4)-2-acetamido-2-deoxy-beta-D-glucopyranose
6 non-polymer 2-acetamido-2-deoxy-beta-D-glucopyranose
#
loop_
_entity_poly.entity_id
_entity_poly.type
_entity_poly.pdbx_seq_one_letter_code
_entity_poly.pdbx_strand_id
1 'polypeptide(L)'
;TNQCTVRYNVADCSHLKLTHIPDDLPSNITVLNLTHNQLRRLPPTNFTRYSQLAILDAGFNSISKLEPELCQILPLLKVL
NLQHNELSQISDQTFVFCTNLTELDLMSNSIHKIKSNPFKNQKNLIKLDLSHNGLSSTKLGTGVQLENLQELLLAKNKIL
ALRSEELEFLGNSSLRKLDLSSNPLKEFSPGCFQTIGKLFALLLNNAQLNPHLTEKLCWELSNTSIQNLSLANNQLLATS
ESTFSGLKWTNLTQLDLSYNNLHDVGNGSFSYLPSLRYLSLEYNNIQRLSPRSFYGLSNLRYLSLKRAFTKQSVSLASHP
NIDDFSFQWLKYLEYLNMDDNNIPSTKSNTFTGLVSLKYLSLSKTFTSLQTLTNETFVSLAHSPLLTLNLTKNHISKIAN
GTFSWLGQLRILDLGLNEIEQKLSGQEWRGLRNIFEIYLSYNKYLQLSTSSFALVPSLQRLMLRRVALKNVDISPSPFRP
LRNLTILDLSNNNIANINEDLLEGLENLEILDFQHNNLARLWKRANPGGPVNFLKGLSHLHILNLESNGLDEIPVGVFKN
LFELKSINLGLNNLNKLEPFIFDDQTSLRSLNLQKNLITSVEKDVFGPPFQNLNSLDMRFNPFDCTCESISWFVNWINQT
HTNISELSTHYLCNTPHHYYGFPLKLFDTSSCKDSAPFEL
;
C,D,E,F
2 'polyribonucleotide'
;AAAAAAAAAAAAAAAAAAAAAAAAAAAAAAAAAAAAAAAAAUUUUUUUUUUUUUUUUUUUUUUUUUUUUUUUUUUUUUUU
U
;
A
3 'polyribonucleotide'
;AAAAAAAAAAAAAAAAAAAAAAAAAAAAAAAAAAAAAAAAUUUUUUUUUUUUUUUUUUUUUUUUUUUUUUUUUUUUUUUU
U
;
B
#
# COMPACT_ATOMS: atom_id res chain seq x y z
N CYS A 4 24.30 -9.33 -19.75
CA CYS A 4 24.87 -8.47 -18.71
C CYS A 4 25.87 -7.49 -19.29
N THR A 5 26.33 -6.56 -18.47
CA THR A 5 27.35 -5.60 -18.91
C THR A 5 28.64 -6.31 -19.27
N VAL A 6 29.06 -7.28 -18.45
CA VAL A 6 30.25 -8.09 -18.68
C VAL A 6 31.47 -7.19 -18.84
N ARG A 7 31.81 -6.46 -17.79
CA ARG A 7 33.02 -5.64 -17.80
C ARG A 7 34.21 -6.46 -17.31
N TYR A 8 35.37 -5.81 -17.21
CA TYR A 8 36.59 -6.51 -16.84
C TYR A 8 36.51 -7.04 -15.42
N ASN A 9 36.92 -8.29 -15.23
CA ASN A 9 36.96 -8.95 -13.93
C ASN A 9 35.58 -9.04 -13.29
N VAL A 10 35.01 -7.91 -12.92
CA VAL A 10 33.70 -7.89 -12.27
C VAL A 10 32.61 -8.02 -13.31
N ALA A 11 31.50 -8.64 -12.92
CA ALA A 11 30.34 -8.82 -13.79
C ALA A 11 29.15 -8.11 -13.18
N ASP A 12 28.44 -7.31 -13.98
CA ASP A 12 27.29 -6.54 -13.53
C ASP A 12 26.10 -6.86 -14.42
N CYS A 13 24.97 -7.15 -13.78
CA CYS A 13 23.70 -7.44 -14.48
C CYS A 13 22.63 -6.56 -13.85
N SER A 14 22.49 -5.33 -14.36
CA SER A 14 21.55 -4.39 -13.78
C SER A 14 20.11 -4.87 -13.95
N HIS A 15 19.65 -4.98 -15.19
CA HIS A 15 18.27 -5.38 -15.46
C HIS A 15 18.25 -6.21 -16.74
N LEU A 16 17.89 -7.48 -16.62
CA LEU A 16 17.85 -8.38 -17.77
C LEU A 16 16.58 -9.21 -17.85
N LYS A 17 15.60 -9.00 -16.96
CA LYS A 17 14.42 -9.85 -16.87
C LYS A 17 14.83 -11.31 -16.72
N LEU A 18 15.82 -11.54 -15.86
CA LEU A 18 16.35 -12.88 -15.67
C LEU A 18 15.35 -13.76 -14.93
N THR A 19 15.33 -15.04 -15.29
CA THR A 19 14.46 -16.02 -14.64
C THR A 19 15.22 -17.19 -14.01
N HIS A 20 16.46 -17.44 -14.44
CA HIS A 20 17.26 -18.52 -13.87
C HIS A 20 18.71 -18.08 -13.83
N ILE A 21 19.48 -18.71 -12.95
CA ILE A 21 20.88 -18.34 -12.75
C ILE A 21 21.68 -18.74 -13.99
N PRO A 22 22.36 -17.80 -14.63
CA PRO A 22 23.12 -18.13 -15.85
C PRO A 22 24.38 -18.93 -15.52
N ASP A 23 24.78 -19.75 -16.50
CA ASP A 23 25.99 -20.55 -16.39
C ASP A 23 26.77 -20.57 -17.69
N ASP A 24 26.52 -19.60 -18.57
CA ASP A 24 27.22 -19.51 -19.85
C ASP A 24 28.33 -18.47 -19.86
N LEU A 25 28.35 -17.55 -18.89
CA LEU A 25 29.40 -16.55 -18.82
C LEU A 25 30.73 -17.23 -18.51
N PRO A 26 31.82 -16.72 -19.08
CA PRO A 26 33.15 -17.27 -18.74
C PRO A 26 33.41 -17.23 -17.25
N SER A 27 34.05 -18.27 -16.75
CA SER A 27 34.26 -18.46 -15.32
C SER A 27 35.45 -17.68 -14.77
N ASN A 28 36.19 -16.97 -15.61
CA ASN A 28 37.35 -16.19 -15.16
C ASN A 28 36.89 -14.83 -14.61
N ILE A 29 36.04 -14.91 -13.58
CA ILE A 29 35.48 -13.74 -12.92
C ILE A 29 35.58 -13.92 -11.42
N THR A 30 35.45 -12.81 -10.69
CA THR A 30 35.49 -12.83 -9.23
C THR A 30 34.28 -12.20 -8.58
N VAL A 31 33.53 -11.33 -9.27
CA VAL A 31 32.36 -10.68 -8.73
C VAL A 31 31.20 -10.88 -9.70
N LEU A 32 30.06 -11.34 -9.17
CA LEU A 32 28.86 -11.57 -9.98
C LEU A 32 27.71 -10.77 -9.37
N ASN A 33 26.93 -10.14 -10.25
CA ASN A 33 25.83 -9.28 -9.83
C ASN A 33 24.50 -9.90 -10.26
N LEU A 34 23.54 -9.94 -9.34
CA LEU A 34 22.19 -10.44 -9.62
C LEU A 34 21.13 -9.48 -9.12
N THR A 35 21.49 -8.24 -8.82
CA THR A 35 20.54 -7.27 -8.31
C THR A 35 19.53 -6.88 -9.39
N HIS A 36 18.29 -6.64 -8.96
CA HIS A 36 17.20 -6.23 -9.84
C HIS A 36 16.92 -7.28 -10.90
N ASN A 37 16.69 -8.52 -10.44
CA ASN A 37 16.34 -9.63 -11.32
C ASN A 37 15.36 -10.54 -10.59
N GLN A 38 14.60 -11.30 -11.38
CA GLN A 38 13.59 -12.21 -10.84
C GLN A 38 14.27 -13.55 -10.54
N LEU A 39 14.51 -13.83 -9.27
CA LEU A 39 15.15 -15.06 -8.83
C LEU A 39 14.12 -15.90 -8.08
N ARG A 40 13.83 -17.10 -8.61
CA ARG A 40 12.91 -18.00 -7.94
C ARG A 40 13.49 -18.53 -6.64
N ARG A 41 14.72 -19.02 -6.69
CA ARG A 41 15.41 -19.53 -5.51
C ARG A 41 16.88 -19.70 -5.85
N LEU A 42 17.73 -19.56 -4.83
CA LEU A 42 19.17 -19.74 -5.02
C LEU A 42 19.50 -21.23 -5.10
N PRO A 43 20.11 -21.67 -6.19
CA PRO A 43 20.41 -23.10 -6.33
C PRO A 43 21.63 -23.48 -5.50
N PRO A 44 21.62 -24.65 -4.86
CA PRO A 44 22.79 -25.07 -4.10
C PRO A 44 23.89 -25.65 -4.97
N THR A 45 23.51 -26.32 -6.06
CA THR A 45 24.46 -27.05 -6.90
C THR A 45 24.80 -26.33 -8.18
N ASN A 46 24.18 -25.18 -8.47
CA ASN A 46 24.48 -24.47 -9.70
C ASN A 46 25.61 -23.46 -9.57
N PHE A 47 26.24 -23.38 -8.39
CA PHE A 47 27.41 -22.54 -8.19
C PHE A 47 28.72 -23.32 -8.34
N THR A 48 28.64 -24.59 -8.76
CA THR A 48 29.85 -25.38 -8.94
C THR A 48 30.73 -24.80 -10.04
N ARG A 49 30.11 -24.35 -11.13
CA ARG A 49 30.88 -23.76 -12.23
C ARG A 49 31.61 -22.50 -11.78
N TYR A 50 30.94 -21.65 -11.00
CA TYR A 50 31.52 -20.41 -10.51
C TYR A 50 31.99 -20.64 -9.07
N SER A 51 33.17 -21.24 -8.95
CA SER A 51 33.76 -21.57 -7.66
C SER A 51 34.85 -20.59 -7.24
N GLN A 52 34.98 -19.46 -7.93
CA GLN A 52 36.00 -18.46 -7.61
C GLN A 52 35.41 -17.08 -7.40
N LEU A 53 34.11 -16.96 -7.18
CA LEU A 53 33.49 -15.67 -6.93
C LEU A 53 33.78 -15.22 -5.50
N ALA A 54 34.56 -14.14 -5.37
CA ALA A 54 34.87 -13.62 -4.05
C ALA A 54 33.62 -13.07 -3.36
N ILE A 55 32.86 -12.22 -4.07
CA ILE A 55 31.62 -11.66 -3.56
C ILE A 55 30.56 -11.81 -4.64
N LEU A 56 29.30 -11.75 -4.21
CA LEU A 56 28.16 -11.80 -5.11
C LEU A 56 27.17 -10.70 -4.73
N ASP A 57 26.69 -9.99 -5.75
CA ASP A 57 25.69 -8.94 -5.56
C ASP A 57 24.34 -9.49 -6.02
N ALA A 58 23.69 -10.24 -5.14
CA ALA A 58 22.41 -10.86 -5.42
C ALA A 58 21.40 -10.37 -4.39
N GLY A 59 20.80 -9.20 -4.65
CA GLY A 59 19.83 -8.61 -3.77
C GLY A 59 18.52 -8.33 -4.49
N PHE A 60 17.53 -7.91 -3.72
CA PHE A 60 16.20 -7.60 -4.23
C PHE A 60 15.62 -8.80 -4.99
N ASN A 61 15.79 -9.99 -4.42
CA ASN A 61 15.40 -11.22 -5.08
C ASN A 61 14.30 -11.91 -4.27
N SER A 62 13.52 -12.73 -4.97
CA SER A 62 12.42 -13.48 -4.35
C SER A 62 12.93 -14.84 -3.89
N ILE A 63 13.81 -14.79 -2.89
CA ILE A 63 14.42 -15.99 -2.31
C ILE A 63 13.67 -16.33 -1.03
N SER A 64 13.06 -17.53 -1.00
CA SER A 64 12.30 -17.94 0.16
C SER A 64 13.21 -18.23 1.36
N LYS A 65 14.29 -18.97 1.13
CA LYS A 65 15.19 -19.36 2.20
C LYS A 65 16.56 -19.66 1.62
N LEU A 66 17.54 -19.78 2.51
CA LEU A 66 18.93 -20.02 2.13
C LEU A 66 19.39 -21.34 2.72
N GLU A 67 20.24 -22.06 1.98
CA GLU A 67 20.76 -23.34 2.40
C GLU A 67 22.25 -23.25 2.70
N PRO A 68 22.77 -24.10 3.59
CA PRO A 68 24.21 -24.04 3.92
C PRO A 68 25.12 -24.40 2.75
N GLU A 69 24.58 -25.04 1.70
CA GLU A 69 25.44 -25.49 0.61
C GLU A 69 26.16 -24.32 -0.07
N LEU A 70 25.49 -23.17 -0.18
CA LEU A 70 26.14 -22.00 -0.76
C LEU A 70 27.37 -21.59 0.03
N CYS A 71 27.37 -21.83 1.35
CA CYS A 71 28.56 -21.54 2.14
C CYS A 71 29.66 -22.58 1.92
N GLN A 72 29.29 -23.80 1.55
CA GLN A 72 30.25 -24.88 1.39
C GLN A 72 30.78 -24.99 -0.04
N ILE A 73 29.91 -24.82 -1.04
CA ILE A 73 30.34 -24.92 -2.43
C ILE A 73 31.32 -23.80 -2.77
N LEU A 74 31.12 -22.61 -2.21
CA LEU A 74 31.98 -21.46 -2.43
C LEU A 74 32.65 -21.10 -1.11
N PRO A 75 33.87 -21.57 -0.87
CA PRO A 75 34.58 -21.20 0.37
C PRO A 75 34.87 -19.71 0.48
N LEU A 76 35.12 -19.04 -0.64
CA LEU A 76 35.60 -17.65 -0.64
C LEU A 76 34.40 -16.71 -0.71
N LEU A 77 33.98 -16.22 0.46
CA LEU A 77 32.98 -15.16 0.56
C LEU A 77 33.54 -13.99 1.34
N LYS A 78 33.32 -12.79 0.82
CA LYS A 78 33.69 -11.56 1.51
C LYS A 78 32.50 -10.63 1.72
N VAL A 79 31.62 -10.50 0.73
CA VAL A 79 30.42 -9.69 0.82
C VAL A 79 29.22 -10.58 0.53
N LEU A 80 28.24 -10.57 1.43
CA LEU A 80 27.02 -11.37 1.30
C LEU A 80 25.85 -10.39 1.27
N ASN A 81 25.51 -9.92 0.08
CA ASN A 81 24.45 -8.94 -0.11
C ASN A 81 23.18 -9.68 -0.54
N LEU A 82 22.27 -9.90 0.39
CA LEU A 82 20.98 -10.53 0.15
C LEU A 82 19.86 -9.64 0.66
N GLN A 83 19.94 -8.35 0.33
CA GLN A 83 18.95 -7.39 0.79
C GLN A 83 17.65 -7.53 0.01
N HIS A 84 16.54 -7.18 0.68
CA HIS A 84 15.20 -7.19 0.09
C HIS A 84 14.83 -8.57 -0.45
N ASN A 85 14.76 -9.53 0.47
CA ASN A 85 14.34 -10.89 0.17
C ASN A 85 13.27 -11.31 1.18
N GLU A 86 12.73 -12.51 1.01
CA GLU A 86 11.69 -12.99 1.91
C GLU A 86 12.29 -13.37 3.25
N LEU A 87 13.14 -14.40 3.24
CA LEU A 87 13.92 -14.85 4.41
C LEU A 87 13.11 -14.76 5.71
N SER A 88 11.99 -15.47 5.72
CA SER A 88 11.10 -15.43 6.88
C SER A 88 11.78 -15.94 8.14
N GLN A 89 12.51 -17.04 8.03
CA GLN A 89 13.23 -17.61 9.17
C GLN A 89 14.58 -18.13 8.72
N ILE A 90 15.54 -18.13 9.65
CA ILE A 90 16.88 -18.63 9.38
C ILE A 90 17.49 -19.03 10.71
N SER A 91 18.49 -19.91 10.66
CA SER A 91 19.13 -20.40 11.88
C SER A 91 20.64 -20.47 11.73
N ASP A 92 21.32 -21.00 12.75
CA ASP A 92 22.78 -21.07 12.73
C ASP A 92 23.31 -22.08 11.73
N GLN A 93 22.61 -23.20 11.54
CA GLN A 93 23.11 -24.26 10.66
C GLN A 93 23.27 -23.79 9.22
N THR A 94 22.57 -22.74 8.82
CA THR A 94 22.74 -22.19 7.47
C THR A 94 24.08 -21.47 7.33
N PHE A 95 24.54 -20.82 8.40
CA PHE A 95 25.74 -19.99 8.37
C PHE A 95 26.94 -20.67 9.03
N VAL A 96 27.10 -21.98 8.82
CA VAL A 96 28.18 -22.70 9.47
C VAL A 96 29.46 -22.61 8.65
N PHE A 97 29.38 -22.91 7.35
CA PHE A 97 30.57 -23.00 6.52
C PHE A 97 31.09 -21.65 6.05
N CYS A 98 30.35 -20.56 6.27
CA CYS A 98 30.80 -19.23 5.86
C CYS A 98 31.68 -18.63 6.95
N THR A 99 32.89 -19.18 7.06
CA THR A 99 33.85 -18.75 8.06
C THR A 99 34.66 -17.54 7.63
N ASN A 100 34.89 -17.37 6.33
CA ASN A 100 35.69 -16.28 5.81
C ASN A 100 34.88 -15.05 5.45
N LEU A 101 33.57 -15.07 5.70
CA LEU A 101 32.71 -13.94 5.35
C LEU A 101 33.12 -12.68 6.10
N THR A 102 33.16 -11.56 5.38
CA THR A 102 33.53 -10.28 5.97
C THR A 102 32.46 -9.20 5.84
N GLU A 103 31.40 -9.44 5.07
CA GLU A 103 30.36 -8.44 4.86
C GLU A 103 29.05 -9.12 4.53
N LEU A 104 27.99 -8.76 5.24
CA LEU A 104 26.65 -9.27 4.96
C LEU A 104 25.66 -8.11 4.98
N ASP A 105 24.66 -8.17 4.10
CA ASP A 105 23.68 -7.11 3.95
C ASP A 105 22.28 -7.71 4.00
N LEU A 106 21.46 -7.22 4.93
CA LEU A 106 20.07 -7.65 5.07
C LEU A 106 19.24 -6.40 5.33
N MET A 107 18.73 -5.81 4.25
CA MET A 107 17.98 -4.55 4.34
C MET A 107 16.48 -4.76 4.52
N SER A 108 15.93 -5.85 3.97
CA SER A 108 14.50 -6.12 4.12
C SER A 108 14.31 -7.63 4.08
N ASN A 109 14.19 -8.25 5.25
CA ASN A 109 13.95 -9.69 5.32
C ASN A 109 12.91 -10.09 6.36
N SER A 110 12.38 -9.14 7.14
CA SER A 110 11.26 -9.39 8.05
C SER A 110 11.52 -10.57 8.97
N ILE A 111 12.74 -10.67 9.50
CA ILE A 111 13.08 -11.72 10.45
C ILE A 111 12.60 -11.28 11.83
N HIS A 112 11.41 -11.77 12.21
CA HIS A 112 10.77 -11.29 13.43
C HIS A 112 11.55 -11.73 14.67
N LYS A 113 11.86 -13.03 14.77
CA LYS A 113 12.54 -13.59 15.92
C LYS A 113 13.85 -14.24 15.50
N ILE A 114 14.78 -14.33 16.45
CA ILE A 114 16.07 -14.99 16.24
C ILE A 114 16.27 -16.00 17.36
N LYS A 115 17.09 -17.01 17.08
CA LYS A 115 17.31 -18.09 18.05
C LYS A 115 18.73 -18.60 17.90
N SER A 116 19.24 -19.19 18.98
CA SER A 116 20.57 -19.83 19.02
C SER A 116 21.63 -18.76 18.73
N ASN A 117 22.75 -19.18 18.12
CA ASN A 117 23.86 -18.30 17.79
C ASN A 117 24.11 -18.40 16.29
N PRO A 118 23.40 -17.62 15.47
CA PRO A 118 23.53 -17.77 14.01
C PRO A 118 24.93 -17.47 13.49
N PHE A 119 25.72 -16.66 14.19
CA PHE A 119 27.04 -16.24 13.72
C PHE A 119 28.16 -16.75 14.62
N LYS A 120 28.08 -18.02 15.01
CA LYS A 120 29.14 -18.62 15.81
C LYS A 120 30.37 -18.96 14.99
N ASN A 121 30.28 -18.92 13.66
CA ASN A 121 31.41 -19.26 12.79
C ASN A 121 32.04 -18.05 12.11
N GLN A 122 31.25 -17.04 11.77
CA GLN A 122 31.78 -15.83 11.14
C GLN A 122 32.67 -15.08 12.13
N LYS A 123 33.98 -15.12 11.91
CA LYS A 123 34.94 -14.42 12.74
C LYS A 123 35.57 -13.23 12.04
N ASN A 124 35.20 -12.95 10.80
CA ASN A 124 35.80 -11.86 10.03
C ASN A 124 34.80 -10.83 9.55
N LEU A 125 33.52 -10.95 9.90
CA LEU A 125 32.53 -9.98 9.47
C LEU A 125 32.79 -8.63 10.13
N ILE A 126 32.56 -7.56 9.37
CA ILE A 126 32.81 -6.20 9.83
C ILE A 126 31.51 -5.42 9.99
N LYS A 127 30.74 -5.29 8.91
CA LYS A 127 29.48 -4.57 8.94
C LYS A 127 28.33 -5.56 8.96
N LEU A 128 27.44 -5.42 9.95
CA LEU A 128 26.28 -6.28 10.10
C LEU A 128 25.02 -5.43 9.93
N ASP A 129 24.35 -5.57 8.78
CA ASP A 129 23.17 -4.77 8.46
C ASP A 129 21.94 -5.64 8.65
N LEU A 130 21.22 -5.41 9.74
CA LEU A 130 19.97 -6.11 10.06
C LEU A 130 18.94 -5.04 10.40
N SER A 131 18.28 -4.50 9.37
CA SER A 131 17.39 -3.37 9.53
C SER A 131 16.09 -3.62 8.76
N HIS A 132 15.04 -2.91 9.19
CA HIS A 132 13.74 -2.91 8.53
C HIS A 132 13.14 -4.32 8.49
N ASN A 133 13.60 -5.19 9.39
CA ASN A 133 13.09 -6.55 9.47
C ASN A 133 12.11 -6.75 10.62
N GLY A 134 11.66 -5.66 11.25
CA GLY A 134 10.70 -5.77 12.34
C GLY A 134 11.22 -6.49 13.56
N LEU A 135 12.51 -6.30 13.87
CA LEU A 135 13.09 -6.94 15.03
C LEU A 135 12.52 -6.32 16.31
N SER A 136 12.19 -7.18 17.28
CA SER A 136 11.59 -6.75 18.53
C SER A 136 12.54 -6.83 19.72
N SER A 137 13.58 -7.66 19.64
CA SER A 137 14.53 -7.81 20.74
C SER A 137 15.95 -7.75 20.18
N THR A 138 16.80 -6.97 20.85
CA THR A 138 18.20 -6.85 20.42
C THR A 138 19.01 -8.10 20.73
N LYS A 139 18.48 -9.04 21.49
CA LYS A 139 19.20 -10.27 21.79
C LYS A 139 19.48 -11.05 20.51
N LEU A 140 20.70 -11.54 20.37
CA LEU A 140 21.11 -12.26 19.17
C LEU A 140 21.71 -13.61 19.53
N GLY A 141 22.29 -13.71 20.72
CA GLY A 141 22.89 -14.96 21.17
C GLY A 141 23.22 -14.90 22.63
N THR A 142 23.60 -16.06 23.17
CA THR A 142 23.94 -16.20 24.58
C THR A 142 25.44 -16.22 24.83
N GLY A 143 26.21 -16.87 23.95
CA GLY A 143 27.65 -16.95 24.11
C GLY A 143 28.36 -15.71 23.60
N VAL A 144 29.67 -15.71 23.77
CA VAL A 144 30.51 -14.60 23.34
C VAL A 144 30.99 -14.89 21.92
N GLN A 145 30.70 -13.96 21.00
CA GLN A 145 31.08 -14.10 19.62
C GLN A 145 31.33 -12.70 19.05
N LEU A 146 31.42 -12.61 17.72
CA LEU A 146 31.66 -11.35 17.02
C LEU A 146 32.95 -10.70 17.53
N GLU A 147 34.07 -11.39 17.27
CA GLU A 147 35.36 -10.97 17.83
C GLU A 147 35.74 -9.57 17.36
N ASN A 148 35.58 -9.29 16.07
CA ASN A 148 35.91 -7.99 15.50
C ASN A 148 34.74 -7.48 14.66
N LEU A 149 33.77 -6.87 15.35
CA LEU A 149 32.60 -6.27 14.69
C LEU A 149 32.62 -4.78 14.97
N GLN A 150 32.56 -3.98 13.91
CA GLN A 150 32.63 -2.53 14.05
C GLN A 150 31.33 -1.82 13.69
N GLU A 151 30.49 -2.42 12.86
CA GLU A 151 29.22 -1.82 12.45
C GLU A 151 28.08 -2.77 12.78
N LEU A 152 27.09 -2.27 13.52
CA LEU A 152 25.90 -3.04 13.90
C LEU A 152 24.68 -2.17 13.57
N LEU A 153 24.05 -2.46 12.43
CA LEU A 153 22.93 -1.66 11.94
C LEU A 153 21.63 -2.37 12.28
N LEU A 154 20.86 -1.77 13.20
CA LEU A 154 19.53 -2.26 13.58
C LEU A 154 18.59 -1.06 13.50
N ALA A 155 18.03 -0.83 12.31
CA ALA A 155 17.21 0.34 12.05
C ALA A 155 15.84 -0.07 11.53
N LYS A 156 14.87 0.83 11.69
CA LYS A 156 13.51 0.66 11.20
C LYS A 156 12.84 -0.59 11.79
N ASN A 157 13.30 -1.04 12.94
CA ASN A 157 12.72 -2.19 13.63
C ASN A 157 11.86 -1.68 14.81
N LYS A 158 11.37 -2.61 15.62
CA LYS A 158 10.43 -2.30 16.70
C LYS A 158 10.92 -2.86 18.02
N ILE A 159 12.20 -2.62 18.33
CA ILE A 159 12.73 -3.02 19.64
C ILE A 159 12.07 -2.18 20.72
N LEU A 160 11.51 -2.85 21.74
CA LEU A 160 10.81 -2.13 22.80
C LEU A 160 11.80 -1.43 23.73
N ALA A 161 12.90 -2.09 24.08
CA ALA A 161 13.85 -1.53 25.03
C ALA A 161 15.17 -2.30 24.92
N LEU A 162 16.20 -1.73 25.52
CA LEU A 162 17.52 -2.35 25.58
C LEU A 162 17.79 -2.79 27.01
N ARG A 163 18.31 -4.01 27.17
CA ARG A 163 18.58 -4.58 28.48
C ARG A 163 20.02 -5.07 28.53
N SER A 164 20.55 -5.16 29.74
CA SER A 164 21.93 -5.61 29.92
C SER A 164 22.10 -7.07 29.52
N GLU A 165 21.08 -7.89 29.73
CA GLU A 165 21.17 -9.32 29.42
C GLU A 165 21.10 -9.60 27.92
N GLU A 166 20.47 -8.72 27.14
CA GLU A 166 20.35 -8.94 25.71
C GLU A 166 21.46 -8.27 24.90
N LEU A 167 22.38 -7.55 25.55
CA LEU A 167 23.55 -7.02 24.87
C LEU A 167 24.87 -7.56 25.42
N GLU A 168 24.81 -8.48 26.39
CA GLU A 168 26.04 -8.98 27.01
C GLU A 168 26.83 -9.90 26.10
N PHE A 169 26.27 -10.31 24.95
CA PHE A 169 26.99 -11.23 24.07
C PHE A 169 28.11 -10.56 23.30
N LEU A 170 28.24 -9.24 23.38
CA LEU A 170 29.40 -8.54 22.82
C LEU A 170 30.52 -8.64 23.85
N GLY A 171 31.33 -9.68 23.76
CA GLY A 171 32.35 -9.96 24.74
C GLY A 171 33.49 -8.97 24.76
N ASN A 172 34.30 -8.96 23.70
CA ASN A 172 35.51 -8.15 23.64
C ASN A 172 35.60 -7.43 22.30
N SER A 173 34.45 -7.01 21.79
CA SER A 173 34.35 -6.39 20.47
C SER A 173 34.41 -4.88 20.58
N SER A 174 34.97 -4.25 19.54
CA SER A 174 35.06 -2.80 19.45
C SER A 174 34.15 -2.34 18.32
N LEU A 175 32.99 -1.79 18.68
CA LEU A 175 32.00 -1.35 17.69
C LEU A 175 32.29 0.08 17.28
N ARG A 176 32.81 0.25 16.06
CA ARG A 176 33.06 1.60 15.56
C ARG A 176 31.75 2.33 15.28
N LYS A 177 30.76 1.62 14.75
CA LYS A 177 29.47 2.20 14.40
C LYS A 177 28.34 1.33 14.93
N LEU A 178 27.32 1.98 15.48
CA LEU A 178 26.12 1.30 15.95
C LEU A 178 24.91 2.11 15.49
N ASP A 179 23.98 1.44 14.82
CA ASP A 179 22.79 2.09 14.29
C ASP A 179 21.56 1.54 15.00
N LEU A 180 20.77 2.43 15.60
CA LEU A 180 19.53 2.07 16.26
C LEU A 180 18.44 3.08 15.92
N SER A 181 18.38 3.47 14.65
CA SER A 181 17.43 4.49 14.22
C SER A 181 16.04 3.90 14.01
N SER A 182 15.03 4.76 14.13
CA SER A 182 13.63 4.39 13.89
C SER A 182 13.19 3.22 14.77
N ASN A 183 13.69 3.17 16.00
CA ASN A 183 13.32 2.13 16.95
C ASN A 183 12.52 2.74 18.08
N PRO A 184 11.26 2.34 18.29
CA PRO A 184 10.45 2.95 19.36
C PRO A 184 10.92 2.53 20.75
N LEU A 185 12.02 3.13 21.21
CA LEU A 185 12.58 2.81 22.51
C LEU A 185 11.92 3.70 23.57
N LYS A 186 11.37 3.06 24.60
CA LYS A 186 10.68 3.78 25.68
C LYS A 186 11.40 3.73 27.01
N GLU A 187 12.33 2.80 27.20
CA GLU A 187 13.09 2.71 28.44
C GLU A 187 14.44 2.07 28.17
N PHE A 188 15.38 2.30 29.08
CA PHE A 188 16.73 1.77 28.97
C PHE A 188 17.10 1.11 30.30
N SER A 189 17.34 -0.19 30.27
CA SER A 189 17.76 -0.90 31.47
C SER A 189 19.16 -0.47 31.87
N PRO A 190 19.44 -0.36 33.16
CA PRO A 190 20.79 0.04 33.59
C PRO A 190 21.84 -0.97 33.17
N GLY A 191 23.02 -0.47 32.84
CA GLY A 191 24.13 -1.32 32.44
C GLY A 191 23.97 -1.97 31.08
N CYS A 192 23.13 -1.38 30.20
CA CYS A 192 22.93 -1.96 28.88
C CYS A 192 24.08 -1.66 27.92
N PHE A 193 24.90 -0.64 28.23
CA PHE A 193 26.04 -0.29 27.38
C PHE A 193 27.39 -0.69 27.97
N GLN A 194 27.47 -0.89 29.28
CA GLN A 194 28.73 -1.33 29.87
C GLN A 194 29.10 -2.73 29.42
N THR A 195 28.11 -3.58 29.14
CA THR A 195 28.39 -4.92 28.65
C THR A 195 29.05 -4.89 27.28
N ILE A 196 28.76 -3.86 26.47
CA ILE A 196 29.42 -3.70 25.18
C ILE A 196 30.88 -3.36 25.40
N GLY A 197 31.76 -4.05 24.67
CA GLY A 197 33.19 -3.86 24.83
C GLY A 197 33.64 -2.43 24.58
N LYS A 198 33.56 -1.99 23.31
CA LYS A 198 33.94 -0.64 22.94
C LYS A 198 32.94 -0.13 21.90
N LEU A 199 32.20 0.92 22.24
CA LEU A 199 31.28 1.57 21.33
C LEU A 199 31.79 2.95 20.97
N PHE A 200 31.67 3.31 19.69
CA PHE A 200 32.23 4.56 19.19
C PHE A 200 31.19 5.49 18.58
N ALA A 201 30.20 4.96 17.86
CA ALA A 201 29.15 5.76 17.26
C ALA A 201 27.80 5.16 17.58
N LEU A 202 26.78 6.03 17.65
CA LEU A 202 25.42 5.61 17.95
C LEU A 202 24.45 6.54 17.26
N LEU A 203 23.45 5.96 16.58
CA LEU A 203 22.42 6.72 15.90
C LEU A 203 21.06 6.38 16.50
N LEU A 204 20.29 7.39 16.86
CA LEU A 204 18.97 7.23 17.45
C LEU A 204 17.93 8.09 16.73
N ASN A 205 17.99 8.11 15.40
CA ASN A 205 17.04 8.90 14.63
C ASN A 205 15.66 8.25 14.64
N ASN A 206 14.63 9.09 14.70
CA ASN A 206 13.23 8.64 14.69
C ASN A 206 12.92 7.66 15.82
N ALA A 207 13.56 7.84 16.97
CA ALA A 207 13.36 6.96 18.11
C ALA A 207 12.48 7.60 19.19
N GLN A 208 12.11 8.87 19.02
CA GLN A 208 11.16 9.56 19.92
C GLN A 208 11.65 9.55 21.36
N LEU A 209 12.78 10.22 21.58
CA LEU A 209 13.36 10.35 22.92
C LEU A 209 12.67 11.48 23.67
N ASN A 210 12.12 11.16 24.84
CA ASN A 210 11.56 12.17 25.73
C ASN A 210 12.68 12.85 26.52
N PRO A 211 12.48 14.09 26.98
CA PRO A 211 13.52 14.75 27.77
C PRO A 211 13.94 13.97 29.00
N HIS A 212 12.99 13.36 29.72
CA HIS A 212 13.35 12.48 30.82
C HIS A 212 14.03 11.22 30.31
N LEU A 213 13.53 10.66 29.20
CA LEU A 213 14.20 9.52 28.58
C LEU A 213 15.60 9.90 28.10
N THR A 214 15.73 11.11 27.54
CA THR A 214 17.04 11.58 27.10
C THR A 214 18.01 11.70 28.27
N GLU A 215 17.54 12.24 29.40
CA GLU A 215 18.39 12.37 30.57
C GLU A 215 18.79 10.99 31.11
N LYS A 216 17.84 10.05 31.15
CA LYS A 216 18.18 8.71 31.61
C LYS A 216 19.19 8.04 30.69
N LEU A 217 19.03 8.22 29.38
CA LEU A 217 20.00 7.67 28.44
C LEU A 217 21.37 8.32 28.62
N CYS A 218 21.40 9.64 28.89
CA CYS A 218 22.65 10.32 29.15
C CYS A 218 23.35 9.76 30.38
N TRP A 219 22.59 9.52 31.44
CA TRP A 219 23.16 8.91 32.64
C TRP A 219 23.66 7.50 32.36
N GLU A 220 22.91 6.73 31.57
CA GLU A 220 23.32 5.37 31.24
C GLU A 220 24.61 5.35 30.41
N LEU A 221 24.76 6.32 29.50
CA LEU A 221 25.90 6.37 28.60
C LEU A 221 27.20 6.72 29.30
N SER A 222 27.16 7.09 30.58
CA SER A 222 28.38 7.34 31.33
C SER A 222 29.23 6.09 31.38
N ASN A 223 30.53 6.28 31.65
CA ASN A 223 31.54 5.23 31.74
C ASN A 223 31.77 4.53 30.41
N THR A 224 31.40 5.14 29.29
CA THR A 224 31.57 4.55 27.97
C THR A 224 32.53 5.37 27.13
N SER A 225 33.03 4.74 26.07
CA SER A 225 33.96 5.39 25.14
C SER A 225 33.28 5.89 23.88
N ILE A 226 32.01 6.33 23.99
CA ILE A 226 31.27 6.79 22.83
C ILE A 226 31.88 8.09 22.31
N GLN A 227 31.94 8.23 20.99
CA GLN A 227 32.44 9.46 20.36
C GLN A 227 31.39 10.18 19.54
N ASN A 228 30.64 9.46 18.70
CA ASN A 228 29.52 10.03 17.98
C ASN A 228 28.21 9.63 18.64
N LEU A 229 27.41 10.63 19.00
CA LEU A 229 26.05 10.42 19.50
C LEU A 229 25.13 11.35 18.74
N SER A 230 24.14 10.77 18.07
CA SER A 230 23.21 11.53 17.23
C SER A 230 21.81 11.41 17.80
N LEU A 231 21.17 12.56 18.00
CA LEU A 231 19.80 12.62 18.51
C LEU A 231 19.00 13.48 17.52
N ALA A 232 18.37 12.83 16.55
CA ALA A 232 17.63 13.51 15.50
C ALA A 232 16.21 12.96 15.42
N ASN A 233 15.29 13.82 14.99
CA ASN A 233 13.88 13.46 14.83
C ASN A 233 13.29 12.93 16.13
N ASN A 234 13.30 13.82 17.15
CA ASN A 234 12.78 13.46 18.46
C ASN A 234 11.93 14.59 19.03
N GLN A 235 11.56 14.48 20.29
CA GLN A 235 10.71 15.47 20.96
C GLN A 235 11.49 16.26 22.00
N LEU A 236 12.74 16.60 21.70
CA LEU A 236 13.58 17.37 22.61
C LEU A 236 13.23 18.86 22.49
N LEU A 237 12.01 19.18 22.93
CA LEU A 237 11.53 20.55 22.83
C LEU A 237 12.24 21.48 23.81
N ALA A 238 12.68 20.97 24.95
CA ALA A 238 13.37 21.77 25.94
C ALA A 238 14.60 21.03 26.43
N THR A 239 15.64 21.81 26.76
CA THR A 239 16.89 21.27 27.29
C THR A 239 17.31 22.11 28.50
N SER A 240 17.65 21.43 29.59
CA SER A 240 18.02 22.08 30.84
C SER A 240 19.46 21.72 31.21
N GLU A 241 19.87 22.15 32.40
CA GLU A 241 21.25 21.97 32.83
C GLU A 241 21.58 20.49 33.06
N SER A 242 20.63 19.73 33.60
CA SER A 242 20.88 18.35 34.02
C SER A 242 20.58 17.32 32.95
N THR A 243 20.21 17.74 31.74
CA THR A 243 19.87 16.78 30.69
C THR A 243 21.09 15.99 30.24
N PHE A 244 22.19 16.68 29.94
CA PHE A 244 23.38 16.05 29.38
C PHE A 244 24.49 15.83 30.41
N SER A 245 24.18 16.03 31.70
CA SER A 245 25.20 15.84 32.73
C SER A 245 25.76 14.42 32.71
N GLY A 246 24.95 13.44 32.29
CA GLY A 246 25.42 12.07 32.20
C GLY A 246 26.55 11.87 31.22
N LEU A 247 26.79 12.82 30.32
CA LEU A 247 27.91 12.74 29.41
C LEU A 247 29.18 13.35 29.98
N LYS A 248 29.16 13.82 31.22
CA LYS A 248 30.34 14.42 31.82
C LYS A 248 31.46 13.40 32.05
N TRP A 249 31.15 12.10 31.97
CA TRP A 249 32.14 11.06 32.20
C TRP A 249 32.62 10.40 30.91
N THR A 250 32.23 10.91 29.75
CA THR A 250 32.59 10.33 28.47
C THR A 250 33.52 11.27 27.70
N ASN A 251 34.04 10.76 26.58
CA ASN A 251 34.92 11.51 25.69
C ASN A 251 34.19 11.63 24.35
N LEU A 252 33.36 12.65 24.22
CA LEU A 252 32.58 12.84 23.01
C LEU A 252 33.34 13.69 21.99
N THR A 253 33.00 13.50 20.72
CA THR A 253 33.58 14.27 19.62
C THR A 253 32.54 15.10 18.89
N GLN A 254 31.40 14.52 18.54
CA GLN A 254 30.34 15.23 17.84
C GLN A 254 29.01 14.99 18.53
N LEU A 255 28.11 15.95 18.38
CA LEU A 255 26.76 15.85 18.91
C LEU A 255 25.77 16.42 17.91
N ASP A 256 24.68 15.69 17.69
CA ASP A 256 23.67 16.07 16.71
C ASP A 256 22.34 16.29 17.43
N LEU A 257 21.71 17.44 17.17
CA LEU A 257 20.40 17.77 17.73
C LEU A 257 19.50 18.36 16.65
N SER A 258 19.54 17.76 15.46
CA SER A 258 18.80 18.27 14.32
C SER A 258 17.37 17.72 14.29
N TYR A 259 16.45 18.52 13.77
CA TYR A 259 15.05 18.14 13.59
C TYR A 259 14.42 17.69 14.91
N ASN A 260 14.76 18.39 16.00
CA ASN A 260 14.24 18.07 17.32
C ASN A 260 13.51 19.24 17.95
N ASN A 261 13.02 20.17 17.13
CA ASN A 261 12.14 21.30 17.48
C ASN A 261 12.46 21.88 18.85
N LEU A 262 13.74 22.06 19.15
CA LEU A 262 14.17 22.58 20.44
C LEU A 262 13.76 24.05 20.56
N HIS A 263 12.94 24.35 21.56
CA HIS A 263 12.40 25.69 21.75
C HIS A 263 13.18 26.51 22.76
N ASP A 264 13.57 25.91 23.89
CA ASP A 264 14.27 26.63 24.95
C ASP A 264 15.59 25.95 25.23
N VAL A 265 16.65 26.75 25.34
CA VAL A 265 17.99 26.27 25.66
C VAL A 265 18.31 26.78 27.06
N GLY A 266 18.28 25.87 28.04
CA GLY A 266 18.56 26.26 29.42
C GLY A 266 20.01 26.65 29.62
N ASN A 267 20.22 27.46 30.66
CA ASN A 267 21.57 27.93 30.98
C ASN A 267 22.40 26.78 31.52
N GLY A 268 23.62 26.64 30.99
CA GLY A 268 24.48 25.53 31.36
C GLY A 268 24.03 24.20 30.79
N SER A 269 23.29 24.23 29.67
CA SER A 269 22.82 22.98 29.06
C SER A 269 23.98 22.12 28.61
N PHE A 270 24.99 22.73 27.98
CA PHE A 270 26.17 22.02 27.51
C PHE A 270 27.40 22.32 28.36
N SER A 271 27.21 22.77 29.60
CA SER A 271 28.34 23.09 30.47
C SER A 271 29.16 21.86 30.85
N TYR A 272 28.55 20.67 30.83
CA TYR A 272 29.24 19.43 31.15
C TYR A 272 29.86 18.77 29.93
N LEU A 273 30.14 19.53 28.87
CA LEU A 273 30.71 19.01 27.64
C LEU A 273 31.92 19.85 27.25
N PRO A 274 33.04 19.69 27.96
CA PRO A 274 34.26 20.44 27.63
C PRO A 274 35.17 19.77 26.62
N SER A 275 34.73 18.70 25.96
CA SER A 275 35.56 17.98 25.01
C SER A 275 34.95 17.89 23.62
N LEU A 276 33.75 18.41 23.41
CA LEU A 276 33.13 18.36 22.10
C LEU A 276 33.86 19.28 21.12
N ARG A 277 33.93 18.85 19.86
CA ARG A 277 34.55 19.64 18.81
C ARG A 277 33.62 19.97 17.66
N TYR A 278 32.52 19.25 17.50
CA TYR A 278 31.54 19.50 16.44
C TYR A 278 30.14 19.41 17.01
N LEU A 279 29.28 20.33 16.59
CA LEU A 279 27.91 20.40 17.11
C LEU A 279 26.99 20.91 16.01
N SER A 280 25.77 20.37 15.98
CA SER A 280 24.78 20.75 14.98
C SER A 280 23.43 20.96 15.65
N LEU A 281 22.74 22.03 15.29
CA LEU A 281 21.39 22.34 15.75
C LEU A 281 20.49 22.69 14.57
N GLU A 282 20.61 21.92 13.48
CA GLU A 282 19.88 22.24 12.27
C GLU A 282 18.38 22.02 12.44
N TYR A 283 17.58 22.91 11.84
CA TYR A 283 16.14 22.78 11.76
C TYR A 283 15.50 22.68 13.16
N ASN A 284 15.66 23.76 13.92
CA ASN A 284 15.09 23.86 15.26
C ASN A 284 14.42 25.22 15.42
N ASN A 285 13.35 25.25 16.21
CA ASN A 285 12.62 26.48 16.49
C ASN A 285 13.08 27.04 17.84
N ILE A 286 14.28 27.61 17.84
CA ILE A 286 14.91 28.13 19.04
C ILE A 286 14.44 29.56 19.26
N GLN A 287 14.00 29.85 20.49
CA GLN A 287 13.50 31.20 20.80
C GLN A 287 14.65 32.21 20.87
N ARG A 288 15.62 31.97 21.75
CA ARG A 288 16.73 32.89 21.92
C ARG A 288 17.92 32.13 22.46
N LEU A 289 19.11 32.73 22.32
CA LEU A 289 20.36 32.16 22.79
C LEU A 289 20.92 33.03 23.90
N SER A 290 20.90 32.51 25.13
CA SER A 290 21.48 33.24 26.25
C SER A 290 23.01 33.17 26.18
N PRO A 291 23.70 34.16 26.74
CA PRO A 291 25.17 34.10 26.77
C PRO A 291 25.71 32.90 27.52
N ARG A 292 25.01 32.43 28.55
CA ARG A 292 25.42 31.26 29.32
C ARG A 292 24.94 29.96 28.70
N SER A 293 24.17 30.02 27.61
CA SER A 293 23.72 28.79 26.97
C SER A 293 24.89 27.98 26.41
N PHE A 294 25.88 28.66 25.85
CA PHE A 294 27.07 28.01 25.30
C PHE A 294 28.21 27.96 26.29
N TYR A 295 27.96 28.31 27.56
CA TYR A 295 29.00 28.26 28.58
C TYR A 295 29.49 26.83 28.78
N GLY A 296 30.80 26.68 28.94
CA GLY A 296 31.42 25.38 29.10
C GLY A 296 31.90 24.74 27.81
N LEU A 297 31.56 25.31 26.66
CA LEU A 297 31.99 24.77 25.37
C LEU A 297 33.24 25.54 24.92
N SER A 298 34.38 25.09 25.44
CA SER A 298 35.66 25.73 25.18
C SER A 298 36.52 24.95 24.19
N ASN A 299 35.95 23.95 23.50
CA ASN A 299 36.72 23.14 22.56
C ASN A 299 35.98 22.91 21.24
N LEU A 300 34.82 23.52 21.04
CA LEU A 300 34.08 23.32 19.81
C LEU A 300 34.80 23.98 18.63
N ARG A 301 34.69 23.34 17.46
CA ARG A 301 35.34 23.84 16.26
C ARG A 301 34.41 23.87 15.05
N TYR A 302 33.16 23.45 15.19
CA TYR A 302 32.21 23.46 14.08
C TYR A 302 30.81 23.51 14.66
N LEU A 303 30.09 24.60 14.39
CA LEU A 303 28.73 24.78 14.86
C LEU A 303 27.85 25.13 13.68
N SER A 304 26.71 24.45 13.55
CA SER A 304 25.76 24.69 12.48
C SER A 304 24.42 25.10 13.08
N LEU A 305 23.89 26.23 12.61
CA LEU A 305 22.62 26.77 13.07
C LEU A 305 21.68 26.99 11.90
N LYS A 306 21.66 26.06 10.95
CA LYS A 306 20.79 26.17 9.80
C LYS A 306 19.34 25.99 10.22
N ARG A 307 18.51 27.00 9.95
CA ARG A 307 17.09 26.98 10.33
C ARG A 307 16.93 26.72 11.83
N ALA A 308 17.78 27.35 12.63
CA ALA A 308 17.81 27.14 14.07
C ALA A 308 17.16 28.30 14.83
N PHE A 309 16.09 28.88 14.29
CA PHE A 309 15.43 29.99 14.94
C PHE A 309 13.95 29.96 14.61
N THR A 310 13.16 30.63 15.45
CA THR A 310 11.71 30.65 15.28
C THR A 310 11.34 31.42 14.01
N LYS A 311 10.29 30.96 13.34
CA LYS A 311 9.82 31.60 12.13
C LYS A 311 9.29 33.00 12.40
N SER A 318 7.15 39.46 16.94
CA SER A 318 7.66 38.25 17.56
C SER A 318 8.71 37.57 16.69
N HIS A 319 9.96 37.99 16.85
CA HIS A 319 11.07 37.43 16.08
C HIS A 319 12.19 37.03 17.01
N PRO A 320 12.86 35.92 16.73
CA PRO A 320 13.99 35.50 17.57
C PRO A 320 15.17 36.44 17.42
N ASN A 321 15.95 36.55 18.49
CA ASN A 321 17.13 37.41 18.50
C ASN A 321 18.18 36.83 19.44
N ILE A 322 19.42 37.25 19.21
CA ILE A 322 20.55 36.84 20.03
C ILE A 322 21.20 38.07 20.62
N ASP A 323 21.45 38.05 21.93
CA ASP A 323 22.04 39.18 22.63
C ASP A 323 23.56 39.13 22.51
N ASP A 324 24.22 40.12 23.12
CA ASP A 324 25.66 40.23 23.04
C ASP A 324 26.35 39.16 23.88
N PHE A 325 27.62 38.90 23.54
CA PHE A 325 28.46 37.94 24.26
C PHE A 325 27.85 36.55 24.28
N SER A 326 27.17 36.17 23.20
CA SER A 326 26.57 34.85 23.10
C SER A 326 27.54 33.80 22.54
N PHE A 327 28.70 34.22 22.06
CA PHE A 327 29.68 33.29 21.49
C PHE A 327 31.07 33.46 22.11
N GLN A 328 31.14 34.08 23.29
CA GLN A 328 32.45 34.32 23.91
C GLN A 328 33.10 33.02 24.37
N TRP A 329 32.31 32.01 24.72
CA TRP A 329 32.87 30.76 25.21
C TRP A 329 33.53 29.95 24.11
N LEU A 330 33.08 30.11 22.86
CA LEU A 330 33.62 29.35 21.74
C LEU A 330 34.87 30.07 21.20
N LYS A 331 35.91 30.07 22.03
CA LYS A 331 37.17 30.70 21.67
C LYS A 331 38.00 29.87 20.70
N TYR A 332 37.64 28.61 20.48
CA TYR A 332 38.31 27.78 19.49
C TYR A 332 37.46 27.48 18.27
N LEU A 333 36.27 28.07 18.18
CA LEU A 333 35.41 27.84 17.03
C LEU A 333 36.02 28.43 15.77
N GLU A 334 35.93 27.68 14.66
CA GLU A 334 36.46 28.13 13.39
C GLU A 334 35.48 28.04 12.23
N TYR A 335 34.35 27.35 12.41
CA TYR A 335 33.34 27.22 11.35
C TYR A 335 31.98 27.43 11.99
N LEU A 336 31.41 28.62 11.79
CA LEU A 336 30.09 28.96 12.30
C LEU A 336 29.13 29.14 11.13
N ASN A 337 28.03 28.40 11.15
CA ASN A 337 27.02 28.46 10.10
C ASN A 337 25.70 28.93 10.71
N MET A 338 25.12 29.97 10.10
CA MET A 338 23.85 30.52 10.58
C MET A 338 22.93 30.86 9.42
N ASP A 339 23.02 30.10 8.32
CA ASP A 339 22.21 30.40 7.15
C ASP A 339 20.75 30.02 7.37
N ASP A 340 19.88 30.68 6.60
CA ASP A 340 18.44 30.41 6.60
C ASP A 340 17.84 30.60 8.00
N ASN A 341 17.94 31.84 8.49
CA ASN A 341 17.41 32.20 9.80
C ASN A 341 16.65 33.51 9.68
N ASN A 342 16.17 34.01 10.82
CA ASN A 342 15.31 35.19 10.87
C ASN A 342 15.74 36.15 11.96
N ILE A 343 17.04 36.35 12.13
CA ILE A 343 17.52 37.38 13.06
C ILE A 343 17.25 38.76 12.46
N PRO A 344 16.67 39.70 13.21
CA PRO A 344 16.40 41.03 12.65
C PRO A 344 17.65 41.73 12.14
N SER A 345 18.64 41.92 13.02
CA SER A 345 19.86 42.61 12.65
C SER A 345 20.95 42.23 13.65
N THR A 346 22.16 42.70 13.37
CA THR A 346 23.30 42.42 14.24
C THR A 346 23.38 43.43 15.37
N LYS A 347 24.49 43.42 16.11
CA LYS A 347 24.69 44.30 17.25
C LYS A 347 26.20 44.42 17.44
N SER A 348 26.60 45.30 18.36
CA SER A 348 28.01 45.64 18.54
C SER A 348 28.84 44.41 18.92
N ASN A 349 28.33 43.58 19.82
CA ASN A 349 29.11 42.50 20.41
C ASN A 349 28.40 41.15 20.23
N THR A 350 27.90 40.89 19.02
CA THR A 350 27.32 39.58 18.74
C THR A 350 28.40 38.51 18.63
N PHE A 351 29.48 38.80 17.92
CA PHE A 351 30.56 37.84 17.68
C PHE A 351 31.76 38.05 18.59
N THR A 352 31.64 38.91 19.59
CA THR A 352 32.75 39.16 20.51
C THR A 352 33.10 37.89 21.26
N GLY A 353 34.40 37.58 21.32
CA GLY A 353 34.91 36.38 21.97
C GLY A 353 35.37 35.33 20.98
N LEU A 354 34.88 35.39 19.74
CA LEU A 354 35.29 34.47 18.68
C LEU A 354 36.66 34.91 18.17
N VAL A 355 37.73 34.30 18.70
CA VAL A 355 39.08 34.69 18.34
C VAL A 355 39.73 33.72 17.37
N SER A 356 39.01 32.69 16.93
CA SER A 356 39.55 31.72 15.99
C SER A 356 38.66 31.47 14.78
N LEU A 357 37.57 32.21 14.63
CA LEU A 357 36.67 32.01 13.50
C LEU A 357 37.37 32.38 12.19
N LYS A 358 37.20 31.53 11.18
CA LYS A 358 37.78 31.79 9.87
C LYS A 358 36.72 31.65 8.77
N TYR A 359 35.70 30.83 9.00
CA TYR A 359 34.63 30.62 8.03
C TYR A 359 33.30 30.94 8.67
N LEU A 360 32.57 31.89 8.08
CA LEU A 360 31.26 32.30 8.58
C LEU A 360 30.29 32.43 7.41
N SER A 361 29.08 31.91 7.59
CA SER A 361 28.04 31.98 6.57
C SER A 361 26.78 32.58 7.18
N LEU A 362 26.20 33.55 6.48
CA LEU A 362 24.98 34.23 6.94
C LEU A 362 24.00 34.38 5.78
N SER A 363 23.79 33.32 5.01
CA SER A 363 22.92 33.37 3.85
C SER A 363 21.45 33.28 4.27
N LYS A 364 20.66 34.27 3.85
CA LYS A 364 19.24 34.36 4.19
C LYS A 364 19.05 34.28 5.71
N THR A 365 19.87 35.02 6.43
CA THR A 365 19.84 35.04 7.89
C THR A 365 19.12 36.26 8.46
N PHE A 366 19.29 37.42 7.85
CA PHE A 366 18.78 38.67 8.40
C PHE A 366 17.74 39.28 7.47
N THR A 367 16.77 39.96 8.08
CA THR A 367 15.69 40.61 7.35
C THR A 367 15.72 42.13 7.43
N SER A 368 16.09 42.69 8.59
CA SER A 368 16.20 44.13 8.77
C SER A 368 17.61 44.65 8.48
N LEU A 369 18.34 43.97 7.60
CA LEU A 369 19.71 44.34 7.23
C LEU A 369 19.75 45.00 5.86
N GLN A 370 18.76 45.85 5.58
CA GLN A 370 18.72 46.56 4.30
C GLN A 370 19.96 47.43 4.13
N THR A 371 20.38 48.11 5.19
CA THR A 371 21.53 49.02 5.13
C THR A 371 22.64 48.51 6.03
N LEU A 372 23.85 48.42 5.48
CA LEU A 372 25.04 48.02 6.22
C LEU A 372 25.89 49.25 6.54
N THR A 373 26.33 49.34 7.78
CA THR A 373 27.18 50.43 8.24
C THR A 373 28.51 49.87 8.73
N ASN A 374 29.39 50.79 9.14
CA ASN A 374 30.70 50.44 9.69
C ASN A 374 30.62 49.91 11.10
N GLU A 375 29.49 50.08 11.78
CA GLU A 375 29.29 49.49 13.09
C GLU A 375 28.68 48.09 13.03
N THR A 376 28.32 47.60 11.83
CA THR A 376 27.67 46.30 11.73
C THR A 376 28.63 45.16 12.05
N PHE A 377 29.82 45.19 11.46
CA PHE A 377 30.81 44.12 11.60
C PHE A 377 31.94 44.51 12.55
N VAL A 378 31.64 45.34 13.56
CA VAL A 378 32.66 45.72 14.52
C VAL A 378 33.07 44.53 15.38
N SER A 379 32.18 43.55 15.55
CA SER A 379 32.49 42.40 16.39
C SER A 379 33.62 41.55 15.80
N LEU A 380 33.69 41.43 14.47
CA LEU A 380 34.67 40.58 13.81
C LEU A 380 36.03 41.24 13.66
N ALA A 381 36.30 42.32 14.42
CA ALA A 381 37.59 42.99 14.31
C ALA A 381 38.73 42.10 14.78
N HIS A 382 38.52 41.36 15.87
CA HIS A 382 39.55 40.50 16.42
C HIS A 382 39.50 39.08 15.87
N SER A 383 38.58 38.78 14.95
CA SER A 383 38.41 37.45 14.41
C SER A 383 38.99 37.39 13.01
N PRO A 384 40.00 36.57 12.75
CA PRO A 384 40.59 36.45 11.39
C PRO A 384 39.76 35.58 10.45
N LEU A 385 38.67 36.16 9.94
CA LEU A 385 37.83 35.44 8.99
C LEU A 385 38.55 35.26 7.66
N LEU A 386 38.17 34.20 6.96
CA LEU A 386 38.68 33.94 5.61
C LEU A 386 37.58 33.89 4.55
N THR A 387 36.38 33.44 4.90
CA THR A 387 35.26 33.40 3.98
C THR A 387 34.02 33.95 4.69
N LEU A 388 33.34 34.90 4.04
CA LEU A 388 32.11 35.48 4.57
C LEU A 388 31.03 35.38 3.51
N ASN A 389 29.87 34.87 3.91
CA ASN A 389 28.74 34.67 2.99
C ASN A 389 27.56 35.48 3.48
N LEU A 390 27.04 36.35 2.62
CA LEU A 390 25.94 37.24 2.96
C LEU A 390 24.88 37.28 1.86
N THR A 391 24.73 36.18 1.11
CA THR A 391 23.78 36.15 0.02
C THR A 391 22.35 36.12 0.54
N LYS A 392 21.43 36.66 -0.27
CA LYS A 392 19.99 36.62 0.01
C LYS A 392 19.66 37.25 1.37
N ASN A 393 20.36 38.32 1.71
CA ASN A 393 20.12 39.06 2.94
C ASN A 393 19.35 40.35 2.72
N HIS A 394 18.84 40.57 1.50
CA HIS A 394 18.08 41.78 1.17
C HIS A 394 18.88 43.05 1.46
N ILE A 395 20.17 43.01 1.13
CA ILE A 395 21.02 44.19 1.32
C ILE A 395 20.70 45.22 0.24
N SER A 396 20.56 46.47 0.66
CA SER A 396 20.23 47.56 -0.26
C SER A 396 21.32 48.62 -0.38
N LYS A 397 22.08 48.86 0.68
CA LYS A 397 23.13 49.88 0.64
C LYS A 397 24.14 49.58 1.73
N ILE A 398 25.40 49.93 1.45
CA ILE A 398 26.49 49.76 2.41
C ILE A 398 27.22 51.08 2.55
N ALA A 399 27.71 51.36 3.75
CA ALA A 399 28.42 52.59 4.06
C ALA A 399 29.94 52.37 3.99
N ASN A 400 30.67 53.47 4.07
CA ASN A 400 32.13 53.39 4.04
C ASN A 400 32.66 52.70 5.29
N GLY A 401 33.71 51.91 5.11
CA GLY A 401 34.32 51.22 6.24
C GLY A 401 33.52 50.06 6.78
N THR A 402 32.60 49.49 5.99
CA THR A 402 31.82 48.36 6.47
C THR A 402 32.71 47.15 6.75
N PHE A 403 33.68 46.89 5.87
CA PHE A 403 34.58 45.76 6.00
C PHE A 403 35.96 46.18 6.50
N SER A 404 36.06 47.33 7.17
CA SER A 404 37.35 47.80 7.67
C SER A 404 37.90 46.87 8.74
N TRP A 405 37.04 46.38 9.64
CA TRP A 405 37.50 45.53 10.72
C TRP A 405 38.01 44.19 10.22
N LEU A 406 37.44 43.68 9.14
CA LEU A 406 37.81 42.36 8.62
C LEU A 406 38.99 42.50 7.66
N GLY A 407 40.14 42.87 8.23
CA GLY A 407 41.34 43.04 7.43
C GLY A 407 41.85 41.75 6.83
N GLN A 408 41.69 40.64 7.54
CA GLN A 408 42.21 39.34 7.10
C GLN A 408 41.23 38.57 6.22
N LEU A 409 40.08 39.15 5.90
CA LEU A 409 39.11 38.47 5.04
C LEU A 409 39.71 38.19 3.68
N ARG A 410 39.34 37.04 3.10
CA ARG A 410 39.80 36.64 1.77
C ARG A 410 38.66 36.57 0.77
N ILE A 411 37.60 35.83 1.09
CA ILE A 411 36.46 35.65 0.19
C ILE A 411 35.27 36.40 0.76
N LEU A 412 34.68 37.28 -0.05
CA LEU A 412 33.55 38.10 0.36
C LEU A 412 32.37 37.83 -0.53
N ASP A 413 31.17 37.77 0.07
CA ASP A 413 29.94 37.46 -0.65
C ASP A 413 28.92 38.55 -0.38
N LEU A 414 28.39 39.14 -1.47
CA LEU A 414 27.30 40.11 -1.34
C LEU A 414 26.25 39.92 -2.44
N GLY A 415 26.21 38.76 -3.07
CA GLY A 415 25.32 38.53 -4.19
C GLY A 415 23.89 38.23 -3.76
N LEU A 416 23.03 38.09 -4.77
CA LEU A 416 21.61 37.79 -4.57
C LEU A 416 20.95 38.80 -3.64
N ASN A 417 21.25 40.08 -3.84
CA ASN A 417 20.74 41.15 -3.01
C ASN A 417 20.22 42.28 -3.90
N GLU A 418 19.63 43.29 -3.27
CA GLU A 418 19.06 44.44 -3.97
C GLU A 418 19.88 45.69 -3.70
N ILE A 419 21.20 45.56 -3.69
CA ILE A 419 22.08 46.69 -3.39
C ILE A 419 21.99 47.70 -4.52
N GLU A 420 21.80 48.97 -4.15
CA GLU A 420 21.81 50.07 -5.12
C GLU A 420 22.55 51.24 -4.50
N GLN A 421 23.62 51.68 -5.17
CA GLN A 421 24.49 52.74 -4.67
C GLN A 421 25.45 53.12 -5.78
N LYS A 422 26.37 54.02 -5.45
CA LYS A 422 27.47 54.40 -6.32
C LYS A 422 28.77 53.88 -5.72
N LEU A 423 29.51 53.08 -6.48
CA LEU A 423 30.75 52.48 -5.99
C LEU A 423 31.88 53.48 -6.13
N SER A 424 32.43 53.92 -5.00
CA SER A 424 33.49 54.93 -4.98
C SER A 424 34.83 54.36 -4.53
N GLY A 425 34.88 53.11 -4.10
CA GLY A 425 36.10 52.48 -3.64
C GLY A 425 36.30 52.51 -2.14
N GLN A 426 35.59 53.39 -1.43
CA GLN A 426 35.70 53.43 0.02
C GLN A 426 34.86 52.37 0.71
N GLU A 427 33.99 51.68 -0.03
CA GLU A 427 33.24 50.57 0.55
C GLU A 427 34.12 49.39 0.90
N TRP A 428 35.29 49.27 0.26
CA TRP A 428 36.22 48.18 0.50
C TRP A 428 37.41 48.62 1.36
N ARG A 429 37.32 49.78 2.00
CA ARG A 429 38.39 50.26 2.86
C ARG A 429 38.61 49.30 4.02
N GLY A 430 39.88 49.03 4.33
CA GLY A 430 40.23 48.12 5.39
C GLY A 430 40.44 46.68 4.96
N LEU A 431 40.12 46.34 3.71
CA LEU A 431 40.34 44.99 3.19
C LEU A 431 41.76 44.93 2.67
N ARG A 432 42.64 44.25 3.40
CA ARG A 432 44.06 44.23 3.07
C ARG A 432 44.35 43.24 1.95
N ASN A 433 44.07 41.96 2.17
CA ASN A 433 44.36 40.89 1.21
C ASN A 433 43.12 40.02 1.03
N ILE A 434 42.29 40.38 0.06
CA ILE A 434 41.08 39.62 -0.24
C ILE A 434 41.29 38.85 -1.53
N PHE A 435 40.63 37.69 -1.62
CA PHE A 435 40.80 36.80 -2.76
C PHE A 435 39.77 37.05 -3.85
N GLU A 436 38.48 37.04 -3.50
CA GLU A 436 37.43 37.22 -4.48
C GLU A 436 36.24 37.90 -3.83
N ILE A 437 35.41 38.54 -4.66
CA ILE A 437 34.21 39.24 -4.22
C ILE A 437 33.04 38.76 -5.07
N TYR A 438 31.94 38.40 -4.42
CA TYR A 438 30.72 37.94 -5.08
C TYR A 438 29.70 39.06 -5.04
N LEU A 439 29.56 39.78 -6.17
CA LEU A 439 28.61 40.88 -6.28
C LEU A 439 27.57 40.63 -7.37
N SER A 440 27.42 39.39 -7.82
CA SER A 440 26.49 39.09 -8.90
C SER A 440 25.05 39.18 -8.39
N TYR A 441 24.12 39.28 -9.35
CA TYR A 441 22.69 39.30 -9.08
C TYR A 441 22.31 40.45 -8.15
N ASN A 442 22.54 41.67 -8.64
CA ASN A 442 22.17 42.89 -7.94
C ASN A 442 21.38 43.79 -8.89
N LYS A 443 20.53 44.64 -8.30
CA LYS A 443 19.64 45.45 -9.13
C LYS A 443 20.36 46.61 -9.79
N TYR A 444 21.32 47.24 -9.11
CA TYR A 444 21.95 48.45 -9.64
C TYR A 444 23.26 48.68 -8.91
N LEU A 445 24.37 48.64 -9.64
CA LEU A 445 25.69 48.96 -9.10
C LEU A 445 26.39 49.89 -10.09
N GLN A 446 26.51 51.16 -9.72
CA GLN A 446 27.17 52.16 -10.55
C GLN A 446 28.66 52.18 -10.24
N LEU A 447 29.48 52.08 -11.28
CA LEU A 447 30.93 52.04 -11.14
C LEU A 447 31.53 53.42 -11.34
N SER A 448 32.71 53.63 -10.76
CA SER A 448 33.47 54.87 -10.90
C SER A 448 34.92 54.53 -11.22
N THR A 449 35.70 55.56 -11.52
CA THR A 449 37.10 55.37 -11.89
C THR A 449 37.95 54.89 -10.72
N SER A 450 37.48 55.04 -9.48
CA SER A 450 38.23 54.65 -8.29
C SER A 450 37.46 53.65 -7.44
N SER A 451 36.58 52.86 -8.07
CA SER A 451 35.78 51.91 -7.32
C SER A 451 36.59 50.72 -6.82
N PHE A 452 37.64 50.33 -7.56
CA PHE A 452 38.45 49.18 -7.22
C PHE A 452 39.91 49.54 -6.96
N ALA A 453 40.18 50.81 -6.65
CA ALA A 453 41.56 51.23 -6.43
C ALA A 453 42.10 50.73 -5.09
N LEU A 454 41.25 50.67 -4.06
CA LEU A 454 41.71 50.31 -2.72
C LEU A 454 42.00 48.82 -2.57
N VAL A 455 41.54 47.99 -3.50
CA VAL A 455 41.73 46.54 -3.39
C VAL A 455 42.33 45.98 -4.67
N PRO A 456 43.65 46.07 -4.86
CA PRO A 456 44.27 45.53 -6.06
C PRO A 456 44.68 44.06 -5.96
N SER A 457 44.21 43.34 -4.94
CA SER A 457 44.63 41.96 -4.71
C SER A 457 43.57 40.95 -5.13
N LEU A 458 42.55 41.36 -5.88
CA LEU A 458 41.50 40.44 -6.27
C LEU A 458 42.02 39.38 -7.24
N GLN A 459 41.48 38.17 -7.11
CA GLN A 459 41.77 37.07 -8.02
C GLN A 459 40.58 36.67 -8.87
N ARG A 460 39.36 36.80 -8.34
CA ARG A 460 38.13 36.52 -9.07
C ARG A 460 37.17 37.68 -8.87
N LEU A 461 36.48 38.06 -9.95
CA LEU A 461 35.54 39.18 -9.90
C LEU A 461 34.43 38.91 -10.91
N MET A 462 33.24 38.58 -10.40
CA MET A 462 32.08 38.31 -11.23
C MET A 462 30.98 39.29 -10.89
N LEU A 463 30.36 39.87 -11.92
CA LEU A 463 29.30 40.86 -11.80
C LEU A 463 28.10 40.46 -12.65
N ARG A 464 27.68 39.20 -12.53
CA ARG A 464 26.56 38.71 -13.33
C ARG A 464 25.26 39.35 -12.87
N ARG A 465 24.50 39.90 -13.82
CA ARG A 465 23.20 40.50 -13.57
C ARG A 465 23.30 41.60 -12.50
N VAL A 466 24.05 42.65 -12.82
CA VAL A 466 24.20 43.80 -11.95
C VAL A 466 23.80 45.10 -12.61
N ALA A 467 23.47 45.07 -13.91
CA ALA A 467 23.07 46.26 -14.65
C ALA A 467 24.12 47.36 -14.55
N LEU A 468 25.38 46.97 -14.68
CA LEU A 468 26.48 47.92 -14.56
C LEU A 468 26.48 48.90 -15.72
N LYS A 469 26.87 50.14 -15.44
CA LYS A 469 26.91 51.21 -16.44
C LYS A 469 28.10 52.11 -16.14
N ASN A 470 28.34 53.05 -17.05
CA ASN A 470 29.39 54.05 -16.90
C ASN A 470 30.76 53.40 -16.70
N VAL A 471 31.12 52.51 -17.61
CA VAL A 471 32.38 51.78 -17.55
C VAL A 471 33.35 52.20 -18.64
N ASP A 472 32.92 53.04 -19.58
CA ASP A 472 33.76 53.46 -20.69
C ASP A 472 34.62 54.68 -20.38
N ILE A 473 34.55 55.21 -19.16
CA ILE A 473 35.34 56.39 -18.82
C ILE A 473 36.80 56.02 -18.64
N SER A 474 37.67 57.03 -18.77
CA SER A 474 39.10 56.88 -18.60
C SER A 474 39.58 57.61 -17.35
N PRO A 475 40.44 56.97 -16.53
CA PRO A 475 40.98 55.62 -16.73
C PRO A 475 39.98 54.53 -16.38
N SER A 476 40.23 53.31 -16.86
CA SER A 476 39.32 52.21 -16.61
C SER A 476 39.29 51.87 -15.12
N PRO A 477 38.12 51.52 -14.57
CA PRO A 477 38.06 51.14 -13.15
C PRO A 477 38.85 49.88 -12.83
N PHE A 478 39.16 49.06 -13.81
CA PHE A 478 39.91 47.83 -13.60
C PHE A 478 41.41 48.02 -13.75
N ARG A 479 41.86 49.25 -13.98
CA ARG A 479 43.30 49.51 -14.08
C ARG A 479 44.07 49.15 -12.81
N PRO A 480 43.61 49.48 -11.60
CA PRO A 480 44.40 49.12 -10.41
C PRO A 480 44.56 47.62 -10.21
N LEU A 481 43.74 46.79 -10.84
CA LEU A 481 43.87 45.34 -10.72
C LEU A 481 44.91 44.85 -11.72
N ARG A 482 45.92 44.14 -11.22
CA ARG A 482 47.00 43.62 -12.04
C ARG A 482 47.02 42.10 -12.11
N ASN A 483 47.01 41.42 -10.97
CA ASN A 483 47.10 39.96 -10.95
C ASN A 483 45.75 39.27 -10.97
N LEU A 484 44.69 39.99 -11.33
CA LEU A 484 43.36 39.40 -11.42
C LEU A 484 43.34 38.28 -12.44
N THR A 485 42.64 37.19 -12.10
CA THR A 485 42.61 35.99 -12.93
C THR A 485 41.27 35.77 -13.62
N ILE A 486 40.16 35.87 -12.88
CA ILE A 486 38.84 35.58 -13.41
C ILE A 486 38.01 36.86 -13.34
N LEU A 487 37.45 37.25 -14.49
CA LEU A 487 36.60 38.43 -14.59
C LEU A 487 35.33 38.04 -15.35
N ASP A 488 34.18 38.39 -14.79
CA ASP A 488 32.88 38.07 -15.38
C ASP A 488 32.00 39.29 -15.33
N LEU A 489 31.53 39.74 -16.50
CA LEU A 489 30.64 40.89 -16.64
C LEU A 489 29.47 40.53 -17.54
N SER A 490 28.87 39.37 -17.30
CA SER A 490 27.83 38.85 -18.17
C SER A 490 26.44 39.26 -17.67
N ASN A 491 25.46 39.14 -18.57
CA ASN A 491 24.06 39.42 -18.28
C ASN A 491 23.86 40.82 -17.71
N ASN A 492 24.54 41.80 -18.30
CA ASN A 492 24.43 43.19 -17.85
C ASN A 492 24.05 44.16 -18.95
N ASN A 493 24.14 43.78 -20.22
CA ASN A 493 23.75 44.63 -21.36
C ASN A 493 24.52 45.95 -21.34
N ILE A 494 25.83 45.84 -21.51
CA ILE A 494 26.68 47.02 -21.55
C ILE A 494 26.37 47.83 -22.81
N ALA A 495 26.18 49.14 -22.62
CA ALA A 495 25.87 50.01 -23.76
C ALA A 495 27.04 50.09 -24.73
N ASN A 496 28.23 50.39 -24.21
CA ASN A 496 29.43 50.46 -25.03
C ASN A 496 30.65 50.40 -24.10
N ILE A 497 31.81 50.11 -24.70
CA ILE A 497 33.05 50.01 -23.96
C ILE A 497 34.20 50.15 -24.94
N ASN A 498 35.27 50.80 -24.50
CA ASN A 498 36.43 51.09 -25.32
C ASN A 498 37.59 50.20 -24.93
N GLU A 499 38.71 50.37 -25.63
CA GLU A 499 39.90 49.56 -25.40
C GLU A 499 40.62 49.90 -24.10
N ASP A 500 40.24 51.00 -23.44
CA ASP A 500 40.88 51.35 -22.17
C ASP A 500 40.55 50.32 -21.09
N LEU A 501 39.38 49.71 -21.14
CA LEU A 501 39.03 48.68 -20.18
C LEU A 501 39.92 47.45 -20.37
N LEU A 502 40.14 46.73 -19.27
CA LEU A 502 40.91 45.49 -19.17
C LEU A 502 42.37 45.66 -19.62
N GLU A 503 42.82 46.88 -19.89
CA GLU A 503 44.21 47.10 -20.25
C GLU A 503 45.11 46.84 -19.05
N GLY A 504 46.22 46.14 -19.29
CA GLY A 504 47.16 45.80 -18.24
C GLY A 504 46.83 44.57 -17.44
N LEU A 505 45.72 43.89 -17.74
CA LEU A 505 45.34 42.67 -17.04
C LEU A 505 46.13 41.49 -17.63
N GLU A 506 47.41 41.45 -17.29
CA GLU A 506 48.30 40.42 -17.80
C GLU A 506 47.91 39.04 -17.29
N ASN A 507 47.50 38.94 -16.03
CA ASN A 507 47.20 37.66 -15.40
C ASN A 507 45.78 37.19 -15.64
N LEU A 508 44.98 37.94 -16.38
CA LEU A 508 43.60 37.54 -16.65
C LEU A 508 43.57 36.24 -17.45
N GLU A 509 42.77 35.29 -16.99
CA GLU A 509 42.66 33.98 -17.63
C GLU A 509 41.24 33.63 -18.06
N ILE A 510 40.24 33.95 -17.25
CA ILE A 510 38.85 33.58 -17.50
C ILE A 510 38.06 34.85 -17.77
N LEU A 511 37.39 34.90 -18.93
CA LEU A 511 36.60 36.06 -19.32
C LEU A 511 35.26 35.57 -19.87
N ASP A 512 34.18 36.21 -19.43
CA ASP A 512 32.83 35.86 -19.85
C ASP A 512 32.09 37.12 -20.27
N PHE A 513 31.53 37.11 -21.48
CA PHE A 513 30.74 38.22 -22.00
C PHE A 513 29.39 37.72 -22.51
N GLN A 514 28.73 36.88 -21.73
CA GLN A 514 27.42 36.37 -22.11
C GLN A 514 26.36 37.44 -21.94
N HIS A 515 25.57 37.66 -22.99
CA HIS A 515 24.42 38.56 -22.94
C HIS A 515 24.83 39.99 -22.56
N ASN A 516 25.64 40.59 -23.43
CA ASN A 516 26.14 41.94 -23.17
C ASN A 516 25.93 42.92 -24.32
N ASN A 517 25.36 42.50 -25.44
CA ASN A 517 25.05 43.39 -26.57
C ASN A 517 26.31 44.08 -27.10
N LEU A 518 27.22 43.26 -27.62
CA LEU A 518 28.48 43.74 -28.19
C LEU A 518 28.41 43.79 -29.72
N ALA A 519 27.24 44.13 -30.26
CA ALA A 519 27.02 44.05 -31.69
C ALA A 519 27.71 45.18 -32.44
N ARG A 520 27.33 46.42 -32.15
CA ARG A 520 27.83 47.57 -32.91
C ARG A 520 29.26 47.94 -32.59
N LEU A 521 29.80 47.47 -31.45
CA LEU A 521 31.16 47.81 -31.09
C LEU A 521 32.19 47.14 -32.00
N TRP A 522 31.80 46.09 -32.72
CA TRP A 522 32.71 45.41 -33.62
C TRP A 522 32.23 45.54 -35.07
N ASN A 526 33.33 49.66 -39.88
CA ASN A 526 32.45 49.96 -38.76
C ASN A 526 32.53 51.44 -38.39
N PRO A 527 31.38 52.06 -38.16
CA PRO A 527 31.37 53.48 -37.76
C PRO A 527 32.18 53.70 -36.49
N GLY A 528 32.94 54.81 -36.48
CA GLY A 528 33.78 55.14 -35.35
C GLY A 528 35.04 54.33 -35.23
N GLY A 529 35.28 53.37 -36.13
CA GLY A 529 36.45 52.55 -36.07
C GLY A 529 36.29 51.39 -35.11
N PRO A 530 36.63 50.17 -35.55
CA PRO A 530 36.56 49.02 -34.65
C PRO A 530 37.52 49.17 -33.48
N VAL A 531 37.08 48.71 -32.32
CA VAL A 531 37.87 48.83 -31.10
C VAL A 531 38.69 47.55 -30.93
N ASN A 532 40.00 47.70 -30.68
CA ASN A 532 40.91 46.57 -30.61
C ASN A 532 40.90 45.97 -29.20
N PHE A 533 39.93 45.09 -28.98
CA PHE A 533 39.87 44.32 -27.75
C PHE A 533 40.86 43.16 -27.80
N LEU A 534 41.01 42.50 -26.64
CA LEU A 534 41.87 41.32 -26.52
C LEU A 534 43.30 41.62 -26.95
N LYS A 535 43.80 42.78 -26.51
CA LYS A 535 45.14 43.24 -26.86
C LYS A 535 46.13 42.72 -25.81
N GLY A 536 47.02 41.84 -26.24
CA GLY A 536 48.03 41.30 -25.34
C GLY A 536 47.49 40.45 -24.21
N LEU A 537 46.47 39.64 -24.48
CA LEU A 537 45.91 38.74 -23.48
C LEU A 537 46.56 37.36 -23.63
N SER A 538 47.85 37.31 -23.31
CA SER A 538 48.61 36.07 -23.45
C SER A 538 48.10 35.00 -22.48
N HIS A 539 47.78 35.39 -21.25
CA HIS A 539 47.38 34.45 -20.22
C HIS A 539 45.89 34.12 -20.26
N LEU A 540 45.14 34.70 -21.19
CA LEU A 540 43.71 34.42 -21.27
C LEU A 540 43.48 32.98 -21.69
N HIS A 541 42.64 32.27 -20.94
CA HIS A 541 42.40 30.85 -21.18
C HIS A 541 41.16 30.63 -22.04
N ILE A 542 40.00 31.10 -21.58
CA ILE A 542 38.73 30.89 -22.28
C ILE A 542 38.07 32.24 -22.53
N LEU A 543 37.60 32.44 -23.76
CA LEU A 543 36.84 33.62 -24.14
C LEU A 543 35.43 33.19 -24.48
N ASN A 544 34.44 33.79 -23.82
CA ASN A 544 33.04 33.45 -24.00
C ASN A 544 32.25 34.71 -24.33
N LEU A 545 31.73 34.78 -25.56
CA LEU A 545 30.94 35.90 -26.02
C LEU A 545 29.59 35.42 -26.54
N GLU A 546 28.97 34.50 -25.82
CA GLU A 546 27.73 33.90 -26.28
C GLU A 546 26.56 34.88 -26.14
N SER A 547 25.73 34.94 -27.17
CA SER A 547 24.50 35.73 -27.17
C SER A 547 24.78 37.21 -26.88
N ASN A 548 25.85 37.72 -27.49
CA ASN A 548 26.17 39.14 -27.41
C ASN A 548 25.66 39.92 -28.61
N GLY A 549 24.91 39.28 -29.50
CA GLY A 549 24.39 39.96 -30.67
C GLY A 549 25.40 40.23 -31.76
N LEU A 550 26.58 39.61 -31.68
CA LEU A 550 27.63 39.86 -32.65
C LEU A 550 27.17 39.54 -34.07
N ASP A 551 27.44 40.45 -35.00
CA ASP A 551 27.03 40.30 -36.39
C ASP A 551 28.18 40.20 -37.37
N GLU A 552 29.34 40.78 -37.06
CA GLU A 552 30.49 40.74 -37.94
C GLU A 552 31.75 40.74 -37.10
N ILE A 553 32.69 39.85 -37.42
CA ILE A 553 33.94 39.72 -36.69
C ILE A 553 34.99 40.56 -37.42
N PRO A 554 35.53 41.61 -36.80
CA PRO A 554 36.61 42.37 -37.44
C PRO A 554 37.90 41.57 -37.49
N VAL A 555 38.73 41.88 -38.48
CA VAL A 555 40.00 41.19 -38.63
C VAL A 555 40.99 41.69 -37.60
N GLY A 556 41.96 40.83 -37.25
CA GLY A 556 42.99 41.20 -36.30
C GLY A 556 42.52 41.46 -34.88
N VAL A 557 41.62 40.62 -34.37
CA VAL A 557 41.18 40.75 -32.99
C VAL A 557 41.52 39.53 -32.15
N PHE A 558 41.86 38.39 -32.75
CA PHE A 558 42.23 37.19 -32.02
C PHE A 558 43.74 36.99 -31.99
N LYS A 559 44.52 38.00 -32.37
CA LYS A 559 45.97 37.87 -32.42
C LYS A 559 46.56 37.80 -31.01
N ASN A 560 47.75 37.20 -30.93
CA ASN A 560 48.55 37.06 -29.71
C ASN A 560 47.88 36.20 -28.64
N LEU A 561 46.82 35.46 -28.99
CA LEU A 561 46.15 34.56 -28.05
C LEU A 561 46.66 33.13 -28.23
N PHE A 562 47.95 32.94 -27.94
CA PHE A 562 48.57 31.64 -28.13
C PHE A 562 48.10 30.64 -27.08
N GLU A 563 47.89 31.10 -25.85
CA GLU A 563 47.52 30.21 -24.75
C GLU A 563 46.01 30.08 -24.57
N LEU A 564 45.22 30.66 -25.47
CA LEU A 564 43.77 30.53 -25.37
C LEU A 564 43.35 29.08 -25.55
N LYS A 565 42.32 28.68 -24.81
CA LYS A 565 41.89 27.28 -24.78
C LYS A 565 40.53 27.06 -25.43
N SER A 566 39.53 27.87 -25.09
CA SER A 566 38.16 27.64 -25.55
C SER A 566 37.56 28.93 -26.09
N ILE A 567 36.70 28.78 -27.10
CA ILE A 567 35.96 29.88 -27.71
C ILE A 567 34.49 29.49 -27.78
N ASN A 568 33.62 30.37 -27.28
CA ASN A 568 32.17 30.17 -27.33
C ASN A 568 31.53 31.44 -27.88
N LEU A 569 31.01 31.36 -29.10
CA LEU A 569 30.36 32.49 -29.76
C LEU A 569 28.95 32.13 -30.22
N GLY A 570 28.26 31.28 -29.46
CA GLY A 570 26.96 30.81 -29.86
C GLY A 570 25.86 31.85 -29.65
N LEU A 571 24.66 31.50 -30.12
CA LEU A 571 23.47 32.33 -29.99
C LEU A 571 23.68 33.72 -30.59
N ASN A 572 24.34 33.77 -31.75
CA ASN A 572 24.57 35.03 -32.44
C ASN A 572 24.23 34.92 -33.92
N ASN A 573 24.53 35.96 -34.69
CA ASN A 573 24.27 36.00 -36.12
C ASN A 573 25.60 36.23 -36.83
N LEU A 574 26.32 35.15 -37.11
CA LEU A 574 27.63 35.22 -37.75
C LEU A 574 27.56 34.46 -39.07
N ASN A 575 27.69 35.20 -40.18
CA ASN A 575 27.68 34.59 -41.50
C ASN A 575 28.89 35.02 -42.31
N LYS A 576 29.40 36.22 -42.02
CA LYS A 576 30.57 36.76 -42.71
C LYS A 576 31.82 36.32 -41.94
N LEU A 577 32.40 35.20 -42.37
CA LEU A 577 33.60 34.66 -41.75
C LEU A 577 34.81 35.24 -42.47
N GLU A 578 35.44 36.23 -41.86
CA GLU A 578 36.61 36.85 -42.46
C GLU A 578 37.77 35.86 -42.51
N PRO A 579 38.52 35.83 -43.61
CA PRO A 579 39.66 34.90 -43.70
C PRO A 579 40.74 35.23 -42.68
N PHE A 580 41.42 34.18 -42.23
CA PHE A 580 42.55 34.30 -41.30
C PHE A 580 42.15 35.00 -40.00
N ILE A 581 40.90 34.81 -39.58
CA ILE A 581 40.46 35.41 -38.31
C ILE A 581 41.12 34.70 -37.14
N PHE A 582 41.27 33.38 -37.22
CA PHE A 582 41.91 32.58 -36.18
C PHE A 582 43.27 32.12 -36.70
N ASP A 583 44.32 32.82 -36.30
CA ASP A 583 45.69 32.50 -36.71
C ASP A 583 46.57 32.06 -35.55
N ASP A 584 46.42 32.69 -34.38
CA ASP A 584 47.19 32.34 -33.20
C ASP A 584 46.48 31.33 -32.31
N GLN A 585 45.30 30.86 -32.72
CA GLN A 585 44.51 29.92 -31.91
C GLN A 585 44.92 28.47 -32.19
N THR A 586 46.22 28.19 -32.09
CA THR A 586 46.72 26.83 -32.29
C THR A 586 46.54 25.94 -31.07
N SER A 587 46.23 26.52 -29.91
CA SER A 587 46.01 25.77 -28.69
C SER A 587 44.54 25.67 -28.32
N LEU A 588 43.64 25.94 -29.26
CA LEU A 588 42.21 25.86 -28.98
C LEU A 588 41.80 24.43 -28.69
N ARG A 589 40.97 24.26 -27.67
CA ARG A 589 40.50 22.95 -27.25
C ARG A 589 39.03 22.70 -27.52
N SER A 590 38.20 23.75 -27.55
CA SER A 590 36.78 23.59 -27.81
C SER A 590 36.25 24.84 -28.49
N LEU A 591 35.72 24.68 -29.69
CA LEU A 591 35.13 25.77 -30.45
C LEU A 591 33.62 25.61 -30.43
N ASN A 592 32.91 26.64 -29.98
CA ASN A 592 31.46 26.63 -29.87
C ASN A 592 30.88 27.73 -30.73
N LEU A 593 30.09 27.35 -31.74
CA LEU A 593 29.42 28.31 -32.61
C LEU A 593 27.99 27.87 -32.92
N GLN A 594 27.35 27.20 -31.97
CA GLN A 594 26.02 26.66 -32.20
C GLN A 594 24.98 27.78 -32.21
N LYS A 595 23.84 27.49 -32.84
CA LYS A 595 22.70 28.41 -32.91
C LYS A 595 23.09 29.75 -33.53
N ASN A 596 23.93 29.70 -34.56
CA ASN A 596 24.35 30.88 -35.29
C ASN A 596 23.85 30.79 -36.74
N LEU A 597 24.22 31.79 -37.53
CA LEU A 597 23.82 31.87 -38.94
C LEU A 597 24.97 31.53 -39.88
N ILE A 598 25.81 30.57 -39.49
CA ILE A 598 26.93 30.18 -40.34
C ILE A 598 26.42 29.38 -41.53
N THR A 599 26.83 29.79 -42.73
CA THR A 599 26.41 29.14 -43.96
C THR A 599 27.50 28.28 -44.59
N SER A 600 28.75 28.73 -44.58
CA SER A 600 29.85 28.00 -45.19
C SER A 600 30.98 27.86 -44.18
N VAL A 601 31.70 26.74 -44.29
CA VAL A 601 32.85 26.45 -43.43
C VAL A 601 34.06 26.36 -44.34
N GLU A 602 34.85 27.42 -44.39
CA GLU A 602 36.02 27.48 -45.26
C GLU A 602 37.27 27.05 -44.52
N LYS A 603 38.20 26.44 -45.26
CA LYS A 603 39.43 25.95 -44.65
C LYS A 603 40.28 27.08 -44.10
N ASP A 604 40.41 28.18 -44.84
CA ASP A 604 41.28 29.28 -44.43
C ASP A 604 40.79 29.99 -43.18
N VAL A 605 39.56 29.75 -42.76
CA VAL A 605 39.01 30.37 -41.57
C VAL A 605 39.10 29.47 -40.34
N PHE A 606 38.76 28.19 -40.51
CA PHE A 606 38.72 27.24 -39.39
C PHE A 606 39.87 26.25 -39.44
N GLY A 607 40.96 26.57 -40.12
CA GLY A 607 42.09 25.67 -40.21
C GLY A 607 42.87 25.53 -38.92
N PRO A 608 43.54 26.60 -38.50
CA PRO A 608 44.37 26.54 -37.29
C PRO A 608 43.59 26.12 -36.05
N PRO A 609 42.34 26.59 -35.85
CA PRO A 609 41.58 26.09 -34.69
C PRO A 609 41.27 24.61 -34.74
N PHE A 610 41.25 24.00 -35.93
CA PHE A 610 40.93 22.59 -36.08
C PHE A 610 42.15 21.68 -36.04
N GLN A 611 43.36 22.25 -35.89
CA GLN A 611 44.57 21.44 -35.90
C GLN A 611 44.61 20.49 -34.71
N ASN A 612 44.24 20.97 -33.52
CA ASN A 612 44.28 20.16 -32.30
C ASN A 612 43.01 20.36 -31.49
N LEU A 613 41.88 20.52 -32.17
CA LEU A 613 40.61 20.69 -31.47
C LEU A 613 40.17 19.38 -30.83
N ASN A 614 39.61 19.48 -29.63
CA ASN A 614 39.13 18.32 -28.88
C ASN A 614 37.63 18.12 -29.00
N SER A 615 36.85 19.18 -28.90
CA SER A 615 35.40 19.10 -29.04
C SER A 615 34.91 20.25 -29.91
N LEU A 616 33.91 19.97 -30.75
CA LEU A 616 33.36 20.95 -31.67
C LEU A 616 31.85 20.96 -31.53
N ASP A 617 31.26 22.15 -31.60
CA ASP A 617 29.81 22.31 -31.45
C ASP A 617 29.36 23.48 -32.30
N MET A 618 28.79 23.18 -33.47
CA MET A 618 28.20 24.19 -34.36
C MET A 618 26.84 23.71 -34.86
N ARG A 619 26.02 23.22 -33.94
CA ARG A 619 24.69 22.73 -34.30
C ARG A 619 23.72 23.90 -34.48
N PHE A 620 22.54 23.59 -34.99
CA PHE A 620 21.47 24.57 -35.19
C PHE A 620 21.94 25.73 -36.08
N ASN A 621 22.60 25.40 -37.18
CA ASN A 621 23.08 26.42 -38.10
C ASN A 621 22.58 26.14 -39.51
N PRO A 622 22.20 27.18 -40.27
CA PRO A 622 21.75 26.96 -41.64
C PRO A 622 22.90 26.62 -42.58
N PHE A 623 23.40 25.39 -42.48
CA PHE A 623 24.52 24.96 -43.31
C PHE A 623 24.08 24.83 -44.76
N ASP A 624 25.01 25.12 -45.67
CA ASP A 624 24.78 25.02 -47.10
C ASP A 624 25.47 23.76 -47.62
N CYS A 625 24.67 22.77 -48.00
CA CYS A 625 25.20 21.50 -48.50
C CYS A 625 25.62 21.67 -49.97
N THR A 626 26.73 22.36 -50.16
CA THR A 626 27.30 22.61 -51.48
C THR A 626 28.79 22.35 -51.45
N CYS A 627 29.35 22.12 -52.64
CA CYS A 627 30.78 21.83 -52.75
C CYS A 627 31.62 23.02 -52.33
N GLU A 628 31.11 24.24 -52.47
CA GLU A 628 31.85 25.44 -52.11
C GLU A 628 31.82 25.74 -50.62
N SER A 629 30.95 25.09 -49.85
CA SER A 629 30.72 25.46 -48.47
C SER A 629 31.22 24.42 -47.46
N ILE A 630 30.79 23.17 -47.58
CA ILE A 630 31.02 22.18 -46.54
C ILE A 630 31.89 21.01 -47.02
N SER A 631 32.47 21.11 -48.23
CA SER A 631 33.30 20.03 -48.72
C SER A 631 34.51 19.81 -47.81
N TRP A 632 35.24 20.89 -47.50
CA TRP A 632 36.37 20.78 -46.59
C TRP A 632 35.92 20.35 -45.20
N PHE A 633 34.79 20.89 -44.72
CA PHE A 633 34.30 20.51 -43.40
C PHE A 633 33.90 19.04 -43.36
N VAL A 634 33.22 18.56 -44.40
CA VAL A 634 32.82 17.15 -44.45
C VAL A 634 34.06 16.25 -44.49
N ASN A 635 35.05 16.62 -45.32
CA ASN A 635 36.27 15.82 -45.39
C ASN A 635 36.99 15.80 -44.04
N TRP A 636 37.07 16.94 -43.37
CA TRP A 636 37.72 17.00 -42.07
C TRP A 636 36.98 16.13 -41.06
N ILE A 637 35.65 16.22 -41.03
CA ILE A 637 34.86 15.39 -40.12
C ILE A 637 35.10 13.92 -40.39
N ASN A 638 35.19 13.55 -41.67
CA ASN A 638 35.45 12.15 -42.01
C ASN A 638 36.85 11.73 -41.59
N GLN A 639 37.82 12.64 -41.59
CA GLN A 639 39.21 12.29 -41.30
C GLN A 639 39.66 12.76 -39.92
N THR A 640 38.74 13.07 -39.02
CA THR A 640 39.10 13.50 -37.67
C THR A 640 38.37 12.65 -36.64
N HIS A 641 38.88 12.70 -35.41
CA HIS A 641 38.26 12.03 -34.27
C HIS A 641 37.75 13.02 -33.23
N THR A 642 37.52 14.26 -33.64
CA THR A 642 37.05 15.28 -32.71
C THR A 642 35.64 14.94 -32.21
N ASN A 643 35.44 15.12 -30.91
CA ASN A 643 34.15 14.81 -30.29
C ASN A 643 33.13 15.87 -30.69
N ILE A 644 32.15 15.48 -31.50
CA ILE A 644 31.07 16.36 -31.93
C ILE A 644 29.76 15.78 -31.43
N SER A 645 29.02 16.58 -30.68
CA SER A 645 27.76 16.12 -30.09
C SER A 645 26.60 16.39 -31.05
N GLU A 646 25.72 15.39 -31.19
CA GLU A 646 24.53 15.49 -32.02
C GLU A 646 24.87 15.88 -33.46
N LEU A 647 25.96 15.30 -33.98
CA LEU A 647 26.38 15.61 -35.34
C LEU A 647 25.36 15.14 -36.37
N SER A 648 24.80 13.95 -36.18
CA SER A 648 23.87 13.40 -37.17
C SER A 648 22.49 14.07 -37.11
N THR A 649 22.10 14.60 -35.95
CA THR A 649 20.74 15.09 -35.75
C THR A 649 20.61 16.58 -36.05
N HIS A 650 21.38 17.41 -35.35
CA HIS A 650 21.21 18.86 -35.38
C HIS A 650 22.22 19.54 -36.31
N TYR A 651 22.59 18.90 -37.42
CA TYR A 651 23.46 19.51 -38.41
C TYR A 651 22.85 19.44 -39.80
N LEU A 652 21.52 19.54 -39.88
CA LEU A 652 20.84 19.46 -41.17
C LEU A 652 21.04 20.74 -41.96
N CYS A 653 21.19 20.60 -43.27
CA CYS A 653 21.35 21.75 -44.15
C CYS A 653 19.99 22.42 -44.40
N ASN A 654 20.07 23.69 -44.81
CA ASN A 654 18.87 24.47 -45.10
C ASN A 654 18.71 24.80 -46.58
N THR A 655 19.75 24.58 -47.39
CA THR A 655 19.71 24.90 -48.81
C THR A 655 20.75 24.04 -49.52
N PRO A 656 20.50 23.61 -50.77
CA PRO A 656 19.29 23.84 -51.58
C PRO A 656 18.11 22.95 -51.19
N HIS A 657 17.09 22.94 -52.04
CA HIS A 657 15.90 22.14 -51.76
C HIS A 657 16.20 20.64 -51.80
N HIS A 658 17.08 20.22 -52.71
CA HIS A 658 17.42 18.81 -52.80
C HIS A 658 18.10 18.31 -51.53
N TYR A 659 18.99 19.11 -50.95
CA TYR A 659 19.73 18.72 -49.76
C TYR A 659 19.15 19.31 -48.48
N TYR A 660 17.96 19.91 -48.55
CA TYR A 660 17.34 20.48 -47.37
C TYR A 660 16.96 19.39 -46.39
N GLY A 661 17.25 19.61 -45.11
CA GLY A 661 16.94 18.63 -44.09
C GLY A 661 17.70 17.33 -44.22
N PHE A 662 18.97 17.40 -44.64
CA PHE A 662 19.80 16.22 -44.79
C PHE A 662 20.97 16.27 -43.82
N PRO A 663 21.42 15.12 -43.32
CA PRO A 663 22.55 15.12 -42.38
C PRO A 663 23.81 15.67 -43.03
N LEU A 664 24.59 16.41 -42.22
CA LEU A 664 25.82 17.00 -42.73
C LEU A 664 26.85 15.93 -43.08
N LYS A 665 26.95 14.89 -42.25
CA LYS A 665 27.93 13.84 -42.49
C LYS A 665 27.60 13.01 -43.72
N LEU A 666 26.32 12.93 -44.09
CA LEU A 666 25.90 12.15 -45.24
C LEU A 666 25.94 13.00 -46.52
N PHE A 667 27.14 13.48 -46.83
CA PHE A 667 27.39 14.27 -48.02
C PHE A 667 28.63 13.72 -48.72
N ASP A 668 28.52 13.46 -50.02
CA ASP A 668 29.62 12.92 -50.80
C ASP A 668 30.41 14.05 -51.42
N THR A 669 31.71 14.11 -51.11
CA THR A 669 32.60 15.13 -51.64
C THR A 669 33.49 14.61 -52.76
N SER A 670 33.26 13.38 -53.23
CA SER A 670 34.10 12.81 -54.29
C SER A 670 33.83 13.44 -55.64
N SER A 671 32.69 14.10 -55.83
CA SER A 671 32.34 14.71 -57.10
C SER A 671 32.85 16.14 -57.24
N CYS A 672 33.42 16.71 -56.19
CA CYS A 672 33.93 18.07 -56.21
C CYS A 672 35.32 18.10 -55.58
N LYS A 673 36.30 18.62 -56.30
CA LYS A 673 37.67 18.70 -55.81
C LYS A 673 38.46 19.77 -56.57
N GLN B 3 16.11 74.42 -64.80
CA GLN B 3 15.37 75.67 -64.98
C GLN B 3 14.01 75.60 -64.28
N CYS B 4 13.08 76.42 -64.74
CA CYS B 4 11.75 76.45 -64.13
C CYS B 4 10.96 75.21 -64.50
N THR B 5 9.91 74.95 -63.72
CA THR B 5 9.14 73.72 -63.85
C THR B 5 8.31 73.69 -65.15
N VAL B 6 7.73 74.83 -65.52
CA VAL B 6 6.79 74.92 -66.65
C VAL B 6 5.65 73.94 -66.39
N ARG B 7 5.69 72.78 -67.05
CA ARG B 7 4.76 71.68 -66.78
C ARG B 7 3.31 72.14 -66.87
N TYR B 8 2.92 72.52 -68.09
CA TYR B 8 1.55 72.92 -68.40
C TYR B 8 1.15 74.20 -67.63
N ASN B 9 1.88 75.27 -67.92
CA ASN B 9 1.50 76.64 -67.57
C ASN B 9 1.57 76.95 -66.08
N VAL B 10 2.39 76.24 -65.32
CA VAL B 10 2.64 76.57 -63.91
C VAL B 10 4.15 76.64 -63.73
N ALA B 11 4.74 77.82 -63.93
CA ALA B 11 6.18 77.99 -63.88
C ALA B 11 6.61 78.09 -62.42
N ASP B 12 6.54 76.95 -61.73
CA ASP B 12 6.92 76.86 -60.33
C ASP B 12 8.43 76.75 -60.25
N CYS B 13 9.10 77.91 -60.23
CA CYS B 13 10.56 77.96 -60.17
C CYS B 13 10.97 77.83 -58.71
N SER B 14 11.49 76.65 -58.35
CA SER B 14 11.86 76.35 -56.97
C SER B 14 13.22 76.95 -56.67
N HIS B 15 13.82 76.52 -55.54
CA HIS B 15 15.12 77.02 -55.13
C HIS B 15 16.18 76.57 -56.13
N LEU B 16 16.61 77.49 -57.00
CA LEU B 16 17.64 77.18 -57.98
C LEU B 16 18.76 78.22 -58.02
N LYS B 17 18.80 79.14 -57.05
CA LYS B 17 19.83 80.18 -56.99
C LYS B 17 19.87 81.01 -58.28
N LEU B 18 18.70 81.31 -58.82
CA LEU B 18 18.60 82.12 -60.03
C LEU B 18 18.93 83.56 -59.71
N THR B 19 20.11 84.02 -60.13
CA THR B 19 20.54 85.38 -59.80
C THR B 19 19.65 86.42 -60.44
N HIS B 20 19.25 86.22 -61.69
CA HIS B 20 18.45 87.18 -62.43
C HIS B 20 17.13 86.55 -62.86
N ILE B 21 16.15 87.39 -63.14
CA ILE B 21 14.82 86.94 -63.58
C ILE B 21 14.95 86.36 -64.97
N PRO B 22 14.58 85.10 -65.18
CA PRO B 22 14.71 84.49 -66.51
C PRO B 22 13.50 84.75 -67.40
N ASP B 23 13.77 84.74 -68.71
CA ASP B 23 12.74 84.87 -69.74
C ASP B 23 13.08 83.85 -70.83
N ASP B 24 12.52 82.66 -70.71
CA ASP B 24 12.86 81.54 -71.57
C ASP B 24 11.84 81.41 -72.71
N LEU B 25 12.01 80.38 -73.54
CA LEU B 25 11.11 80.17 -74.68
C LEU B 25 9.66 79.95 -74.27
N PRO B 26 9.32 79.09 -73.27
CA PRO B 26 7.91 78.85 -72.98
C PRO B 26 7.20 80.06 -72.38
N SER B 27 6.97 81.09 -73.20
CA SER B 27 6.24 82.27 -72.76
C SER B 27 4.73 82.08 -72.80
N ASN B 28 4.25 81.02 -73.44
CA ASN B 28 2.81 80.76 -73.53
C ASN B 28 2.31 80.03 -72.28
N ILE B 29 2.42 80.73 -71.15
CA ILE B 29 1.98 80.22 -69.86
C ILE B 29 1.15 81.29 -69.16
N THR B 30 0.37 80.85 -68.18
CA THR B 30 -0.50 81.74 -67.43
C THR B 30 -0.10 81.92 -65.97
N VAL B 31 0.60 80.95 -65.37
CA VAL B 31 1.02 81.03 -63.98
C VAL B 31 2.54 80.93 -63.94
N LEU B 32 3.18 81.92 -63.32
CA LEU B 32 4.62 81.95 -63.17
C LEU B 32 4.96 82.24 -61.71
N ASN B 33 5.89 81.48 -61.15
CA ASN B 33 6.25 81.56 -59.74
C ASN B 33 7.69 82.05 -59.62
N LEU B 34 7.86 83.30 -59.20
CA LEU B 34 9.18 83.84 -58.87
C LEU B 34 9.51 83.70 -57.39
N THR B 35 8.61 83.12 -56.60
CA THR B 35 8.86 82.94 -55.18
C THR B 35 10.04 82.01 -54.94
N HIS B 36 10.82 82.31 -53.91
CA HIS B 36 12.00 81.52 -53.54
C HIS B 36 13.05 81.55 -54.64
N ASN B 37 13.28 82.75 -55.18
CA ASN B 37 14.31 82.98 -56.18
C ASN B 37 15.01 84.29 -55.87
N GLN B 38 16.32 84.33 -56.13
CA GLN B 38 17.10 85.54 -55.86
C GLN B 38 16.69 86.64 -56.84
N LEU B 39 15.94 87.62 -56.33
CA LEU B 39 15.43 88.72 -57.14
C LEU B 39 15.93 90.03 -56.56
N ARG B 40 16.78 90.73 -57.31
CA ARG B 40 17.21 92.06 -56.89
C ARG B 40 16.05 93.04 -56.92
N ARG B 41 15.32 93.09 -58.03
CA ARG B 41 14.12 93.90 -58.20
C ARG B 41 13.39 93.42 -59.43
N LEU B 42 12.11 93.77 -59.51
CA LEU B 42 11.30 93.40 -60.66
C LEU B 42 11.55 94.39 -61.80
N PRO B 43 12.05 93.93 -62.94
CA PRO B 43 12.29 94.85 -64.06
C PRO B 43 10.98 95.24 -64.73
N PRO B 44 10.74 96.54 -64.91
CA PRO B 44 9.49 96.97 -65.56
C PRO B 44 9.42 96.65 -67.04
N THR B 45 10.54 96.33 -67.68
CA THR B 45 10.57 96.10 -69.11
C THR B 45 10.90 94.67 -69.52
N ASN B 46 11.26 93.80 -68.57
CA ASN B 46 11.61 92.42 -68.88
C ASN B 46 10.40 91.51 -68.95
N PHE B 47 9.20 92.01 -68.65
CA PHE B 47 7.98 91.22 -68.66
C PHE B 47 7.26 91.30 -70.00
N THR B 48 7.83 91.97 -70.99
CA THR B 48 7.19 92.06 -72.30
C THR B 48 7.10 90.69 -72.96
N ARG B 49 8.11 89.84 -72.77
CA ARG B 49 8.09 88.51 -73.36
C ARG B 49 6.95 87.67 -72.79
N TYR B 50 6.71 87.76 -71.49
CA TYR B 50 5.66 87.01 -70.82
C TYR B 50 4.49 87.96 -70.60
N SER B 51 3.66 88.12 -71.63
CA SER B 51 2.50 89.00 -71.58
C SER B 51 1.20 88.24 -71.39
N GLN B 52 1.26 86.93 -71.17
CA GLN B 52 0.08 86.10 -70.98
C GLN B 52 -0.04 85.55 -69.56
N LEU B 53 0.74 86.10 -68.62
CA LEU B 53 0.71 85.65 -67.24
C LEU B 53 -0.58 86.12 -66.58
N ALA B 54 -1.56 85.22 -66.46
CA ALA B 54 -2.80 85.57 -65.78
C ALA B 54 -2.56 85.91 -64.32
N ILE B 55 -1.76 85.09 -63.63
CA ILE B 55 -1.34 85.35 -62.27
C ILE B 55 0.16 85.14 -62.17
N LEU B 56 0.77 85.77 -61.17
CA LEU B 56 2.19 85.62 -60.91
C LEU B 56 2.41 85.43 -59.42
N ASP B 57 3.44 84.65 -59.07
CA ASP B 57 3.78 84.37 -57.68
C ASP B 57 5.22 84.81 -57.46
N ALA B 58 5.40 86.09 -57.14
CA ALA B 58 6.71 86.67 -56.83
C ALA B 58 6.65 87.15 -55.39
N GLY B 59 6.90 86.23 -54.44
CA GLY B 59 6.78 86.53 -53.04
C GLY B 59 8.05 86.18 -52.29
N PHE B 60 8.14 86.72 -51.07
CA PHE B 60 9.24 86.50 -50.14
C PHE B 60 10.54 87.14 -50.64
N ASN B 61 10.52 87.69 -51.84
CA ASN B 61 11.72 88.23 -52.46
C ASN B 61 12.09 89.59 -51.85
N SER B 62 13.33 90.00 -52.11
CA SER B 62 13.84 91.29 -51.63
C SER B 62 13.75 92.28 -52.78
N ILE B 63 12.63 93.01 -52.82
CA ILE B 63 12.36 93.99 -53.87
C ILE B 63 12.21 95.36 -53.22
N SER B 64 12.95 96.35 -53.74
CA SER B 64 12.94 97.68 -53.15
C SER B 64 11.61 98.38 -53.37
N LYS B 65 11.24 98.58 -54.63
CA LYS B 65 10.02 99.31 -54.94
C LYS B 65 9.42 98.76 -56.23
N LEU B 66 8.15 99.06 -56.45
CA LEU B 66 7.40 98.56 -57.59
C LEU B 66 7.09 99.72 -58.53
N GLU B 67 7.43 99.53 -59.82
CA GLU B 67 7.16 100.55 -60.83
C GLU B 67 5.76 100.41 -61.40
N PRO B 68 5.15 101.52 -61.81
CA PRO B 68 3.80 101.44 -62.41
C PRO B 68 3.76 100.61 -63.69
N GLU B 69 4.87 100.54 -64.42
CA GLU B 69 4.87 99.84 -65.71
C GLU B 69 4.45 98.39 -65.58
N LEU B 70 4.80 97.74 -64.46
CA LEU B 70 4.43 96.35 -64.27
C LEU B 70 2.92 96.15 -64.33
N CYS B 71 2.15 97.18 -63.98
CA CYS B 71 0.69 97.05 -64.02
C CYS B 71 0.17 97.13 -65.46
N GLN B 72 0.89 97.80 -66.36
CA GLN B 72 0.44 97.93 -67.74
C GLN B 72 1.07 96.92 -68.69
N ILE B 73 2.23 96.35 -68.33
CA ILE B 73 2.82 95.30 -69.16
C ILE B 73 1.96 94.04 -69.10
N LEU B 74 1.30 93.78 -67.98
CA LEU B 74 0.44 92.61 -67.79
C LEU B 74 -0.95 93.10 -67.40
N PRO B 75 -1.75 93.55 -68.37
CA PRO B 75 -3.12 93.96 -68.06
C PRO B 75 -3.97 92.85 -67.48
N LEU B 76 -3.76 91.60 -67.92
CA LEU B 76 -4.52 90.46 -67.43
C LEU B 76 -3.81 89.88 -66.20
N LEU B 77 -3.91 90.62 -65.10
CA LEU B 77 -3.30 90.25 -63.83
C LEU B 77 -4.40 90.05 -62.80
N LYS B 78 -4.38 88.91 -62.11
CA LYS B 78 -5.40 88.56 -61.13
C LYS B 78 -4.85 88.45 -59.72
N VAL B 79 -3.79 87.68 -59.52
CA VAL B 79 -3.20 87.46 -58.20
C VAL B 79 -1.85 88.13 -58.16
N LEU B 80 -1.65 89.00 -57.16
CA LEU B 80 -0.39 89.71 -56.95
C LEU B 80 0.10 89.36 -55.55
N ASN B 81 0.83 88.26 -55.43
CA ASN B 81 1.38 87.81 -54.16
C ASN B 81 2.79 88.39 -54.01
N LEU B 82 2.94 89.41 -53.17
CA LEU B 82 4.22 90.07 -52.94
C LEU B 82 4.52 90.15 -51.45
N GLN B 83 4.27 89.06 -50.73
CA GLN B 83 4.51 89.04 -49.30
C GLN B 83 6.00 88.95 -49.00
N HIS B 84 6.39 89.46 -47.82
CA HIS B 84 7.76 89.39 -47.32
C HIS B 84 8.73 90.07 -48.29
N ASN B 85 8.52 91.37 -48.50
CA ASN B 85 9.39 92.18 -49.33
C ASN B 85 9.84 93.41 -48.55
N GLU B 86 10.74 94.19 -49.14
CA GLU B 86 11.25 95.38 -48.48
C GLU B 86 10.18 96.46 -48.47
N LEU B 87 9.80 96.95 -49.64
CA LEU B 87 8.70 97.91 -49.83
C LEU B 87 8.68 98.98 -48.75
N SER B 88 9.76 99.77 -48.72
CA SER B 88 9.88 100.82 -47.71
C SER B 88 8.76 101.84 -47.83
N GLN B 89 8.44 102.26 -49.05
CA GLN B 89 7.35 103.19 -49.30
C GLN B 89 6.63 102.79 -50.57
N ILE B 90 5.32 103.07 -50.61
CA ILE B 90 4.48 102.77 -51.77
C ILE B 90 3.52 103.92 -51.96
N SER B 91 2.97 104.02 -53.17
CA SER B 91 2.05 105.09 -53.53
C SER B 91 1.00 104.53 -54.49
N ASP B 92 0.05 105.39 -54.88
CA ASP B 92 -0.99 104.98 -55.82
C ASP B 92 -0.48 104.87 -57.24
N GLN B 93 0.62 105.55 -57.57
CA GLN B 93 1.09 105.58 -58.95
C GLN B 93 1.42 104.19 -59.47
N THR B 94 1.98 103.34 -58.61
CA THR B 94 2.33 101.99 -59.04
C THR B 94 1.10 101.11 -59.25
N PHE B 95 -0.08 101.53 -58.81
CA PHE B 95 -1.31 100.76 -58.96
C PHE B 95 -2.31 101.41 -59.90
N VAL B 96 -1.84 102.32 -60.77
CA VAL B 96 -2.75 103.04 -61.66
C VAL B 96 -3.34 102.09 -62.70
N PHE B 97 -2.50 101.27 -63.33
CA PHE B 97 -2.94 100.42 -64.44
C PHE B 97 -3.44 99.05 -63.98
N CYS B 98 -3.37 98.74 -62.69
CA CYS B 98 -3.82 97.44 -62.18
C CYS B 98 -5.32 97.52 -61.87
N THR B 99 -6.12 97.55 -62.93
CA THR B 99 -7.56 97.59 -62.80
C THR B 99 -8.20 96.20 -62.70
N ASN B 100 -7.52 95.17 -63.21
CA ASN B 100 -8.03 93.81 -63.18
C ASN B 100 -7.54 93.03 -61.96
N LEU B 101 -6.81 93.67 -61.05
CA LEU B 101 -6.29 92.99 -59.88
C LEU B 101 -7.42 92.45 -59.00
N THR B 102 -7.25 91.20 -58.55
CA THR B 102 -8.26 90.55 -57.73
C THR B 102 -7.72 89.98 -56.42
N GLU B 103 -6.43 89.72 -56.30
CA GLU B 103 -5.85 89.16 -55.08
C GLU B 103 -4.51 89.82 -54.79
N LEU B 104 -4.31 90.24 -53.55
CA LEU B 104 -3.07 90.86 -53.12
C LEU B 104 -2.62 90.25 -51.80
N ASP B 105 -1.31 90.01 -51.69
CA ASP B 105 -0.72 89.42 -50.49
C ASP B 105 0.51 90.23 -50.09
N LEU B 106 0.49 90.78 -48.88
CA LEU B 106 1.61 91.56 -48.35
C LEU B 106 1.74 91.23 -46.87
N MET B 107 2.59 90.26 -46.55
CA MET B 107 2.69 89.74 -45.19
C MET B 107 3.78 90.40 -44.36
N SER B 108 4.82 90.97 -45.00
CA SER B 108 5.87 91.65 -44.25
C SER B 108 6.52 92.67 -45.18
N ASN B 109 6.15 93.94 -45.02
CA ASN B 109 6.70 95.01 -45.84
C ASN B 109 7.04 96.28 -45.07
N SER B 110 6.75 96.34 -43.77
CA SER B 110 7.09 97.50 -42.93
C SER B 110 6.58 98.81 -43.53
N ILE B 111 5.35 98.78 -44.03
CA ILE B 111 4.71 99.97 -44.59
C ILE B 111 4.02 100.68 -43.41
N HIS B 112 4.79 101.55 -42.74
CA HIS B 112 4.27 102.22 -41.56
C HIS B 112 3.16 103.21 -41.91
N LYS B 113 3.41 104.05 -42.91
CA LYS B 113 2.49 105.12 -43.29
C LYS B 113 1.91 104.87 -44.68
N ILE B 114 0.62 105.12 -44.82
CA ILE B 114 -0.08 105.02 -46.10
C ILE B 114 -0.80 106.34 -46.34
N LYS B 115 -0.60 106.92 -47.52
CA LYS B 115 -1.16 108.21 -47.86
C LYS B 115 -1.96 108.13 -49.14
N SER B 116 -2.86 109.08 -49.32
CA SER B 116 -3.70 109.22 -50.52
C SER B 116 -4.58 107.96 -50.64
N ASN B 117 -4.90 107.56 -51.87
CA ASN B 117 -5.73 106.40 -52.14
C ASN B 117 -4.94 105.43 -53.00
N PRO B 118 -4.14 104.54 -52.40
CA PRO B 118 -3.32 103.62 -53.19
C PRO B 118 -4.12 102.66 -54.06
N PHE B 119 -5.40 102.44 -53.74
CA PHE B 119 -6.22 101.46 -54.44
C PHE B 119 -7.44 102.13 -55.09
N LYS B 120 -7.21 103.28 -55.73
CA LYS B 120 -8.31 103.97 -56.41
C LYS B 120 -8.76 103.23 -57.66
N ASN B 121 -7.83 102.57 -58.36
CA ASN B 121 -8.17 101.86 -59.59
C ASN B 121 -8.52 100.40 -59.37
N GLN B 122 -8.34 99.88 -58.15
CA GLN B 122 -8.64 98.49 -57.86
C GLN B 122 -10.12 98.35 -57.51
N LYS B 123 -10.89 97.77 -58.44
CA LYS B 123 -12.31 97.54 -58.22
C LYS B 123 -12.66 96.06 -58.04
N ASN B 124 -11.91 95.16 -58.67
CA ASN B 124 -12.14 93.73 -58.54
C ASN B 124 -11.27 93.09 -57.48
N LEU B 125 -10.48 93.87 -56.74
CA LEU B 125 -9.61 93.34 -55.70
C LEU B 125 -10.46 92.83 -54.55
N ILE B 126 -10.46 91.52 -54.33
CA ILE B 126 -11.36 90.89 -53.39
C ILE B 126 -10.74 90.86 -52.00
N LYS B 127 -9.60 90.20 -51.86
CA LYS B 127 -8.97 90.00 -50.57
C LYS B 127 -7.76 90.92 -50.41
N LEU B 128 -7.62 91.49 -49.21
CA LEU B 128 -6.51 92.37 -48.89
C LEU B 128 -5.71 91.77 -47.74
N ASP B 129 -4.40 91.69 -47.91
CA ASP B 129 -3.49 91.15 -46.90
C ASP B 129 -2.43 92.22 -46.62
N LEU B 130 -2.70 93.08 -45.64
CA LEU B 130 -1.76 94.10 -45.18
C LEU B 130 -1.49 93.81 -43.70
N SER B 131 -0.53 92.94 -43.44
CA SER B 131 -0.25 92.48 -42.09
C SER B 131 1.25 92.59 -41.80
N HIS B 132 1.57 92.76 -40.51
CA HIS B 132 2.94 92.79 -40.03
C HIS B 132 3.77 93.86 -40.74
N ASN B 133 3.12 94.92 -41.22
CA ASN B 133 3.80 96.02 -41.89
C ASN B 133 3.95 97.24 -41.00
N GLY B 134 3.70 97.10 -39.70
CA GLY B 134 3.85 98.22 -38.78
C GLY B 134 2.84 99.32 -38.96
N LEU B 135 1.62 99.00 -39.40
CA LEU B 135 0.59 100.01 -39.53
C LEU B 135 0.23 100.60 -38.18
N SER B 136 0.16 101.93 -38.11
CA SER B 136 -0.27 102.62 -36.91
C SER B 136 -1.75 102.98 -36.93
N SER B 137 -2.36 103.07 -38.12
CA SER B 137 -3.78 103.34 -38.25
C SER B 137 -4.34 102.48 -39.37
N THR B 138 -5.64 102.18 -39.28
CA THR B 138 -6.33 101.37 -40.27
C THR B 138 -6.82 102.17 -41.46
N LYS B 139 -6.60 103.49 -41.47
CA LYS B 139 -7.07 104.33 -42.57
C LYS B 139 -6.32 104.00 -43.85
N LEU B 140 -7.06 103.93 -44.96
CA LEU B 140 -6.48 103.71 -46.27
C LEU B 140 -6.74 104.84 -47.25
N GLY B 141 -7.71 105.71 -46.97
CA GLY B 141 -7.99 106.82 -47.87
C GLY B 141 -9.13 107.65 -47.31
N THR B 142 -9.46 108.71 -48.06
CA THR B 142 -10.53 109.62 -47.67
C THR B 142 -11.81 109.44 -48.48
N GLY B 143 -11.71 108.96 -49.72
CA GLY B 143 -12.87 108.73 -50.54
C GLY B 143 -13.45 107.33 -50.39
N VAL B 144 -14.46 107.06 -51.20
CA VAL B 144 -15.13 105.76 -51.19
C VAL B 144 -14.55 104.93 -52.32
N GLN B 145 -14.01 103.75 -51.97
CA GLN B 145 -13.38 102.86 -52.94
C GLN B 145 -13.56 101.43 -52.46
N LEU B 146 -13.00 100.50 -53.24
CA LEU B 146 -13.05 99.06 -52.93
C LEU B 146 -14.51 98.59 -52.82
N GLU B 147 -15.22 98.67 -53.94
CA GLU B 147 -16.63 98.32 -53.96
C GLU B 147 -16.85 96.86 -53.59
N ASN B 148 -16.04 95.95 -54.13
CA ASN B 148 -16.16 94.52 -53.90
C ASN B 148 -14.92 94.04 -53.16
N LEU B 149 -14.97 94.12 -51.83
CA LEU B 149 -13.90 93.65 -50.96
C LEU B 149 -14.49 92.65 -49.98
N GLN B 150 -13.84 91.50 -49.84
CA GLN B 150 -14.32 90.46 -48.94
C GLN B 150 -13.37 90.14 -47.80
N GLU B 151 -12.06 90.38 -47.95
CA GLU B 151 -11.09 90.09 -46.90
C GLU B 151 -10.17 91.29 -46.72
N LEU B 152 -10.06 91.78 -45.49
CA LEU B 152 -9.17 92.88 -45.14
C LEU B 152 -8.33 92.42 -43.95
N LEU B 153 -7.16 91.87 -44.24
CA LEU B 153 -6.29 91.31 -43.21
C LEU B 153 -5.34 92.40 -42.72
N LEU B 154 -5.49 92.79 -41.45
CA LEU B 154 -4.62 93.77 -40.80
C LEU B 154 -4.18 93.15 -39.48
N ALA B 155 -3.10 92.37 -39.52
CA ALA B 155 -2.65 91.62 -38.36
C ALA B 155 -1.19 91.92 -38.07
N LYS B 156 -0.80 91.71 -36.82
CA LYS B 156 0.58 91.87 -36.34
C LYS B 156 1.09 93.29 -36.54
N ASN B 157 0.18 94.27 -36.64
CA ASN B 157 0.55 95.66 -36.79
C ASN B 157 0.40 96.38 -35.45
N LYS B 158 0.55 97.71 -35.47
CA LYS B 158 0.56 98.48 -34.24
C LYS B 158 -0.52 99.54 -34.22
N ILE B 159 -1.75 99.19 -34.63
CA ILE B 159 -2.86 100.13 -34.54
C ILE B 159 -3.24 100.31 -33.08
N LEU B 160 -3.32 101.57 -32.64
CA LEU B 160 -3.63 101.87 -31.25
C LEU B 160 -5.12 101.93 -30.98
N ALA B 161 -5.90 102.46 -31.93
CA ALA B 161 -7.33 102.62 -31.73
C ALA B 161 -8.03 102.66 -33.08
N LEU B 162 -9.34 102.47 -33.04
CA LEU B 162 -10.18 102.54 -34.23
C LEU B 162 -11.14 103.70 -34.09
N ARG B 163 -11.23 104.53 -35.13
CA ARG B 163 -12.05 105.73 -35.12
C ARG B 163 -13.02 105.71 -36.30
N SER B 164 -14.13 106.43 -36.16
CA SER B 164 -15.11 106.52 -37.24
C SER B 164 -14.57 107.26 -38.45
N GLU B 165 -13.63 108.19 -38.25
CA GLU B 165 -13.07 108.94 -39.37
C GLU B 165 -12.17 108.07 -40.25
N GLU B 166 -11.41 107.17 -39.64
CA GLU B 166 -10.49 106.30 -40.38
C GLU B 166 -11.16 105.03 -40.89
N LEU B 167 -12.40 104.76 -40.49
CA LEU B 167 -13.14 103.59 -40.95
C LEU B 167 -14.27 103.94 -41.90
N GLU B 168 -14.37 105.20 -42.32
CA GLU B 168 -15.45 105.63 -43.19
C GLU B 168 -15.11 105.51 -44.66
N PHE B 169 -13.90 105.07 -45.01
CA PHE B 169 -13.53 104.92 -46.41
C PHE B 169 -14.21 103.74 -47.09
N LEU B 170 -14.80 102.83 -46.32
CA LEU B 170 -15.64 101.77 -46.88
C LEU B 170 -17.08 102.02 -46.46
N GLY B 171 -17.77 102.86 -47.22
CA GLY B 171 -19.16 103.19 -46.92
C GLY B 171 -20.11 102.03 -47.12
N ASN B 172 -19.90 101.27 -48.19
CA ASN B 172 -20.80 100.20 -48.59
C ASN B 172 -20.11 98.93 -49.04
N SER B 173 -18.84 98.73 -48.69
CA SER B 173 -18.18 97.45 -48.96
C SER B 173 -18.68 96.39 -47.99
N SER B 174 -18.89 95.18 -48.52
CA SER B 174 -19.42 94.06 -47.74
C SER B 174 -18.25 93.21 -47.24
N LEU B 175 -17.76 93.53 -46.05
CA LEU B 175 -16.66 92.79 -45.46
C LEU B 175 -17.12 91.41 -45.05
N ARG B 176 -16.39 90.39 -45.51
CA ARG B 176 -16.68 89.00 -45.16
C ARG B 176 -15.75 88.47 -44.08
N LYS B 177 -14.48 88.85 -44.10
CA LYS B 177 -13.50 88.40 -43.11
C LYS B 177 -12.55 89.55 -42.83
N LEU B 178 -12.67 90.15 -41.66
CA LEU B 178 -11.82 91.26 -41.23
C LEU B 178 -10.88 90.76 -40.15
N ASP B 179 -9.58 90.92 -40.36
CA ASP B 179 -8.56 90.44 -39.44
C ASP B 179 -7.92 91.63 -38.72
N LEU B 180 -7.92 91.58 -37.39
CA LEU B 180 -7.27 92.60 -36.57
C LEU B 180 -6.48 91.95 -35.45
N SER B 181 -5.75 90.89 -35.79
CA SER B 181 -5.03 90.12 -34.78
C SER B 181 -3.72 90.79 -34.40
N SER B 182 -3.31 90.59 -33.15
CA SER B 182 -2.04 91.09 -32.63
C SER B 182 -1.92 92.60 -32.75
N ASN B 183 -3.04 93.32 -32.62
CA ASN B 183 -3.03 94.77 -32.68
C ASN B 183 -3.27 95.33 -31.29
N PRO B 184 -2.33 96.09 -30.72
CA PRO B 184 -2.52 96.60 -29.35
C PRO B 184 -3.59 97.68 -29.28
N LEU B 185 -4.85 97.29 -29.45
CA LEU B 185 -5.96 98.22 -29.37
C LEU B 185 -6.24 98.57 -27.91
N LYS B 186 -6.36 99.87 -27.62
CA LYS B 186 -6.62 100.35 -26.28
C LYS B 186 -8.01 100.97 -26.11
N GLU B 187 -8.53 101.62 -27.14
CA GLU B 187 -9.85 102.23 -27.06
C GLU B 187 -10.52 102.13 -28.43
N PHE B 188 -11.85 102.24 -28.42
CA PHE B 188 -12.66 102.16 -29.62
C PHE B 188 -13.57 103.37 -29.69
N SER B 189 -13.30 104.26 -30.64
CA SER B 189 -14.12 105.45 -30.80
C SER B 189 -15.52 105.08 -31.28
N PRO B 190 -16.56 105.79 -30.85
CA PRO B 190 -17.91 105.49 -31.32
C PRO B 190 -18.04 105.68 -32.83
N GLY B 191 -18.85 104.84 -33.44
CA GLY B 191 -19.06 104.90 -34.88
C GLY B 191 -17.98 104.23 -35.71
N CYS B 192 -17.04 103.52 -35.07
CA CYS B 192 -15.97 102.86 -35.82
C CYS B 192 -16.53 101.77 -36.72
N PHE B 193 -17.50 100.98 -36.24
CA PHE B 193 -18.10 99.92 -37.03
C PHE B 193 -19.39 100.34 -37.73
N GLN B 194 -19.98 101.47 -37.36
CA GLN B 194 -21.19 101.93 -38.02
C GLN B 194 -20.91 102.37 -39.46
N THR B 195 -19.75 102.97 -39.71
CA THR B 195 -19.39 103.38 -41.07
C THR B 195 -19.20 102.20 -42.00
N ILE B 196 -18.94 101.01 -41.46
CA ILE B 196 -18.79 99.81 -42.28
C ILE B 196 -20.16 99.39 -42.78
N GLY B 197 -20.27 99.17 -44.09
CA GLY B 197 -21.52 98.74 -44.69
C GLY B 197 -22.00 97.41 -44.19
N LYS B 198 -21.26 96.34 -44.51
CA LYS B 198 -21.61 94.99 -44.07
C LYS B 198 -20.36 94.31 -43.55
N LEU B 199 -20.32 94.05 -42.26
CA LEU B 199 -19.22 93.33 -41.62
C LEU B 199 -19.71 91.96 -41.20
N PHE B 200 -18.97 90.92 -41.57
CA PHE B 200 -19.35 89.54 -41.28
C PHE B 200 -18.51 88.89 -40.19
N ALA B 201 -17.18 88.91 -40.34
CA ALA B 201 -16.29 88.24 -39.40
C ALA B 201 -15.25 89.23 -38.87
N LEU B 202 -14.85 89.01 -37.62
CA LEU B 202 -13.84 89.83 -36.97
C LEU B 202 -12.91 88.95 -36.17
N LEU B 203 -11.61 89.25 -36.23
CA LEU B 203 -10.58 88.51 -35.50
C LEU B 203 -9.81 89.48 -34.62
N LEU B 204 -9.73 89.18 -33.33
CA LEU B 204 -9.06 90.02 -32.35
C LEU B 204 -8.08 89.22 -31.51
N ASN B 205 -7.35 88.31 -32.15
CA ASN B 205 -6.38 87.50 -31.42
C ASN B 205 -5.17 88.33 -31.02
N ASN B 206 -4.71 88.13 -29.78
CA ASN B 206 -3.54 88.83 -29.24
C ASN B 206 -3.70 90.35 -29.28
N ALA B 207 -4.95 90.83 -29.22
CA ALA B 207 -5.23 92.25 -29.30
C ALA B 207 -5.39 92.91 -27.94
N GLN B 208 -5.20 92.16 -26.85
CA GLN B 208 -5.20 92.70 -25.49
C GLN B 208 -6.51 93.41 -25.16
N LEU B 209 -7.58 92.60 -25.13
CA LEU B 209 -8.91 93.09 -24.80
C LEU B 209 -9.14 92.97 -23.30
N ASN B 210 -9.27 94.11 -22.63
CA ASN B 210 -9.64 94.11 -21.23
C ASN B 210 -11.15 93.84 -21.09
N PRO B 211 -11.57 93.26 -19.95
CA PRO B 211 -13.01 93.04 -19.77
C PRO B 211 -13.85 94.30 -19.90
N HIS B 212 -13.37 95.42 -19.33
CA HIS B 212 -14.05 96.69 -19.55
C HIS B 212 -13.93 97.13 -20.99
N LEU B 213 -12.75 96.93 -21.60
CA LEU B 213 -12.57 97.25 -23.01
C LEU B 213 -13.49 96.39 -23.87
N THR B 214 -13.60 95.10 -23.56
CA THR B 214 -14.50 94.23 -24.31
C THR B 214 -15.95 94.67 -24.15
N GLU B 215 -16.35 95.02 -22.93
CA GLU B 215 -17.73 95.47 -22.70
C GLU B 215 -18.02 96.76 -23.48
N LYS B 216 -17.07 97.69 -23.50
CA LYS B 216 -17.25 98.91 -24.27
C LYS B 216 -17.32 98.62 -25.77
N LEU B 217 -16.48 97.71 -26.26
CA LEU B 217 -16.50 97.35 -27.68
C LEU B 217 -17.78 96.62 -28.05
N CYS B 218 -18.44 95.98 -27.08
CA CYS B 218 -19.70 95.30 -27.36
C CYS B 218 -20.75 96.29 -27.88
N TRP B 219 -20.81 97.49 -27.28
CA TRP B 219 -21.74 98.50 -27.75
C TRP B 219 -21.39 99.00 -29.15
N GLU B 220 -20.08 99.12 -29.44
CA GLU B 220 -19.67 99.56 -30.77
C GLU B 220 -19.98 98.53 -31.83
N LEU B 221 -19.84 97.24 -31.50
CA LEU B 221 -20.19 96.16 -32.42
C LEU B 221 -21.69 95.99 -32.60
N SER B 222 -22.50 96.70 -31.82
CA SER B 222 -23.95 96.52 -31.87
C SER B 222 -24.52 97.04 -33.17
N ASN B 223 -25.71 96.52 -33.51
CA ASN B 223 -26.55 97.06 -34.57
C ASN B 223 -25.87 96.92 -35.94
N THR B 224 -25.07 95.86 -36.08
CA THR B 224 -24.39 95.55 -37.32
C THR B 224 -24.65 94.10 -37.69
N SER B 225 -24.20 93.72 -38.88
CA SER B 225 -24.43 92.38 -39.42
C SER B 225 -23.31 91.40 -39.05
N ILE B 226 -22.58 91.66 -37.97
CA ILE B 226 -21.47 90.78 -37.58
C ILE B 226 -22.03 89.47 -37.06
N GLN B 227 -21.51 88.36 -37.57
CA GLN B 227 -21.96 87.03 -37.19
C GLN B 227 -20.89 86.19 -36.50
N ASN B 228 -19.65 86.23 -36.95
CA ASN B 228 -18.56 85.46 -36.38
C ASN B 228 -17.57 86.41 -35.71
N LEU B 229 -17.30 86.18 -34.43
CA LEU B 229 -16.35 86.98 -33.67
C LEU B 229 -15.39 86.06 -32.93
N SER B 230 -14.09 86.34 -33.05
CA SER B 230 -13.06 85.56 -32.39
C SER B 230 -12.31 86.44 -31.41
N LEU B 231 -12.26 86.01 -30.15
CA LEU B 231 -11.55 86.71 -29.08
C LEU B 231 -10.62 85.71 -28.42
N ALA B 232 -9.40 85.59 -28.93
CA ALA B 232 -8.44 84.62 -28.46
C ALA B 232 -7.20 85.32 -27.91
N ASN B 233 -6.59 84.70 -26.91
CA ASN B 233 -5.36 85.18 -26.29
C ASN B 233 -5.53 86.60 -25.74
N ASN B 234 -6.45 86.71 -24.78
CA ASN B 234 -6.72 87.99 -24.13
C ASN B 234 -6.71 87.83 -22.61
N GLN B 235 -7.07 88.90 -21.90
CA GLN B 235 -7.08 88.90 -20.44
C GLN B 235 -8.50 88.82 -19.87
N LEU B 236 -9.38 88.10 -20.54
CA LEU B 236 -10.76 87.95 -20.08
C LEU B 236 -10.81 86.99 -18.90
N LEU B 237 -10.34 87.45 -17.74
CA LEU B 237 -10.31 86.59 -16.56
C LEU B 237 -11.72 86.24 -16.08
N ALA B 238 -12.64 87.19 -16.13
CA ALA B 238 -13.99 86.96 -15.64
C ALA B 238 -14.98 87.65 -16.58
N THR B 239 -16.22 87.15 -16.56
CA THR B 239 -17.31 87.71 -17.36
C THR B 239 -18.51 87.92 -16.47
N SER B 240 -19.35 88.88 -16.86
CA SER B 240 -20.54 89.25 -16.09
C SER B 240 -21.76 89.18 -17.00
N GLU B 241 -22.93 89.45 -16.41
CA GLU B 241 -24.17 89.45 -17.18
C GLU B 241 -24.18 90.54 -18.24
N SER B 242 -23.67 91.72 -17.90
CA SER B 242 -23.63 92.86 -18.80
C SER B 242 -22.37 92.90 -19.66
N THR B 243 -21.52 91.89 -19.56
CA THR B 243 -20.28 91.87 -20.35
C THR B 243 -20.59 91.84 -21.85
N PHE B 244 -21.55 91.00 -22.26
CA PHE B 244 -21.93 90.88 -23.66
C PHE B 244 -23.27 91.53 -23.96
N SER B 245 -23.69 92.48 -23.13
CA SER B 245 -24.98 93.14 -23.35
C SER B 245 -25.03 93.83 -24.71
N GLY B 246 -23.89 94.40 -25.14
CA GLY B 246 -23.83 95.04 -26.44
C GLY B 246 -24.09 94.09 -27.60
N LEU B 247 -23.96 92.79 -27.37
CA LEU B 247 -24.26 91.82 -28.42
C LEU B 247 -25.75 91.47 -28.48
N LYS B 248 -26.58 92.02 -27.59
CA LYS B 248 -28.01 91.72 -27.64
C LYS B 248 -28.68 92.37 -28.84
N TRP B 249 -28.09 93.41 -29.43
CA TRP B 249 -28.63 94.04 -30.62
C TRP B 249 -28.02 93.47 -31.90
N THR B 250 -27.13 92.50 -31.79
CA THR B 250 -26.43 91.95 -32.94
C THR B 250 -27.11 90.67 -33.42
N ASN B 251 -26.53 90.06 -34.46
CA ASN B 251 -27.03 88.83 -35.06
C ASN B 251 -25.84 87.86 -35.17
N LEU B 252 -25.58 87.14 -34.07
CA LEU B 252 -24.39 86.33 -33.96
C LEU B 252 -24.62 84.92 -34.50
N THR B 253 -23.55 84.32 -35.00
CA THR B 253 -23.54 82.93 -35.43
C THR B 253 -22.55 82.09 -34.64
N GLN B 254 -21.29 82.52 -34.53
CA GLN B 254 -20.28 81.81 -33.76
C GLN B 254 -19.44 82.82 -33.00
N LEU B 255 -19.14 82.51 -31.74
CA LEU B 255 -18.27 83.32 -30.90
C LEU B 255 -17.14 82.45 -30.35
N ASP B 256 -15.92 82.97 -30.42
CA ASP B 256 -14.74 82.26 -29.94
C ASP B 256 -14.16 82.99 -28.74
N LEU B 257 -13.94 82.28 -27.65
CA LEU B 257 -13.39 82.84 -26.42
C LEU B 257 -12.32 81.92 -25.85
N SER B 258 -11.44 81.44 -26.71
CA SER B 258 -10.39 80.50 -26.30
C SER B 258 -9.15 81.25 -25.84
N TYR B 259 -8.39 80.61 -24.95
CA TYR B 259 -7.12 81.13 -24.44
C TYR B 259 -7.30 82.49 -23.77
N ASN B 260 -8.46 82.72 -23.16
CA ASN B 260 -8.74 83.99 -22.49
C ASN B 260 -8.46 83.96 -21.00
N ASN B 261 -7.97 82.84 -20.47
CA ASN B 261 -7.68 82.68 -19.05
C ASN B 261 -8.93 83.02 -18.21
N LEU B 262 -10.07 82.49 -18.64
CA LEU B 262 -11.33 82.77 -17.97
C LEU B 262 -11.42 81.95 -16.69
N HIS B 263 -11.50 82.64 -15.55
CA HIS B 263 -11.57 81.98 -14.24
C HIS B 263 -12.97 81.97 -13.65
N ASP B 264 -13.75 83.03 -13.86
CA ASP B 264 -15.09 83.14 -13.30
C ASP B 264 -16.08 83.38 -14.44
N VAL B 265 -17.19 82.64 -14.41
CA VAL B 265 -18.25 82.77 -15.40
C VAL B 265 -19.47 83.35 -14.70
N GLY B 266 -19.87 84.56 -15.10
CA GLY B 266 -21.03 85.19 -14.50
C GLY B 266 -22.34 84.58 -14.99
N ASN B 267 -23.35 84.65 -14.13
CA ASN B 267 -24.66 84.15 -14.50
C ASN B 267 -25.29 85.03 -15.56
N GLY B 268 -25.86 84.39 -16.59
CA GLY B 268 -26.48 85.14 -17.67
C GLY B 268 -25.51 85.90 -18.54
N SER B 269 -24.24 85.48 -18.58
CA SER B 269 -23.26 86.17 -19.41
C SER B 269 -23.61 86.04 -20.89
N PHE B 270 -24.07 84.88 -21.32
CA PHE B 270 -24.47 84.64 -22.71
C PHE B 270 -25.98 84.70 -22.89
N SER B 271 -26.70 85.25 -21.90
CA SER B 271 -28.15 85.34 -21.99
C SER B 271 -28.61 86.29 -23.09
N TYR B 272 -27.72 87.16 -23.58
CA TYR B 272 -28.05 88.11 -24.63
C TYR B 272 -27.67 87.61 -26.01
N LEU B 273 -27.55 86.29 -26.19
CA LEU B 273 -27.18 85.69 -27.47
C LEU B 273 -28.21 84.63 -27.82
N PRO B 274 -29.41 85.05 -28.27
CA PRO B 274 -30.44 84.07 -28.62
C PRO B 274 -30.24 83.40 -29.97
N SER B 275 -29.37 83.94 -30.82
CA SER B 275 -29.12 83.38 -32.14
C SER B 275 -27.77 82.70 -32.26
N LEU B 276 -26.97 82.68 -31.19
CA LEU B 276 -25.67 82.03 -31.25
C LEU B 276 -25.83 80.53 -31.40
N ARG B 277 -25.05 79.95 -32.32
CA ARG B 277 -25.10 78.51 -32.58
C ARG B 277 -23.80 77.78 -32.28
N TYR B 278 -22.68 78.48 -32.21
CA TYR B 278 -21.39 77.87 -31.91
C TYR B 278 -20.66 78.70 -30.87
N LEU B 279 -20.01 78.01 -29.93
CA LEU B 279 -19.28 78.69 -28.86
C LEU B 279 -18.15 77.79 -28.38
N SER B 280 -16.98 78.38 -28.19
CA SER B 280 -15.79 77.65 -27.75
C SER B 280 -15.11 78.40 -26.61
N LEU B 281 -14.83 77.69 -25.52
CA LEU B 281 -14.11 78.23 -24.37
C LEU B 281 -12.85 77.43 -24.11
N GLU B 282 -12.12 77.09 -25.17
CA GLU B 282 -10.96 76.23 -25.05
C GLU B 282 -9.84 76.89 -24.26
N TYR B 283 -9.11 76.08 -23.49
CA TYR B 283 -7.92 76.51 -22.76
C TYR B 283 -8.24 77.67 -21.81
N ASN B 284 -9.11 77.37 -20.84
CA ASN B 284 -9.47 78.34 -19.81
C ASN B 284 -9.51 77.63 -18.46
N ASN B 285 -9.18 78.37 -17.40
CA ASN B 285 -9.18 77.83 -16.05
C ASN B 285 -10.48 78.18 -15.32
N ILE B 286 -11.59 77.68 -15.84
CA ILE B 286 -12.90 77.94 -15.27
C ILE B 286 -13.07 77.13 -14.00
N GLN B 287 -13.38 77.82 -12.89
CA GLN B 287 -13.53 77.13 -11.60
C GLN B 287 -14.74 76.21 -11.61
N ARG B 288 -15.90 76.71 -12.03
CA ARG B 288 -17.12 75.92 -12.03
C ARG B 288 -18.12 76.56 -12.98
N LEU B 289 -19.15 75.79 -13.33
CA LEU B 289 -20.22 76.24 -14.23
C LEU B 289 -21.53 76.22 -13.47
N SER B 290 -22.07 77.41 -13.18
CA SER B 290 -23.34 77.50 -12.51
C SER B 290 -24.47 77.12 -13.47
N PRO B 291 -25.61 76.66 -12.93
CA PRO B 291 -26.74 76.31 -13.82
C PRO B 291 -27.24 77.49 -14.64
N ARG B 292 -27.18 78.71 -14.10
CA ARG B 292 -27.62 79.89 -14.81
C ARG B 292 -26.54 80.51 -15.68
N SER B 293 -25.31 79.96 -15.64
CA SER B 293 -24.24 80.49 -16.49
C SER B 293 -24.56 80.29 -17.96
N PHE B 294 -25.11 79.14 -18.33
CA PHE B 294 -25.45 78.83 -19.71
C PHE B 294 -26.84 79.29 -20.10
N TYR B 295 -27.56 79.96 -19.20
CA TYR B 295 -28.90 80.44 -19.51
C TYR B 295 -28.86 81.47 -20.63
N GLY B 296 -29.83 81.37 -21.55
CA GLY B 296 -29.94 82.26 -22.67
C GLY B 296 -29.44 81.70 -23.99
N LEU B 297 -28.67 80.62 -23.95
CA LEU B 297 -28.16 79.97 -25.16
C LEU B 297 -29.20 78.96 -25.63
N SER B 298 -30.28 79.48 -26.21
CA SER B 298 -31.38 78.65 -26.69
C SER B 298 -31.17 78.17 -28.12
N ASN B 299 -30.08 78.58 -28.78
CA ASN B 299 -29.80 78.17 -30.14
C ASN B 299 -28.44 77.50 -30.30
N LEU B 300 -27.75 77.24 -29.20
CA LEU B 300 -26.43 76.61 -29.27
C LEU B 300 -26.53 75.19 -29.82
N ARG B 301 -25.62 74.86 -30.73
CA ARG B 301 -25.58 73.53 -31.34
C ARG B 301 -24.22 72.86 -31.30
N TYR B 302 -23.13 73.62 -31.26
CA TYR B 302 -21.78 73.05 -31.20
C TYR B 302 -21.00 73.78 -30.10
N LEU B 303 -20.66 73.05 -29.04
CA LEU B 303 -19.91 73.61 -27.92
C LEU B 303 -18.68 72.76 -27.67
N SER B 304 -17.53 73.41 -27.58
CA SER B 304 -16.26 72.76 -27.31
C SER B 304 -15.65 73.34 -26.04
N LEU B 305 -15.33 72.49 -25.08
CA LEU B 305 -14.78 72.89 -23.80
C LEU B 305 -13.49 72.14 -23.52
N LYS B 306 -12.61 72.09 -24.52
CA LYS B 306 -11.31 71.43 -24.36
C LYS B 306 -10.42 72.27 -23.46
N ARG B 307 -9.94 71.68 -22.37
CA ARG B 307 -9.11 72.37 -21.38
C ARG B 307 -9.83 73.60 -20.82
N ALA B 308 -11.14 73.52 -20.66
CA ALA B 308 -11.95 74.64 -20.21
C ALA B 308 -12.15 74.64 -18.69
N PHE B 309 -11.25 74.00 -17.94
CA PHE B 309 -11.32 73.98 -16.49
C PHE B 309 -9.91 74.05 -15.92
N THR B 310 -9.82 74.54 -14.68
CA THR B 310 -8.52 74.69 -14.04
C THR B 310 -7.94 73.33 -13.68
N LYS B 311 -6.62 73.31 -13.50
CA LYS B 311 -5.93 72.09 -13.13
C LYS B 311 -6.30 71.67 -11.70
N GLN B 312 -6.35 70.35 -11.48
CA GLN B 312 -6.69 69.83 -10.17
C GLN B 312 -5.56 70.12 -9.18
N SER B 313 -5.94 70.67 -8.02
CA SER B 313 -4.93 71.02 -7.01
C SER B 313 -4.58 69.83 -6.12
N VAL B 314 -5.55 68.95 -5.86
CA VAL B 314 -5.36 67.74 -5.05
C VAL B 314 -4.94 68.13 -3.63
N SER B 315 -3.73 68.66 -3.49
CA SER B 315 -3.25 69.06 -2.17
C SER B 315 -4.07 70.20 -1.59
N LEU B 316 -4.44 71.18 -2.42
CA LEU B 316 -5.23 72.31 -1.98
C LEU B 316 -6.73 72.07 -2.05
N ALA B 317 -7.16 70.93 -2.59
CA ALA B 317 -8.57 70.57 -2.72
C ALA B 317 -9.36 71.65 -3.46
N SER B 318 -8.90 71.94 -4.68
CA SER B 318 -9.52 72.94 -5.54
C SER B 318 -9.88 72.32 -6.89
N HIS B 319 -10.38 71.10 -6.87
CA HIS B 319 -10.75 70.43 -8.12
C HIS B 319 -12.02 71.04 -8.70
N PRO B 320 -12.02 71.45 -9.97
CA PRO B 320 -13.24 71.99 -10.56
C PRO B 320 -14.33 70.93 -10.68
N ASN B 321 -15.57 71.39 -10.59
CA ASN B 321 -16.72 70.50 -10.65
C ASN B 321 -17.91 71.25 -11.23
N ILE B 322 -18.87 70.49 -11.75
CA ILE B 322 -20.09 71.04 -12.33
C ILE B 322 -21.27 70.42 -11.62
N ASP B 323 -22.19 71.27 -11.16
CA ASP B 323 -23.37 70.81 -10.43
C ASP B 323 -24.45 70.35 -11.41
N ASP B 324 -25.57 69.91 -10.85
CA ASP B 324 -26.66 69.39 -11.66
C ASP B 324 -27.40 70.50 -12.40
N PHE B 325 -28.05 70.12 -13.49
CA PHE B 325 -28.91 71.02 -14.28
C PHE B 325 -28.13 72.22 -14.81
N SER B 326 -26.85 72.04 -15.10
CA SER B 326 -26.04 73.11 -15.67
C SER B 326 -26.14 73.18 -17.20
N PHE B 327 -26.72 72.17 -17.85
CA PHE B 327 -26.84 72.14 -19.30
C PHE B 327 -28.29 72.04 -19.76
N GLN B 328 -29.24 72.42 -18.90
CA GLN B 328 -30.64 72.31 -19.26
C GLN B 328 -31.06 73.34 -20.30
N TRP B 329 -30.30 74.43 -20.46
CA TRP B 329 -30.67 75.47 -21.42
C TRP B 329 -30.30 75.13 -22.85
N LEU B 330 -29.40 74.17 -23.06
CA LEU B 330 -28.94 73.81 -24.39
C LEU B 330 -29.80 72.66 -24.93
N LYS B 331 -31.01 73.02 -25.37
CA LYS B 331 -31.94 72.02 -25.88
C LYS B 331 -31.48 71.49 -27.23
N TYR B 332 -30.99 72.37 -28.11
CA TYR B 332 -30.62 72.00 -29.47
C TYR B 332 -29.15 71.66 -29.61
N LEU B 333 -28.41 71.59 -28.52
CA LEU B 333 -27.00 71.21 -28.58
C LEU B 333 -26.86 69.79 -29.10
N GLU B 334 -25.91 69.59 -30.01
CA GLU B 334 -25.65 68.27 -30.58
C GLU B 334 -24.18 67.86 -30.56
N TYR B 335 -23.25 68.79 -30.37
CA TYR B 335 -21.83 68.48 -30.30
C TYR B 335 -21.29 68.99 -28.98
N LEU B 336 -20.68 68.11 -28.20
CA LEU B 336 -20.12 68.46 -26.90
C LEU B 336 -18.72 67.90 -26.79
N ASN B 337 -17.85 68.63 -26.09
CA ASN B 337 -16.45 68.25 -25.96
C ASN B 337 -15.93 68.63 -24.59
N MET B 338 -15.38 67.65 -23.88
CA MET B 338 -14.76 67.84 -22.57
C MET B 338 -13.34 67.29 -22.53
N ASP B 339 -12.64 67.35 -23.67
CA ASP B 339 -11.31 66.77 -23.75
C ASP B 339 -10.33 67.52 -22.86
N ASP B 340 -9.43 66.76 -22.21
CA ASP B 340 -8.36 67.31 -21.39
C ASP B 340 -8.92 68.18 -20.25
N ASN B 341 -9.66 67.53 -19.37
CA ASN B 341 -10.26 68.21 -18.22
C ASN B 341 -10.04 67.37 -16.97
N ASN B 342 -10.40 67.94 -15.83
CA ASN B 342 -10.14 67.33 -14.53
C ASN B 342 -11.39 67.27 -13.67
N ILE B 343 -12.54 66.98 -14.27
CA ILE B 343 -13.75 66.75 -13.48
C ILE B 343 -13.62 65.43 -12.75
N PRO B 344 -13.89 65.39 -11.43
CA PRO B 344 -13.80 64.11 -10.71
C PRO B 344 -14.71 63.04 -11.26
N SER B 345 -16.01 63.33 -11.30
CA SER B 345 -17.00 62.38 -11.82
C SER B 345 -18.29 63.13 -12.11
N THR B 346 -19.16 62.49 -12.88
CA THR B 346 -20.46 63.06 -13.19
C THR B 346 -21.41 62.90 -12.01
N LYS B 347 -22.53 63.60 -12.07
CA LYS B 347 -23.56 63.55 -11.03
C LYS B 347 -24.86 63.01 -11.63
N SER B 348 -25.92 63.03 -10.83
CA SER B 348 -27.20 62.46 -11.26
C SER B 348 -27.79 63.24 -12.42
N ASN B 349 -27.71 64.56 -12.39
CA ASN B 349 -28.34 65.41 -13.40
C ASN B 349 -27.33 66.37 -14.01
N THR B 350 -26.12 65.90 -14.27
CA THR B 350 -25.10 66.75 -14.87
C THR B 350 -25.45 67.09 -16.32
N PHE B 351 -25.83 66.08 -17.11
CA PHE B 351 -26.15 66.25 -18.51
C PHE B 351 -27.65 66.33 -18.77
N THR B 352 -28.46 66.44 -17.71
CA THR B 352 -29.90 66.51 -17.88
C THR B 352 -30.28 67.81 -18.61
N GLY B 353 -31.18 67.70 -19.58
CA GLY B 353 -31.61 68.83 -20.37
C GLY B 353 -31.16 68.81 -21.81
N LEU B 354 -30.20 67.96 -22.15
CA LEU B 354 -29.72 67.84 -23.53
C LEU B 354 -30.56 66.79 -24.24
N VAL B 355 -31.65 67.25 -24.88
CA VAL B 355 -32.57 66.34 -25.56
C VAL B 355 -32.20 66.12 -27.02
N SER B 356 -31.17 66.80 -27.53
CA SER B 356 -30.76 66.65 -28.92
C SER B 356 -29.27 66.35 -29.05
N LEU B 357 -28.59 66.03 -27.96
CA LEU B 357 -27.16 65.77 -28.01
C LEU B 357 -26.89 64.45 -28.73
N LYS B 358 -25.95 64.47 -29.68
CA LYS B 358 -25.57 63.28 -30.41
C LYS B 358 -24.06 63.05 -30.50
N TYR B 359 -23.24 64.08 -30.27
CA TYR B 359 -21.79 63.96 -30.30
C TYR B 359 -21.24 64.43 -28.96
N LEU B 360 -20.71 63.50 -28.16
CA LEU B 360 -20.16 63.80 -26.86
C LEU B 360 -18.75 63.25 -26.78
N SER B 361 -17.81 64.08 -26.33
CA SER B 361 -16.41 63.69 -26.17
C SER B 361 -15.98 63.97 -24.73
N LEU B 362 -15.47 62.93 -24.07
CA LEU B 362 -15.02 63.02 -22.69
C LEU B 362 -13.65 62.36 -22.53
N SER B 363 -12.74 62.64 -23.45
CA SER B 363 -11.42 62.03 -23.44
C SER B 363 -10.52 62.76 -22.45
N LYS B 364 -9.89 61.99 -21.55
CA LYS B 364 -8.99 62.54 -20.54
C LYS B 364 -9.69 63.62 -19.71
N THR B 365 -10.95 63.35 -19.35
CA THR B 365 -11.78 64.31 -18.62
C THR B 365 -11.96 63.95 -17.15
N PHE B 366 -12.13 62.67 -16.83
CA PHE B 366 -12.45 62.23 -15.48
C PHE B 366 -11.26 61.54 -14.86
N THR B 367 -10.92 61.95 -13.63
CA THR B 367 -9.81 61.37 -12.89
C THR B 367 -10.24 60.51 -11.71
N SER B 368 -11.49 60.62 -11.28
CA SER B 368 -12.02 59.84 -10.16
C SER B 368 -13.08 58.84 -10.64
N LEU B 369 -12.97 58.41 -11.88
CA LEU B 369 -13.91 57.46 -12.50
C LEU B 369 -13.30 56.06 -12.57
N GLN B 370 -12.61 55.66 -11.49
CA GLN B 370 -11.99 54.34 -11.47
C GLN B 370 -13.01 53.23 -11.66
N THR B 371 -14.15 53.33 -10.99
CA THR B 371 -15.21 52.33 -11.07
C THR B 371 -16.45 52.96 -11.66
N LEU B 372 -17.03 52.31 -12.66
CA LEU B 372 -18.23 52.79 -13.34
C LEU B 372 -19.44 51.97 -12.90
N THR B 373 -20.50 52.67 -12.51
CA THR B 373 -21.77 52.07 -12.16
C THR B 373 -22.82 52.49 -13.20
N ASN B 374 -24.06 52.04 -12.99
CA ASN B 374 -25.16 52.38 -13.88
C ASN B 374 -25.90 53.62 -13.41
N GLU B 375 -25.21 54.49 -12.67
CA GLU B 375 -25.78 55.77 -12.22
C GLU B 375 -24.97 56.94 -12.74
N THR B 376 -24.06 56.71 -13.68
CA THR B 376 -23.22 57.75 -14.24
C THR B 376 -23.86 58.42 -15.46
N PHE B 377 -24.29 57.62 -16.44
CA PHE B 377 -24.88 58.12 -17.67
C PHE B 377 -26.40 58.17 -17.61
N VAL B 378 -26.97 58.26 -16.41
CA VAL B 378 -28.42 58.37 -16.28
C VAL B 378 -28.91 59.70 -16.83
N SER B 379 -28.07 60.74 -16.79
CA SER B 379 -28.49 62.05 -17.28
C SER B 379 -28.71 62.05 -18.79
N LEU B 380 -28.07 61.12 -19.51
CA LEU B 380 -28.19 61.04 -20.96
C LEU B 380 -29.28 60.08 -21.41
N ALA B 381 -30.32 59.88 -20.58
CA ALA B 381 -31.40 58.99 -20.96
C ALA B 381 -32.17 59.52 -22.17
N HIS B 382 -32.44 60.82 -22.20
CA HIS B 382 -33.19 61.44 -23.28
C HIS B 382 -32.29 61.98 -24.39
N SER B 383 -30.98 61.81 -24.28
CA SER B 383 -30.06 62.33 -25.28
C SER B 383 -29.83 61.28 -26.36
N PRO B 384 -30.19 61.55 -27.62
CA PRO B 384 -29.94 60.58 -28.71
C PRO B 384 -28.47 60.59 -29.14
N LEU B 385 -27.61 60.14 -28.25
CA LEU B 385 -26.17 60.15 -28.51
C LEU B 385 -25.82 59.18 -29.63
N LEU B 386 -24.82 59.55 -30.43
CA LEU B 386 -24.33 58.70 -31.50
C LEU B 386 -22.84 58.41 -31.40
N THR B 387 -22.04 59.36 -30.89
CA THR B 387 -20.62 59.14 -30.65
C THR B 387 -20.30 59.42 -29.19
N LEU B 388 -19.44 58.60 -28.61
CA LEU B 388 -19.04 58.75 -27.20
C LEU B 388 -17.55 58.47 -27.10
N ASN B 389 -16.80 59.46 -26.58
CA ASN B 389 -15.37 59.32 -26.38
C ASN B 389 -15.08 59.29 -24.88
N LEU B 390 -14.36 58.26 -24.43
CA LEU B 390 -14.01 58.12 -23.02
C LEU B 390 -12.58 57.63 -22.84
N THR B 391 -11.69 57.98 -23.77
CA THR B 391 -10.30 57.54 -23.66
C THR B 391 -9.57 58.31 -22.58
N LYS B 392 -8.54 57.67 -22.01
CA LYS B 392 -7.67 58.28 -21.00
C LYS B 392 -8.45 58.75 -19.77
N ASN B 393 -9.55 58.06 -19.46
CA ASN B 393 -10.37 58.39 -18.29
C ASN B 393 -10.09 57.47 -17.12
N HIS B 394 -9.07 56.62 -17.20
CA HIS B 394 -8.68 55.71 -16.13
C HIS B 394 -9.85 54.81 -15.72
N ILE B 395 -10.61 54.34 -16.71
CA ILE B 395 -11.71 53.42 -16.45
C ILE B 395 -11.15 52.04 -16.16
N SER B 396 -11.53 51.47 -15.01
CA SER B 396 -11.03 50.17 -14.60
C SER B 396 -12.11 49.13 -14.34
N LYS B 397 -13.36 49.54 -14.10
CA LYS B 397 -14.43 48.60 -13.83
C LYS B 397 -15.75 49.26 -14.17
N ILE B 398 -16.60 48.54 -14.90
CA ILE B 398 -17.94 49.00 -15.25
C ILE B 398 -18.95 47.98 -14.75
N ALA B 399 -20.12 48.47 -14.33
CA ALA B 399 -21.15 47.62 -13.76
C ALA B 399 -22.14 47.17 -14.84
N ASN B 400 -22.98 46.22 -14.46
CA ASN B 400 -24.01 45.73 -15.38
C ASN B 400 -25.03 46.82 -15.67
N GLY B 401 -25.41 46.94 -16.94
CA GLY B 401 -26.40 47.92 -17.34
C GLY B 401 -25.93 49.35 -17.25
N THR B 402 -24.61 49.60 -17.34
CA THR B 402 -24.10 50.96 -17.26
C THR B 402 -24.60 51.80 -18.43
N PHE B 403 -24.61 51.24 -19.64
CA PHE B 403 -25.07 51.93 -20.83
C PHE B 403 -26.48 51.52 -21.24
N SER B 404 -27.33 51.18 -20.27
CA SER B 404 -28.70 50.79 -20.59
C SER B 404 -29.49 51.94 -21.19
N TRP B 405 -29.31 53.15 -20.66
CA TRP B 405 -30.01 54.32 -21.19
C TRP B 405 -29.45 54.78 -22.54
N LEU B 406 -28.29 54.26 -22.95
CA LEU B 406 -27.70 54.62 -24.24
C LEU B 406 -28.24 53.69 -25.34
N GLY B 407 -29.57 53.74 -25.48
CA GLY B 407 -30.22 52.90 -26.47
C GLY B 407 -29.85 53.26 -27.90
N GLN B 408 -29.77 54.56 -28.19
CA GLN B 408 -29.47 55.04 -29.52
C GLN B 408 -27.98 55.24 -29.76
N LEU B 409 -27.13 54.90 -28.78
CA LEU B 409 -25.70 55.08 -28.94
C LEU B 409 -25.16 54.13 -30.01
N ARG B 410 -24.32 54.66 -30.89
CA ARG B 410 -23.72 53.88 -31.96
C ARG B 410 -22.19 53.82 -31.90
N ILE B 411 -21.54 54.89 -31.46
CA ILE B 411 -20.08 54.95 -31.39
C ILE B 411 -19.68 55.16 -29.94
N LEU B 412 -18.86 54.26 -29.41
CA LEU B 412 -18.32 54.39 -28.08
C LEU B 412 -16.82 54.14 -28.12
N ASP B 413 -16.07 54.88 -27.30
CA ASP B 413 -14.62 54.77 -27.26
C ASP B 413 -14.18 54.62 -25.80
N LEU B 414 -13.73 53.43 -25.44
CA LEU B 414 -13.22 53.15 -24.11
C LEU B 414 -11.74 52.77 -24.13
N GLY B 415 -11.04 53.09 -25.22
CA GLY B 415 -9.65 52.71 -25.36
C GLY B 415 -8.73 53.52 -24.46
N LEU B 416 -7.47 53.08 -24.41
CA LEU B 416 -6.43 53.72 -23.62
C LEU B 416 -6.83 53.84 -22.15
N ASN B 417 -7.38 52.76 -21.60
CA ASN B 417 -7.85 52.72 -20.23
C ASN B 417 -7.21 51.55 -19.49
N GLU B 418 -7.59 51.40 -18.22
CA GLU B 418 -7.02 50.40 -17.32
C GLU B 418 -8.08 49.41 -16.87
N ILE B 419 -8.91 48.94 -17.81
CA ILE B 419 -10.02 48.06 -17.48
C ILE B 419 -9.50 46.76 -16.88
N GLU B 420 -10.04 46.39 -15.71
CA GLU B 420 -9.71 45.14 -15.02
C GLU B 420 -11.04 44.51 -14.61
N GLN B 421 -11.61 43.69 -15.48
CA GLN B 421 -12.92 43.11 -15.23
C GLN B 421 -13.10 41.89 -16.12
N LYS B 422 -14.15 41.12 -15.83
CA LYS B 422 -14.52 39.94 -16.59
C LYS B 422 -15.76 40.27 -17.40
N LEU B 423 -15.67 40.11 -18.72
CA LEU B 423 -16.79 40.40 -19.61
C LEU B 423 -17.83 39.29 -19.52
N SER B 424 -19.10 39.69 -19.39
CA SER B 424 -20.19 38.73 -19.27
C SER B 424 -21.36 39.02 -20.19
N GLY B 425 -21.31 40.10 -20.98
CA GLY B 425 -22.38 40.43 -21.89
C GLY B 425 -23.32 41.48 -21.35
N GLN B 426 -23.59 41.45 -20.06
CA GLN B 426 -24.48 42.43 -19.44
C GLN B 426 -23.84 43.81 -19.33
N GLU B 427 -22.53 43.94 -19.57
CA GLU B 427 -21.89 45.24 -19.57
C GLU B 427 -22.40 46.10 -20.72
N TRP B 428 -22.83 45.48 -21.82
CA TRP B 428 -23.35 46.19 -22.97
C TRP B 428 -24.87 46.17 -23.03
N ARG B 429 -25.52 45.98 -21.88
CA ARG B 429 -26.99 45.95 -21.84
C ARG B 429 -27.55 47.30 -22.24
N GLY B 430 -28.65 47.28 -22.99
CA GLY B 430 -29.34 48.48 -23.41
C GLY B 430 -28.89 49.04 -24.74
N LEU B 431 -27.89 48.46 -25.38
CA LEU B 431 -27.40 48.94 -26.68
C LEU B 431 -28.29 48.35 -27.76
N ARG B 432 -29.34 49.09 -28.12
CA ARG B 432 -30.30 48.60 -29.10
C ARG B 432 -29.67 48.52 -30.49
N ASN B 433 -29.00 49.59 -30.92
CA ASN B 433 -28.36 49.64 -32.24
C ASN B 433 -26.95 50.23 -32.07
N ILE B 434 -25.98 49.36 -31.85
CA ILE B 434 -24.58 49.75 -31.69
C ILE B 434 -23.85 49.44 -32.99
N PHE B 435 -22.85 50.27 -33.30
CA PHE B 435 -22.13 50.17 -34.56
C PHE B 435 -20.78 49.48 -34.43
N GLU B 436 -19.93 49.95 -33.50
CA GLU B 436 -18.61 49.37 -33.31
C GLU B 436 -18.17 49.57 -31.87
N ILE B 437 -17.15 48.82 -31.47
CA ILE B 437 -16.64 48.80 -30.10
C ILE B 437 -15.19 49.23 -30.09
N TYR B 438 -14.84 50.11 -29.15
CA TYR B 438 -13.47 50.59 -28.96
C TYR B 438 -13.01 50.22 -27.55
N LEU B 439 -12.47 49.01 -27.40
CA LEU B 439 -11.84 48.54 -26.17
C LEU B 439 -10.43 48.01 -26.46
N SER B 440 -9.64 48.81 -27.16
CA SER B 440 -8.23 48.50 -27.35
C SER B 440 -7.40 49.20 -26.28
N TYR B 441 -6.12 48.82 -26.22
CA TYR B 441 -5.14 49.42 -25.30
C TYR B 441 -5.57 49.23 -23.85
N ASN B 442 -5.64 47.96 -23.43
CA ASN B 442 -5.95 47.62 -22.05
C ASN B 442 -4.92 46.65 -21.50
N LYS B 443 -5.17 46.10 -20.31
CA LYS B 443 -4.25 45.15 -19.70
C LYS B 443 -4.87 43.78 -19.42
N TYR B 444 -6.19 43.70 -19.28
CA TYR B 444 -6.83 42.42 -19.00
C TYR B 444 -8.29 42.51 -19.44
N LEU B 445 -8.66 41.68 -20.41
CA LEU B 445 -10.05 41.61 -20.91
C LEU B 445 -10.37 40.13 -21.14
N GLN B 446 -10.96 39.50 -20.13
CA GLN B 446 -11.30 38.08 -20.22
C GLN B 446 -12.63 37.90 -20.93
N LEU B 447 -12.64 37.00 -21.92
CA LEU B 447 -13.83 36.74 -22.73
C LEU B 447 -14.53 35.48 -22.26
N SER B 448 -15.86 35.48 -22.41
CA SER B 448 -16.69 34.33 -22.08
C SER B 448 -17.60 34.02 -23.26
N THR B 449 -18.31 32.89 -23.17
CA THR B 449 -19.18 32.46 -24.26
C THR B 449 -20.36 33.40 -24.46
N SER B 450 -20.72 34.19 -23.45
CA SER B 450 -21.86 35.10 -23.54
C SER B 450 -21.45 36.56 -23.33
N SER B 451 -20.17 36.88 -23.54
CA SER B 451 -19.69 38.24 -23.32
C SER B 451 -20.16 39.21 -24.41
N PHE B 452 -20.64 38.70 -25.54
CA PHE B 452 -21.07 39.56 -26.63
C PHE B 452 -22.37 39.12 -27.28
N ALA B 453 -23.08 38.15 -26.70
CA ALA B 453 -24.32 37.67 -27.29
C ALA B 453 -25.47 38.67 -27.13
N LEU B 454 -25.35 39.61 -26.19
CA LEU B 454 -26.43 40.57 -25.96
C LEU B 454 -26.64 41.46 -27.19
N VAL B 455 -25.54 41.93 -27.79
CA VAL B 455 -25.62 42.80 -28.95
C VAL B 455 -25.04 42.10 -30.18
N PRO B 456 -25.88 41.60 -31.09
CA PRO B 456 -25.38 40.93 -32.30
C PRO B 456 -25.27 41.81 -33.54
N SER B 457 -25.48 43.13 -33.42
CA SER B 457 -25.53 44.03 -34.57
C SER B 457 -24.27 44.87 -34.71
N LEU B 458 -23.11 44.32 -34.38
CA LEU B 458 -21.87 45.07 -34.48
C LEU B 458 -21.36 45.10 -35.92
N GLN B 459 -20.47 46.06 -36.18
CA GLN B 459 -19.80 46.18 -37.47
C GLN B 459 -18.29 46.04 -37.38
N ARG B 460 -17.66 46.68 -36.39
CA ARG B 460 -16.22 46.60 -36.19
C ARG B 460 -15.92 46.26 -34.74
N LEU B 461 -14.81 45.55 -34.55
CA LEU B 461 -14.41 45.13 -33.20
C LEU B 461 -12.91 44.88 -33.20
N MET B 462 -12.16 45.73 -32.48
CA MET B 462 -10.72 45.57 -32.36
C MET B 462 -10.34 45.52 -30.88
N LEU B 463 -9.46 44.58 -30.55
CA LEU B 463 -9.00 44.41 -29.17
C LEU B 463 -7.48 44.51 -29.10
N ARG B 464 -6.92 45.52 -29.77
CA ARG B 464 -5.47 45.65 -29.83
C ARG B 464 -4.89 45.97 -28.45
N ARG B 465 -3.88 45.19 -28.06
CA ARG B 465 -3.16 45.40 -26.80
C ARG B 465 -4.11 45.40 -25.60
N VAL B 466 -4.79 44.28 -25.40
CA VAL B 466 -5.67 44.08 -24.25
C VAL B 466 -5.29 42.89 -23.41
N ALA B 467 -4.41 42.01 -23.89
CA ALA B 467 -3.96 40.82 -23.17
C ALA B 467 -5.16 39.96 -22.75
N LEU B 468 -5.96 39.58 -23.74
CA LEU B 468 -7.08 38.69 -23.51
C LEU B 468 -6.61 37.25 -23.36
N LYS B 469 -7.30 36.51 -22.48
CA LYS B 469 -6.94 35.13 -22.20
C LYS B 469 -8.19 34.26 -22.19
N ASN B 470 -7.97 32.96 -22.37
CA ASN B 470 -9.01 31.93 -22.27
C ASN B 470 -10.13 32.19 -23.29
N VAL B 471 -9.77 32.10 -24.56
CA VAL B 471 -10.73 32.17 -25.65
C VAL B 471 -10.87 30.82 -26.36
N ASP B 472 -10.50 29.73 -25.69
CA ASP B 472 -10.59 28.39 -26.25
C ASP B 472 -11.93 27.72 -25.98
N ILE B 473 -12.81 28.37 -25.23
CA ILE B 473 -14.07 27.76 -24.85
C ILE B 473 -15.00 27.69 -26.06
N SER B 474 -15.88 26.69 -26.05
CA SER B 474 -16.86 26.50 -27.10
C SER B 474 -18.26 26.65 -26.52
N PRO B 475 -19.18 27.35 -27.22
CA PRO B 475 -18.96 27.99 -28.52
C PRO B 475 -18.14 29.27 -28.44
N SER B 476 -17.65 29.73 -29.59
CA SER B 476 -16.82 30.92 -29.61
C SER B 476 -17.63 32.14 -29.18
N PRO B 477 -17.02 33.10 -28.48
CA PRO B 477 -17.75 34.32 -28.09
C PRO B 477 -18.28 35.12 -29.26
N PHE B 478 -17.66 35.02 -30.43
CA PHE B 478 -18.09 35.77 -31.60
C PHE B 478 -19.14 35.03 -32.43
N ARG B 479 -19.55 33.83 -32.00
CA ARG B 479 -20.54 33.07 -32.75
C ARG B 479 -21.86 33.80 -32.93
N PRO B 480 -22.49 34.39 -31.90
CA PRO B 480 -23.76 35.11 -32.13
C PRO B 480 -23.63 36.31 -33.06
N LEU B 481 -22.45 36.87 -33.22
CA LEU B 481 -22.28 38.09 -33.99
C LEU B 481 -22.37 37.78 -35.48
N ARG B 482 -23.00 38.70 -36.24
CA ARG B 482 -23.23 38.37 -37.65
C ARG B 482 -22.69 39.40 -38.63
N ASN B 483 -22.85 40.70 -38.36
CA ASN B 483 -22.38 41.74 -39.28
C ASN B 483 -21.02 42.33 -38.93
N LEU B 484 -20.17 41.62 -38.21
CA LEU B 484 -18.81 42.11 -38.05
C LEU B 484 -18.13 42.21 -39.41
N THR B 485 -17.47 43.33 -39.64
CA THR B 485 -16.75 43.60 -40.88
C THR B 485 -15.25 43.75 -40.66
N ILE B 486 -14.85 44.33 -39.53
CA ILE B 486 -13.44 44.45 -39.15
C ILE B 486 -13.27 43.78 -37.80
N LEU B 487 -12.35 42.81 -37.74
CA LEU B 487 -12.04 42.10 -36.50
C LEU B 487 -10.54 42.12 -36.30
N ASP B 488 -10.10 42.74 -35.20
CA ASP B 488 -8.68 42.82 -34.88
C ASP B 488 -8.45 42.28 -33.48
N LEU B 489 -7.48 41.38 -33.34
CA LEU B 489 -7.09 40.81 -32.07
C LEU B 489 -5.58 40.81 -31.95
N SER B 490 -4.94 41.84 -32.48
CA SER B 490 -3.49 41.90 -32.61
C SER B 490 -2.85 42.38 -31.31
N ASN B 491 -1.56 42.06 -31.17
CA ASN B 491 -0.75 42.48 -30.03
C ASN B 491 -1.38 42.05 -28.70
N ASN B 492 -1.86 40.82 -28.65
CA ASN B 492 -2.47 40.28 -27.44
C ASN B 492 -1.94 38.93 -27.02
N ASN B 493 -1.03 38.32 -27.81
CA ASN B 493 -0.41 37.04 -27.48
C ASN B 493 -1.48 35.96 -27.28
N ILE B 494 -2.19 35.66 -28.37
CA ILE B 494 -3.25 34.65 -28.32
C ILE B 494 -2.63 33.30 -28.05
N ALA B 495 -3.02 32.67 -26.94
CA ALA B 495 -2.45 31.38 -26.57
C ALA B 495 -2.85 30.28 -27.56
N ASN B 496 -4.15 30.15 -27.82
CA ASN B 496 -4.66 29.10 -28.68
C ASN B 496 -5.94 29.55 -29.36
N ILE B 497 -6.19 29.00 -30.54
CA ILE B 497 -7.46 29.14 -31.24
C ILE B 497 -7.87 27.77 -31.76
N ASN B 498 -9.15 27.45 -31.65
CA ASN B 498 -9.66 26.15 -32.08
C ASN B 498 -10.52 26.33 -33.34
N GLU B 499 -11.11 25.22 -33.79
CA GLU B 499 -11.93 25.26 -35.00
C GLU B 499 -13.21 26.06 -34.79
N ASP B 500 -13.76 26.05 -33.58
CA ASP B 500 -15.02 26.74 -33.31
C ASP B 500 -14.89 28.26 -33.40
N LEU B 501 -13.67 28.78 -33.25
CA LEU B 501 -13.48 30.22 -33.37
C LEU B 501 -13.72 30.69 -34.79
N LEU B 502 -14.20 31.93 -34.92
CA LEU B 502 -14.47 32.56 -36.21
C LEU B 502 -15.45 31.73 -37.04
N GLU B 503 -16.50 31.25 -36.39
CA GLU B 503 -17.51 30.43 -37.05
C GLU B 503 -18.75 31.28 -37.35
N GLY B 504 -19.15 31.27 -38.62
CA GLY B 504 -20.34 32.00 -39.04
C GLY B 504 -20.15 33.48 -39.28
N LEU B 505 -18.91 33.98 -39.19
CA LEU B 505 -18.64 35.41 -39.42
C LEU B 505 -18.44 35.66 -40.91
N GLU B 506 -19.52 35.43 -41.66
CA GLU B 506 -19.47 35.57 -43.11
C GLU B 506 -19.20 37.01 -43.53
N ASN B 507 -19.81 37.98 -42.82
CA ASN B 507 -19.70 39.38 -43.22
C ASN B 507 -18.32 39.98 -42.98
N LEU B 508 -17.43 39.26 -42.31
CA LEU B 508 -16.11 39.82 -42.01
C LEU B 508 -15.32 40.06 -43.29
N GLU B 509 -14.61 41.19 -43.31
CA GLU B 509 -13.78 41.57 -44.45
C GLU B 509 -12.34 41.88 -44.07
N ILE B 510 -12.13 42.47 -42.89
CA ILE B 510 -10.79 42.87 -42.44
C ILE B 510 -10.46 42.08 -41.18
N LEU B 511 -9.33 41.38 -41.20
CA LEU B 511 -8.89 40.56 -40.08
C LEU B 511 -7.39 40.74 -39.89
N ASP B 512 -6.97 41.17 -38.71
CA ASP B 512 -5.57 41.45 -38.42
C ASP B 512 -5.14 40.66 -37.19
N PHE B 513 -4.11 39.82 -37.35
CA PHE B 513 -3.55 39.03 -36.25
C PHE B 513 -2.07 39.30 -36.05
N GLN B 514 -1.67 40.56 -36.01
CA GLN B 514 -0.27 40.89 -35.80
C GLN B 514 0.13 40.59 -34.36
N HIS B 515 1.25 39.88 -34.19
CA HIS B 515 1.86 39.62 -32.89
C HIS B 515 0.88 38.91 -31.95
N ASN B 516 0.52 37.68 -32.34
CA ASN B 516 -0.42 36.88 -31.56
C ASN B 516 0.06 35.47 -31.24
N ASN B 517 1.28 35.10 -31.64
CA ASN B 517 1.88 33.81 -31.32
C ASN B 517 1.00 32.65 -31.82
N LEU B 518 0.89 32.58 -33.14
CA LEU B 518 0.18 31.51 -33.82
C LEU B 518 1.14 30.54 -34.50
N ALA B 519 2.28 30.27 -33.84
CA ALA B 519 3.32 29.45 -34.44
C ALA B 519 2.90 27.99 -34.53
N ARG B 520 2.65 27.35 -33.39
CA ARG B 520 2.36 25.93 -33.35
C ARG B 520 0.94 25.60 -33.79
N LEU B 521 0.06 26.59 -33.89
CA LEU B 521 -1.32 26.33 -34.31
C LEU B 521 -1.39 25.88 -35.77
N TRP B 522 -0.30 26.00 -36.51
CA TRP B 522 -0.29 25.51 -37.91
C TRP B 522 0.44 24.16 -37.99
N ASN B 526 2.73 18.54 -34.64
CA ASN B 526 1.32 18.33 -34.93
C ASN B 526 0.53 18.04 -33.65
N PRO B 527 0.04 19.10 -33.00
CA PRO B 527 -0.73 18.90 -31.77
C PRO B 527 -2.14 18.37 -32.04
N GLY B 528 -2.24 17.07 -32.35
CA GLY B 528 -3.53 16.49 -32.65
C GLY B 528 -4.10 16.91 -33.98
N GLY B 529 -3.26 17.32 -34.92
CA GLY B 529 -3.72 17.75 -36.22
C GLY B 529 -3.80 19.27 -36.31
N PRO B 530 -3.41 19.81 -37.46
CA PRO B 530 -3.47 21.27 -37.64
C PRO B 530 -4.90 21.78 -37.61
N VAL B 531 -5.06 23.00 -37.10
CA VAL B 531 -6.36 23.64 -37.03
C VAL B 531 -6.69 24.25 -38.37
N ASN B 532 -7.84 23.87 -38.94
CA ASN B 532 -8.28 24.39 -40.24
C ASN B 532 -9.00 25.73 -40.05
N PHE B 533 -8.21 26.71 -39.61
CA PHE B 533 -8.75 28.04 -39.36
C PHE B 533 -9.08 28.74 -40.67
N LEU B 534 -10.03 29.68 -40.60
CA LEU B 534 -10.60 30.33 -41.77
C LEU B 534 -11.26 29.31 -42.70
N LYS B 535 -12.30 28.66 -42.18
CA LYS B 535 -13.07 27.67 -42.93
C LYS B 535 -14.25 28.37 -43.60
N GLY B 536 -14.20 28.52 -44.91
CA GLY B 536 -15.26 29.16 -45.64
C GLY B 536 -15.46 30.63 -45.34
N LEU B 537 -14.37 31.37 -45.12
CA LEU B 537 -14.45 32.81 -44.86
C LEU B 537 -14.23 33.57 -46.17
N SER B 538 -15.22 33.44 -47.05
CA SER B 538 -15.08 33.94 -48.43
C SER B 538 -14.96 35.46 -48.47
N HIS B 539 -15.74 36.16 -47.66
CA HIS B 539 -15.88 37.61 -47.80
C HIS B 539 -14.72 38.39 -47.19
N LEU B 540 -13.77 37.73 -46.52
CA LEU B 540 -12.62 38.45 -46.00
C LEU B 540 -11.84 39.09 -47.13
N HIS B 541 -11.50 40.37 -46.96
CA HIS B 541 -10.79 41.13 -47.99
C HIS B 541 -9.28 41.12 -47.78
N ILE B 542 -8.82 41.60 -46.62
CA ILE B 542 -7.40 41.71 -46.32
C ILE B 542 -7.07 40.84 -45.11
N LEU B 543 -5.96 40.12 -45.20
CA LEU B 543 -5.48 39.26 -44.13
C LEU B 543 -4.10 39.74 -43.68
N ASN B 544 -3.89 39.77 -42.36
CA ASN B 544 -2.64 40.25 -41.78
C ASN B 544 -2.30 39.39 -40.58
N LEU B 545 -1.28 38.54 -40.72
CA LEU B 545 -0.79 37.69 -39.65
C LEU B 545 0.71 37.92 -39.44
N GLU B 546 1.12 39.18 -39.49
CA GLU B 546 2.54 39.52 -39.41
C GLU B 546 3.09 39.23 -38.02
N SER B 547 4.33 38.73 -37.98
CA SER B 547 5.06 38.48 -36.74
C SER B 547 4.28 37.54 -35.81
N ASN B 548 3.70 36.49 -36.38
CA ASN B 548 3.01 35.46 -35.61
C ASN B 548 3.87 34.25 -35.34
N GLY B 549 5.14 34.27 -35.76
CA GLY B 549 6.02 33.13 -35.54
C GLY B 549 5.73 31.94 -36.40
N LEU B 550 5.01 32.11 -37.52
CA LEU B 550 4.63 30.99 -38.37
C LEU B 550 5.86 30.26 -38.88
N ASP B 551 5.99 29.00 -38.49
CA ASP B 551 7.13 28.17 -38.90
C ASP B 551 6.79 27.21 -40.03
N GLU B 552 5.56 26.74 -40.10
CA GLU B 552 5.13 25.82 -41.16
C GLU B 552 3.64 26.01 -41.40
N ILE B 553 3.27 26.17 -42.66
CA ILE B 553 1.86 26.36 -43.04
C ILE B 553 1.34 25.06 -43.63
N PRO B 554 0.41 24.37 -42.97
CA PRO B 554 -0.14 23.14 -43.54
C PRO B 554 -1.02 23.44 -44.75
N VAL B 555 -1.14 22.42 -45.61
CA VAL B 555 -1.96 22.57 -46.81
C VAL B 555 -3.43 22.65 -46.42
N GLY B 556 -4.23 23.22 -47.31
CA GLY B 556 -5.66 23.36 -47.09
C GLY B 556 -6.05 24.27 -45.95
N VAL B 557 -5.38 25.41 -45.82
CA VAL B 557 -5.75 26.41 -44.81
C VAL B 557 -6.22 27.72 -45.43
N PHE B 558 -5.85 28.03 -46.66
CA PHE B 558 -6.30 29.24 -47.34
C PHE B 558 -7.39 28.97 -48.36
N LYS B 559 -8.01 27.79 -48.31
CA LYS B 559 -9.04 27.44 -49.27
C LYS B 559 -10.31 28.26 -49.03
N ASN B 560 -11.13 28.35 -50.08
CA ASN B 560 -12.41 29.04 -50.09
C ASN B 560 -12.30 30.54 -49.88
N LEU B 561 -11.09 31.09 -49.89
CA LEU B 561 -10.89 32.53 -49.76
C LEU B 561 -10.70 33.15 -51.15
N PHE B 562 -11.76 33.06 -51.94
CA PHE B 562 -11.70 33.53 -53.32
C PHE B 562 -11.65 35.06 -53.38
N GLU B 563 -12.35 35.74 -52.48
CA GLU B 563 -12.43 37.19 -52.49
C GLU B 563 -11.33 37.86 -51.68
N LEU B 564 -10.40 37.09 -51.12
CA LEU B 564 -9.31 37.68 -50.35
C LEU B 564 -8.38 38.47 -51.26
N LYS B 565 -7.88 39.60 -50.74
CA LYS B 565 -7.08 40.52 -51.53
C LYS B 565 -5.67 40.73 -51.02
N SER B 566 -5.44 40.68 -49.71
CA SER B 566 -4.13 40.99 -49.14
C SER B 566 -3.72 39.93 -48.13
N ILE B 567 -2.45 39.53 -48.19
CA ILE B 567 -1.85 38.61 -47.23
C ILE B 567 -0.55 39.23 -46.73
N ASN B 568 -0.38 39.27 -45.41
CA ASN B 568 0.82 39.81 -44.79
C ASN B 568 1.29 38.83 -43.72
N LEU B 569 2.36 38.09 -44.02
CA LEU B 569 2.94 37.12 -43.11
C LEU B 569 4.39 37.46 -42.79
N GLY B 570 4.68 38.76 -42.67
CA GLY B 570 6.04 39.19 -42.43
C GLY B 570 6.50 38.97 -41.00
N LEU B 571 7.81 39.18 -40.81
CA LEU B 571 8.45 39.06 -39.49
C LEU B 571 8.22 37.68 -38.88
N ASN B 572 8.23 36.65 -39.73
CA ASN B 572 8.08 35.27 -39.32
C ASN B 572 9.27 34.45 -39.79
N ASN B 573 9.22 33.15 -39.53
CA ASN B 573 10.27 32.21 -39.95
C ASN B 573 9.61 31.16 -40.83
N LEU B 574 9.48 31.46 -42.12
CA LEU B 574 8.83 30.58 -43.08
C LEU B 574 9.85 30.14 -44.12
N ASN B 575 10.17 28.85 -44.12
CA ASN B 575 11.12 28.29 -45.09
C ASN B 575 10.51 27.07 -45.77
N LYS B 576 9.58 26.40 -45.10
CA LYS B 576 8.91 25.22 -45.65
C LYS B 576 7.61 25.69 -46.30
N LEU B 577 7.68 25.95 -47.61
CA LEU B 577 6.52 26.39 -48.39
C LEU B 577 5.92 25.16 -49.07
N GLU B 578 4.85 24.64 -48.51
CA GLU B 578 4.20 23.46 -49.07
C GLU B 578 3.57 23.80 -50.43
N PRO B 579 3.70 22.92 -51.41
CA PRO B 579 3.13 23.22 -52.73
C PRO B 579 1.61 23.30 -52.68
N PHE B 580 1.07 24.12 -53.59
CA PHE B 580 -0.38 24.30 -53.74
C PHE B 580 -1.01 24.86 -52.46
N ILE B 581 -0.23 25.64 -51.70
CA ILE B 581 -0.78 26.27 -50.50
C ILE B 581 -1.78 27.36 -50.86
N PHE B 582 -1.49 28.12 -51.91
CA PHE B 582 -2.36 29.20 -52.38
C PHE B 582 -2.98 28.76 -53.69
N ASP B 583 -4.17 28.16 -53.61
CA ASP B 583 -4.91 27.70 -54.78
C ASP B 583 -6.14 28.53 -55.08
N ASP B 584 -6.87 28.97 -54.05
CA ASP B 584 -8.05 29.81 -54.22
C ASP B 584 -7.73 31.29 -54.16
N GLN B 585 -6.46 31.66 -54.01
CA GLN B 585 -6.05 33.06 -53.95
C GLN B 585 -5.82 33.64 -55.33
N THR B 586 -6.83 33.53 -56.21
CA THR B 586 -6.73 34.06 -57.55
C THR B 586 -7.03 35.56 -57.62
N SER B 587 -7.51 36.15 -56.53
CA SER B 587 -7.82 37.58 -56.50
C SER B 587 -6.89 38.35 -55.56
N LEU B 588 -5.75 37.78 -55.22
CA LEU B 588 -4.81 38.46 -54.33
C LEU B 588 -4.26 39.71 -54.99
N ARG B 589 -4.21 40.80 -54.22
CA ARG B 589 -3.73 42.08 -54.71
C ARG B 589 -2.37 42.47 -54.16
N SER B 590 -2.11 42.23 -52.87
CA SER B 590 -0.84 42.58 -52.25
C SER B 590 -0.38 41.42 -51.38
N LEU B 591 0.82 40.92 -51.63
CA LEU B 591 1.42 39.84 -50.86
C LEU B 591 2.65 40.37 -50.14
N ASN B 592 2.68 40.18 -48.82
CA ASN B 592 3.79 40.65 -47.99
C ASN B 592 4.40 39.46 -47.28
N LEU B 593 5.70 39.22 -47.53
CA LEU B 593 6.44 38.15 -46.86
C LEU B 593 7.85 38.61 -46.49
N GLN B 594 8.01 39.91 -46.19
CA GLN B 594 9.32 40.46 -45.91
C GLN B 594 9.82 40.00 -44.54
N LYS B 595 11.15 40.05 -44.38
CA LYS B 595 11.81 39.75 -43.12
C LYS B 595 11.48 38.34 -42.63
N ASN B 596 11.41 37.40 -43.57
CA ASN B 596 11.17 35.99 -43.27
C ASN B 596 12.40 35.17 -43.62
N LEU B 597 12.29 33.85 -43.46
CA LEU B 597 13.36 32.91 -43.75
C LEU B 597 13.15 32.17 -45.06
N ILE B 598 12.57 32.84 -46.05
CA ILE B 598 12.29 32.21 -47.34
C ILE B 598 13.60 31.99 -48.08
N THR B 599 13.80 30.77 -48.54
CA THR B 599 15.01 30.39 -49.29
C THR B 599 14.76 30.16 -50.77
N SER B 600 13.68 29.49 -51.13
CA SER B 600 13.36 29.19 -52.51
C SER B 600 11.97 29.72 -52.85
N VAL B 601 11.85 30.29 -54.04
CA VAL B 601 10.59 30.85 -54.53
C VAL B 601 10.28 30.13 -55.85
N GLU B 602 9.48 29.07 -55.77
CA GLU B 602 9.16 28.24 -56.92
C GLU B 602 7.72 28.47 -57.35
N LYS B 603 7.37 27.89 -58.50
CA LYS B 603 6.11 28.20 -59.16
C LYS B 603 4.91 27.63 -58.40
N ASP B 604 5.03 26.38 -57.91
CA ASP B 604 3.87 25.69 -57.37
C ASP B 604 3.30 26.34 -56.11
N VAL B 605 4.02 27.25 -55.48
CA VAL B 605 3.54 27.93 -54.28
C VAL B 605 3.02 29.33 -54.60
N PHE B 606 3.79 30.10 -55.38
CA PHE B 606 3.48 31.51 -55.64
C PHE B 606 2.86 31.74 -57.02
N GLY B 607 2.38 30.69 -57.67
CA GLY B 607 1.82 30.82 -59.00
C GLY B 607 0.50 31.57 -59.04
N PRO B 608 -0.55 30.97 -58.50
CA PRO B 608 -1.89 31.60 -58.52
C PRO B 608 -1.90 32.97 -57.85
N PRO B 609 -1.21 33.18 -56.73
CA PRO B 609 -1.19 34.54 -56.16
C PRO B 609 -0.51 35.57 -57.03
N PHE B 610 0.35 35.15 -57.96
CA PHE B 610 1.06 36.09 -58.82
C PHE B 610 0.35 36.36 -60.13
N GLN B 611 -0.83 35.77 -60.34
CA GLN B 611 -1.55 35.98 -61.59
C GLN B 611 -1.97 37.43 -61.76
N ASN B 612 -2.47 38.05 -60.69
CA ASN B 612 -2.93 39.43 -60.74
C ASN B 612 -2.43 40.23 -59.54
N LEU B 613 -1.26 39.90 -59.02
CA LEU B 613 -0.70 40.62 -57.89
C LEU B 613 -0.31 42.04 -58.31
N ASN B 614 -0.60 43.00 -57.43
CA ASN B 614 -0.28 44.41 -57.68
C ASN B 614 1.01 44.85 -57.00
N SER B 615 1.25 44.42 -55.77
CA SER B 615 2.46 44.77 -55.03
C SER B 615 2.97 43.55 -54.29
N LEU B 616 4.29 43.38 -54.29
CA LEU B 616 4.94 42.26 -53.63
C LEU B 616 6.04 42.79 -52.71
N ASP B 617 6.14 42.21 -51.51
CA ASP B 617 7.14 42.63 -50.53
C ASP B 617 7.75 41.38 -49.91
N MET B 618 8.96 41.03 -50.33
CA MET B 618 9.69 39.87 -49.81
C MET B 618 11.14 40.23 -49.56
N ARG B 619 11.38 41.42 -48.99
CA ARG B 619 12.73 41.87 -48.72
C ARG B 619 13.25 41.26 -47.42
N PHE B 620 14.55 41.43 -47.19
CA PHE B 620 15.22 40.94 -45.98
C PHE B 620 15.02 39.44 -45.79
N ASN B 621 15.23 38.67 -46.86
CA ASN B 621 15.09 37.23 -46.81
C ASN B 621 16.38 36.55 -47.28
N PRO B 622 16.79 35.45 -46.65
CA PRO B 622 17.99 34.75 -47.09
C PRO B 622 17.77 34.00 -48.40
N PHE B 623 17.72 34.74 -49.50
CA PHE B 623 17.49 34.12 -50.81
C PHE B 623 18.70 33.29 -51.23
N ASP B 624 18.42 32.20 -51.94
CA ASP B 624 19.45 31.31 -52.46
C ASP B 624 19.54 31.52 -53.97
N CYS B 625 20.65 32.08 -54.43
CA CYS B 625 20.86 32.36 -55.84
C CYS B 625 21.27 31.07 -56.56
N THR B 626 20.28 30.20 -56.76
CA THR B 626 20.47 28.93 -57.43
C THR B 626 19.39 28.73 -58.47
N CYS B 627 19.68 27.86 -59.44
CA CYS B 627 18.73 27.60 -60.53
C CYS B 627 17.46 26.92 -60.04
N GLU B 628 17.53 26.15 -58.95
CA GLU B 628 16.35 25.46 -58.44
C GLU B 628 15.47 26.36 -57.59
N SER B 629 15.96 27.51 -57.16
CA SER B 629 15.25 28.36 -56.20
C SER B 629 14.66 29.63 -56.80
N ILE B 630 15.42 30.35 -57.63
CA ILE B 630 15.00 31.67 -58.07
C ILE B 630 14.78 31.77 -59.58
N SER B 631 15.02 30.70 -60.34
CA SER B 631 14.89 30.80 -61.79
C SER B 631 13.49 31.23 -62.21
N TRP B 632 12.47 30.56 -61.66
CA TRP B 632 11.10 30.96 -61.96
C TRP B 632 10.82 32.37 -61.44
N PHE B 633 11.28 32.69 -60.23
CA PHE B 633 11.08 34.02 -59.70
C PHE B 633 11.82 35.07 -60.51
N VAL B 634 13.04 34.77 -60.95
CA VAL B 634 13.79 35.73 -61.77
C VAL B 634 13.09 35.98 -63.09
N ASN B 635 12.60 34.91 -63.73
CA ASN B 635 11.88 35.07 -64.98
C ASN B 635 10.59 35.87 -64.78
N TRP B 636 9.87 35.60 -63.70
CA TRP B 636 8.64 36.34 -63.43
C TRP B 636 8.95 37.82 -63.20
N ILE B 637 9.99 38.13 -62.43
CA ILE B 637 10.35 39.52 -62.18
C ILE B 637 10.74 40.21 -63.48
N ASN B 638 11.53 39.53 -64.32
CA ASN B 638 11.90 40.10 -65.60
C ASN B 638 10.72 40.26 -66.54
N GLN B 639 9.64 39.50 -66.33
CA GLN B 639 8.48 39.57 -67.21
C GLN B 639 7.22 39.96 -66.46
N THR B 640 7.31 41.00 -65.62
CA THR B 640 6.13 41.51 -64.92
C THR B 640 6.31 43.00 -64.68
N HIS B 641 5.19 43.66 -64.37
CA HIS B 641 5.18 45.07 -64.03
C HIS B 641 4.71 45.31 -62.60
N THR B 642 4.82 44.30 -61.74
CA THR B 642 4.40 44.44 -60.35
C THR B 642 5.26 45.46 -59.63
N ASN B 643 4.60 46.34 -58.87
CA ASN B 643 5.29 47.41 -58.14
C ASN B 643 5.94 46.82 -56.89
N ILE B 644 7.27 46.77 -56.88
CA ILE B 644 8.04 46.26 -55.75
C ILE B 644 9.04 47.32 -55.34
N SER B 645 9.03 47.70 -54.08
CA SER B 645 9.92 48.73 -53.55
C SER B 645 11.20 48.10 -53.03
N GLU B 646 12.32 48.79 -53.25
CA GLU B 646 13.64 48.34 -52.79
C GLU B 646 13.97 46.96 -53.33
N LEU B 647 13.61 46.71 -54.58
CA LEU B 647 13.86 45.40 -55.18
C LEU B 647 15.34 45.13 -55.35
N SER B 648 16.10 46.14 -55.79
CA SER B 648 17.52 45.95 -56.09
C SER B 648 18.41 46.11 -54.87
N THR B 649 17.88 46.58 -53.73
CA THR B 649 18.71 46.86 -52.56
C THR B 649 18.59 45.76 -51.50
N HIS B 650 17.37 45.46 -51.06
CA HIS B 650 17.14 44.53 -49.94
C HIS B 650 16.72 43.15 -50.42
N TYR B 651 17.26 42.68 -51.54
CA TYR B 651 16.97 41.35 -52.05
C TYR B 651 18.25 40.58 -52.35
N LEU B 652 19.32 40.88 -51.61
CA LEU B 652 20.60 40.21 -51.85
C LEU B 652 20.55 38.78 -51.35
N CYS B 653 21.21 37.88 -52.08
CA CYS B 653 21.28 36.48 -51.71
C CYS B 653 22.23 36.28 -50.53
N ASN B 654 22.00 35.21 -49.78
CA ASN B 654 22.82 34.86 -48.64
C ASN B 654 23.72 33.65 -48.91
N THR B 655 23.49 32.92 -50.00
CA THR B 655 24.27 31.73 -50.32
C THR B 655 24.17 31.50 -51.82
N PRO B 656 25.23 30.98 -52.46
CA PRO B 656 26.53 30.60 -51.89
C PRO B 656 27.47 31.79 -51.67
N HIS B 657 28.75 31.49 -51.43
CA HIS B 657 29.73 32.55 -51.20
C HIS B 657 29.91 33.42 -52.44
N HIS B 658 29.92 32.80 -53.63
CA HIS B 658 30.09 33.57 -54.86
C HIS B 658 28.94 34.54 -55.06
N TYR B 659 27.72 34.12 -54.76
CA TYR B 659 26.53 34.94 -54.95
C TYR B 659 26.08 35.64 -53.67
N TYR B 660 26.89 35.59 -52.60
CA TYR B 660 26.54 36.27 -51.37
C TYR B 660 26.60 37.78 -51.58
N GLY B 661 25.58 38.49 -51.08
CA GLY B 661 25.52 39.92 -51.26
C GLY B 661 25.39 40.35 -52.71
N PHE B 662 24.61 39.61 -53.49
CA PHE B 662 24.45 39.89 -54.91
C PHE B 662 22.99 40.21 -55.22
N PRO B 663 22.72 41.19 -56.08
CA PRO B 663 21.33 41.53 -56.39
C PRO B 663 20.58 40.36 -57.01
N LEU B 664 19.31 40.22 -56.63
CA LEU B 664 18.49 39.13 -57.13
C LEU B 664 18.03 39.37 -58.57
N LYS B 665 17.79 40.63 -58.93
CA LYS B 665 17.29 40.92 -60.28
C LYS B 665 18.34 40.67 -61.35
N LEU B 666 19.62 40.79 -61.00
CA LEU B 666 20.71 40.59 -61.96
C LEU B 666 21.18 39.14 -62.00
N PHE B 667 20.24 38.22 -62.20
CA PHE B 667 20.53 36.80 -62.27
C PHE B 667 20.20 36.28 -63.66
N ASP B 668 21.12 35.54 -64.25
CA ASP B 668 20.96 34.98 -65.59
C ASP B 668 20.51 33.53 -65.47
N THR B 669 19.37 33.23 -66.10
CA THR B 669 18.81 31.88 -66.08
C THR B 669 19.06 31.12 -67.39
N SER B 670 19.91 31.66 -68.27
CA SER B 670 20.18 31.00 -69.54
C SER B 670 21.08 29.78 -69.37
N SER B 671 21.74 29.64 -68.24
CA SER B 671 22.63 28.51 -67.99
C SER B 671 21.93 27.34 -67.32
N CYS B 672 20.62 27.45 -67.08
CA CYS B 672 19.86 26.38 -66.43
C CYS B 672 18.51 26.27 -67.14
N LYS B 673 17.59 25.54 -66.51
CA LYS B 673 16.24 25.27 -67.01
C LYS B 673 16.19 25.03 -68.51
N CYS C 4 -6.23 -18.91 -27.20
CA CYS C 4 -7.40 -18.73 -26.35
C CYS C 4 -8.18 -20.02 -26.23
N THR C 5 -9.29 -19.98 -25.49
CA THR C 5 -10.15 -21.15 -25.38
C THR C 5 -10.76 -21.49 -26.74
N VAL C 6 -11.20 -20.47 -27.49
CA VAL C 6 -11.77 -20.62 -28.82
C VAL C 6 -12.96 -21.59 -28.77
N ARG C 7 -13.97 -21.23 -28.01
CA ARG C 7 -15.20 -22.01 -27.96
C ARG C 7 -16.18 -21.50 -29.02
N TYR C 8 -17.34 -22.15 -29.09
CA TYR C 8 -18.29 -21.88 -30.16
C TYR C 8 -18.82 -20.45 -30.06
N ASN C 9 -18.88 -19.78 -31.21
CA ASN C 9 -19.43 -18.42 -31.33
C ASN C 9 -18.65 -17.41 -30.50
N VAL C 10 -18.73 -17.54 -29.18
CA VAL C 10 -18.06 -16.62 -28.26
C VAL C 10 -16.61 -17.04 -28.12
N ALA C 11 -15.71 -16.05 -28.02
CA ALA C 11 -14.29 -16.29 -27.82
C ALA C 11 -13.87 -15.79 -26.45
N ASP C 12 -13.20 -16.65 -25.69
CA ASP C 12 -12.75 -16.33 -24.35
C ASP C 12 -11.25 -16.53 -24.24
N CYS C 13 -10.57 -15.57 -23.62
CA CYS C 13 -9.12 -15.61 -23.42
C CYS C 13 -8.86 -15.27 -21.95
N SER C 14 -8.86 -16.30 -21.10
CA SER C 14 -8.69 -16.09 -19.67
C SER C 14 -7.30 -15.53 -19.35
N HIS C 15 -6.26 -16.31 -19.63
CA HIS C 15 -4.88 -15.91 -19.33
C HIS C 15 -3.99 -16.44 -20.43
N LEU C 16 -3.40 -15.55 -21.23
CA LEU C 16 -2.46 -15.92 -22.27
C LEU C 16 -1.19 -15.10 -22.26
N LYS C 17 -1.04 -14.14 -21.34
CA LYS C 17 0.09 -13.20 -21.34
C LYS C 17 0.18 -12.46 -22.67
N LEU C 18 -0.97 -12.16 -23.25
CA LEU C 18 -1.03 -11.46 -24.53
C LEU C 18 -0.54 -10.02 -24.40
N THR C 19 0.15 -9.56 -25.44
CA THR C 19 0.69 -8.21 -25.51
C THR C 19 0.28 -7.43 -26.75
N HIS C 20 -0.18 -8.12 -27.80
CA HIS C 20 -0.57 -7.49 -29.05
C HIS C 20 -1.94 -7.99 -29.49
N ILE C 21 -2.78 -7.10 -29.99
CA ILE C 21 -4.09 -7.60 -30.49
C ILE C 21 -3.86 -8.61 -31.61
N PRO C 22 -4.37 -9.83 -31.49
CA PRO C 22 -4.17 -10.83 -32.55
C PRO C 22 -5.17 -10.64 -33.67
N ASP C 23 -4.80 -11.15 -34.86
CA ASP C 23 -5.69 -11.11 -36.01
C ASP C 23 -5.68 -12.42 -36.77
N ASP C 24 -5.27 -13.52 -36.13
CA ASP C 24 -5.20 -14.82 -36.78
C ASP C 24 -6.39 -15.71 -36.47
N LEU C 25 -7.19 -15.38 -35.46
CA LEU C 25 -8.35 -16.18 -35.12
C LEU C 25 -9.43 -16.01 -36.20
N PRO C 26 -10.29 -17.01 -36.36
CA PRO C 26 -11.37 -16.89 -37.35
C PRO C 26 -12.28 -15.70 -37.05
N SER C 27 -12.75 -15.07 -38.13
CA SER C 27 -13.56 -13.87 -38.03
C SER C 27 -15.05 -14.16 -37.82
N ASN C 28 -15.45 -15.43 -37.77
CA ASN C 28 -16.85 -15.79 -37.58
C ASN C 28 -17.18 -15.91 -36.10
N ILE C 29 -16.91 -14.83 -35.37
CA ILE C 29 -17.17 -14.75 -33.94
C ILE C 29 -17.89 -13.44 -33.64
N THR C 30 -18.55 -13.40 -32.48
CA THR C 30 -19.31 -12.23 -32.06
C THR C 30 -18.91 -11.67 -30.70
N VAL C 31 -18.14 -12.41 -29.90
CA VAL C 31 -17.68 -11.92 -28.59
C VAL C 31 -16.19 -12.21 -28.49
N LEU C 32 -15.42 -11.19 -28.08
CA LEU C 32 -13.98 -11.31 -27.90
C LEU C 32 -13.63 -10.92 -26.47
N ASN C 33 -12.73 -11.68 -25.86
CA ASN C 33 -12.34 -11.49 -24.47
C ASN C 33 -10.88 -11.08 -24.39
N LEU C 34 -10.59 -10.09 -23.53
CA LEU C 34 -9.24 -9.62 -23.29
C LEU C 34 -8.94 -9.49 -21.80
N THR C 35 -9.65 -10.22 -20.96
CA THR C 35 -9.43 -10.13 -19.52
C THR C 35 -8.07 -10.71 -19.14
N HIS C 36 -7.42 -10.06 -18.18
CA HIS C 36 -6.13 -10.51 -17.63
C HIS C 36 -5.07 -10.57 -18.73
N ASN C 37 -4.80 -9.42 -19.33
CA ASN C 37 -3.77 -9.30 -20.36
C ASN C 37 -3.07 -7.97 -20.22
N GLN C 38 -1.83 -7.91 -20.69
CA GLN C 38 -0.98 -6.74 -20.58
C GLN C 38 -0.83 -6.10 -21.95
N LEU C 39 -1.47 -4.95 -22.15
CA LEU C 39 -1.45 -4.25 -23.42
C LEU C 39 -0.92 -2.84 -23.25
N ARG C 40 -0.14 -2.37 -24.24
CA ARG C 40 0.36 -1.00 -24.22
C ARG C 40 -0.77 0.01 -24.35
N ARG C 41 -1.62 -0.16 -25.37
CA ARG C 41 -2.72 0.74 -25.64
C ARG C 41 -3.62 0.14 -26.70
N LEU C 42 -4.91 0.37 -26.59
CA LEU C 42 -5.87 -0.18 -27.56
C LEU C 42 -5.71 0.52 -28.91
N PRO C 43 -5.41 -0.20 -29.98
CA PRO C 43 -5.27 0.44 -31.29
C PRO C 43 -6.63 0.74 -31.90
N PRO C 44 -6.77 1.90 -32.55
CA PRO C 44 -8.06 2.23 -33.18
C PRO C 44 -8.26 1.63 -34.55
N THR C 45 -7.21 1.15 -35.21
CA THR C 45 -7.30 0.68 -36.58
C THR C 45 -7.14 -0.83 -36.73
N ASN C 46 -6.87 -1.55 -35.65
CA ASN C 46 -6.68 -2.99 -35.73
C ASN C 46 -7.99 -3.76 -35.68
N PHE C 47 -9.12 -3.09 -35.48
CA PHE C 47 -10.42 -3.75 -35.43
C PHE C 47 -11.08 -3.84 -36.79
N THR C 48 -10.39 -3.45 -37.86
CA THR C 48 -10.97 -3.54 -39.19
C THR C 48 -11.29 -4.99 -39.56
N ARG C 49 -10.40 -5.91 -39.19
CA ARG C 49 -10.66 -7.33 -39.45
C ARG C 49 -11.86 -7.82 -38.66
N TYR C 50 -11.98 -7.39 -37.40
CA TYR C 50 -13.04 -7.84 -36.50
C TYR C 50 -14.08 -6.73 -36.40
N SER C 51 -15.02 -6.71 -37.34
CA SER C 51 -16.09 -5.71 -37.38
C SER C 51 -17.47 -6.33 -37.17
N GLN C 52 -17.54 -7.55 -36.64
CA GLN C 52 -18.79 -8.26 -36.44
C GLN C 52 -19.00 -8.67 -34.99
N LEU C 53 -18.16 -8.20 -34.07
CA LEU C 53 -18.27 -8.59 -32.66
C LEU C 53 -19.47 -7.89 -32.03
N ALA C 54 -20.39 -8.67 -31.46
CA ALA C 54 -21.52 -8.09 -30.76
C ALA C 54 -21.07 -7.31 -29.53
N ILE C 55 -20.28 -7.95 -28.67
CA ILE C 55 -19.70 -7.31 -27.50
C ILE C 55 -18.23 -7.70 -27.42
N LEU C 56 -17.47 -6.92 -26.66
CA LEU C 56 -16.05 -7.18 -26.44
C LEU C 56 -15.79 -7.18 -24.94
N ASP C 57 -15.10 -8.22 -24.46
CA ASP C 57 -14.70 -8.29 -23.06
C ASP C 57 -13.25 -7.83 -22.93
N ALA C 58 -13.04 -6.56 -23.28
CA ALA C 58 -11.73 -5.94 -23.27
C ALA C 58 -11.57 -5.20 -21.94
N GLY C 59 -11.41 -5.96 -20.86
CA GLY C 59 -11.24 -5.41 -19.54
C GLY C 59 -10.04 -6.03 -18.85
N PHE C 60 -9.80 -5.57 -17.62
CA PHE C 60 -8.63 -5.98 -16.85
C PHE C 60 -7.35 -5.76 -17.65
N ASN C 61 -7.23 -4.56 -18.22
CA ASN C 61 -6.14 -4.25 -19.14
C ASN C 61 -5.51 -2.92 -18.75
N SER C 62 -4.21 -2.81 -19.01
CA SER C 62 -3.46 -1.58 -18.70
C SER C 62 -3.50 -0.65 -19.92
N ILE C 63 -4.71 -0.14 -20.19
CA ILE C 63 -4.94 0.77 -21.30
C ILE C 63 -4.98 2.19 -20.76
N SER C 64 -4.11 3.05 -21.29
CA SER C 64 -4.04 4.43 -20.81
C SER C 64 -5.13 5.30 -21.43
N LYS C 65 -5.13 5.44 -22.74
CA LYS C 65 -6.06 6.29 -23.45
C LYS C 65 -6.98 5.47 -24.34
N LEU C 66 -8.20 5.98 -24.51
CA LEU C 66 -9.20 5.34 -25.34
C LEU C 66 -9.53 6.24 -26.54
N GLU C 67 -9.58 5.64 -27.72
CA GLU C 67 -9.91 6.37 -28.93
C GLU C 67 -11.34 6.06 -29.38
N PRO C 68 -12.05 7.05 -29.92
CA PRO C 68 -13.42 6.78 -30.39
C PRO C 68 -13.47 5.82 -31.56
N GLU C 69 -12.45 5.86 -32.43
CA GLU C 69 -12.51 5.18 -33.72
C GLU C 69 -12.81 3.69 -33.55
N LEU C 70 -12.31 3.09 -32.47
CA LEU C 70 -12.61 1.70 -32.16
C LEU C 70 -14.11 1.41 -32.30
N CYS C 71 -14.93 2.10 -31.51
CA CYS C 71 -16.35 1.79 -31.53
C CYS C 71 -17.06 2.37 -32.75
N GLN C 72 -16.31 2.91 -33.71
CA GLN C 72 -16.83 3.14 -35.05
C GLN C 72 -16.60 1.95 -35.97
N ILE C 73 -15.44 1.28 -35.85
CA ILE C 73 -15.18 0.10 -36.67
C ILE C 73 -16.07 -1.06 -36.24
N LEU C 74 -16.68 -0.97 -35.06
CA LEU C 74 -17.58 -2.00 -34.53
C LEU C 74 -18.90 -1.32 -34.17
N PRO C 75 -19.71 -0.96 -35.17
CA PRO C 75 -20.99 -0.29 -34.86
C PRO C 75 -21.92 -1.14 -34.01
N LEU C 76 -21.90 -2.46 -34.19
CA LEU C 76 -22.76 -3.35 -33.42
C LEU C 76 -22.08 -3.71 -32.09
N LEU C 77 -21.92 -2.68 -31.25
CA LEU C 77 -21.28 -2.80 -29.95
C LEU C 77 -22.33 -2.61 -28.87
N LYS C 78 -22.41 -3.58 -27.95
CA LYS C 78 -23.41 -3.56 -26.88
C LYS C 78 -22.81 -3.43 -25.50
N VAL C 79 -21.83 -4.26 -25.16
CA VAL C 79 -21.19 -4.25 -23.85
C VAL C 79 -19.78 -3.73 -24.00
N LEU C 80 -19.45 -2.69 -23.25
CA LEU C 80 -18.12 -2.07 -23.26
C LEU C 80 -17.61 -2.04 -21.82
N ASN C 81 -16.79 -3.02 -21.47
CA ASN C 81 -16.22 -3.13 -20.13
C ASN C 81 -14.82 -2.55 -20.13
N LEU C 82 -14.57 -1.58 -19.26
CA LEU C 82 -13.26 -0.95 -19.15
C LEU C 82 -12.85 -0.83 -17.69
N GLN C 83 -13.06 -1.89 -16.91
CA GLN C 83 -12.67 -1.93 -15.51
C GLN C 83 -11.20 -2.35 -15.39
N HIS C 84 -10.57 -1.90 -14.31
CA HIS C 84 -9.14 -2.12 -14.08
C HIS C 84 -8.31 -1.58 -15.24
N ASN C 85 -8.58 -0.33 -15.61
CA ASN C 85 -7.87 0.36 -16.69
C ASN C 85 -7.42 1.73 -16.19
N GLU C 86 -6.53 2.35 -16.95
CA GLU C 86 -5.97 3.64 -16.53
C GLU C 86 -6.99 4.76 -16.75
N LEU C 87 -7.32 5.05 -18.00
CA LEU C 87 -8.35 6.03 -18.38
C LEU C 87 -8.28 7.30 -17.52
N SER C 88 -7.16 8.00 -17.66
CA SER C 88 -6.93 9.19 -16.84
C SER C 88 -8.00 10.25 -17.08
N GLN C 89 -8.39 10.47 -18.33
CA GLN C 89 -9.39 11.48 -18.64
C GLN C 89 -10.14 11.06 -19.89
N ILE C 90 -11.44 11.35 -19.92
CA ILE C 90 -12.29 11.08 -21.07
C ILE C 90 -13.06 12.36 -21.41
N SER C 91 -13.50 12.45 -22.67
CA SER C 91 -14.17 13.63 -23.18
C SER C 91 -15.40 13.22 -23.97
N ASP C 92 -16.16 14.22 -24.43
CA ASP C 92 -17.40 13.94 -25.15
C ASP C 92 -17.15 13.44 -26.55
N GLN C 93 -16.03 13.83 -27.17
CA GLN C 93 -15.76 13.47 -28.56
C GLN C 93 -15.58 11.98 -28.75
N THR C 94 -15.41 11.21 -27.67
CA THR C 94 -15.35 9.77 -27.77
C THR C 94 -16.71 9.14 -28.01
N PHE C 95 -17.79 9.85 -27.73
CA PHE C 95 -19.14 9.29 -27.84
C PHE C 95 -20.08 10.18 -28.65
N VAL C 96 -19.58 10.77 -29.74
CA VAL C 96 -20.43 11.60 -30.59
C VAL C 96 -21.00 10.75 -31.73
N PHE C 97 -20.15 9.95 -32.37
CA PHE C 97 -20.56 9.02 -33.40
C PHE C 97 -20.59 7.57 -32.91
N CYS C 98 -20.76 7.37 -31.61
CA CYS C 98 -20.67 6.05 -30.97
C CYS C 98 -21.92 5.92 -30.11
N THR C 99 -23.01 5.39 -30.70
CA THR C 99 -24.33 5.48 -30.09
C THR C 99 -24.92 4.14 -29.66
N ASN C 100 -24.57 3.04 -30.34
CA ASN C 100 -25.22 1.76 -30.07
C ASN C 100 -24.83 1.13 -28.74
N LEU C 101 -24.06 1.80 -27.90
CA LEU C 101 -23.64 1.23 -26.63
C LEU C 101 -24.84 0.94 -25.74
N THR C 102 -24.85 -0.24 -25.12
CA THR C 102 -25.88 -0.63 -24.18
C THR C 102 -25.36 -0.98 -22.79
N GLU C 103 -24.06 -1.13 -22.62
CA GLU C 103 -23.49 -1.53 -21.33
C GLU C 103 -22.10 -0.91 -21.21
N LEU C 104 -21.96 0.08 -20.35
CA LEU C 104 -20.69 0.75 -20.09
C LEU C 104 -20.26 0.42 -18.66
N ASP C 105 -19.05 -0.12 -18.52
CA ASP C 105 -18.52 -0.54 -17.23
C ASP C 105 -17.22 0.20 -16.96
N LEU C 106 -17.20 1.04 -15.92
CA LEU C 106 -16.01 1.77 -15.49
C LEU C 106 -15.91 1.60 -13.98
N MET C 107 -15.23 0.53 -13.55
CA MET C 107 -15.14 0.19 -12.13
C MET C 107 -13.85 0.67 -11.49
N SER C 108 -12.77 0.81 -12.25
CA SER C 108 -11.52 1.36 -11.72
C SER C 108 -10.83 2.13 -12.85
N ASN C 109 -11.05 3.44 -12.89
CA ASN C 109 -10.43 4.28 -13.90
C ASN C 109 -9.93 5.63 -13.37
N SER C 110 -10.11 5.92 -12.08
CA SER C 110 -9.56 7.13 -11.47
C SER C 110 -9.99 8.39 -12.21
N ILE C 111 -11.26 8.43 -12.63
CA ILE C 111 -11.82 9.59 -13.31
C ILE C 111 -12.17 10.62 -12.25
N HIS C 112 -11.39 11.71 -12.19
CA HIS C 112 -11.57 12.69 -11.12
C HIS C 112 -12.72 13.64 -11.43
N LYS C 113 -12.61 14.39 -12.53
CA LYS C 113 -13.61 15.38 -12.92
C LYS C 113 -14.31 14.97 -14.21
N ILE C 114 -15.56 15.40 -14.33
CA ILE C 114 -16.37 15.18 -15.53
C ILE C 114 -16.63 16.53 -16.18
N LYS C 115 -16.33 16.64 -17.47
CA LYS C 115 -16.46 17.88 -18.21
C LYS C 115 -17.36 17.68 -19.42
N SER C 116 -18.11 18.72 -19.75
CA SER C 116 -18.99 18.75 -20.93
C SER C 116 -20.06 17.68 -20.76
N ASN C 117 -20.58 17.16 -21.88
CA ASN C 117 -21.68 16.20 -21.87
C ASN C 117 -21.27 14.98 -22.69
N PRO C 118 -20.58 14.02 -22.07
CA PRO C 118 -20.10 12.85 -22.84
C PRO C 118 -21.20 11.91 -23.31
N PHE C 119 -22.43 12.04 -22.81
CA PHE C 119 -23.47 11.07 -23.10
C PHE C 119 -24.65 11.68 -23.85
N LYS C 120 -24.37 12.51 -24.85
CA LYS C 120 -25.43 13.07 -25.69
C LYS C 120 -25.86 12.14 -26.82
N ASN C 121 -25.19 11.01 -27.01
CA ASN C 121 -25.50 10.13 -28.13
C ASN C 121 -25.84 8.71 -27.73
N GLN C 122 -25.38 8.24 -26.56
CA GLN C 122 -25.75 6.91 -26.08
C GLN C 122 -27.23 6.91 -25.71
N LYS C 123 -28.04 6.24 -26.52
CA LYS C 123 -29.49 6.20 -26.31
C LYS C 123 -30.00 4.83 -25.90
N ASN C 124 -29.15 3.80 -25.90
CA ASN C 124 -29.58 2.44 -25.58
C ASN C 124 -28.88 1.88 -24.35
N LEU C 125 -28.07 2.67 -23.66
CA LEU C 125 -27.38 2.19 -22.47
C LEU C 125 -28.38 1.96 -21.34
N ILE C 126 -28.15 0.92 -20.54
CA ILE C 126 -29.01 0.55 -19.43
C ILE C 126 -28.29 0.68 -18.10
N LYS C 127 -27.16 0.00 -17.95
CA LYS C 127 -26.38 0.02 -16.73
C LYS C 127 -25.15 0.90 -16.95
N LEU C 128 -24.98 1.90 -16.09
CA LEU C 128 -23.82 2.80 -16.13
C LEU C 128 -23.05 2.62 -14.82
N ASP C 129 -21.94 1.89 -14.89
CA ASP C 129 -21.09 1.64 -13.73
C ASP C 129 -19.93 2.61 -13.74
N LEU C 130 -19.99 3.62 -12.87
CA LEU C 130 -18.93 4.62 -12.72
C LEU C 130 -18.61 4.70 -11.23
N SER C 131 -17.72 3.83 -10.77
CA SER C 131 -17.42 3.70 -9.35
C SER C 131 -15.92 3.60 -9.15
N HIS C 132 -15.50 3.87 -7.91
CA HIS C 132 -14.10 3.74 -7.49
C HIS C 132 -13.15 4.53 -8.39
N ASN C 133 -13.54 5.74 -8.76
CA ASN C 133 -12.75 6.58 -9.64
C ASN C 133 -12.37 7.92 -9.01
N GLY C 134 -12.66 8.12 -7.72
CA GLY C 134 -12.35 9.38 -7.09
C GLY C 134 -13.27 10.52 -7.49
N LEU C 135 -14.46 10.22 -7.98
CA LEU C 135 -15.40 11.24 -8.38
C LEU C 135 -15.89 12.01 -7.16
N SER C 136 -16.02 13.34 -7.32
CA SER C 136 -16.40 14.21 -6.21
C SER C 136 -17.76 14.87 -6.38
N SER C 137 -18.19 15.14 -7.61
CA SER C 137 -19.46 15.81 -7.88
C SER C 137 -20.31 14.94 -8.78
N THR C 138 -21.54 14.65 -8.32
CA THR C 138 -22.44 13.74 -9.01
C THR C 138 -22.97 14.31 -10.32
N LYS C 139 -22.54 15.50 -10.72
CA LYS C 139 -22.99 16.07 -11.98
C LYS C 139 -22.32 15.38 -13.15
N LEU C 140 -23.13 14.89 -14.10
CA LEU C 140 -22.63 14.26 -15.30
C LEU C 140 -22.99 15.02 -16.57
N GLY C 141 -23.69 16.14 -16.45
CA GLY C 141 -24.09 16.91 -17.61
C GLY C 141 -24.96 18.08 -17.20
N THR C 142 -25.26 18.91 -18.19
CA THR C 142 -26.10 20.09 -17.99
C THR C 142 -27.49 19.93 -18.57
N GLY C 143 -27.61 19.46 -19.81
CA GLY C 143 -28.91 19.24 -20.43
C GLY C 143 -29.54 17.93 -20.01
N VAL C 144 -30.76 17.71 -20.50
CA VAL C 144 -31.51 16.51 -20.18
C VAL C 144 -30.99 15.37 -21.08
N GLN C 145 -30.51 14.30 -20.45
CA GLN C 145 -29.98 13.15 -21.17
C GLN C 145 -30.39 11.88 -20.43
N LEU C 146 -29.91 10.75 -20.94
CA LEU C 146 -30.17 9.44 -20.33
C LEU C 146 -31.67 9.18 -20.22
N GLU C 147 -32.32 9.11 -21.40
CA GLU C 147 -33.77 8.94 -21.44
C GLU C 147 -34.19 7.63 -20.79
N ASN C 148 -33.48 6.54 -21.10
CA ASN C 148 -33.77 5.22 -20.55
C ASN C 148 -32.52 4.70 -19.87
N LEU C 149 -32.34 5.08 -18.60
CA LEU C 149 -31.23 4.61 -17.77
C LEU C 149 -31.81 3.92 -16.55
N GLN C 150 -31.51 2.63 -16.40
CA GLN C 150 -32.08 1.84 -15.32
C GLN C 150 -31.12 1.65 -14.15
N GLU C 151 -29.82 1.63 -14.39
CA GLU C 151 -28.82 1.45 -13.34
C GLU C 151 -27.75 2.52 -13.46
N LEU C 152 -27.45 3.17 -12.34
CA LEU C 152 -26.39 4.17 -12.26
C LEU C 152 -25.58 3.87 -11.00
N LEU C 153 -24.37 3.36 -11.17
CA LEU C 153 -23.52 2.96 -10.06
C LEU C 153 -22.47 4.03 -9.80
N LEU C 154 -22.39 4.48 -8.55
CA LEU C 154 -21.41 5.51 -8.13
C LEU C 154 -20.96 5.13 -6.73
N ALA C 155 -19.85 4.40 -6.65
CA ALA C 155 -19.37 3.83 -5.39
C ALA C 155 -17.87 4.07 -5.24
N LYS C 156 -17.42 4.00 -3.98
CA LYS C 156 -16.00 4.10 -3.63
C LYS C 156 -15.39 5.41 -4.15
N ASN C 157 -16.15 6.49 -4.06
CA ASN C 157 -15.72 7.81 -4.48
C ASN C 157 -15.83 8.78 -3.30
N LYS C 158 -15.57 10.06 -3.57
CA LYS C 158 -15.50 11.05 -2.50
C LYS C 158 -16.51 12.17 -2.68
N ILE C 159 -17.76 11.82 -3.00
CA ILE C 159 -18.82 12.83 -3.08
C ILE C 159 -19.15 13.33 -1.68
N LEU C 160 -19.14 14.65 -1.52
CA LEU C 160 -19.44 15.25 -0.22
C LEU C 160 -20.93 15.41 0.02
N ALA C 161 -21.69 15.83 -1.00
CA ALA C 161 -23.10 16.08 -0.83
C ALA C 161 -23.80 15.98 -2.18
N LEU C 162 -25.13 15.88 -2.12
CA LEU C 162 -25.97 15.86 -3.30
C LEU C 162 -26.77 17.15 -3.38
N ARG C 163 -26.87 17.71 -4.58
CA ARG C 163 -27.55 18.98 -4.80
C ARG C 163 -28.61 18.81 -5.88
N SER C 164 -29.62 19.68 -5.83
CA SER C 164 -30.72 19.61 -6.80
C SER C 164 -30.27 20.02 -8.20
N GLU C 165 -29.17 20.75 -8.33
CA GLU C 165 -28.70 21.21 -9.62
C GLU C 165 -27.78 20.23 -10.33
N GLU C 166 -27.08 19.37 -9.58
CA GLU C 166 -26.20 18.39 -10.18
C GLU C 166 -26.91 17.10 -10.57
N LEU C 167 -28.17 16.94 -10.21
CA LEU C 167 -28.97 15.78 -10.57
C LEU C 167 -30.13 16.11 -11.49
N GLU C 168 -30.32 17.39 -11.84
CA GLU C 168 -31.43 17.78 -12.69
C GLU C 168 -31.25 17.35 -14.14
N PHE C 169 -30.06 16.89 -14.52
CA PHE C 169 -29.83 16.44 -15.89
C PHE C 169 -30.57 15.16 -16.23
N LEU C 170 -31.12 14.46 -15.23
CA LEU C 170 -31.97 13.29 -15.46
C LEU C 170 -33.42 13.77 -15.50
N GLY C 171 -33.91 14.02 -16.71
CA GLY C 171 -35.27 14.52 -16.88
C GLY C 171 -36.33 13.45 -16.78
N ASN C 172 -36.24 12.43 -17.64
CA ASN C 172 -37.22 11.36 -17.68
C ASN C 172 -36.59 9.99 -17.43
N SER C 173 -35.43 9.95 -16.78
CA SER C 173 -34.76 8.69 -16.51
C SER C 173 -35.52 7.90 -15.45
N SER C 174 -35.63 6.59 -15.68
CA SER C 174 -36.31 5.67 -14.76
C SER C 174 -35.26 4.69 -14.23
N LEU C 175 -34.66 5.03 -13.10
CA LEU C 175 -33.56 4.23 -12.54
C LEU C 175 -34.14 3.08 -11.72
N ARG C 176 -33.95 1.85 -12.22
CA ARG C 176 -34.35 0.68 -11.44
C ARG C 176 -33.47 0.52 -10.21
N LYS C 177 -32.17 0.76 -10.33
CA LYS C 177 -31.23 0.56 -9.25
C LYS C 177 -30.24 1.72 -9.23
N LEU C 178 -30.17 2.43 -8.11
CA LEU C 178 -29.24 3.53 -7.93
C LEU C 178 -28.26 3.16 -6.82
N ASP C 179 -26.97 3.28 -7.11
CA ASP C 179 -25.92 2.91 -6.17
C ASP C 179 -25.15 4.15 -5.74
N LEU C 180 -25.06 4.35 -4.42
CA LEU C 180 -24.29 5.45 -3.85
C LEU C 180 -23.49 4.95 -2.64
N SER C 181 -22.97 3.74 -2.73
CA SER C 181 -22.25 3.13 -1.61
C SER C 181 -20.87 3.76 -1.46
N SER C 182 -20.34 3.68 -0.24
CA SER C 182 -18.98 4.11 0.08
C SER C 182 -18.73 5.57 -0.27
N ASN C 183 -19.77 6.40 -0.17
CA ASN C 183 -19.65 7.81 -0.46
C ASN C 183 -19.80 8.62 0.82
N PRO C 184 -18.79 9.36 1.25
CA PRO C 184 -18.89 10.12 2.50
C PRO C 184 -19.83 11.31 2.40
N LEU C 185 -21.14 11.03 2.35
CA LEU C 185 -22.14 12.08 2.26
C LEU C 185 -22.36 12.70 3.63
N LYS C 186 -22.31 14.04 3.69
CA LYS C 186 -22.48 14.76 4.94
C LYS C 186 -23.75 15.59 4.99
N GLU C 187 -24.33 15.94 3.85
CA GLU C 187 -25.56 16.73 3.83
C GLU C 187 -26.27 16.48 2.51
N PHE C 188 -27.56 16.81 2.49
CA PHE C 188 -28.40 16.65 1.31
C PHE C 188 -29.14 17.94 1.05
N SER C 189 -28.93 18.53 -0.12
CA SER C 189 -29.62 19.75 -0.49
C SER C 189 -31.10 19.47 -0.69
N PRO C 190 -31.98 20.41 -0.32
CA PRO C 190 -33.42 20.20 -0.53
C PRO C 190 -33.76 20.04 -2.00
N GLY C 191 -34.72 19.16 -2.28
CA GLY C 191 -35.14 18.93 -3.65
C GLY C 191 -34.16 18.17 -4.50
N CYS C 192 -33.22 17.44 -3.89
CA CYS C 192 -32.23 16.70 -4.66
C CYS C 192 -32.76 15.39 -5.22
N PHE C 193 -33.91 14.91 -4.73
CA PHE C 193 -34.50 13.67 -5.22
C PHE C 193 -35.71 13.88 -6.12
N GLN C 194 -36.39 15.03 -6.03
CA GLN C 194 -37.55 15.27 -6.87
C GLN C 194 -37.17 15.56 -8.32
N THR C 195 -35.92 15.96 -8.57
CA THR C 195 -35.48 16.22 -9.94
C THR C 195 -35.36 14.94 -10.75
N ILE C 196 -35.19 13.80 -10.11
CA ILE C 196 -35.11 12.52 -10.81
C ILE C 196 -36.52 12.08 -11.21
N GLY C 197 -36.65 11.55 -12.41
CA GLY C 197 -37.94 11.13 -12.93
C GLY C 197 -38.59 10.03 -12.10
N LYS C 198 -38.01 8.83 -12.13
CA LYS C 198 -38.56 7.70 -11.38
C LYS C 198 -37.40 6.89 -10.83
N LEU C 199 -37.19 6.97 -9.52
CA LEU C 199 -36.17 6.19 -8.83
C LEU C 199 -36.86 5.15 -7.95
N PHE C 200 -36.29 3.94 -7.92
CA PHE C 200 -36.90 2.83 -7.20
C PHE C 200 -36.04 2.29 -6.06
N ALA C 201 -34.73 2.11 -6.28
CA ALA C 201 -33.85 1.53 -5.28
C ALA C 201 -32.67 2.44 -5.04
N LEU C 202 -32.13 2.39 -3.82
CA LEU C 202 -30.99 3.20 -3.42
C LEU C 202 -30.12 2.41 -2.47
N LEU C 203 -28.80 2.58 -2.59
CA LEU C 203 -27.83 1.92 -1.73
C LEU C 203 -26.93 2.98 -1.11
N LEU C 204 -26.76 2.91 0.21
CA LEU C 204 -25.95 3.86 0.96
C LEU C 204 -25.03 3.12 1.93
N ASN C 205 -24.40 2.06 1.44
CA ASN C 205 -23.46 1.29 2.27
C ASN C 205 -22.16 2.05 2.43
N ASN C 206 -21.59 1.99 3.64
CA ASN C 206 -20.33 2.65 3.97
C ASN C 206 -20.39 4.16 3.71
N ALA C 207 -21.56 4.77 3.91
CA ALA C 207 -21.74 6.19 3.65
C ALA C 207 -21.79 7.03 4.91
N GLN C 208 -21.71 6.40 6.09
CA GLN C 208 -21.62 7.10 7.38
C GLN C 208 -22.81 8.05 7.59
N LEU C 209 -24.00 7.45 7.68
CA LEU C 209 -25.22 8.21 7.92
C LEU C 209 -25.40 8.45 9.41
N ASN C 210 -25.50 9.71 9.80
CA ASN C 210 -25.85 10.09 11.16
C ASN C 210 -27.36 9.96 11.36
N PRO C 211 -27.81 9.63 12.57
CA PRO C 211 -29.26 9.54 12.80
C PRO C 211 -30.01 10.81 12.44
N HIS C 212 -29.47 11.98 12.76
CA HIS C 212 -30.06 13.22 12.28
C HIS C 212 -29.95 13.34 10.77
N LEU C 213 -28.79 12.95 10.22
CA LEU C 213 -28.64 12.92 8.77
C LEU C 213 -29.59 11.91 8.14
N THR C 214 -29.79 10.76 8.80
CA THR C 214 -30.74 9.79 8.29
C THR C 214 -32.16 10.34 8.28
N GLU C 215 -32.55 11.03 9.34
CA GLU C 215 -33.88 11.64 9.39
C GLU C 215 -34.05 12.69 8.30
N LYS C 216 -33.03 13.53 8.11
CA LYS C 216 -33.10 14.54 7.06
C LYS C 216 -33.19 13.89 5.68
N LEU C 217 -32.46 12.80 5.47
CA LEU C 217 -32.56 12.05 4.22
C LEU C 217 -33.96 11.48 4.03
N CYS C 218 -34.57 10.97 5.11
CA CYS C 218 -35.93 10.46 5.01
C CYS C 218 -36.91 11.57 4.62
N TRP C 219 -36.73 12.76 5.20
CA TRP C 219 -37.56 13.90 4.78
C TRP C 219 -37.33 14.24 3.32
N GLU C 220 -36.08 14.20 2.86
CA GLU C 220 -35.79 14.52 1.46
C GLU C 220 -36.34 13.46 0.51
N LEU C 221 -36.51 12.23 0.98
CA LEU C 221 -36.97 11.13 0.14
C LEU C 221 -38.48 11.09 -0.03
N SER C 222 -39.21 12.00 0.61
CA SER C 222 -40.66 12.05 0.42
C SER C 222 -40.99 12.43 -1.01
N ASN C 223 -42.21 12.06 -1.43
CA ASN C 223 -42.79 12.26 -2.76
C ASN C 223 -42.20 11.32 -3.79
N THR C 224 -41.19 10.53 -3.44
CA THR C 224 -40.52 9.68 -4.40
C THR C 224 -41.19 8.30 -4.49
N SER C 225 -40.91 7.60 -5.58
CA SER C 225 -41.42 6.26 -5.80
C SER C 225 -40.45 5.18 -5.33
N ILE C 226 -39.64 5.48 -4.32
CA ILE C 226 -38.67 4.50 -3.83
C ILE C 226 -39.40 3.32 -3.21
N GLN C 227 -38.95 2.12 -3.54
CA GLN C 227 -39.52 0.89 -2.99
C GLN C 227 -38.53 0.07 -2.19
N ASN C 228 -37.26 0.03 -2.62
CA ASN C 228 -36.22 -0.73 -1.93
C ASN C 228 -35.18 0.26 -1.40
N LEU C 229 -35.03 0.31 -0.09
CA LEU C 229 -34.08 1.18 0.58
C LEU C 229 -33.16 0.35 1.46
N SER C 230 -31.85 0.57 1.33
CA SER C 230 -30.86 -0.16 2.10
C SER C 230 -29.97 0.83 2.84
N LEU C 231 -29.81 0.59 4.15
CA LEU C 231 -28.94 1.40 4.99
C LEU C 231 -28.04 0.45 5.77
N ALA C 232 -26.82 0.24 5.29
CA ALA C 232 -25.88 -0.69 5.90
C ALA C 232 -24.57 0.00 6.17
N ASN C 233 -23.85 -0.49 7.19
CA ASN C 233 -22.54 0.02 7.57
C ASN C 233 -22.60 1.52 7.88
N ASN C 234 -23.39 1.85 8.90
CA ASN C 234 -23.54 3.23 9.33
C ASN C 234 -23.48 3.33 10.85
N GLN C 235 -23.75 4.52 11.39
CA GLN C 235 -23.69 4.77 12.82
C GLN C 235 -25.09 4.98 13.41
N LEU C 236 -26.06 4.20 12.94
CA LEU C 236 -27.44 4.29 13.43
C LEU C 236 -27.55 3.53 14.75
N LEU C 237 -26.91 4.10 15.78
CA LEU C 237 -26.89 3.47 17.10
C LEU C 237 -28.26 3.50 17.76
N ALA C 238 -29.15 4.40 17.36
CA ALA C 238 -30.47 4.48 17.95
C ALA C 238 -31.45 5.00 16.91
N THR C 239 -32.73 4.69 17.13
CA THR C 239 -33.81 5.13 16.25
C THR C 239 -34.94 5.70 17.09
N SER C 240 -35.46 6.84 16.67
CA SER C 240 -36.54 7.53 17.36
C SER C 240 -37.84 7.38 16.58
N GLU C 241 -38.92 7.91 17.15
CA GLU C 241 -40.23 7.83 16.50
C GLU C 241 -40.26 8.61 15.20
N SER C 242 -39.63 9.78 15.17
CA SER C 242 -39.63 10.65 14.01
C SER C 242 -38.44 10.42 13.09
N THR C 243 -37.60 9.43 13.38
CA THR C 243 -36.43 9.18 12.55
C THR C 243 -36.83 8.80 11.12
N PHE C 244 -37.81 7.92 10.98
CA PHE C 244 -38.26 7.45 9.67
C PHE C 244 -39.58 8.09 9.24
N SER C 245 -40.06 9.10 9.97
CA SER C 245 -41.33 9.73 9.63
C SER C 245 -41.31 10.33 8.23
N GLY C 246 -40.14 10.80 7.78
CA GLY C 246 -40.02 11.34 6.44
C GLY C 246 -40.33 10.34 5.35
N LEU C 247 -40.29 9.05 5.66
CA LEU C 247 -40.64 8.01 4.70
C LEU C 247 -42.11 7.65 4.73
N LYS C 248 -42.92 8.34 5.54
CA LYS C 248 -44.35 8.04 5.61
C LYS C 248 -45.07 8.36 4.30
N TRP C 249 -44.49 9.21 3.46
CA TRP C 249 -45.08 9.57 2.18
C TRP C 249 -44.57 8.69 1.03
N THR C 250 -43.72 7.73 1.31
CA THR C 250 -43.18 6.83 0.30
C THR C 250 -43.87 5.48 0.38
N ASN C 251 -43.72 4.70 -0.69
CA ASN C 251 -44.29 3.35 -0.79
C ASN C 251 -43.12 2.38 -0.92
N LEU C 252 -42.59 1.96 0.23
CA LEU C 252 -41.41 1.11 0.28
C LEU C 252 -41.80 -0.36 0.35
N THR C 253 -40.88 -1.21 -0.08
CA THR C 253 -41.05 -2.66 -0.04
C THR C 253 -40.04 -3.34 0.87
N GLN C 254 -38.76 -2.98 0.77
CA GLN C 254 -37.71 -3.56 1.59
C GLN C 254 -36.95 -2.46 2.32
N LEU C 255 -36.63 -2.72 3.59
CA LEU C 255 -35.81 -1.82 4.39
C LEU C 255 -34.70 -2.63 5.04
N ASP C 256 -33.48 -2.15 4.93
CA ASP C 256 -32.30 -2.85 5.44
C ASP C 256 -31.60 -1.98 6.47
N LEU C 257 -31.25 -2.60 7.61
CA LEU C 257 -30.53 -1.92 8.67
C LEU C 257 -29.40 -2.79 9.21
N SER C 258 -28.77 -3.57 8.33
CA SER C 258 -27.72 -4.50 8.75
C SER C 258 -26.41 -3.76 9.02
N TYR C 259 -25.64 -4.30 9.97
CA TYR C 259 -24.31 -3.78 10.30
C TYR C 259 -24.36 -2.30 10.66
N ASN C 260 -25.40 -1.91 11.40
CA ASN C 260 -25.57 -0.52 11.82
C ASN C 260 -25.66 -0.40 13.33
N ASN C 261 -25.09 -1.36 14.05
CA ASN C 261 -24.89 -1.40 15.50
C ASN C 261 -26.04 -0.75 16.27
N LEU C 262 -27.26 -1.05 15.86
CA LEU C 262 -28.44 -0.46 16.51
C LEU C 262 -28.58 -1.00 17.92
N HIS C 263 -28.52 -0.11 18.91
CA HIS C 263 -28.58 -0.48 20.31
C HIS C 263 -29.97 -0.34 20.91
N ASP C 264 -30.71 0.70 20.54
CA ASP C 264 -32.03 0.97 21.09
C ASP C 264 -33.03 1.14 19.97
N VAL C 265 -34.23 0.58 20.15
CA VAL C 265 -35.32 0.71 19.21
C VAL C 265 -36.42 1.51 19.92
N GLY C 266 -36.65 2.73 19.46
CA GLY C 266 -37.64 3.58 20.08
C GLY C 266 -39.06 3.12 19.79
N ASN C 267 -39.98 3.58 20.64
CA ASN C 267 -41.39 3.24 20.47
C ASN C 267 -41.93 3.89 19.20
N GLY C 268 -42.64 3.10 18.41
CA GLY C 268 -43.16 3.60 17.14
C GLY C 268 -42.08 3.97 16.14
N SER C 269 -40.97 3.24 16.14
CA SER C 269 -39.89 3.55 15.21
C SER C 269 -40.31 3.34 13.76
N PHE C 270 -41.03 2.26 13.49
CA PHE C 270 -41.51 1.94 12.14
C PHE C 270 -43.02 2.08 12.02
N SER C 271 -43.65 2.85 12.91
CA SER C 271 -45.10 3.02 12.86
C SER C 271 -45.55 3.77 11.61
N TYR C 272 -44.67 4.54 10.98
CA TYR C 272 -44.99 5.27 9.77
C TYR C 272 -44.67 4.47 8.50
N LEU C 273 -44.65 3.15 8.60
CA LEU C 273 -44.33 2.27 7.46
C LEU C 273 -45.43 1.24 7.31
N PRO C 274 -46.57 1.62 6.72
CA PRO C 274 -47.68 0.68 6.53
C PRO C 274 -47.61 -0.15 5.26
N SER C 275 -46.50 -0.12 4.52
CA SER C 275 -46.39 -0.85 3.27
C SER C 275 -45.16 -1.73 3.18
N LEU C 276 -44.30 -1.74 4.20
CA LEU C 276 -43.12 -2.58 4.17
C LEU C 276 -43.49 -4.06 4.26
N ARG C 277 -42.82 -4.89 3.45
CA ARG C 277 -43.05 -6.32 3.44
C ARG C 277 -41.83 -7.14 3.83
N TYR C 278 -40.62 -6.60 3.69
CA TYR C 278 -39.39 -7.29 4.07
C TYR C 278 -38.55 -6.35 4.91
N LEU C 279 -38.00 -6.86 6.01
CA LEU C 279 -37.22 -6.06 6.93
C LEU C 279 -36.06 -6.89 7.47
N SER C 280 -34.90 -6.26 7.62
CA SER C 280 -33.70 -6.93 8.10
C SER C 280 -33.03 -6.09 9.18
N LEU C 281 -32.63 -6.74 10.26
CA LEU C 281 -31.89 -6.13 11.36
C LEU C 281 -30.66 -6.97 11.72
N GLU C 282 -29.95 -7.44 10.71
CA GLU C 282 -28.83 -8.33 10.92
C GLU C 282 -27.65 -7.60 11.56
N TYR C 283 -26.95 -8.29 12.46
CA TYR C 283 -25.71 -7.80 13.06
C TYR C 283 -25.91 -6.47 13.77
N ASN C 284 -26.75 -6.49 14.79
CA ASN C 284 -27.03 -5.32 15.61
C ASN C 284 -26.99 -5.68 17.08
N ASN C 285 -26.52 -4.75 17.89
CA ASN C 285 -26.41 -4.94 19.34
C ASN C 285 -27.65 -4.38 20.05
N ILE C 286 -28.81 -4.89 19.63
CA ILE C 286 -30.07 -4.42 20.19
C ILE C 286 -30.20 -4.87 21.64
N GLN C 287 -30.43 -3.92 22.53
CA GLN C 287 -30.57 -4.25 23.95
C GLN C 287 -31.85 -5.03 24.22
N ARG C 288 -32.98 -4.56 23.69
CA ARG C 288 -34.27 -5.21 23.89
C ARG C 288 -35.24 -4.70 22.84
N LEU C 289 -36.36 -5.41 22.70
CA LEU C 289 -37.40 -5.05 21.75
C LEU C 289 -38.71 -4.86 22.51
N SER C 290 -39.18 -3.62 22.57
CA SER C 290 -40.45 -3.32 23.22
C SER C 290 -41.61 -3.85 22.37
N PRO C 291 -42.74 -4.16 23.01
CA PRO C 291 -43.91 -4.59 22.23
C PRO C 291 -44.38 -3.55 21.22
N ARG C 292 -44.22 -2.26 21.52
CA ARG C 292 -44.63 -1.21 20.60
C ARG C 292 -43.55 -0.88 19.56
N SER C 293 -42.38 -1.52 19.64
CA SER C 293 -41.33 -1.26 18.66
C SER C 293 -41.77 -1.66 17.26
N PHE C 294 -42.49 -2.78 17.13
CA PHE C 294 -42.99 -3.25 15.86
C PHE C 294 -44.41 -2.77 15.56
N TYR C 295 -44.95 -1.90 16.40
CA TYR C 295 -46.30 -1.37 16.18
C TYR C 295 -46.37 -0.60 14.88
N GLY C 296 -47.43 -0.85 14.10
CA GLY C 296 -47.62 -0.23 12.81
C GLY C 296 -47.15 -1.07 11.64
N LEU C 297 -46.34 -2.09 11.89
CA LEU C 297 -45.86 -2.99 10.83
C LEU C 297 -46.86 -4.12 10.66
N SER C 298 -47.98 -3.81 10.04
CA SER C 298 -49.05 -4.77 9.83
C SER C 298 -48.98 -5.45 8.47
N ASN C 299 -47.94 -5.19 7.68
CA ASN C 299 -47.83 -5.77 6.34
C ASN C 299 -46.49 -6.45 6.09
N LEU C 300 -45.64 -6.57 7.12
CA LEU C 300 -44.36 -7.25 6.95
C LEU C 300 -44.57 -8.74 6.73
N ARG C 301 -43.72 -9.33 5.88
CA ARG C 301 -43.78 -10.75 5.58
C ARG C 301 -42.46 -11.48 5.76
N TYR C 302 -41.36 -10.77 6.01
CA TYR C 302 -40.07 -11.41 6.22
C TYR C 302 -39.23 -10.54 7.13
N LEU C 303 -38.88 -11.07 8.31
CA LEU C 303 -38.07 -10.35 9.28
C LEU C 303 -36.86 -11.20 9.64
N SER C 304 -35.68 -10.58 9.61
CA SER C 304 -34.43 -11.25 9.93
C SER C 304 -33.82 -10.59 11.15
N LEU C 305 -33.50 -11.40 12.17
CA LEU C 305 -32.90 -10.93 13.41
C LEU C 305 -31.61 -11.67 13.70
N LYS C 306 -30.84 -11.97 12.65
CA LYS C 306 -29.57 -12.67 12.83
C LYS C 306 -28.56 -11.76 13.51
N ARG C 307 -28.05 -12.21 14.66
CA ARG C 307 -27.11 -11.42 15.47
C ARG C 307 -27.69 -10.05 15.80
N ALA C 308 -28.97 -10.02 16.13
CA ALA C 308 -29.68 -8.79 16.47
C ALA C 308 -29.84 -8.61 17.97
N PHE C 309 -28.85 -9.05 18.75
CA PHE C 309 -28.93 -8.98 20.20
C PHE C 309 -27.54 -8.71 20.76
N THR C 310 -27.51 -8.12 21.96
CA THR C 310 -26.25 -7.82 22.62
C THR C 310 -25.62 -9.11 23.14
N LYS C 311 -24.58 -8.98 23.98
CA LYS C 311 -23.95 -10.19 24.59
C LYS C 311 -25.04 -11.22 24.93
N SER C 318 -26.02 -9.61 32.55
CA SER C 318 -26.46 -8.64 31.55
C SER C 318 -26.68 -9.32 30.20
N HIS C 319 -27.90 -9.82 30.00
CA HIS C 319 -28.26 -10.49 28.75
C HIS C 319 -29.53 -9.89 28.18
N PRO C 320 -29.64 -9.78 26.86
CA PRO C 320 -30.86 -9.23 26.26
C PRO C 320 -32.03 -10.18 26.42
N ASN C 321 -33.23 -9.59 26.40
CA ASN C 321 -34.46 -10.37 26.54
C ASN C 321 -35.56 -9.69 25.73
N ILE C 322 -36.59 -10.46 25.40
CA ILE C 322 -37.73 -9.99 24.64
C ILE C 322 -38.98 -10.07 25.51
N ASP C 323 -39.77 -9.01 25.51
CA ASP C 323 -40.98 -8.97 26.30
C ASP C 323 -42.12 -9.67 25.56
N ASP C 324 -43.17 -10.01 26.31
CA ASP C 324 -44.32 -10.68 25.72
C ASP C 324 -45.08 -9.75 24.79
N PHE C 325 -45.83 -10.36 23.87
CA PHE C 325 -46.64 -9.63 22.89
C PHE C 325 -45.80 -8.68 22.03
N SER C 326 -44.57 -9.09 21.73
CA SER C 326 -43.68 -8.29 20.90
C SER C 326 -43.86 -8.53 19.41
N PHE C 327 -44.65 -9.54 19.03
CA PHE C 327 -44.87 -9.87 17.62
C PHE C 327 -46.36 -9.90 17.27
N GLN C 328 -47.21 -9.30 18.11
CA GLN C 328 -48.64 -9.28 17.83
C GLN C 328 -48.97 -8.45 16.60
N TRP C 329 -48.26 -7.34 16.38
CA TRP C 329 -48.52 -6.50 15.22
C TRP C 329 -48.13 -7.17 13.92
N LEU C 330 -47.25 -8.17 13.96
CA LEU C 330 -46.79 -8.86 12.76
C LEU C 330 -47.71 -10.03 12.42
N LYS C 331 -48.96 -9.69 12.13
CA LYS C 331 -49.96 -10.70 11.81
C LYS C 331 -49.82 -11.26 10.41
N TYR C 332 -49.08 -10.57 9.53
CA TYR C 332 -48.89 -11.02 8.15
C TYR C 332 -47.49 -11.59 7.92
N LEU C 333 -46.69 -11.75 8.96
CA LEU C 333 -45.34 -12.27 8.81
C LEU C 333 -45.38 -13.78 8.60
N GLU C 334 -44.54 -14.27 7.69
CA GLU C 334 -44.45 -15.70 7.41
C GLU C 334 -43.03 -16.25 7.45
N TYR C 335 -42.01 -15.40 7.59
CA TYR C 335 -40.63 -15.86 7.64
C TYR C 335 -39.91 -15.04 8.71
N LEU C 336 -39.65 -15.66 9.86
CA LEU C 336 -38.94 -15.04 10.96
C LEU C 336 -37.63 -15.80 11.19
N ASN C 337 -36.53 -15.06 11.23
CA ASN C 337 -35.20 -15.63 11.42
C ASN C 337 -34.55 -14.96 12.61
N MET C 338 -34.08 -15.77 13.56
CA MET C 338 -33.41 -15.28 14.76
C MET C 338 -32.18 -16.13 15.07
N ASP C 339 -31.40 -16.44 14.03
CA ASP C 339 -30.21 -17.26 14.22
C ASP C 339 -29.08 -16.46 14.87
N ASP C 340 -28.23 -17.19 15.61
CA ASP C 340 -27.03 -16.63 16.23
C ASP C 340 -27.37 -15.45 17.15
N ASN C 341 -28.13 -15.76 18.20
CA ASN C 341 -28.54 -14.77 19.18
C ASN C 341 -28.32 -15.33 20.58
N ASN C 342 -28.66 -14.54 21.60
CA ASN C 342 -28.39 -14.89 22.99
C ASN C 342 -29.60 -14.65 23.87
N ILE C 343 -30.78 -15.09 23.42
CA ILE C 343 -31.96 -15.04 24.29
C ILE C 343 -31.86 -16.15 25.32
N PRO C 344 -32.03 -15.87 26.62
CA PRO C 344 -31.93 -16.92 27.64
C PRO C 344 -32.92 -18.05 27.42
N SER C 345 -34.20 -17.72 27.38
CA SER C 345 -35.25 -18.71 27.19
C SER C 345 -36.50 -18.01 26.68
N THR C 346 -37.53 -18.80 26.39
CA THR C 346 -38.80 -18.28 25.90
C THR C 346 -39.78 -18.11 27.06
N LYS C 347 -40.85 -17.37 26.79
CA LYS C 347 -41.91 -17.10 27.75
C LYS C 347 -43.24 -17.60 27.19
N SER C 348 -44.31 -17.35 27.93
CA SER C 348 -45.63 -17.88 27.56
C SER C 348 -46.26 -17.11 26.40
N ASN C 349 -45.84 -15.88 26.14
CA ASN C 349 -46.49 -15.05 25.12
C ASN C 349 -45.46 -14.33 24.27
N THR C 350 -44.41 -15.03 23.84
CA THR C 350 -43.40 -14.42 22.97
C THR C 350 -43.87 -14.37 21.53
N PHE C 351 -44.23 -15.53 20.97
CA PHE C 351 -44.65 -15.64 19.58
C PHE C 351 -46.15 -15.44 19.41
N THR C 352 -46.87 -15.13 20.48
CA THR C 352 -48.31 -14.89 20.39
C THR C 352 -48.59 -13.69 19.49
N GLY C 353 -49.52 -13.86 18.55
CA GLY C 353 -49.90 -12.84 17.60
C GLY C 353 -49.60 -13.20 16.15
N LEU C 354 -48.55 -13.98 15.93
CA LEU C 354 -48.18 -14.43 14.58
C LEU C 354 -49.19 -15.48 14.12
N VAL C 355 -50.10 -15.08 13.24
CA VAL C 355 -51.13 -15.99 12.74
C VAL C 355 -50.85 -16.48 11.32
N SER C 356 -49.68 -16.14 10.77
CA SER C 356 -49.33 -16.57 9.42
C SER C 356 -47.90 -17.09 9.33
N LEU C 357 -47.22 -17.25 10.46
CA LEU C 357 -45.83 -17.72 10.45
C LEU C 357 -45.78 -19.15 9.95
N LYS C 358 -44.89 -19.43 9.00
CA LYS C 358 -44.74 -20.77 8.46
C LYS C 358 -43.29 -21.24 8.47
N TYR C 359 -42.35 -20.30 8.39
CA TYR C 359 -40.92 -20.62 8.41
C TYR C 359 -40.28 -19.86 9.57
N LEU C 360 -39.85 -20.59 10.58
CA LEU C 360 -39.22 -20.01 11.76
C LEU C 360 -37.88 -20.69 11.99
N SER C 361 -36.83 -19.89 12.18
CA SER C 361 -35.49 -20.40 12.45
C SER C 361 -35.01 -19.83 13.77
N LEU C 362 -34.58 -20.73 14.66
CA LEU C 362 -34.08 -20.37 15.99
C LEU C 362 -32.79 -21.10 16.29
N SER C 363 -31.86 -21.08 15.34
CA SER C 363 -30.61 -21.81 15.48
C SER C 363 -29.61 -20.98 16.28
N LYS C 364 -29.05 -21.59 17.33
CA LYS C 364 -28.04 -20.96 18.18
C LYS C 364 -28.54 -19.65 18.77
N THR C 365 -29.77 -19.68 19.30
CA THR C 365 -30.40 -18.50 19.86
C THR C 365 -30.78 -18.63 21.33
N PHE C 366 -30.64 -19.81 21.92
CA PHE C 366 -31.03 -20.05 23.31
C PHE C 366 -29.83 -20.51 24.11
N THR C 367 -29.69 -19.98 25.31
CA THR C 367 -28.59 -20.32 26.21
C THR C 367 -29.04 -20.99 27.50
N SER C 368 -30.22 -20.65 28.02
CA SER C 368 -30.75 -21.22 29.25
C SER C 368 -32.02 -22.04 28.98
N LEU C 369 -32.04 -22.74 27.86
CA LEU C 369 -33.20 -23.53 27.47
C LEU C 369 -32.76 -24.99 27.34
N GLN C 370 -32.03 -25.47 28.35
CA GLN C 370 -31.53 -26.85 28.33
C GLN C 370 -32.67 -27.85 28.32
N THR C 371 -33.70 -27.61 29.13
CA THR C 371 -34.83 -28.53 29.26
C THR C 371 -36.05 -27.92 28.59
N LEU C 372 -36.70 -28.70 27.73
CA LEU C 372 -37.88 -28.26 27.00
C LEU C 372 -39.13 -28.85 27.62
N THR C 373 -40.10 -27.99 27.93
CA THR C 373 -41.39 -28.40 28.47
C THR C 373 -42.47 -28.18 27.42
N ASN C 374 -43.72 -28.43 27.81
CA ASN C 374 -44.88 -28.23 26.96
C ASN C 374 -45.44 -26.81 27.09
N GLU C 375 -44.75 -25.93 27.80
CA GLU C 375 -45.10 -24.52 27.87
C GLU C 375 -44.14 -23.64 27.07
N THR C 376 -43.09 -24.22 26.48
CA THR C 376 -42.15 -23.43 25.70
C THR C 376 -42.78 -22.93 24.41
N PHE C 377 -43.50 -23.80 23.70
CA PHE C 377 -44.09 -23.48 22.41
C PHE C 377 -45.60 -23.28 22.49
N VAL C 378 -46.08 -22.77 23.64
CA VAL C 378 -47.51 -22.52 23.78
C VAL C 378 -47.94 -21.35 22.90
N SER C 379 -47.05 -20.37 22.69
CA SER C 379 -47.40 -19.18 21.93
C SER C 379 -47.62 -19.46 20.46
N LEU C 380 -47.13 -20.59 19.95
CA LEU C 380 -47.21 -20.91 18.54
C LEU C 380 -48.36 -21.85 18.19
N ALA C 381 -49.29 -22.05 19.12
CA ALA C 381 -50.42 -22.94 18.86
C ALA C 381 -51.29 -22.41 17.72
N HIS C 382 -51.53 -21.10 17.68
CA HIS C 382 -52.37 -20.48 16.68
C HIS C 382 -51.61 -20.10 15.41
N SER C 383 -50.44 -20.70 15.18
CA SER C 383 -49.62 -20.38 14.03
C SER C 383 -49.31 -21.66 13.25
N PRO C 384 -49.67 -21.73 11.97
CA PRO C 384 -49.39 -22.94 11.15
C PRO C 384 -47.96 -22.97 10.62
N LEU C 385 -47.02 -23.32 11.50
CA LEU C 385 -45.62 -23.41 11.10
C LEU C 385 -45.40 -24.60 10.17
N LEU C 386 -44.47 -24.42 9.24
CA LEU C 386 -44.05 -25.48 8.34
C LEU C 386 -42.59 -25.88 8.51
N THR C 387 -41.74 -24.97 8.97
CA THR C 387 -40.33 -25.25 9.22
C THR C 387 -39.95 -24.68 10.58
N LEU C 388 -39.22 -25.48 11.36
CA LEU C 388 -38.75 -25.07 12.69
C LEU C 388 -37.30 -25.50 12.84
N ASN C 389 -36.41 -24.53 13.09
CA ASN C 389 -34.99 -24.79 13.23
C ASN C 389 -34.58 -24.50 14.67
N LEU C 390 -33.97 -25.50 15.32
CA LEU C 390 -33.53 -25.38 16.70
C LEU C 390 -32.14 -25.95 16.90
N THR C 391 -31.31 -25.92 15.86
CA THR C 391 -29.97 -26.48 15.95
C THR C 391 -29.07 -25.59 16.79
N LYS C 392 -28.05 -26.21 17.40
CA LYS C 392 -27.02 -25.52 18.17
C LYS C 392 -27.61 -24.71 19.33
N ASN C 393 -28.72 -25.17 19.90
CA ASN C 393 -29.39 -24.48 20.99
C ASN C 393 -29.11 -25.12 22.35
N HIS C 394 -28.11 -26.00 22.43
CA HIS C 394 -27.74 -26.69 23.67
C HIS C 394 -28.93 -27.45 24.25
N ILE C 395 -29.69 -28.11 23.38
CA ILE C 395 -30.83 -28.89 23.83
C ILE C 395 -30.35 -30.14 24.53
N SER C 396 -30.88 -30.39 25.73
CA SER C 396 -30.48 -31.54 26.53
C SER C 396 -31.60 -32.49 26.87
N LYS C 397 -32.83 -32.00 27.06
CA LYS C 397 -33.94 -32.86 27.43
C LYS C 397 -35.24 -32.22 26.96
N ILE C 398 -36.19 -33.07 26.56
CA ILE C 398 -37.49 -32.64 26.09
C ILE C 398 -38.57 -33.41 26.85
N ALA C 399 -39.65 -32.72 27.22
CA ALA C 399 -40.75 -33.32 27.94
C ALA C 399 -41.89 -33.65 26.99
N ASN C 400 -42.86 -34.41 27.50
CA ASN C 400 -44.01 -34.82 26.71
C ASN C 400 -44.86 -33.61 26.34
N GLY C 401 -45.41 -33.63 25.12
CA GLY C 401 -46.25 -32.55 24.67
C GLY C 401 -45.53 -31.30 24.26
N THR C 402 -44.23 -31.38 23.99
CA THR C 402 -43.47 -30.20 23.57
C THR C 402 -43.99 -29.65 22.25
N PHE C 403 -44.29 -30.53 21.29
CA PHE C 403 -44.78 -30.14 19.99
C PHE C 403 -46.28 -30.38 19.83
N SER C 404 -47.01 -30.49 20.95
CA SER C 404 -48.44 -30.73 20.87
C SER C 404 -49.18 -29.56 20.23
N TRP C 405 -48.80 -28.33 20.60
CA TRP C 405 -49.47 -27.15 20.06
C TRP C 405 -49.22 -27.02 18.56
N LEU C 406 -48.00 -27.30 18.11
CA LEU C 406 -47.62 -27.12 16.71
C LEU C 406 -47.99 -28.38 15.92
N GLY C 407 -49.30 -28.54 15.71
CA GLY C 407 -49.80 -29.71 15.01
C GLY C 407 -49.65 -29.69 13.51
N GLN C 408 -49.27 -28.54 12.94
CA GLN C 408 -49.13 -28.40 11.51
C GLN C 408 -47.67 -28.40 11.05
N LEU C 409 -46.75 -28.76 11.94
CA LEU C 409 -45.33 -28.75 11.58
C LEU C 409 -45.05 -29.74 10.46
N ARG C 410 -44.12 -29.37 9.58
CA ARG C 410 -43.63 -30.26 8.53
C ARG C 410 -42.14 -30.53 8.67
N ILE C 411 -41.32 -29.50 8.80
CA ILE C 411 -39.87 -29.64 8.94
C ILE C 411 -39.51 -29.30 10.37
N LEU C 412 -38.88 -30.25 11.06
CA LEU C 412 -38.49 -30.09 12.45
C LEU C 412 -36.99 -30.31 12.57
N ASP C 413 -36.32 -29.45 13.33
CA ASP C 413 -34.88 -29.50 13.50
C ASP C 413 -34.53 -29.52 14.98
N LEU C 414 -33.77 -30.53 15.40
CA LEU C 414 -33.28 -30.60 16.76
C LEU C 414 -31.83 -31.09 16.83
N GLY C 415 -31.08 -30.98 15.73
CA GLY C 415 -29.74 -31.50 15.68
C GLY C 415 -28.71 -30.57 16.31
N LEU C 416 -27.46 -31.01 16.27
CA LEU C 416 -26.33 -30.25 16.80
C LEU C 416 -26.55 -29.87 18.26
N ASN C 417 -27.02 -30.84 19.05
CA ASN C 417 -27.32 -30.61 20.45
C ASN C 417 -26.85 -31.82 21.25
N GLU C 418 -27.02 -31.73 22.57
CA GLU C 418 -26.61 -32.78 23.49
C GLU C 418 -27.81 -33.39 24.21
N ILE C 419 -28.87 -33.67 23.44
CA ILE C 419 -30.08 -34.26 24.03
C ILE C 419 -29.75 -35.64 24.59
N GLU C 420 -30.21 -35.88 25.82
CA GLU C 420 -30.05 -37.18 26.47
C GLU C 420 -31.36 -37.53 27.14
N GLN C 421 -32.03 -38.57 26.64
CA GLN C 421 -33.33 -38.98 27.16
C GLN C 421 -33.74 -40.33 26.60
N LYS C 422 -34.58 -41.06 27.33
CA LYS C 422 -35.12 -42.33 26.87
C LYS C 422 -36.38 -42.04 26.06
N LEU C 423 -36.29 -42.16 24.74
CA LEU C 423 -37.41 -41.81 23.88
C LEU C 423 -38.51 -42.87 23.99
N SER C 424 -39.75 -42.41 24.17
CA SER C 424 -40.88 -43.30 24.34
C SER C 424 -42.01 -43.03 23.37
N GLY C 425 -41.89 -42.02 22.51
CA GLY C 425 -42.91 -41.70 21.53
C GLY C 425 -43.85 -40.59 21.93
N GLN C 426 -43.90 -40.23 23.22
CA GLN C 426 -44.74 -39.13 23.66
C GLN C 426 -44.09 -37.77 23.43
N GLU C 427 -42.82 -37.74 23.04
CA GLU C 427 -42.16 -36.47 22.73
C GLU C 427 -42.70 -35.84 21.46
N TRP C 428 -43.26 -36.64 20.55
CA TRP C 428 -43.84 -36.13 19.32
C TRP C 428 -45.37 -36.10 19.37
N ARG C 429 -45.96 -36.12 20.57
CA ARG C 429 -47.40 -36.08 20.69
C ARG C 429 -47.94 -34.76 20.17
N GLY C 430 -49.06 -34.82 19.45
CA GLY C 430 -49.68 -33.65 18.87
C GLY C 430 -49.24 -33.31 17.46
N LEU C 431 -48.24 -34.00 16.93
CA LEU C 431 -47.78 -33.77 15.56
C LEU C 431 -48.64 -34.58 14.61
N ARG C 432 -49.38 -33.90 13.76
CA ARG C 432 -50.33 -34.58 12.86
C ARG C 432 -49.62 -35.09 11.60
N ASN C 433 -49.05 -34.19 10.81
CA ASN C 433 -48.44 -34.53 9.52
C ASN C 433 -47.10 -33.81 9.34
N ILE C 434 -46.04 -34.45 9.84
CA ILE C 434 -44.69 -33.90 9.79
C ILE C 434 -43.91 -34.57 8.68
N PHE C 435 -43.08 -33.79 7.98
CA PHE C 435 -42.38 -34.30 6.81
C PHE C 435 -41.09 -35.01 7.19
N GLU C 436 -40.20 -34.33 7.92
CA GLU C 436 -38.93 -34.93 8.30
C GLU C 436 -38.50 -34.37 9.65
N ILE C 437 -37.64 -35.13 10.33
CA ILE C 437 -37.15 -34.77 11.66
C ILE C 437 -35.63 -34.82 11.64
N TYR C 438 -35.00 -33.77 12.17
CA TYR C 438 -33.55 -33.64 12.21
C TYR C 438 -33.08 -33.89 13.64
N LEU C 439 -32.62 -35.11 13.92
CA LEU C 439 -32.09 -35.47 15.22
C LEU C 439 -30.65 -35.96 15.13
N SER C 440 -29.90 -35.50 14.13
CA SER C 440 -28.51 -35.93 14.01
C SER C 440 -27.63 -35.15 14.99
N TYR C 441 -26.43 -35.68 15.22
CA TYR C 441 -25.41 -35.04 16.04
C TYR C 441 -25.90 -34.80 17.47
N ASN C 442 -26.16 -35.91 18.17
CA ASN C 442 -26.59 -35.87 19.56
C ASN C 442 -25.77 -36.85 20.39
N LYS C 443 -25.66 -36.58 21.69
CA LYS C 443 -24.79 -37.38 22.53
C LYS C 443 -25.38 -38.75 22.85
N TYR C 444 -26.68 -38.83 23.13
CA TYR C 444 -27.29 -40.08 23.56
C TYR C 444 -28.80 -40.00 23.38
N LEU C 445 -29.34 -40.86 22.53
CA LEU C 445 -30.80 -40.97 22.33
C LEU C 445 -31.16 -42.45 22.36
N GLN C 446 -31.73 -42.90 23.48
CA GLN C 446 -32.16 -44.27 23.62
C GLN C 446 -33.54 -44.47 23.00
N LEU C 447 -33.66 -45.50 22.17
CA LEU C 447 -34.90 -45.79 21.45
C LEU C 447 -35.69 -46.87 22.17
N SER C 448 -37.01 -46.86 21.94
CA SER C 448 -37.92 -47.86 22.48
C SER C 448 -38.80 -48.39 21.35
N THR C 449 -39.61 -49.39 21.70
CA THR C 449 -40.45 -50.03 20.69
C THR C 449 -41.61 -49.13 20.25
N SER C 450 -41.92 -48.08 21.00
CA SER C 450 -43.01 -47.18 20.68
C SER C 450 -42.53 -45.74 20.52
N SER C 451 -41.26 -45.56 20.15
CA SER C 451 -40.72 -44.22 20.00
C SER C 451 -41.26 -43.51 18.77
N PHE C 452 -41.55 -44.25 17.70
CA PHE C 452 -42.01 -43.66 16.45
C PHE C 452 -43.42 -44.09 16.09
N ALA C 453 -44.20 -44.56 17.06
CA ALA C 453 -45.55 -45.04 16.76
C ALA C 453 -46.50 -43.87 16.54
N LEU C 454 -46.32 -42.77 17.26
CA LEU C 454 -47.25 -41.66 17.19
C LEU C 454 -47.13 -40.85 15.90
N VAL C 455 -46.02 -40.97 15.18
CA VAL C 455 -45.79 -40.18 13.97
C VAL C 455 -45.44 -41.09 12.79
N PRO C 456 -46.43 -41.67 12.13
CA PRO C 456 -46.16 -42.52 10.94
C PRO C 456 -46.10 -41.76 9.63
N SER C 457 -46.00 -40.43 9.65
CA SER C 457 -46.04 -39.63 8.43
C SER C 457 -44.65 -39.15 8.01
N LEU C 458 -43.59 -39.69 8.59
CA LEU C 458 -42.24 -39.24 8.28
C LEU C 458 -41.86 -39.59 6.84
N GLN C 459 -41.11 -38.69 6.21
CA GLN C 459 -40.57 -38.92 4.88
C GLN C 459 -39.04 -39.04 4.86
N ARG C 460 -38.36 -38.29 5.73
CA ARG C 460 -36.91 -38.37 5.88
C ARG C 460 -36.59 -38.50 7.36
N LEU C 461 -35.62 -39.34 7.68
CA LEU C 461 -35.24 -39.58 9.08
C LEU C 461 -33.75 -39.93 9.13
N MET C 462 -32.94 -38.98 9.60
CA MET C 462 -31.50 -39.17 9.73
C MET C 462 -31.11 -39.04 11.19
N LEU C 463 -30.31 -39.98 11.67
CA LEU C 463 -29.85 -40.03 13.06
C LEU C 463 -28.33 -40.15 13.11
N ARG C 464 -27.65 -39.29 12.35
CA ARG C 464 -26.19 -39.34 12.29
C ARG C 464 -25.59 -38.88 13.61
N ARG C 465 -24.69 -39.69 14.16
CA ARG C 465 -23.95 -39.38 15.39
C ARG C 465 -24.91 -39.12 16.55
N VAL C 466 -25.66 -40.15 16.92
CA VAL C 466 -26.59 -40.08 18.04
C VAL C 466 -26.32 -41.16 19.08
N ALA C 467 -25.38 -42.06 18.83
CA ALA C 467 -25.06 -43.15 19.75
C ALA C 467 -26.30 -43.97 20.09
N LEU C 468 -27.11 -44.25 19.08
CA LEU C 468 -28.33 -45.02 19.28
C LEU C 468 -28.00 -46.46 19.66
N LYS C 469 -28.87 -47.03 20.51
CA LYS C 469 -28.70 -48.40 20.98
C LYS C 469 -30.08 -49.04 21.16
N ASN C 470 -30.07 -50.35 21.41
CA ASN C 470 -31.29 -51.12 21.67
C ASN C 470 -32.30 -50.97 20.54
N VAL C 471 -31.79 -51.05 19.31
CA VAL C 471 -32.66 -50.99 18.13
C VAL C 471 -33.04 -52.38 17.61
N ASP C 472 -32.58 -53.43 18.26
CA ASP C 472 -32.94 -54.79 17.89
C ASP C 472 -34.17 -55.30 18.64
N ILE C 473 -34.80 -54.45 19.45
CA ILE C 473 -35.97 -54.86 20.22
C ILE C 473 -37.13 -55.15 19.27
N SER C 474 -37.80 -56.29 19.47
CA SER C 474 -38.97 -56.67 18.71
C SER C 474 -40.23 -56.29 19.45
N PRO C 475 -41.19 -55.61 18.81
CA PRO C 475 -41.16 -55.20 17.40
C PRO C 475 -40.27 -53.98 17.16
N SER C 476 -39.80 -53.82 15.92
CA SER C 476 -38.90 -52.73 15.60
C SER C 476 -39.61 -51.39 15.76
N PRO C 477 -38.91 -50.36 16.24
CA PRO C 477 -39.54 -49.02 16.33
C PRO C 477 -39.91 -48.43 14.98
N PHE C 478 -39.31 -48.91 13.89
CA PHE C 478 -39.61 -48.41 12.56
C PHE C 478 -40.78 -49.12 11.90
N ARG C 479 -41.40 -50.08 12.60
CA ARG C 479 -42.56 -50.77 12.04
C ARG C 479 -43.73 -49.84 11.72
N PRO C 480 -44.14 -48.91 12.58
CA PRO C 480 -45.27 -48.04 12.22
C PRO C 480 -45.00 -47.15 11.02
N LEU C 481 -43.74 -46.92 10.65
CA LEU C 481 -43.43 -46.09 9.50
C LEU C 481 -43.58 -46.92 8.23
N ARG C 482 -44.42 -46.45 7.31
CA ARG C 482 -44.70 -47.15 6.06
C ARG C 482 -44.28 -46.36 4.82
N ASN C 483 -44.63 -45.08 4.75
CA ASN C 483 -44.31 -44.27 3.57
C ASN C 483 -42.98 -43.55 3.68
N LEU C 484 -42.17 -43.90 4.67
CA LEU C 484 -40.86 -43.26 4.85
C LEU C 484 -39.98 -43.51 3.62
N THR C 485 -39.24 -42.48 3.23
CA THR C 485 -38.43 -42.53 2.01
C THR C 485 -36.93 -42.54 2.29
N ILE C 486 -36.45 -41.68 3.18
CA ILE C 486 -35.03 -41.56 3.47
C ILE C 486 -34.77 -41.91 4.93
N LEU C 487 -33.86 -42.84 5.17
CA LEU C 487 -33.47 -43.25 6.51
C LEU C 487 -31.95 -43.29 6.59
N ASP C 488 -31.40 -42.70 7.66
CA ASP C 488 -29.96 -42.64 7.86
C ASP C 488 -29.65 -42.95 9.31
N LEU C 489 -28.85 -43.99 9.54
CA LEU C 489 -28.43 -44.42 10.87
C LEU C 489 -26.93 -44.61 10.91
N SER C 490 -26.19 -43.65 10.38
CA SER C 490 -24.75 -43.73 10.25
C SER C 490 -24.05 -43.09 11.45
N ASN C 491 -22.78 -43.46 11.63
CA ASN C 491 -21.92 -42.90 12.67
C ASN C 491 -22.52 -43.10 14.06
N ASN C 492 -23.06 -44.29 14.31
CA ASN C 492 -23.67 -44.59 15.60
C ASN C 492 -23.11 -45.82 16.29
N ASN C 493 -22.31 -46.64 15.60
CA ASN C 493 -21.67 -47.83 16.18
C ASN C 493 -22.73 -48.78 16.77
N ILE C 494 -23.58 -49.29 15.87
CA ILE C 494 -24.62 -50.21 16.30
C ILE C 494 -24.00 -51.55 16.68
N ALA C 495 -24.42 -52.08 17.83
CA ALA C 495 -23.88 -53.36 18.30
C ALA C 495 -24.31 -54.50 17.39
N ASN C 496 -25.61 -54.60 17.11
CA ASN C 496 -26.14 -55.65 16.27
C ASN C 496 -27.54 -55.26 15.82
N ILE C 497 -28.06 -56.03 14.85
CA ILE C 497 -29.40 -55.78 14.34
C ILE C 497 -29.93 -57.08 13.76
N ASN C 498 -31.25 -57.24 13.80
CA ASN C 498 -31.93 -58.40 13.26
C ASN C 498 -32.75 -58.00 12.04
N GLU C 499 -33.39 -58.99 11.41
CA GLU C 499 -34.21 -58.73 10.24
C GLU C 499 -35.53 -58.04 10.57
N ASP C 500 -35.88 -57.92 11.85
CA ASP C 500 -37.12 -57.25 12.23
C ASP C 500 -37.06 -55.76 11.87
N LEU C 501 -35.91 -55.12 12.06
CA LEU C 501 -35.78 -53.71 11.74
C LEU C 501 -35.93 -53.48 10.24
N LEU C 502 -36.51 -52.34 9.89
CA LEU C 502 -36.70 -51.86 8.52
C LEU C 502 -37.72 -52.69 7.76
N GLU C 503 -38.25 -53.76 8.34
CA GLU C 503 -39.28 -54.56 7.68
C GLU C 503 -40.53 -53.74 7.43
N GLY C 504 -41.09 -53.87 6.23
CA GLY C 504 -42.29 -53.15 5.86
C GLY C 504 -42.06 -51.76 5.31
N LEU C 505 -40.81 -51.32 5.18
CA LEU C 505 -40.51 -50.00 4.61
C LEU C 505 -40.47 -50.13 3.08
N GLU C 506 -41.68 -50.22 2.51
CA GLU C 506 -41.81 -50.36 1.06
C GLU C 506 -41.33 -49.12 0.34
N ASN C 507 -41.61 -47.94 0.87
CA ASN C 507 -41.31 -46.68 0.21
C ASN C 507 -39.90 -46.19 0.46
N LEU C 508 -39.09 -46.93 1.23
CA LEU C 508 -37.73 -46.50 1.53
C LEU C 508 -36.90 -46.46 0.26
N GLU C 509 -36.19 -45.35 0.06
CA GLU C 509 -35.37 -45.15 -1.13
C GLU C 509 -33.89 -44.96 -0.80
N ILE C 510 -33.58 -44.11 0.17
CA ILE C 510 -32.19 -43.76 0.51
C ILE C 510 -31.84 -44.42 1.84
N LEU C 511 -30.74 -45.15 1.85
CA LEU C 511 -30.27 -45.84 3.05
C LEU C 511 -28.77 -45.63 3.19
N ASP C 512 -28.33 -45.28 4.41
CA ASP C 512 -26.92 -45.06 4.70
C ASP C 512 -26.55 -45.81 5.97
N PHE C 513 -25.41 -46.50 5.93
CA PHE C 513 -24.91 -47.24 7.08
C PHE C 513 -23.41 -47.00 7.23
N GLN C 514 -23.00 -45.74 7.14
CA GLN C 514 -21.58 -45.40 7.30
C GLN C 514 -21.17 -45.54 8.75
N HIS C 515 -20.04 -46.20 8.98
CA HIS C 515 -19.44 -46.33 10.32
C HIS C 515 -20.41 -46.97 11.30
N ASN C 516 -20.75 -48.23 11.04
CA ASN C 516 -21.68 -48.94 11.91
C ASN C 516 -21.23 -50.38 12.21
N ASN C 517 -20.01 -50.76 11.82
CA ASN C 517 -19.40 -52.05 12.15
C ASN C 517 -20.37 -53.22 11.96
N LEU C 518 -20.73 -53.45 10.69
CA LEU C 518 -21.57 -54.57 10.29
C LEU C 518 -20.75 -55.81 9.95
N ALA C 519 -19.54 -55.94 10.51
CA ALA C 519 -18.65 -57.05 10.15
C ALA C 519 -19.27 -58.39 10.53
N ARG C 520 -19.49 -58.60 11.83
CA ARG C 520 -19.95 -59.90 12.31
C ARG C 520 -21.41 -60.16 11.98
N LEU C 521 -22.19 -59.13 11.68
CA LEU C 521 -23.60 -59.33 11.36
C LEU C 521 -23.79 -60.07 10.04
N TRP C 522 -22.80 -60.07 9.17
CA TRP C 522 -22.90 -60.76 7.90
C TRP C 522 -21.88 -61.88 7.81
N ASN C 526 -21.80 -65.15 9.90
CA ASN C 526 -22.15 -66.56 9.70
C ASN C 526 -22.59 -67.29 10.99
N PRO C 527 -21.85 -67.12 12.09
CA PRO C 527 -22.31 -67.74 13.35
C PRO C 527 -23.67 -67.20 13.76
N GLY C 528 -24.52 -68.09 14.27
CA GLY C 528 -25.86 -67.70 14.68
C GLY C 528 -26.83 -67.47 13.56
N GLY C 529 -26.43 -67.76 12.32
CA GLY C 529 -27.28 -67.52 11.17
C GLY C 529 -27.11 -66.12 10.63
N PRO C 530 -26.79 -66.01 9.34
CA PRO C 530 -26.63 -64.68 8.73
C PRO C 530 -27.94 -63.91 8.73
N VAL C 531 -27.83 -62.60 8.86
CA VAL C 531 -29.00 -61.73 8.86
C VAL C 531 -29.40 -61.44 7.42
N ASN C 532 -30.62 -61.79 7.06
CA ASN C 532 -31.13 -61.57 5.70
C ASN C 532 -31.67 -60.15 5.59
N PHE C 533 -30.75 -59.19 5.61
CA PHE C 533 -31.11 -57.80 5.49
C PHE C 533 -31.52 -57.48 4.04
N LEU C 534 -32.15 -56.31 3.87
CA LEU C 534 -32.59 -55.83 2.56
C LEU C 534 -33.59 -56.80 1.94
N LYS C 535 -34.66 -57.08 2.68
CA LYS C 535 -35.70 -58.01 2.24
C LYS C 535 -36.81 -57.23 1.56
N GLY C 536 -36.95 -57.41 0.25
CA GLY C 536 -38.02 -56.76 -0.50
C GLY C 536 -37.92 -55.25 -0.56
N LEU C 537 -36.71 -54.72 -0.78
CA LEU C 537 -36.52 -53.28 -0.91
C LEU C 537 -36.54 -52.89 -2.39
N SER C 538 -37.75 -52.98 -2.96
CA SER C 538 -37.92 -52.67 -4.38
C SER C 538 -37.65 -51.20 -4.67
N HIS C 539 -38.10 -50.31 -3.79
CA HIS C 539 -37.99 -48.87 -4.01
C HIS C 539 -36.67 -48.28 -3.53
N LEU C 540 -35.77 -49.10 -2.99
CA LEU C 540 -34.49 -48.59 -2.51
C LEU C 540 -33.66 -48.10 -3.70
N HIS C 541 -33.14 -46.87 -3.58
CA HIS C 541 -32.40 -46.24 -4.66
C HIS C 541 -30.89 -46.43 -4.52
N ILE C 542 -30.32 -45.95 -3.41
CA ILE C 542 -28.88 -46.01 -3.19
C ILE C 542 -28.62 -46.70 -1.86
N LEU C 543 -27.69 -47.66 -1.86
CA LEU C 543 -27.26 -48.36 -0.66
C LEU C 543 -25.82 -47.96 -0.34
N ASN C 544 -25.58 -47.54 0.90
CA ASN C 544 -24.27 -47.07 1.33
C ASN C 544 -23.89 -47.75 2.63
N LEU C 545 -22.88 -48.61 2.57
CA LEU C 545 -22.34 -49.30 3.74
C LEU C 545 -20.84 -49.04 3.85
N GLU C 546 -20.44 -47.79 3.63
CA GLU C 546 -19.02 -47.46 3.62
C GLU C 546 -18.43 -47.50 5.02
N SER C 547 -17.22 -48.04 5.13
CA SER C 547 -16.45 -48.07 6.37
C SER C 547 -17.23 -48.74 7.51
N ASN C 548 -17.89 -49.85 7.20
CA ASN C 548 -18.56 -50.66 8.20
C ASN C 548 -17.76 -51.89 8.60
N GLY C 549 -16.50 -51.96 8.19
CA GLY C 549 -15.66 -53.09 8.56
C GLY C 549 -16.07 -54.41 7.94
N LEU C 550 -16.84 -54.37 6.85
CA LEU C 550 -17.34 -55.59 6.23
C LEU C 550 -16.18 -56.45 5.74
N ASP C 551 -16.23 -57.75 6.07
CA ASP C 551 -15.17 -58.68 5.71
C ASP C 551 -15.60 -59.74 4.73
N GLU C 552 -16.86 -60.16 4.76
CA GLU C 552 -17.35 -61.20 3.86
C GLU C 552 -18.79 -60.90 3.52
N ILE C 553 -19.13 -60.98 2.22
CA ILE C 553 -20.48 -60.71 1.74
C ILE C 553 -21.21 -62.04 1.62
N PRO C 554 -22.27 -62.28 2.39
CA PRO C 554 -23.04 -63.51 2.22
C PRO C 554 -23.82 -63.51 0.91
N VAL C 555 -24.07 -64.70 0.38
CA VAL C 555 -24.80 -64.83 -0.87
C VAL C 555 -26.28 -64.54 -0.63
N GLY C 556 -26.95 -64.09 -1.68
CA GLY C 556 -28.37 -63.82 -1.62
C GLY C 556 -28.78 -62.68 -0.71
N VAL C 557 -28.04 -61.57 -0.75
CA VAL C 557 -28.40 -60.39 0.03
C VAL C 557 -28.73 -59.19 -0.84
N PHE C 558 -28.35 -59.17 -2.11
CA PHE C 558 -28.69 -58.09 -3.03
C PHE C 558 -29.86 -58.46 -3.94
N LYS C 559 -30.55 -59.54 -3.65
CA LYS C 559 -31.67 -59.98 -4.48
C LYS C 559 -32.85 -59.03 -4.37
N ASN C 560 -33.67 -59.01 -5.41
CA ASN C 560 -34.90 -58.22 -5.49
C ASN C 560 -34.65 -56.72 -5.48
N LEU C 561 -33.41 -56.28 -5.60
CA LEU C 561 -33.09 -54.85 -5.67
C LEU C 561 -32.93 -54.41 -7.12
N PHE C 562 -34.03 -54.52 -7.87
CA PHE C 562 -34.01 -54.19 -9.29
C PHE C 562 -33.83 -52.69 -9.52
N GLU C 563 -34.46 -51.86 -8.68
CA GLU C 563 -34.43 -50.42 -8.87
C GLU C 563 -33.28 -49.75 -8.14
N LEU C 564 -32.36 -50.51 -7.57
CA LEU C 564 -31.20 -49.93 -6.91
C LEU C 564 -30.33 -49.20 -7.93
N LYS C 565 -29.76 -48.08 -7.51
CA LYS C 565 -29.01 -47.20 -8.40
C LYS C 565 -27.52 -47.15 -8.09
N SER C 566 -27.15 -47.00 -6.82
CA SER C 566 -25.76 -46.81 -6.43
C SER C 566 -25.37 -47.72 -5.29
N ILE C 567 -24.12 -48.15 -5.30
CA ILE C 567 -23.54 -49.00 -4.24
C ILE C 567 -22.23 -48.37 -3.81
N ASN C 568 -22.06 -48.19 -2.50
CA ASN C 568 -20.82 -47.66 -1.94
C ASN C 568 -20.39 -48.56 -0.80
N LEU C 569 -19.34 -49.34 -1.01
CA LEU C 569 -18.81 -50.29 -0.03
C LEU C 569 -17.34 -50.03 0.23
N GLY C 570 -16.93 -48.76 0.21
CA GLY C 570 -15.53 -48.42 0.38
C GLY C 570 -15.08 -48.45 1.83
N LEU C 571 -13.77 -48.28 2.01
CA LEU C 571 -13.14 -48.23 3.33
C LEU C 571 -13.44 -49.50 4.14
N ASN C 572 -13.40 -50.65 3.47
CA ASN C 572 -13.65 -51.94 4.10
C ASN C 572 -12.56 -52.91 3.70
N ASN C 573 -12.71 -54.17 4.13
CA ASN C 573 -11.77 -55.24 3.83
C ASN C 573 -12.55 -56.36 3.14
N LEU C 574 -12.67 -56.26 1.82
CA LEU C 574 -13.41 -57.24 1.02
C LEU C 574 -12.46 -57.88 0.03
N ASN C 575 -12.24 -59.19 0.19
CA ASN C 575 -11.38 -59.94 -0.72
C ASN C 575 -12.09 -61.17 -1.25
N LYS C 576 -13.01 -61.72 -0.45
CA LYS C 576 -13.79 -62.90 -0.84
C LYS C 576 -15.03 -62.43 -1.57
N LEU C 577 -14.94 -62.37 -2.90
CA LEU C 577 -16.05 -61.94 -3.74
C LEU C 577 -16.82 -63.19 -4.18
N GLU C 578 -17.94 -63.44 -3.52
CA GLU C 578 -18.74 -64.61 -3.84
C GLU C 578 -19.35 -64.46 -5.25
N PRO C 579 -19.35 -65.52 -6.05
CA PRO C 579 -19.93 -65.43 -7.39
C PRO C 579 -21.43 -65.16 -7.34
N PHE C 580 -21.91 -64.45 -8.35
CA PHE C 580 -23.34 -64.16 -8.53
C PHE C 580 -23.92 -63.39 -7.34
N ILE C 581 -23.09 -62.58 -6.68
CA ILE C 581 -23.58 -61.76 -5.58
C ILE C 581 -24.49 -60.65 -6.10
N PHE C 582 -24.14 -60.07 -7.24
CA PHE C 582 -24.93 -59.00 -7.87
C PHE C 582 -25.63 -59.59 -9.09
N ASP C 583 -26.89 -59.99 -8.92
CA ASP C 583 -27.69 -60.56 -9.99
C ASP C 583 -28.86 -59.69 -10.40
N ASP C 584 -29.56 -59.08 -9.44
CA ASP C 584 -30.68 -58.20 -9.73
C ASP C 584 -30.26 -56.74 -9.86
N GLN C 585 -28.97 -56.44 -9.72
CA GLN C 585 -28.48 -55.06 -9.79
C GLN C 585 -28.17 -54.66 -11.23
N THR C 586 -29.14 -54.83 -12.12
CA THR C 586 -28.97 -54.45 -13.52
C THR C 586 -29.17 -52.95 -13.76
N SER C 587 -29.69 -52.22 -12.77
CA SER C 587 -29.91 -50.79 -12.89
C SER C 587 -28.87 -49.98 -12.11
N LEU C 588 -27.75 -50.60 -11.75
CA LEU C 588 -26.71 -49.90 -11.00
C LEU C 588 -26.11 -48.80 -11.86
N ARG C 589 -25.92 -47.62 -11.26
CA ARG C 589 -25.37 -46.47 -11.96
C ARG C 589 -23.97 -46.08 -11.50
N SER C 590 -23.62 -46.38 -10.26
CA SER C 590 -22.30 -46.03 -9.74
C SER C 590 -21.90 -47.05 -8.69
N LEU C 591 -20.80 -47.76 -8.94
CA LEU C 591 -20.26 -48.74 -8.01
C LEU C 591 -19.00 -48.17 -7.36
N ASN C 592 -18.99 -48.12 -6.04
CA ASN C 592 -17.87 -47.58 -5.27
C ASN C 592 -17.27 -48.68 -4.42
N LEU C 593 -15.98 -48.99 -4.67
CA LEU C 593 -15.27 -50.01 -3.91
C LEU C 593 -13.85 -49.56 -3.58
N GLN C 594 -13.64 -48.26 -3.41
CA GLN C 594 -12.31 -47.73 -3.18
C GLN C 594 -11.82 -48.07 -1.77
N LYS C 595 -10.49 -48.09 -1.64
CA LYS C 595 -9.83 -48.32 -0.35
C LYS C 595 -10.24 -49.65 0.28
N ASN C 596 -10.44 -50.67 -0.53
CA ASN C 596 -10.77 -52.00 -0.05
C ASN C 596 -9.59 -52.94 -0.28
N LEU C 597 -9.77 -54.22 0.05
CA LEU C 597 -8.73 -55.24 -0.11
C LEU C 597 -9.05 -56.18 -1.25
N ILE C 598 -9.64 -55.65 -2.33
CA ILE C 598 -9.99 -56.47 -3.48
C ILE C 598 -8.74 -56.86 -4.23
N THR C 599 -8.57 -58.16 -4.48
CA THR C 599 -7.41 -58.70 -5.16
C THR C 599 -7.69 -59.10 -6.60
N SER C 600 -8.85 -59.74 -6.86
CA SER C 600 -9.20 -60.20 -8.19
C SER C 600 -10.57 -59.66 -8.57
N VAL C 601 -10.75 -59.41 -9.87
CA VAL C 601 -12.01 -58.91 -10.42
C VAL C 601 -12.51 -59.97 -11.39
N GLU C 602 -13.43 -60.81 -10.93
CA GLU C 602 -13.95 -61.89 -11.75
C GLU C 602 -15.22 -61.45 -12.48
N LYS C 603 -15.46 -62.05 -13.64
CA LYS C 603 -16.60 -61.68 -14.47
C LYS C 603 -17.91 -62.05 -13.79
N ASP C 604 -17.99 -63.23 -13.17
CA ASP C 604 -19.23 -63.70 -12.60
C ASP C 604 -19.69 -62.88 -11.40
N VAL C 605 -18.83 -62.02 -10.85
CA VAL C 605 -19.18 -61.18 -9.70
C VAL C 605 -19.60 -59.79 -10.15
N PHE C 606 -18.85 -59.18 -11.07
CA PHE C 606 -19.08 -57.80 -11.49
C PHE C 606 -19.68 -57.70 -12.89
N GLY C 607 -20.28 -58.78 -13.40
CA GLY C 607 -20.85 -58.76 -14.73
C GLY C 607 -22.10 -57.91 -14.84
N PRO C 608 -23.19 -58.34 -14.22
CA PRO C 608 -24.46 -57.60 -14.32
C PRO C 608 -24.34 -56.14 -13.88
N PRO C 609 -23.62 -55.83 -12.79
CA PRO C 609 -23.47 -54.41 -12.44
C PRO C 609 -22.72 -53.59 -13.48
N PHE C 610 -21.90 -54.20 -14.32
CA PHE C 610 -21.12 -53.49 -15.32
C PHE C 610 -21.83 -53.37 -16.66
N GLN C 611 -23.05 -53.91 -16.78
CA GLN C 611 -23.75 -53.86 -18.05
C GLN C 611 -24.10 -52.42 -18.44
N ASN C 612 -24.56 -51.62 -17.48
CA ASN C 612 -24.94 -50.24 -17.76
C ASN C 612 -24.39 -49.29 -16.70
N LEU C 613 -23.20 -49.58 -16.17
CA LEU C 613 -22.60 -48.71 -15.17
C LEU C 613 -22.18 -47.38 -15.79
N ASN C 614 -22.33 -46.31 -15.02
CA ASN C 614 -21.95 -44.97 -15.47
C ASN C 614 -20.63 -44.50 -14.89
N SER C 615 -20.37 -44.80 -13.62
CA SER C 615 -19.11 -44.42 -12.98
C SER C 615 -18.64 -45.56 -12.07
N LEU C 616 -17.33 -45.72 -11.97
CA LEU C 616 -16.73 -46.79 -11.18
C LEU C 616 -15.60 -46.21 -10.34
N ASP C 617 -15.43 -46.77 -9.13
CA ASP C 617 -14.41 -46.29 -8.20
C ASP C 617 -14.02 -47.43 -7.29
N MET C 618 -12.86 -48.03 -7.55
CA MET C 618 -12.27 -49.05 -6.67
C MET C 618 -10.78 -48.81 -6.49
N ARG C 619 -10.38 -47.54 -6.39
CA ARG C 619 -8.98 -47.19 -6.24
C ARG C 619 -8.46 -47.60 -4.87
N PHE C 620 -7.14 -47.47 -4.70
CA PHE C 620 -6.47 -47.81 -3.44
C PHE C 620 -6.74 -49.25 -3.04
N ASN C 621 -6.63 -50.17 -3.99
CA ASN C 621 -6.87 -51.59 -3.74
C ASN C 621 -5.65 -52.41 -4.14
N PRO C 622 -5.30 -53.43 -3.35
CA PRO C 622 -4.16 -54.29 -3.72
C PRO C 622 -4.48 -55.19 -4.89
N PHE C 623 -4.51 -54.63 -6.10
CA PHE C 623 -4.84 -55.39 -7.29
C PHE C 623 -3.72 -56.38 -7.62
N ASP C 624 -4.12 -57.51 -8.19
CA ASP C 624 -3.19 -58.56 -8.61
C ASP C 624 -3.10 -58.53 -10.13
N CYS C 625 -1.96 -58.10 -10.66
CA CYS C 625 -1.74 -58.01 -12.10
C CYS C 625 -1.40 -59.41 -12.64
N THR C 626 -2.42 -60.25 -12.70
CA THR C 626 -2.29 -61.61 -13.20
C THR C 626 -3.42 -61.91 -14.16
N CYS C 627 -3.21 -62.92 -15.01
CA CYS C 627 -4.22 -63.29 -15.99
C CYS C 627 -5.48 -63.85 -15.34
N GLU C 628 -5.35 -64.43 -14.14
CA GLU C 628 -6.49 -65.00 -13.44
C GLU C 628 -7.32 -63.95 -12.70
N SER C 629 -6.81 -62.74 -12.52
CA SER C 629 -7.45 -61.75 -11.68
C SER C 629 -8.04 -60.58 -12.44
N ILE C 630 -7.25 -59.89 -13.27
CA ILE C 630 -7.66 -58.63 -13.86
C ILE C 630 -7.78 -58.69 -15.38
N SER C 631 -7.65 -59.88 -15.99
CA SER C 631 -7.75 -59.96 -17.45
C SER C 631 -9.13 -59.49 -17.92
N TRP C 632 -10.19 -60.02 -17.33
CA TRP C 632 -11.54 -59.57 -17.68
C TRP C 632 -11.73 -58.11 -17.35
N PHE C 633 -11.23 -57.66 -16.20
CA PHE C 633 -11.36 -56.26 -15.82
C PHE C 633 -10.61 -55.35 -16.79
N VAL C 634 -9.39 -55.73 -17.18
CA VAL C 634 -8.63 -54.93 -18.13
C VAL C 634 -9.32 -54.87 -19.48
N ASN C 635 -9.84 -56.01 -19.94
CA ASN C 635 -10.56 -56.04 -21.21
C ASN C 635 -11.80 -55.15 -21.15
N TRP C 636 -12.55 -55.21 -20.06
CA TRP C 636 -13.74 -54.38 -19.92
C TRP C 636 -13.37 -52.91 -19.90
N ILE C 637 -12.32 -52.55 -19.17
CA ILE C 637 -11.89 -51.15 -19.11
C ILE C 637 -11.48 -50.66 -20.49
N ASN C 638 -10.73 -51.48 -21.23
CA ASN C 638 -10.31 -51.09 -22.57
C ASN C 638 -11.50 -51.03 -23.52
N GLN C 639 -12.58 -51.75 -23.23
CA GLN C 639 -13.75 -51.80 -24.10
C GLN C 639 -14.98 -51.21 -23.42
N THR C 640 -14.83 -50.07 -22.75
CA THR C 640 -15.97 -49.38 -22.15
C THR C 640 -15.67 -47.88 -22.11
N HIS C 641 -16.74 -47.11 -21.90
CA HIS C 641 -16.64 -45.66 -21.75
C HIS C 641 -17.06 -45.22 -20.35
N THR C 642 -17.01 -46.12 -19.37
CA THR C 642 -17.40 -45.79 -18.01
C THR C 642 -16.42 -44.79 -17.40
N ASN C 643 -16.95 -43.80 -16.70
CA ASN C 643 -16.13 -42.76 -16.09
C ASN C 643 -15.41 -43.34 -14.87
N ILE C 644 -14.09 -43.48 -14.97
CA ILE C 644 -13.27 -43.99 -13.88
C ILE C 644 -12.25 -42.92 -13.55
N SER C 645 -12.45 -42.23 -12.43
CA SER C 645 -11.55 -41.16 -12.03
C SER C 645 -10.25 -41.73 -11.48
N GLU C 646 -9.13 -41.07 -11.82
CA GLU C 646 -7.81 -41.46 -11.35
C GLU C 646 -7.49 -42.92 -11.69
N LEU C 647 -7.87 -43.34 -12.89
CA LEU C 647 -7.65 -44.72 -13.29
C LEU C 647 -6.17 -45.04 -13.43
N SER C 648 -5.40 -44.12 -13.99
CA SER C 648 -3.98 -44.38 -14.26
C SER C 648 -3.09 -44.12 -13.05
N THR C 649 -3.59 -43.48 -12.01
CA THR C 649 -2.76 -43.09 -10.87
C THR C 649 -2.94 -44.03 -9.67
N HIS C 650 -4.17 -44.19 -9.19
CA HIS C 650 -4.45 -44.92 -7.96
C HIS C 650 -4.97 -46.33 -8.23
N TYR C 651 -4.47 -46.98 -9.29
CA TYR C 651 -4.86 -48.36 -9.59
C TYR C 651 -3.63 -49.24 -9.78
N LEU C 652 -2.58 -48.98 -9.02
CA LEU C 652 -1.34 -49.75 -9.14
C LEU C 652 -1.50 -51.11 -8.46
N CYS C 653 -0.93 -52.14 -9.10
CA CYS C 653 -0.97 -53.48 -8.54
C CYS C 653 0.03 -53.60 -7.39
N ASN C 654 -0.22 -54.59 -6.54
CA ASN C 654 0.64 -54.86 -5.39
C ASN C 654 1.43 -56.16 -5.52
N THR C 655 1.08 -57.01 -6.48
CA THR C 655 1.75 -58.29 -6.66
C THR C 655 1.54 -58.73 -8.11
N PRO C 656 2.52 -59.43 -8.71
CA PRO C 656 3.83 -59.81 -8.17
C PRO C 656 4.85 -58.67 -8.15
N HIS C 657 6.11 -59.02 -7.88
CA HIS C 657 7.17 -58.01 -7.82
C HIS C 657 7.40 -57.36 -9.18
N HIS C 658 7.34 -58.16 -10.26
CA HIS C 658 7.56 -57.61 -11.60
C HIS C 658 6.52 -56.57 -11.96
N TYR C 659 5.26 -56.82 -11.61
CA TYR C 659 4.16 -55.93 -11.93
C TYR C 659 3.78 -55.02 -10.77
N TYR C 660 4.57 -55.01 -9.70
CA TYR C 660 4.28 -54.15 -8.56
C TYR C 660 4.43 -52.68 -8.95
N GLY C 661 3.48 -51.86 -8.50
CA GLY C 661 3.51 -50.44 -8.79
C GLY C 661 3.36 -50.11 -10.26
N PHE C 662 2.55 -50.88 -10.97
CA PHE C 662 2.30 -50.66 -12.39
C PHE C 662 0.84 -50.29 -12.62
N PRO C 663 0.57 -49.42 -13.60
CA PRO C 663 -0.82 -49.03 -13.86
C PRO C 663 -1.67 -50.22 -14.27
N LEU C 664 -2.93 -50.22 -13.82
CA LEU C 664 -3.84 -51.31 -14.14
C LEU C 664 -4.16 -51.34 -15.62
N LYS C 665 -4.33 -50.18 -16.24
CA LYS C 665 -4.66 -50.13 -17.66
C LYS C 665 -3.51 -50.60 -18.54
N LEU C 666 -2.28 -50.46 -18.06
CA LEU C 666 -1.10 -50.86 -18.84
C LEU C 666 -0.77 -52.34 -18.58
N PHE C 667 -1.73 -53.19 -18.94
CA PHE C 667 -1.57 -54.64 -18.80
C PHE C 667 -2.06 -55.30 -20.09
N ASP C 668 -1.22 -56.12 -20.70
CA ASP C 668 -1.55 -56.80 -21.94
C ASP C 668 -2.21 -58.14 -21.62
N THR C 669 -3.41 -58.35 -22.16
CA THR C 669 -4.16 -59.59 -21.96
C THR C 669 -4.15 -60.47 -23.19
N SER C 670 -3.33 -60.15 -24.20
CA SER C 670 -3.30 -60.95 -25.42
C SER C 670 -2.59 -62.29 -25.23
N SER C 671 -1.79 -62.42 -24.17
CA SER C 671 -1.06 -63.65 -23.90
C SER C 671 -1.84 -64.63 -23.03
N CYS C 672 -3.01 -64.26 -22.56
CA CYS C 672 -3.83 -65.14 -21.72
C CYS C 672 -5.27 -65.08 -22.20
N LYS C 673 -5.83 -66.23 -22.53
CA LYS C 673 -7.20 -66.32 -23.01
C LYS C 673 -7.77 -67.72 -22.81
N GLN D 3 -3.06 -95.69 29.63
CA GLN D 3 -2.65 -96.23 30.92
C GLN D 3 -1.84 -95.20 31.71
N CYS D 4 -1.09 -95.68 32.71
CA CYS D 4 -0.33 -94.78 33.57
C CYS D 4 0.86 -94.20 32.81
N THR D 5 1.64 -93.36 33.49
CA THR D 5 2.70 -92.59 32.86
C THR D 5 4.05 -93.30 32.91
N VAL D 6 4.36 -93.96 34.03
CA VAL D 6 5.66 -94.59 34.27
C VAL D 6 6.74 -93.53 34.13
N ARG D 7 7.37 -93.45 32.97
CA ARG D 7 8.32 -92.38 32.64
C ARG D 7 9.40 -92.24 33.72
N TYR D 8 10.20 -93.30 33.83
CA TYR D 8 11.33 -93.36 34.76
C TYR D 8 10.86 -93.27 36.22
N ASN D 9 10.06 -94.28 36.61
CA ASN D 9 9.75 -94.59 38.00
C ASN D 9 8.84 -93.56 38.68
N VAL D 10 8.01 -92.86 37.93
CA VAL D 10 6.98 -91.98 38.50
C VAL D 10 5.66 -92.35 37.84
N ALA D 11 4.93 -93.29 38.44
CA ALA D 11 3.68 -93.80 37.88
C ALA D 11 2.57 -92.80 38.19
N ASP D 12 2.61 -91.67 37.50
CA ASP D 12 1.62 -90.61 37.67
C ASP D 12 0.40 -90.96 36.84
N CYS D 13 -0.55 -91.67 37.46
CA CYS D 13 -1.78 -92.09 36.79
C CYS D 13 -2.80 -90.97 36.95
N SER D 14 -3.01 -90.22 35.88
CA SER D 14 -3.93 -89.08 35.88
C SER D 14 -5.36 -89.58 35.71
N HIS D 15 -6.27 -88.67 35.38
CA HIS D 15 -7.67 -89.01 35.19
C HIS D 15 -7.80 -89.99 34.03
N LEU D 16 -8.08 -91.26 34.33
CA LEU D 16 -8.06 -92.29 33.31
C LEU D 16 -9.20 -93.29 33.42
N LYS D 17 -10.20 -93.03 34.27
CA LYS D 17 -11.35 -93.93 34.45
C LYS D 17 -10.91 -95.34 34.84
N LEU D 18 -9.89 -95.42 35.68
CA LEU D 18 -9.36 -96.71 36.13
C LEU D 18 -10.27 -97.24 37.23
N THR D 19 -11.19 -98.14 36.86
CA THR D 19 -12.15 -98.66 37.82
C THR D 19 -11.46 -99.48 38.92
N HIS D 20 -10.45 -100.25 38.55
CA HIS D 20 -9.73 -101.08 39.50
C HIS D 20 -8.24 -100.72 39.48
N ILE D 21 -7.57 -101.04 40.57
CA ILE D 21 -6.14 -100.76 40.71
C ILE D 21 -5.38 -101.67 39.75
N PRO D 22 -4.60 -101.11 38.83
CA PRO D 22 -3.86 -101.94 37.88
C PRO D 22 -2.52 -102.40 38.42
N ASP D 23 -2.02 -103.49 37.82
CA ASP D 23 -0.70 -104.04 38.13
C ASP D 23 -0.08 -104.48 36.80
N ASP D 24 0.69 -103.59 36.20
CA ASP D 24 1.22 -103.79 34.87
C ASP D 24 2.65 -104.33 34.93
N LEU D 25 3.26 -104.50 33.76
CA LEU D 25 4.63 -105.03 33.69
C LEU D 25 5.65 -104.14 34.40
N PRO D 26 5.68 -102.81 34.22
CA PRO D 26 6.73 -102.01 34.87
C PRO D 26 6.59 -101.94 36.38
N SER D 27 6.87 -103.07 37.05
CA SER D 27 6.85 -103.11 38.50
C SER D 27 8.13 -102.58 39.14
N ASN D 28 9.18 -102.37 38.35
CA ASN D 28 10.46 -101.89 38.86
C ASN D 28 10.45 -100.35 38.92
N ILE D 29 9.56 -99.83 39.77
CA ILE D 29 9.41 -98.39 39.97
C ILE D 29 9.38 -98.12 41.47
N THR D 30 9.66 -96.86 41.82
CA THR D 30 9.69 -96.44 43.22
C THR D 30 8.59 -95.48 43.60
N VAL D 31 8.05 -94.71 42.66
CA VAL D 31 6.99 -93.74 42.93
C VAL D 31 5.78 -94.12 42.09
N LEU D 32 4.63 -94.28 42.74
CA LEU D 32 3.39 -94.63 42.07
C LEU D 32 2.29 -93.72 42.58
N ASN D 33 1.46 -93.22 41.67
CA ASN D 33 0.42 -92.24 41.99
C ASN D 33 -0.94 -92.86 41.69
N LEU D 34 -1.73 -93.09 42.74
CA LEU D 34 -3.12 -93.51 42.59
C LEU D 34 -4.10 -92.36 42.77
N THR D 35 -3.60 -91.14 42.91
CA THR D 35 -4.47 -89.98 43.06
C THR D 35 -5.27 -89.76 41.78
N HIS D 36 -6.53 -89.36 41.95
CA HIS D 36 -7.46 -89.15 40.84
C HIS D 36 -7.65 -90.45 40.04
N ASN D 37 -7.94 -91.53 40.76
CA ASN D 37 -8.24 -92.81 40.15
C ASN D 37 -9.37 -93.46 40.94
N GLN D 38 -10.27 -94.15 40.24
CA GLN D 38 -11.44 -94.76 40.86
C GLN D 38 -10.98 -95.98 41.67
N LEU D 39 -10.88 -95.79 42.99
CA LEU D 39 -10.43 -96.84 43.89
C LEU D 39 -11.59 -97.25 44.80
N ARG D 40 -11.97 -98.53 44.74
CA ARG D 40 -12.97 -99.05 45.66
C ARG D 40 -12.39 -99.18 47.07
N ARG D 41 -11.18 -99.73 47.16
CA ARG D 41 -10.45 -99.88 48.42
C ARG D 41 -9.06 -100.37 48.08
N LEU D 42 -8.13 -100.17 49.01
CA LEU D 42 -6.77 -100.65 48.82
C LEU D 42 -6.69 -102.14 49.15
N PRO D 43 -6.33 -102.98 48.20
CA PRO D 43 -6.27 -104.43 48.48
C PRO D 43 -4.99 -104.80 49.20
N PRO D 44 -5.09 -105.59 50.27
CA PRO D 44 -3.87 -105.99 50.98
C PRO D 44 -2.96 -106.91 50.19
N THR D 45 -3.46 -107.56 49.14
CA THR D 45 -2.67 -108.52 48.38
C THR D 45 -2.40 -108.12 46.94
N ASN D 46 -3.01 -107.04 46.44
CA ASN D 46 -2.77 -106.64 45.05
C ASN D 46 -1.45 -105.90 44.90
N PHE D 47 -0.80 -105.55 46.01
CA PHE D 47 0.47 -104.83 45.98
C PHE D 47 1.67 -105.75 46.01
N THR D 48 1.46 -107.07 45.93
CA THR D 48 2.59 -108.00 45.94
C THR D 48 3.46 -107.82 44.71
N ARG D 49 2.85 -107.56 43.55
CA ARG D 49 3.62 -107.37 42.32
C ARG D 49 4.54 -106.16 42.42
N TYR D 50 4.05 -105.06 43.00
CA TYR D 50 4.83 -103.83 43.12
C TYR D 50 5.40 -103.77 44.53
N SER D 51 6.52 -104.47 44.72
CA SER D 51 7.20 -104.52 46.01
C SER D 51 8.34 -103.52 46.11
N GLN D 52 8.59 -102.72 45.07
CA GLN D 52 9.67 -101.74 45.08
C GLN D 52 9.16 -100.31 45.22
N LEU D 53 7.89 -100.12 45.57
CA LEU D 53 7.32 -98.79 45.69
C LEU D 53 7.86 -98.12 46.95
N ALA D 54 8.83 -97.23 46.77
CA ALA D 54 9.36 -96.48 47.90
C ALA D 54 8.29 -95.57 48.50
N ILE D 55 7.55 -94.86 47.66
CA ILE D 55 6.43 -94.03 48.08
C ILE D 55 5.25 -94.31 47.18
N LEU D 56 4.05 -94.02 47.68
CA LEU D 56 2.83 -94.18 46.92
C LEU D 56 1.95 -92.94 47.12
N ASP D 57 1.52 -92.35 46.01
CA ASP D 57 0.61 -91.19 46.06
C ASP D 57 -0.80 -91.69 45.77
N ALA D 58 -1.39 -92.35 46.76
CA ALA D 58 -2.77 -92.83 46.67
C ALA D 58 -3.64 -91.85 47.46
N GLY D 59 -3.93 -90.71 46.85
CA GLY D 59 -4.66 -89.66 47.53
C GLY D 59 -6.01 -89.36 46.94
N PHE D 60 -6.88 -88.77 47.75
CA PHE D 60 -8.23 -88.37 47.36
C PHE D 60 -9.11 -89.54 46.95
N ASN D 61 -8.64 -90.78 47.14
CA ASN D 61 -9.40 -91.94 46.73
C ASN D 61 -10.51 -92.24 47.74
N SER D 62 -11.26 -93.31 47.48
CA SER D 62 -12.36 -93.74 48.34
C SER D 62 -11.96 -95.07 48.98
N ILE D 63 -11.40 -95.00 50.18
CA ILE D 63 -10.95 -96.17 50.93
C ILE D 63 -11.72 -96.21 52.23
N SER D 64 -12.41 -97.33 52.48
CA SER D 64 -13.17 -97.47 53.72
C SER D 64 -12.25 -97.62 54.92
N LYS D 65 -11.23 -98.48 54.80
CA LYS D 65 -10.30 -98.72 55.89
C LYS D 65 -9.00 -99.27 55.34
N LEU D 66 -7.96 -99.22 56.15
CA LEU D 66 -6.63 -99.69 55.79
C LEU D 66 -6.32 -100.98 56.53
N GLU D 67 -5.88 -102.00 55.79
CA GLU D 67 -5.51 -103.27 56.40
C GLU D 67 -4.04 -103.25 56.83
N PRO D 68 -3.71 -103.97 57.92
CA PRO D 68 -2.31 -104.02 58.36
C PRO D 68 -1.37 -104.62 57.32
N GLU D 69 -1.86 -105.52 56.46
CA GLU D 69 -0.99 -106.19 55.50
C GLU D 69 -0.30 -105.20 54.58
N LEU D 70 -0.96 -104.08 54.26
CA LEU D 70 -0.35 -103.09 53.38
C LEU D 70 0.96 -102.57 53.96
N CYS D 71 1.11 -102.57 55.29
CA CYS D 71 2.34 -102.09 55.90
C CYS D 71 3.46 -103.12 55.83
N GLN D 72 3.16 -104.39 55.56
CA GLN D 72 4.20 -105.41 55.46
C GLN D 72 4.46 -105.85 54.03
N ILE D 73 3.52 -105.63 53.10
CA ILE D 73 3.79 -105.93 51.69
C ILE D 73 4.84 -104.97 51.14
N LEU D 74 4.88 -103.73 51.63
CA LEU D 74 5.84 -102.72 51.20
C LEU D 74 6.60 -102.23 52.41
N PRO D 75 7.60 -103.00 52.87
CA PRO D 75 8.41 -102.53 54.03
C PRO D 75 9.14 -101.24 53.75
N LEU D 76 9.60 -101.01 52.52
CA LEU D 76 10.31 -99.78 52.17
C LEU D 76 9.29 -98.73 51.73
N LEU D 77 8.58 -98.20 52.72
CA LEU D 77 7.57 -97.18 52.50
C LEU D 77 7.97 -95.91 53.23
N LYS D 78 7.94 -94.79 52.52
CA LYS D 78 8.37 -93.50 53.08
C LYS D 78 7.23 -92.50 53.17
N VAL D 79 6.51 -92.25 52.07
CA VAL D 79 5.44 -91.28 52.03
C VAL D 79 4.13 -92.03 51.86
N LEU D 80 3.18 -91.78 52.77
CA LEU D 80 1.84 -92.35 52.70
C LEU D 80 0.88 -91.17 52.59
N ASN D 81 0.56 -90.78 51.37
CA ASN D 81 -0.32 -89.66 51.08
C ASN D 81 -1.71 -90.22 50.77
N LEU D 82 -2.56 -90.29 51.79
CA LEU D 82 -3.92 -90.81 51.66
C LEU D 82 -4.93 -89.80 52.18
N GLN D 83 -4.77 -88.55 51.77
CA GLN D 83 -5.68 -87.50 52.17
C GLN D 83 -6.99 -87.59 51.39
N HIS D 84 -8.05 -87.02 51.97
CA HIS D 84 -9.37 -86.97 51.35
C HIS D 84 -9.91 -88.36 51.05
N ASN D 85 -10.09 -89.15 52.11
CA ASN D 85 -10.66 -90.48 52.03
C ASN D 85 -11.78 -90.62 53.05
N GLU D 86 -12.41 -91.80 53.07
CA GLU D 86 -13.51 -92.01 54.01
C GLU D 86 -12.98 -92.19 55.43
N LEU D 87 -12.22 -93.27 55.66
CA LEU D 87 -11.51 -93.54 56.92
C LEU D 87 -12.33 -93.16 58.14
N SER D 88 -13.51 -93.80 58.26
CA SER D 88 -14.40 -93.50 59.36
C SER D 88 -13.75 -93.82 60.71
N GLN D 89 -13.09 -94.97 60.81
CA GLN D 89 -12.39 -95.36 62.03
C GLN D 89 -11.07 -96.01 61.66
N ILE D 90 -10.08 -95.83 62.54
CA ILE D 90 -8.74 -96.38 62.34
C ILE D 90 -8.18 -96.80 63.69
N SER D 91 -7.20 -97.70 63.66
CA SER D 91 -6.60 -98.23 64.88
C SER D 91 -5.10 -98.39 64.66
N ASP D 92 -4.41 -98.83 65.71
CA ASP D 92 -2.97 -99.05 65.66
C ASP D 92 -2.59 -100.30 64.89
N GLN D 93 -3.52 -101.26 64.77
CA GLN D 93 -3.18 -102.54 64.13
C GLN D 93 -2.73 -102.35 62.69
N THR D 94 -3.34 -101.41 61.98
CA THR D 94 -2.96 -101.16 60.60
C THR D 94 -1.64 -100.42 60.45
N PHE D 95 -1.05 -99.92 61.55
CA PHE D 95 0.25 -99.27 61.51
C PHE D 95 1.33 -100.08 62.23
N VAL D 96 1.10 -101.38 62.43
CA VAL D 96 2.06 -102.19 63.19
C VAL D 96 3.35 -102.36 62.39
N PHE D 97 3.24 -102.70 61.11
CA PHE D 97 4.41 -103.01 60.29
C PHE D 97 5.01 -101.79 59.61
N CYS D 98 4.39 -100.62 59.73
CA CYS D 98 4.89 -99.40 59.09
C CYS D 98 5.90 -98.71 60.02
N THR D 99 7.08 -99.33 60.11
CA THR D 99 8.16 -98.79 60.93
C THR D 99 9.04 -97.80 60.16
N ASN D 100 9.07 -97.89 58.84
CA ASN D 100 9.87 -96.99 58.01
C ASN D 100 9.09 -95.78 57.52
N LEU D 101 7.84 -95.62 57.96
CA LEU D 101 7.01 -94.52 57.51
C LEU D 101 7.63 -93.18 57.93
N THR D 102 7.65 -92.23 57.00
CA THR D 102 8.22 -90.92 57.25
C THR D 102 7.29 -89.75 56.92
N GLU D 103 6.26 -89.95 56.11
CA GLU D 103 5.34 -88.89 55.75
C GLU D 103 3.91 -89.41 55.75
N LEU D 104 3.01 -88.67 56.38
CA LEU D 104 1.59 -89.02 56.45
C LEU D 104 0.75 -87.81 56.07
N ASP D 105 -0.25 -88.04 55.22
CA ASP D 105 -1.14 -86.97 54.75
C ASP D 105 -2.58 -87.44 54.87
N LEU D 106 -3.35 -86.77 55.73
CA LEU D 106 -4.77 -87.06 55.95
C LEU D 106 -5.49 -85.73 56.10
N MET D 107 -6.02 -85.21 55.01
CA MET D 107 -6.60 -83.88 54.98
C MET D 107 -8.12 -83.87 55.17
N SER D 108 -8.81 -84.97 54.86
CA SER D 108 -10.26 -85.03 55.06
C SER D 108 -10.63 -86.49 55.26
N ASN D 109 -10.81 -86.89 56.52
CA ASN D 109 -11.20 -88.26 56.83
C ASN D 109 -12.23 -88.38 57.94
N SER D 110 -12.64 -87.28 58.56
CA SER D 110 -13.68 -87.28 59.60
C SER D 110 -13.37 -88.28 60.71
N ILE D 111 -12.12 -88.27 61.17
CA ILE D 111 -11.69 -89.15 62.26
C ILE D 111 -11.95 -88.38 63.55
N HIS D 112 -13.18 -88.51 64.07
CA HIS D 112 -13.58 -87.74 65.24
C HIS D 112 -12.84 -88.20 66.50
N LYS D 113 -12.81 -89.52 66.73
CA LYS D 113 -12.22 -90.08 67.94
C LYS D 113 -10.99 -90.91 67.58
N ILE D 114 -9.93 -90.76 68.38
CA ILE D 114 -8.71 -91.53 68.24
C ILE D 114 -8.40 -92.17 69.59
N LYS D 115 -8.18 -93.47 69.61
CA LYS D 115 -7.96 -94.22 70.83
C LYS D 115 -6.64 -94.97 70.78
N SER D 116 -6.15 -95.34 71.95
CA SER D 116 -4.92 -96.12 72.12
C SER D 116 -3.75 -95.31 71.56
N ASN D 117 -2.73 -96.00 71.05
CA ASN D 117 -1.54 -95.36 70.48
C ASN D 117 -1.41 -95.82 69.04
N PRO D 118 -2.04 -95.10 68.10
CA PRO D 118 -1.97 -95.52 66.68
C PRO D 118 -0.57 -95.48 66.10
N PHE D 119 0.35 -94.74 66.69
CA PHE D 119 1.69 -94.54 66.14
C PHE D 119 2.76 -95.07 67.07
N LYS D 120 2.53 -96.26 67.64
CA LYS D 120 3.52 -96.87 68.52
C LYS D 120 4.74 -97.38 67.76
N ASN D 121 4.59 -97.68 66.47
CA ASN D 121 5.68 -98.20 65.66
C ASN D 121 6.32 -97.14 64.77
N GLN D 122 5.67 -96.00 64.57
CA GLN D 122 6.19 -94.95 63.71
C GLN D 122 7.25 -94.16 64.46
N LYS D 123 8.52 -94.39 64.12
CA LYS D 123 9.63 -93.67 64.72
C LYS D 123 10.28 -92.66 63.80
N ASN D 124 10.28 -92.91 62.49
CA ASN D 124 10.84 -91.99 61.52
C ASN D 124 9.79 -91.08 60.90
N LEU D 125 8.54 -91.14 61.36
CA LEU D 125 7.48 -90.30 60.82
C LEU D 125 7.73 -88.85 61.21
N ILE D 126 7.94 -88.00 60.20
CA ILE D 126 8.36 -86.63 60.43
C ILE D 126 7.16 -85.70 60.53
N LYS D 127 6.36 -85.62 59.48
CA LYS D 127 5.25 -84.69 59.40
C LYS D 127 3.93 -85.44 59.58
N LEU D 128 3.05 -84.88 60.40
CA LEU D 128 1.74 -85.44 60.69
C LEU D 128 0.68 -84.50 60.15
N ASP D 129 -0.10 -84.96 59.18
CA ASP D 129 -1.18 -84.17 58.59
C ASP D 129 -2.50 -84.79 59.01
N LEU D 130 -3.03 -84.33 60.14
CA LEU D 130 -4.34 -84.75 60.65
C LEU D 130 -5.19 -83.49 60.76
N SER D 131 -5.84 -83.11 59.67
CA SER D 131 -6.61 -81.87 59.61
C SER D 131 -7.98 -82.13 59.02
N HIS D 132 -8.93 -81.28 59.41
CA HIS D 132 -10.30 -81.31 58.90
C HIS D 132 -10.96 -82.68 59.10
N ASN D 133 -10.52 -83.42 60.11
CA ASN D 133 -11.09 -84.71 60.44
C ASN D 133 -12.03 -84.66 61.64
N GLY D 134 -12.41 -83.46 62.08
CA GLY D 134 -13.32 -83.32 63.20
C GLY D 134 -12.76 -83.78 64.52
N LEU D 135 -11.48 -83.52 64.79
CA LEU D 135 -10.89 -83.87 66.07
C LEU D 135 -11.47 -82.99 67.17
N SER D 136 -11.93 -83.63 68.26
CA SER D 136 -12.41 -82.89 69.41
C SER D 136 -11.33 -82.67 70.45
N SER D 137 -10.28 -83.49 70.46
CA SER D 137 -9.17 -83.33 71.39
C SER D 137 -7.87 -83.58 70.64
N THR D 138 -6.80 -82.95 71.11
CA THR D 138 -5.48 -83.09 70.51
C THR D 138 -4.72 -84.31 71.02
N LYS D 139 -5.30 -85.06 71.97
CA LYS D 139 -4.62 -86.23 72.49
C LYS D 139 -4.52 -87.33 71.43
N LEU D 140 -3.35 -87.96 71.36
CA LEU D 140 -3.10 -89.06 70.44
C LEU D 140 -2.63 -90.32 71.15
N GLY D 141 -2.66 -90.34 72.47
CA GLY D 141 -2.23 -91.50 73.22
C GLY D 141 -1.84 -91.12 74.63
N THR D 142 -1.49 -92.15 75.40
CA THR D 142 -1.08 -91.98 76.79
C THR D 142 0.42 -92.10 77.00
N GLY D 143 1.09 -92.98 76.26
CA GLY D 143 2.52 -93.15 76.39
C GLY D 143 3.30 -92.12 75.59
N VAL D 144 4.63 -92.27 75.66
CA VAL D 144 5.54 -91.37 74.94
C VAL D 144 5.90 -92.01 73.62
N GLN D 145 5.58 -91.32 72.52
CA GLN D 145 5.86 -91.81 71.18
C GLN D 145 6.29 -90.62 70.33
N LEU D 146 6.40 -90.85 69.01
CA LEU D 146 6.83 -89.84 68.05
C LEU D 146 8.19 -89.27 68.43
N GLU D 147 9.18 -90.16 68.38
CA GLU D 147 10.53 -89.80 68.81
C GLU D 147 11.12 -88.71 67.94
N ASN D 148 10.93 -88.78 66.62
CA ASN D 148 11.53 -87.84 65.67
C ASN D 148 10.44 -87.34 64.73
N LEU D 149 9.79 -86.24 65.11
CA LEU D 149 8.83 -85.56 64.24
C LEU D 149 9.10 -84.06 64.33
N GLN D 150 8.75 -83.35 63.26
CA GLN D 150 9.03 -81.92 63.17
C GLN D 150 7.78 -81.06 63.19
N GLU D 151 6.82 -81.30 62.29
CA GLU D 151 5.63 -80.49 62.20
C GLU D 151 4.40 -81.34 62.47
N LEU D 152 3.47 -80.81 63.26
CA LEU D 152 2.20 -81.45 63.58
C LEU D 152 1.08 -80.56 63.06
N LEU D 153 0.28 -81.08 62.14
CA LEU D 153 -0.79 -80.32 61.51
C LEU D 153 -2.13 -80.81 62.05
N LEU D 154 -2.79 -79.96 62.83
CA LEU D 154 -4.12 -80.23 63.37
C LEU D 154 -4.97 -78.99 63.11
N ALA D 155 -5.58 -78.94 61.92
CA ALA D 155 -6.30 -77.75 61.48
C ALA D 155 -7.71 -78.13 61.05
N LYS D 156 -8.60 -77.13 61.07
CA LYS D 156 -9.98 -77.26 60.63
C LYS D 156 -10.75 -78.31 61.42
N ASN D 157 -10.31 -78.61 62.64
CA ASN D 157 -10.98 -79.55 63.52
C ASN D 157 -11.76 -78.79 64.58
N LYS D 158 -12.33 -79.51 65.55
CA LYS D 158 -13.20 -78.93 66.56
C LYS D 158 -12.65 -79.13 67.97
N ILE D 159 -11.36 -78.91 68.16
CA ILE D 159 -10.79 -78.96 69.50
C ILE D 159 -11.27 -77.74 70.28
N LEU D 160 -11.80 -77.99 71.48
CA LEU D 160 -12.35 -76.92 72.30
C LEU D 160 -11.33 -76.31 73.25
N ALA D 161 -10.35 -77.09 73.71
CA ALA D 161 -9.37 -76.59 74.65
C ALA D 161 -8.12 -77.47 74.60
N LEU D 162 -7.03 -76.93 75.13
CA LEU D 162 -5.77 -77.65 75.25
C LEU D 162 -5.45 -77.84 76.72
N ARG D 163 -5.11 -79.08 77.09
CA ARG D 163 -4.86 -79.43 78.48
C ARG D 163 -3.48 -80.07 78.62
N SER D 164 -2.94 -80.00 79.83
CA SER D 164 -1.62 -80.58 80.09
C SER D 164 -1.61 -82.09 79.95
N GLU D 165 -2.71 -82.76 80.32
CA GLU D 165 -2.75 -84.21 80.25
C GLU D 165 -2.82 -84.73 78.82
N GLU D 166 -3.44 -83.98 77.90
CA GLU D 166 -3.55 -84.41 76.52
C GLU D 166 -2.38 -83.97 75.65
N LEU D 167 -1.48 -83.14 76.17
CA LEU D 167 -0.28 -82.73 75.44
C LEU D 167 1.00 -83.33 76.02
N GLU D 168 0.87 -84.26 76.98
CA GLU D 168 2.04 -84.86 77.61
C GLU D 168 2.52 -86.11 76.90
N PHE D 169 1.89 -86.51 75.80
CA PHE D 169 2.31 -87.71 75.08
C PHE D 169 3.60 -87.51 74.29
N LEU D 170 4.10 -86.29 74.19
CA LEU D 170 5.36 -86.00 73.51
C LEU D 170 6.38 -85.58 74.56
N GLY D 171 7.03 -86.56 75.19
CA GLY D 171 8.02 -86.28 76.21
C GLY D 171 9.30 -85.65 75.70
N ASN D 172 9.79 -86.12 74.55
CA ASN D 172 11.06 -85.66 74.00
C ASN D 172 10.92 -84.90 72.69
N SER D 173 9.72 -84.75 72.16
CA SER D 173 9.54 -84.25 70.80
C SER D 173 10.03 -82.80 70.67
N SER D 174 10.63 -82.51 69.52
CA SER D 174 11.07 -81.17 69.17
C SER D 174 10.24 -80.73 67.96
N LEU D 175 9.12 -80.09 68.23
CA LEU D 175 8.20 -79.68 67.18
C LEU D 175 8.70 -78.41 66.50
N ARG D 176 8.64 -78.39 65.17
CA ARG D 176 9.11 -77.25 64.38
C ARG D 176 7.98 -76.37 63.88
N LYS D 177 6.83 -76.93 63.53
CA LYS D 177 5.72 -76.14 62.99
C LYS D 177 4.42 -76.81 63.42
N LEU D 178 3.83 -76.32 64.50
CA LEU D 178 2.56 -76.84 65.00
C LEU D 178 1.41 -76.03 64.40
N ASP D 179 0.49 -76.73 63.74
CA ASP D 179 -0.65 -76.10 63.09
C ASP D 179 -1.90 -76.36 63.91
N LEU D 180 -2.58 -75.28 64.31
CA LEU D 180 -3.83 -75.37 65.06
C LEU D 180 -4.85 -74.38 64.50
N SER D 181 -4.92 -74.28 63.18
CA SER D 181 -5.79 -73.31 62.54
C SER D 181 -7.24 -73.79 62.53
N SER D 182 -8.16 -72.82 62.58
CA SER D 182 -9.60 -73.08 62.49
C SER D 182 -10.07 -74.02 63.59
N ASN D 183 -9.47 -73.95 64.77
CA ASN D 183 -9.87 -74.76 65.90
C ASN D 183 -10.58 -73.89 66.93
N PRO D 184 -11.85 -74.16 67.26
CA PRO D 184 -12.56 -73.31 68.22
C PRO D 184 -12.05 -73.46 69.65
N LEU D 185 -10.88 -72.89 69.92
CA LEU D 185 -10.31 -72.94 71.26
C LEU D 185 -10.93 -71.85 72.13
N LYS D 186 -11.40 -72.24 73.32
CA LYS D 186 -12.03 -71.31 74.25
C LYS D 186 -11.22 -71.07 75.51
N GLU D 187 -10.48 -72.07 75.99
CA GLU D 187 -9.66 -71.93 77.17
C GLU D 187 -8.38 -72.72 77.00
N PHE D 188 -7.35 -72.32 77.75
CA PHE D 188 -6.04 -72.99 77.72
C PHE D 188 -5.69 -73.41 79.14
N SER D 189 -5.68 -74.70 79.39
CA SER D 189 -5.32 -75.21 80.71
C SER D 189 -3.84 -74.98 80.98
N PRO D 190 -3.46 -74.69 82.22
CA PRO D 190 -2.03 -74.50 82.52
C PRO D 190 -1.23 -75.76 82.24
N GLY D 191 0.01 -75.57 81.79
CA GLY D 191 0.87 -76.69 81.45
C GLY D 191 0.60 -77.30 80.10
N CYS D 192 -0.23 -76.68 79.27
CA CYS D 192 -0.52 -77.22 77.94
C CYS D 192 0.68 -77.21 77.02
N PHE D 193 1.59 -76.25 77.18
CA PHE D 193 2.78 -76.17 76.35
C PHE D 193 4.05 -76.60 77.07
N GLN D 194 4.05 -76.65 78.40
CA GLN D 194 5.23 -77.09 79.13
C GLN D 194 5.49 -78.59 78.97
N THR D 195 4.47 -79.36 78.58
CA THR D 195 4.64 -80.79 78.37
C THR D 195 5.30 -81.12 77.03
N ILE D 196 5.43 -80.14 76.13
CA ILE D 196 6.10 -80.34 74.85
C ILE D 196 7.57 -79.99 75.02
N GLY D 197 8.44 -80.87 74.56
CA GLY D 197 9.87 -80.67 74.68
C GLY D 197 10.36 -79.38 74.05
N LYS D 198 10.26 -79.28 72.73
CA LYS D 198 10.68 -78.09 71.99
C LYS D 198 9.60 -77.75 70.97
N LEU D 199 8.96 -76.60 71.15
CA LEU D 199 7.98 -76.08 70.20
C LEU D 199 8.55 -74.84 69.54
N PHE D 200 8.51 -74.81 68.20
CA PHE D 200 9.12 -73.73 67.44
C PHE D 200 8.10 -72.77 66.83
N ALA D 201 7.10 -73.29 66.12
CA ALA D 201 6.12 -72.46 65.45
C ALA D 201 4.71 -72.88 65.84
N LEU D 202 3.80 -71.91 65.86
CA LEU D 202 2.41 -72.15 66.20
C LEU D 202 1.52 -71.35 65.26
N LEU D 203 0.43 -71.98 64.81
CA LEU D 203 -0.53 -71.35 63.91
C LEU D 203 -1.91 -71.40 64.58
N LEU D 204 -2.54 -70.24 64.72
CA LEU D 204 -3.84 -70.13 65.36
C LEU D 204 -4.82 -69.34 64.50
N ASN D 205 -4.82 -69.62 63.19
CA ASN D 205 -5.71 -68.93 62.28
C ASN D 205 -7.15 -69.40 62.48
N ASN D 206 -8.09 -68.44 62.40
CA ASN D 206 -9.52 -68.72 62.52
C ASN D 206 -9.87 -69.39 63.84
N ALA D 207 -9.08 -69.13 64.89
CA ALA D 207 -9.32 -69.70 66.20
C ALA D 207 -9.99 -68.71 67.15
N GLN D 208 -10.44 -67.57 66.65
CA GLN D 208 -11.15 -66.52 67.39
C GLN D 208 -10.58 -66.28 68.78
N LEU D 209 -9.30 -65.89 68.86
CA LEU D 209 -8.67 -65.57 70.13
C LEU D 209 -9.18 -64.25 70.65
N ASN D 210 -9.79 -64.26 71.84
CA ASN D 210 -10.18 -63.02 72.50
C ASN D 210 -8.95 -62.33 73.09
N PRO D 211 -9.00 -61.00 73.24
CA PRO D 211 -7.86 -60.31 73.86
C PRO D 211 -7.54 -60.83 75.26
N HIS D 212 -8.56 -61.11 76.07
CA HIS D 212 -8.32 -61.74 77.36
C HIS D 212 -7.82 -63.17 77.17
N LEU D 213 -8.38 -63.91 76.22
CA LEU D 213 -7.89 -65.25 75.92
C LEU D 213 -6.45 -65.22 75.44
N THR D 214 -6.12 -64.26 74.57
CA THR D 214 -4.75 -64.13 74.09
C THR D 214 -3.80 -63.80 75.24
N GLU D 215 -4.21 -62.88 76.12
CA GLU D 215 -3.36 -62.52 77.25
C GLU D 215 -3.14 -63.71 78.18
N LYS D 216 -4.20 -64.50 78.42
CA LYS D 216 -4.05 -65.69 79.24
C LYS D 216 -3.12 -66.72 78.58
N LEU D 217 -3.25 -66.90 77.27
CA LEU D 217 -2.37 -67.83 76.55
C LEU D 217 -0.93 -67.33 76.53
N CYS D 218 -0.73 -66.03 76.66
CA CYS D 218 0.62 -65.48 76.69
C CYS D 218 1.43 -66.07 77.85
N TRP D 219 0.80 -66.17 79.03
CA TRP D 219 1.49 -66.76 80.17
C TRP D 219 1.78 -68.25 79.94
N GLU D 220 0.84 -68.96 79.31
CA GLU D 220 1.07 -70.37 79.01
C GLU D 220 2.19 -70.58 78.00
N LEU D 221 2.43 -69.59 77.13
CA LEU D 221 3.52 -69.69 76.16
C LEU D 221 4.89 -69.39 76.78
N SER D 222 4.94 -68.98 78.04
CA SER D 222 6.19 -68.63 78.69
C SER D 222 7.03 -69.89 78.95
N ASN D 223 8.35 -69.68 79.02
CA ASN D 223 9.33 -70.77 79.06
C ASN D 223 9.05 -71.79 77.97
N THR D 224 9.11 -71.34 76.72
CA THR D 224 9.00 -72.18 75.54
C THR D 224 9.94 -71.64 74.48
N SER D 225 10.34 -72.53 73.56
CA SER D 225 11.28 -72.19 72.50
C SER D 225 10.59 -71.69 71.24
N ILE D 226 9.36 -71.18 71.34
CA ILE D 226 8.62 -70.75 70.16
C ILE D 226 9.24 -69.48 69.61
N GLN D 227 9.52 -69.48 68.31
CA GLN D 227 10.08 -68.32 67.63
C GLN D 227 9.13 -67.69 66.63
N ASN D 228 8.16 -68.43 66.09
CA ASN D 228 7.21 -67.92 65.12
C ASN D 228 5.80 -68.19 65.64
N LEU D 229 5.00 -67.12 65.74
CA LEU D 229 3.61 -67.22 66.19
C LEU D 229 2.74 -66.45 65.21
N SER D 230 1.69 -67.12 64.71
CA SER D 230 0.77 -66.51 63.76
C SER D 230 -0.62 -66.44 64.40
N LEU D 231 -1.19 -65.24 64.44
CA LEU D 231 -2.52 -64.99 64.98
C LEU D 231 -3.31 -64.23 63.91
N ALA D 232 -3.97 -64.97 63.01
CA ALA D 232 -4.69 -64.39 61.89
C ALA D 232 -6.17 -64.73 62.00
N ASN D 233 -7.00 -63.80 61.49
CA ASN D 233 -8.45 -63.96 61.46
C ASN D 233 -9.00 -64.17 62.87
N ASN D 234 -8.79 -63.17 63.72
CA ASN D 234 -9.28 -63.17 65.09
C ASN D 234 -9.96 -61.84 65.37
N GLN D 235 -10.42 -61.67 66.62
CA GLN D 235 -11.10 -60.46 67.06
C GLN D 235 -10.20 -59.59 67.93
N LEU D 236 -8.91 -59.51 67.61
CA LEU D 236 -8.00 -58.67 68.38
C LEU D 236 -8.22 -57.21 68.05
N LEU D 237 -9.33 -56.64 68.54
CA LEU D 237 -9.66 -55.26 68.22
C LEU D 237 -8.69 -54.28 68.86
N ALA D 238 -8.27 -54.54 70.10
CA ALA D 238 -7.39 -53.64 70.81
C ALA D 238 -6.32 -54.45 71.55
N THR D 239 -5.18 -53.78 71.80
CA THR D 239 -4.07 -54.36 72.52
C THR D 239 -3.60 -53.38 73.58
N SER D 240 -3.02 -53.92 74.65
CA SER D 240 -2.55 -53.11 75.78
C SER D 240 -1.09 -53.44 76.06
N GLU D 241 -0.52 -52.74 77.06
CA GLU D 241 0.86 -52.98 77.43
C GLU D 241 1.06 -54.38 77.98
N SER D 242 0.10 -54.87 78.76
CA SER D 242 0.18 -56.19 79.38
C SER D 242 -0.44 -57.27 78.50
N THR D 243 -0.86 -56.93 77.28
CA THR D 243 -1.45 -57.93 76.39
C THR D 243 -0.44 -59.02 76.04
N PHE D 244 0.80 -58.63 75.74
CA PHE D 244 1.86 -59.58 75.41
C PHE D 244 2.87 -59.73 76.54
N SER D 245 2.46 -59.47 77.79
CA SER D 245 3.38 -59.57 78.92
C SER D 245 3.92 -60.98 79.06
N GLY D 246 3.07 -62.00 78.86
CA GLY D 246 3.53 -63.37 78.90
C GLY D 246 4.55 -63.71 77.85
N LEU D 247 4.67 -62.87 76.81
CA LEU D 247 5.70 -63.05 75.80
C LEU D 247 7.05 -62.48 76.20
N LYS D 248 7.13 -61.83 77.37
CA LYS D 248 8.41 -61.25 77.78
C LYS D 248 9.40 -62.31 78.23
N TRP D 249 8.94 -63.47 78.70
CA TRP D 249 9.82 -64.57 79.06
C TRP D 249 10.06 -65.51 77.88
N THR D 250 9.51 -65.18 76.72
CA THR D 250 9.62 -66.01 75.53
C THR D 250 10.76 -65.52 74.65
N ASN D 251 11.08 -66.31 73.62
CA ASN D 251 12.25 -66.12 72.76
C ASN D 251 11.78 -66.09 71.30
N LEU D 252 11.32 -64.92 70.86
CA LEU D 252 10.59 -64.78 69.61
C LEU D 252 11.51 -64.37 68.46
N THR D 253 11.09 -64.75 67.25
CA THR D 253 11.72 -64.30 66.01
C THR D 253 10.76 -63.52 65.12
N GLN D 254 9.57 -64.07 64.85
CA GLN D 254 8.58 -63.43 64.01
C GLN D 254 7.19 -63.62 64.62
N LEU D 255 6.39 -62.57 64.58
CA LEU D 255 5.01 -62.61 65.05
C LEU D 255 4.09 -62.07 63.97
N ASP D 256 2.96 -62.74 63.77
CA ASP D 256 1.97 -62.35 62.78
C ASP D 256 0.67 -61.99 63.48
N LEU D 257 0.12 -60.82 63.15
CA LEU D 257 -1.12 -60.34 63.73
C LEU D 257 -2.02 -59.74 62.65
N SER D 258 -2.12 -60.42 61.52
CA SER D 258 -2.88 -59.93 60.38
C SER D 258 -4.36 -60.31 60.49
N TYR D 259 -5.20 -59.53 59.82
CA TYR D 259 -6.64 -59.79 59.75
C TYR D 259 -7.27 -59.87 61.14
N ASN D 260 -6.82 -59.02 62.06
CA ASN D 260 -7.33 -59.01 63.42
C ASN D 260 -8.23 -57.81 63.71
N ASN D 261 -8.39 -56.90 62.75
CA ASN D 261 -9.21 -55.69 62.92
C ASN D 261 -8.77 -54.92 64.15
N LEU D 262 -7.46 -54.72 64.26
CA LEU D 262 -6.87 -54.01 65.40
C LEU D 262 -7.22 -52.53 65.29
N HIS D 263 -8.10 -52.06 66.18
CA HIS D 263 -8.56 -50.67 66.15
C HIS D 263 -7.70 -49.76 67.03
N ASP D 264 -7.27 -50.24 68.20
CA ASP D 264 -6.49 -49.45 69.13
C ASP D 264 -5.17 -50.15 69.41
N VAL D 265 -4.08 -49.40 69.36
CA VAL D 265 -2.75 -49.91 69.64
C VAL D 265 -2.28 -49.29 70.96
N GLY D 266 -2.14 -50.12 71.99
CA GLY D 266 -1.73 -49.62 73.27
C GLY D 266 -0.24 -49.30 73.31
N ASN D 267 0.10 -48.35 74.18
CA ASN D 267 1.50 -47.99 74.36
C ASN D 267 2.26 -49.12 75.03
N GLY D 268 3.43 -49.45 74.48
CA GLY D 268 4.22 -50.53 75.03
C GLY D 268 3.64 -51.91 74.85
N SER D 269 2.76 -52.09 73.85
CA SER D 269 2.19 -53.41 73.61
C SER D 269 3.28 -54.41 73.19
N PHE D 270 4.22 -53.99 72.35
CA PHE D 270 5.33 -54.82 71.92
C PHE D 270 6.61 -54.52 72.68
N SER D 271 6.52 -53.79 73.80
CA SER D 271 7.70 -53.48 74.58
C SER D 271 8.31 -54.71 75.25
N TYR D 272 7.58 -55.82 75.29
CA TYR D 272 8.06 -57.05 75.90
C TYR D 272 8.61 -58.03 74.87
N LEU D 273 9.03 -57.53 73.71
CA LEU D 273 9.57 -58.37 72.63
C LEU D 273 10.92 -57.80 72.21
N PRO D 274 11.97 -58.01 73.03
CA PRO D 274 13.29 -57.48 72.68
C PRO D 274 14.01 -58.28 71.60
N SER D 275 13.62 -59.52 71.36
CA SER D 275 14.26 -60.35 70.36
C SER D 275 13.46 -60.50 69.08
N LEU D 276 12.28 -59.88 68.99
CA LEU D 276 11.46 -59.97 67.80
C LEU D 276 12.14 -59.27 66.63
N ARG D 277 12.17 -59.94 65.47
CA ARG D 277 12.80 -59.39 64.28
C ARG D 277 11.84 -59.17 63.12
N TYR D 278 10.67 -59.80 63.12
CA TYR D 278 9.69 -59.64 62.06
C TYR D 278 8.30 -59.47 62.68
N LEU D 279 7.51 -58.56 62.12
CA LEU D 279 6.17 -58.29 62.61
C LEU D 279 5.29 -57.84 61.45
N SER D 280 4.08 -58.39 61.38
CA SER D 280 3.14 -58.06 60.32
C SER D 280 1.78 -57.76 60.92
N LEU D 281 1.21 -56.62 60.56
CA LEU D 281 -0.12 -56.20 60.97
C LEU D 281 -1.01 -55.93 59.76
N GLU D 282 -0.93 -56.82 58.77
CA GLU D 282 -1.63 -56.61 57.50
C GLU D 282 -3.14 -56.69 57.69
N TYR D 283 -3.86 -55.87 56.93
CA TYR D 283 -5.33 -55.87 56.87
C TYR D 283 -5.93 -55.63 58.26
N ASN D 284 -5.65 -54.44 58.79
CA ASN D 284 -6.18 -54.02 60.08
C ASN D 284 -6.67 -52.59 59.98
N ASN D 285 -7.69 -52.25 60.77
CA ASN D 285 -8.26 -50.91 60.80
C ASN D 285 -7.68 -50.16 62.00
N ILE D 286 -6.43 -49.74 61.86
CA ILE D 286 -5.73 -49.03 62.92
C ILE D 286 -6.04 -47.54 62.80
N GLN D 287 -6.47 -46.94 63.91
CA GLN D 287 -6.79 -45.52 63.91
C GLN D 287 -5.54 -44.66 63.80
N ARG D 288 -4.62 -44.81 64.76
CA ARG D 288 -3.40 -44.03 64.77
C ARG D 288 -2.32 -44.80 65.52
N LEU D 289 -1.07 -44.39 65.31
CA LEU D 289 0.09 -45.03 65.92
C LEU D 289 0.80 -44.02 66.80
N SER D 290 0.75 -44.25 68.11
CA SER D 290 1.45 -43.38 69.05
C SER D 290 2.95 -43.60 68.96
N PRO D 291 3.76 -42.60 69.30
CA PRO D 291 5.22 -42.79 69.27
C PRO D 291 5.71 -43.88 70.19
N ARG D 292 5.06 -44.10 71.33
CA ARG D 292 5.44 -45.14 72.28
C ARG D 292 4.80 -46.49 71.96
N SER D 293 3.94 -46.55 70.94
CA SER D 293 3.34 -47.82 70.57
C SER D 293 4.38 -48.82 70.08
N PHE D 294 5.37 -48.34 69.32
CA PHE D 294 6.43 -49.18 68.79
C PHE D 294 7.62 -49.29 69.74
N TYR D 295 7.52 -48.69 70.93
CA TYR D 295 8.62 -48.76 71.89
C TYR D 295 8.83 -50.20 72.34
N GLY D 296 10.11 -50.58 72.48
CA GLY D 296 10.50 -51.90 72.91
C GLY D 296 10.93 -52.83 71.79
N LEU D 297 10.59 -52.49 70.54
CA LEU D 297 11.00 -53.30 69.39
C LEU D 297 12.40 -52.86 68.99
N SER D 298 13.38 -53.31 69.75
CA SER D 298 14.78 -52.95 69.54
C SER D 298 15.50 -53.90 68.59
N ASN D 299 14.81 -54.90 68.05
CA ASN D 299 15.42 -55.85 67.14
C ASN D 299 14.61 -56.05 65.87
N LEU D 300 13.57 -55.25 65.66
CA LEU D 300 12.74 -55.39 64.46
C LEU D 300 13.54 -55.06 63.21
N ARG D 301 13.37 -55.91 62.18
CA ARG D 301 14.05 -55.71 60.91
C ARG D 301 13.14 -55.76 59.69
N TYR D 302 11.98 -56.40 59.78
CA TYR D 302 11.04 -56.47 58.67
C TYR D 302 9.64 -56.22 59.20
N LEU D 303 9.04 -55.11 58.78
CA LEU D 303 7.70 -54.73 59.21
C LEU D 303 6.82 -54.48 57.99
N SER D 304 5.64 -55.09 57.97
CA SER D 304 4.68 -54.94 56.88
C SER D 304 3.37 -54.43 57.44
N LEU D 305 2.88 -53.33 56.89
CA LEU D 305 1.62 -52.74 57.34
C LEU D 305 0.67 -52.54 56.17
N LYS D 306 0.50 -53.58 55.35
CA LYS D 306 -0.37 -53.49 54.19
C LYS D 306 -1.82 -53.46 54.66
N ARG D 307 -2.55 -52.40 54.25
CA ARG D 307 -3.94 -52.20 54.65
C ARG D 307 -4.09 -52.18 56.17
N ALA D 308 -3.11 -51.58 56.85
CA ALA D 308 -3.06 -51.55 58.31
C ALA D 308 -3.57 -50.23 58.88
N PHE D 309 -4.56 -49.62 58.23
CA PHE D 309 -5.14 -48.38 58.73
C PHE D 309 -6.62 -48.35 58.38
N THR D 310 -7.36 -47.50 59.09
CA THR D 310 -8.80 -47.40 58.88
C THR D 310 -9.10 -46.76 57.53
N LYS D 311 -10.32 -47.02 57.05
CA LYS D 311 -10.74 -46.50 55.75
C LYS D 311 -10.99 -45.00 55.82
N GLN D 312 -10.86 -44.35 54.67
CA GLN D 312 -11.09 -42.90 54.59
C GLN D 312 -12.57 -42.60 54.82
N SER D 313 -12.84 -41.61 55.67
CA SER D 313 -14.20 -41.19 55.98
C SER D 313 -14.62 -39.93 55.25
N VAL D 314 -13.72 -38.94 55.13
CA VAL D 314 -13.95 -37.71 54.40
C VAL D 314 -15.10 -36.93 55.04
N SER D 315 -16.32 -37.46 54.92
CA SER D 315 -17.48 -36.78 55.48
C SER D 315 -17.42 -36.74 57.01
N LEU D 316 -16.99 -37.84 57.63
CA LEU D 316 -16.93 -37.93 59.08
C LEU D 316 -15.65 -37.34 59.65
N ALA D 317 -14.71 -36.93 58.82
CA ALA D 317 -13.44 -36.34 59.26
C ALA D 317 -12.70 -37.27 60.22
N SER D 318 -12.54 -38.52 59.79
CA SER D 318 -11.85 -39.54 60.58
C SER D 318 -10.63 -40.07 59.85
N HIS D 319 -9.85 -39.18 59.26
CA HIS D 319 -8.68 -39.57 58.50
C HIS D 319 -7.59 -40.07 59.44
N PRO D 320 -7.07 -41.29 59.26
CA PRO D 320 -5.96 -41.76 60.10
C PRO D 320 -4.71 -40.92 59.89
N ASN D 321 -3.96 -40.74 60.97
CA ASN D 321 -2.74 -39.94 60.92
C ASN D 321 -1.71 -40.54 61.87
N ILE D 322 -0.44 -40.29 61.56
CA ILE D 322 0.68 -40.74 62.38
C ILE D 322 1.53 -39.54 62.72
N ASP D 323 1.79 -39.33 64.00
CA ASP D 323 2.56 -38.18 64.44
C ASP D 323 4.06 -38.43 64.28
N ASP D 324 4.85 -37.43 64.63
CA ASP D 324 6.29 -37.51 64.47
C ASP D 324 6.91 -38.46 65.50
N PHE D 325 8.11 -38.94 65.18
CA PHE D 325 8.92 -39.78 66.07
C PHE D 325 8.18 -41.07 66.44
N SER D 326 7.35 -41.58 65.53
CA SER D 326 6.65 -42.83 65.77
C SER D 326 7.48 -44.06 65.40
N PHE D 327 8.60 -43.88 64.69
CA PHE D 327 9.46 -44.97 64.28
C PHE D 327 10.88 -44.83 64.82
N GLN D 328 11.06 -44.04 65.88
CA GLN D 328 12.39 -43.82 66.43
C GLN D 328 12.93 -45.06 67.16
N TRP D 329 12.07 -46.00 67.53
CA TRP D 329 12.52 -47.18 68.25
C TRP D 329 13.06 -48.26 67.33
N LEU D 330 12.72 -48.23 66.05
CA LEU D 330 13.14 -49.27 65.10
C LEU D 330 14.44 -48.82 64.44
N LYS D 331 15.54 -49.00 65.19
CA LYS D 331 16.85 -48.61 64.68
C LYS D 331 17.34 -49.56 63.59
N TYR D 332 17.12 -50.86 63.77
CA TYR D 332 17.60 -51.88 62.85
C TYR D 332 16.58 -52.27 61.79
N LEU D 333 15.45 -51.59 61.73
CA LEU D 333 14.47 -51.87 60.69
C LEU D 333 15.06 -51.56 59.32
N GLU D 334 14.83 -52.47 58.36
CA GLU D 334 15.32 -52.30 57.01
C GLU D 334 14.26 -52.52 55.93
N TYR D 335 13.15 -53.17 56.24
CA TYR D 335 12.07 -53.39 55.28
C TYR D 335 10.79 -52.79 55.84
N LEU D 336 10.18 -51.89 55.08
CA LEU D 336 8.93 -51.25 55.47
C LEU D 336 7.94 -51.35 54.31
N ASN D 337 6.69 -51.66 54.65
CA ASN D 337 5.64 -51.88 53.66
C ASN D 337 4.41 -51.07 54.05
N MET D 338 4.20 -49.94 53.38
CA MET D 338 3.04 -49.09 53.60
C MET D 338 2.00 -49.24 52.49
N ASP D 339 2.00 -50.38 51.79
CA ASP D 339 1.15 -50.55 50.63
C ASP D 339 -0.32 -50.55 51.01
N ASP D 340 -1.15 -49.99 50.13
CA ASP D 340 -2.61 -49.99 50.28
C ASP D 340 -3.04 -49.36 51.60
N ASN D 341 -2.54 -48.17 51.87
CA ASN D 341 -2.87 -47.43 53.09
C ASN D 341 -3.53 -46.11 52.73
N ASN D 342 -3.97 -45.39 53.75
CA ASN D 342 -4.77 -44.18 53.57
C ASN D 342 -4.20 -43.02 54.38
N ILE D 343 -2.88 -42.93 54.46
CA ILE D 343 -2.27 -41.75 55.10
C ILE D 343 -2.40 -40.55 54.16
N PRO D 344 -2.96 -39.43 54.62
CA PRO D 344 -3.07 -38.24 53.74
C PRO D 344 -1.71 -37.75 53.26
N SER D 345 -0.82 -37.45 54.20
CA SER D 345 0.52 -36.99 53.86
C SER D 345 1.44 -37.23 55.06
N THR D 346 2.74 -37.22 54.78
CA THR D 346 3.73 -37.39 55.83
C THR D 346 3.97 -36.07 56.56
N LYS D 347 4.76 -36.14 57.62
CA LYS D 347 5.12 -34.98 58.42
C LYS D 347 6.64 -34.79 58.42
N SER D 348 7.11 -33.83 59.21
CA SER D 348 8.53 -33.50 59.22
C SER D 348 9.38 -34.64 59.76
N ASN D 349 8.91 -35.30 60.81
CA ASN D 349 9.69 -36.35 61.49
C ASN D 349 8.88 -37.64 61.57
N THR D 350 8.15 -37.97 60.52
CA THR D 350 7.37 -39.20 60.51
C THR D 350 8.29 -40.42 60.49
N PHE D 351 9.31 -40.41 59.64
CA PHE D 351 10.23 -41.53 59.49
C PHE D 351 11.53 -41.32 60.24
N THR D 352 11.63 -40.30 61.07
CA THR D 352 12.84 -40.04 61.83
C THR D 352 13.09 -41.16 62.83
N GLY D 353 14.33 -41.65 62.88
CA GLY D 353 14.72 -42.73 63.75
C GLY D 353 15.11 -44.01 63.04
N LEU D 354 14.86 -44.12 61.74
CA LEU D 354 15.22 -45.31 60.97
C LEU D 354 16.62 -45.08 60.39
N VAL D 355 17.64 -45.57 61.09
CA VAL D 355 19.02 -45.39 60.66
C VAL D 355 19.52 -46.53 59.77
N SER D 356 18.73 -47.61 59.63
CA SER D 356 19.14 -48.74 58.82
C SER D 356 18.10 -49.13 57.78
N LEU D 357 17.10 -48.28 57.54
CA LEU D 357 16.05 -48.61 56.58
C LEU D 357 16.60 -48.54 55.17
N LYS D 358 16.33 -49.58 54.37
CA LYS D 358 16.77 -49.64 52.98
C LYS D 358 15.69 -50.05 52.01
N TYR D 359 14.61 -50.69 52.46
CA TYR D 359 13.50 -51.10 51.60
C TYR D 359 12.22 -50.48 52.13
N LEU D 360 11.71 -49.47 51.44
CA LEU D 360 10.49 -48.77 51.82
C LEU D 360 9.51 -48.80 50.65
N SER D 361 8.28 -49.19 50.92
CA SER D 361 7.22 -49.23 49.92
C SER D 361 6.07 -48.34 50.37
N LEU D 362 5.65 -47.44 49.49
CA LEU D 362 4.55 -46.52 49.77
C LEU D 362 3.50 -46.56 48.66
N SER D 363 3.30 -47.73 48.07
CA SER D 363 2.37 -47.85 46.95
C SER D 363 0.93 -47.74 47.42
N LYS D 364 0.16 -46.87 46.76
CA LYS D 364 -1.25 -46.65 47.09
C LYS D 364 -1.42 -46.31 48.57
N THR D 365 -0.54 -45.45 49.08
CA THR D 365 -0.53 -45.06 50.48
C THR D 365 -1.02 -43.65 50.72
N PHE D 366 -0.66 -42.70 49.87
CA PHE D 366 -1.00 -41.29 50.04
C PHE D 366 -2.11 -40.90 49.08
N THR D 367 -3.17 -40.30 49.63
CA THR D 367 -4.29 -39.80 48.83
C THR D 367 -4.37 -38.29 48.78
N SER D 368 -3.92 -37.60 49.82
CA SER D 368 -3.91 -36.14 49.87
C SER D 368 -2.61 -35.54 49.37
N LEU D 369 -1.67 -36.37 48.90
CA LEU D 369 -0.38 -35.90 48.41
C LEU D 369 -0.51 -35.56 46.93
N GLN D 370 -0.74 -34.27 46.65
CA GLN D 370 -0.82 -33.80 45.28
C GLN D 370 0.50 -33.25 44.76
N THR D 371 1.21 -32.50 45.60
CA THR D 371 2.48 -31.88 45.22
C THR D 371 3.58 -32.35 46.16
N LEU D 372 4.68 -32.82 45.59
CA LEU D 372 5.82 -33.29 46.36
C LEU D 372 6.84 -32.16 46.50
N THR D 373 7.02 -31.66 47.72
CA THR D 373 8.02 -30.65 48.01
C THR D 373 9.25 -31.32 48.59
N ASN D 374 10.27 -30.51 48.88
CA ASN D 374 11.51 -31.00 49.47
C ASN D 374 11.46 -31.01 50.99
N GLU D 375 10.24 -31.07 51.56
CA GLU D 375 10.05 -31.18 52.99
C GLU D 375 9.28 -32.44 53.37
N THR D 376 9.09 -33.36 52.42
CA THR D 376 8.37 -34.60 52.68
C THR D 376 9.30 -35.73 53.11
N PHE D 377 10.38 -35.96 52.35
CA PHE D 377 11.33 -37.02 52.62
C PHE D 377 12.52 -36.53 53.43
N VAL D 378 12.35 -35.44 54.19
CA VAL D 378 13.42 -34.96 55.04
C VAL D 378 13.71 -35.94 56.17
N SER D 379 12.71 -36.70 56.60
CA SER D 379 12.89 -37.68 57.66
C SER D 379 13.84 -38.81 57.28
N LEU D 380 13.96 -39.11 55.98
CA LEU D 380 14.82 -40.18 55.50
C LEU D 380 16.24 -39.70 55.19
N ALA D 381 16.68 -38.61 55.83
CA ALA D 381 18.03 -38.12 55.58
C ALA D 381 19.08 -39.13 56.03
N HIS D 382 18.88 -39.75 57.19
CA HIS D 382 19.83 -40.70 57.74
C HIS D 382 19.47 -42.15 57.39
N SER D 383 18.45 -42.36 56.57
CA SER D 383 18.04 -43.71 56.20
C SER D 383 18.69 -44.08 54.88
N PRO D 384 19.57 -45.09 54.85
CA PRO D 384 20.21 -45.52 53.59
C PRO D 384 19.26 -46.34 52.73
N LEU D 385 18.28 -45.67 52.12
CA LEU D 385 17.29 -46.35 51.31
C LEU D 385 17.91 -46.90 50.04
N LEU D 386 17.33 -48.00 49.54
CA LEU D 386 17.81 -48.63 48.33
C LEU D 386 16.65 -48.78 47.33
N THR D 387 15.44 -49.00 47.84
CA THR D 387 14.25 -49.14 47.01
C THR D 387 13.15 -48.24 47.55
N LEU D 388 12.32 -47.74 46.64
CA LEU D 388 11.23 -46.85 47.01
C LEU D 388 10.07 -47.08 46.06
N ASN D 389 8.87 -47.28 46.62
CA ASN D 389 7.66 -47.48 45.83
C ASN D 389 6.70 -46.33 46.09
N LEU D 390 6.21 -45.71 45.01
CA LEU D 390 5.28 -44.59 45.13
C LEU D 390 4.15 -44.67 44.10
N THR D 391 3.76 -45.88 43.71
CA THR D 391 2.70 -46.04 42.73
C THR D 391 1.33 -45.80 43.37
N LYS D 392 0.39 -45.32 42.55
CA LYS D 392 -1.00 -45.11 42.95
C LYS D 392 -1.11 -44.15 44.13
N ASN D 393 -0.19 -43.19 44.23
CA ASN D 393 -0.19 -42.21 45.31
C ASN D 393 -0.75 -40.86 44.86
N HIS D 394 -1.28 -40.78 43.64
CA HIS D 394 -1.88 -39.55 43.11
C HIS D 394 -0.89 -38.39 43.14
N ILE D 395 0.36 -38.66 42.83
CA ILE D 395 1.40 -37.63 42.79
C ILE D 395 1.29 -36.89 41.46
N SER D 396 1.16 -35.57 41.52
CA SER D 396 1.03 -34.75 40.33
C SER D 396 2.10 -33.68 40.19
N LYS D 397 2.85 -33.37 41.25
CA LYS D 397 3.86 -32.32 41.19
C LYS D 397 5.02 -32.70 42.11
N ILE D 398 6.23 -32.50 41.63
CA ILE D 398 7.44 -32.69 42.41
C ILE D 398 8.30 -31.43 42.30
N ALA D 399 8.89 -31.02 43.41
CA ALA D 399 9.68 -29.80 43.46
C ALA D 399 11.16 -30.09 43.27
N ASN D 400 11.92 -29.02 43.07
CA ASN D 400 13.37 -29.15 42.92
C ASN D 400 13.99 -29.66 44.22
N GLY D 401 14.92 -30.61 44.08
CA GLY D 401 15.59 -31.17 45.24
C GLY D 401 14.70 -31.91 46.20
N THR D 402 13.62 -32.53 45.71
CA THR D 402 12.73 -33.28 46.58
C THR D 402 13.46 -34.48 47.19
N PHE D 403 14.26 -35.19 46.39
CA PHE D 403 15.01 -36.34 46.85
C PHE D 403 16.48 -36.00 47.12
N SER D 404 16.75 -34.79 47.60
CA SER D 404 18.13 -34.39 47.86
C SER D 404 18.75 -35.21 48.98
N TRP D 405 17.99 -35.50 50.03
CA TRP D 405 18.49 -36.32 51.12
C TRP D 405 18.59 -37.80 50.76
N LEU D 406 18.04 -38.21 49.63
CA LEU D 406 18.12 -39.59 49.18
C LEU D 406 19.40 -39.82 48.38
N GLY D 407 20.52 -39.56 49.05
CA GLY D 407 21.81 -39.71 48.39
C GLY D 407 22.14 -41.15 48.06
N GLN D 408 21.82 -42.07 48.96
CA GLN D 408 22.12 -43.49 48.76
C GLN D 408 20.99 -44.24 48.06
N LEU D 409 19.91 -43.56 47.69
CA LEU D 409 18.80 -44.23 47.02
C LEU D 409 19.21 -44.67 45.63
N ARG D 410 18.88 -45.92 45.29
CA ARG D 410 19.21 -46.48 43.98
C ARG D 410 17.99 -46.79 43.13
N ILE D 411 16.90 -47.25 43.73
CA ILE D 411 15.69 -47.61 42.99
C ILE D 411 14.52 -46.82 43.58
N LEU D 412 13.79 -46.11 42.72
CA LEU D 412 12.58 -45.43 43.13
C LEU D 412 11.51 -45.64 42.07
N ASP D 413 10.25 -45.70 42.51
CA ASP D 413 9.12 -45.96 41.64
C ASP D 413 8.21 -44.75 41.61
N LEU D 414 7.83 -44.32 40.41
CA LEU D 414 6.90 -43.22 40.23
C LEU D 414 5.82 -43.55 39.21
N GLY D 415 5.59 -44.84 38.94
CA GLY D 415 4.59 -45.23 37.97
C GLY D 415 3.18 -45.09 38.49
N LEU D 416 2.23 -45.16 37.56
CA LEU D 416 0.80 -45.08 37.87
C LEU D 416 0.48 -43.81 38.65
N ASN D 417 1.03 -42.69 38.20
CA ASN D 417 0.86 -41.40 38.86
C ASN D 417 0.32 -40.38 37.86
N GLU D 418 -0.14 -39.27 38.40
CA GLU D 418 -0.76 -38.20 37.63
C GLU D 418 0.18 -37.00 37.47
N ILE D 419 1.47 -37.28 37.27
CA ILE D 419 2.46 -36.21 37.19
C ILE D 419 2.19 -35.33 35.98
N GLU D 420 2.13 -34.02 36.21
CA GLU D 420 1.88 -33.03 35.16
C GLU D 420 2.76 -31.81 35.48
N GLN D 421 3.96 -31.78 34.90
CA GLN D 421 4.90 -30.70 35.13
C GLN D 421 6.00 -30.77 34.08
N LYS D 422 6.99 -29.90 34.22
CA LYS D 422 8.13 -29.82 33.32
C LYS D 422 9.37 -30.39 34.00
N LEU D 423 10.06 -31.30 33.31
CA LEU D 423 11.28 -31.91 33.82
C LEU D 423 12.47 -31.03 33.44
N SER D 424 13.22 -30.59 34.44
CA SER D 424 14.36 -29.70 34.22
C SER D 424 15.65 -30.22 34.83
N GLY D 425 15.69 -31.48 35.28
CA GLY D 425 16.87 -32.08 35.84
C GLY D 425 17.03 -31.90 37.33
N GLN D 426 16.62 -30.75 37.86
CA GLN D 426 16.73 -30.50 39.29
C GLN D 426 15.77 -31.34 40.12
N GLU D 427 14.80 -32.01 39.49
CA GLU D 427 13.90 -32.90 40.21
C GLU D 427 14.64 -34.10 40.78
N TRP D 428 15.78 -34.47 40.21
CA TRP D 428 16.59 -35.58 40.69
C TRP D 428 17.82 -35.11 41.47
N ARG D 429 17.77 -33.90 42.01
CA ARG D 429 18.89 -33.37 42.77
C ARG D 429 19.14 -34.20 44.02
N GLY D 430 20.43 -34.41 44.34
CA GLY D 430 20.81 -35.17 45.51
C GLY D 430 20.96 -36.65 45.31
N LEU D 431 20.69 -37.16 44.11
CA LEU D 431 20.83 -38.59 43.82
C LEU D 431 22.29 -38.86 43.45
N ARG D 432 23.05 -39.37 44.43
CA ARG D 432 24.46 -39.63 44.20
C ARG D 432 24.67 -40.88 43.34
N ASN D 433 24.20 -42.02 43.82
CA ASN D 433 24.31 -43.29 43.11
C ASN D 433 22.92 -43.83 42.86
N ILE D 434 22.33 -43.41 41.74
CA ILE D 434 21.01 -43.87 41.32
C ILE D 434 21.19 -45.01 40.32
N PHE D 435 20.30 -46.00 40.38
CA PHE D 435 20.39 -47.17 39.52
C PHE D 435 19.43 -47.06 38.34
N GLU D 436 18.13 -46.90 38.61
CA GLU D 436 17.13 -46.83 37.55
C GLU D 436 15.91 -46.11 38.10
N ILE D 437 15.05 -45.67 37.17
CA ILE D 437 13.86 -44.89 37.49
C ILE D 437 12.64 -45.56 36.86
N TYR D 438 11.62 -45.84 37.69
CA TYR D 438 10.31 -46.23 37.19
C TYR D 438 9.50 -44.94 36.97
N LEU D 439 9.36 -44.54 35.71
CA LEU D 439 8.69 -43.30 35.35
C LEU D 439 7.72 -43.53 34.20
N SER D 440 6.90 -44.57 34.33
CA SER D 440 5.90 -44.92 33.33
C SER D 440 4.50 -44.61 33.85
N TYR D 441 3.52 -44.78 32.96
CA TYR D 441 2.10 -44.60 33.28
C TYR D 441 1.82 -43.20 33.82
N ASN D 442 2.03 -42.21 32.95
CA ASN D 442 1.74 -40.81 33.26
C ASN D 442 0.91 -40.23 32.13
N LYS D 443 0.60 -38.93 32.23
CA LYS D 443 -0.20 -38.25 31.22
C LYS D 443 0.53 -37.12 30.51
N TYR D 444 1.61 -36.58 31.08
CA TYR D 444 2.35 -35.51 30.43
C TYR D 444 3.72 -35.41 31.09
N LEU D 445 4.78 -35.55 30.29
CA LEU D 445 6.16 -35.46 30.80
C LEU D 445 6.99 -34.73 29.73
N GLN D 446 7.13 -33.42 29.89
CA GLN D 446 7.90 -32.62 28.96
C GLN D 446 9.38 -32.74 29.27
N LEU D 447 10.18 -32.96 28.23
CA LEU D 447 11.62 -33.17 28.37
C LEU D 447 12.39 -32.00 27.76
N SER D 448 13.53 -31.69 28.37
CA SER D 448 14.41 -30.64 27.89
C SER D 448 15.83 -31.19 27.80
N THR D 449 16.73 -30.38 27.24
CA THR D 449 18.12 -30.80 27.08
C THR D 449 18.84 -30.96 28.41
N SER D 450 18.30 -30.39 29.49
CA SER D 450 18.92 -30.48 30.81
C SER D 450 18.03 -31.22 31.81
N SER D 451 17.09 -32.03 31.32
CA SER D 451 16.18 -32.75 32.20
C SER D 451 16.84 -33.95 32.87
N PHE D 452 18.04 -34.34 32.44
CA PHE D 452 18.71 -35.49 33.04
C PHE D 452 20.21 -35.24 33.24
N ALA D 453 20.64 -33.98 33.29
CA ALA D 453 22.06 -33.69 33.37
C ALA D 453 22.64 -34.03 34.75
N LEU D 454 21.83 -33.90 35.81
CA LEU D 454 22.36 -34.06 37.16
C LEU D 454 22.69 -35.51 37.48
N VAL D 455 21.95 -36.46 36.93
CA VAL D 455 22.17 -37.87 37.24
C VAL D 455 22.65 -38.62 36.00
N PRO D 456 23.96 -38.87 35.89
CA PRO D 456 24.49 -39.58 34.71
C PRO D 456 24.71 -41.08 34.90
N SER D 457 24.27 -41.66 36.02
CA SER D 457 24.58 -43.05 36.35
C SER D 457 23.37 -43.97 36.25
N LEU D 458 22.41 -43.65 35.38
CA LEU D 458 21.22 -44.48 35.24
C LEU D 458 21.55 -45.78 34.51
N GLN D 459 20.76 -46.81 34.81
CA GLN D 459 20.90 -48.11 34.15
C GLN D 459 19.68 -48.49 33.31
N ARG D 460 18.48 -48.25 33.83
CA ARG D 460 17.25 -48.55 33.11
C ARG D 460 16.34 -47.32 33.14
N LEU D 461 15.60 -47.11 32.06
CA LEU D 461 14.70 -45.97 31.96
C LEU D 461 13.55 -46.34 31.03
N MET D 462 12.35 -46.49 31.61
CA MET D 462 11.15 -46.78 30.83
C MET D 462 10.17 -45.63 31.00
N LEU D 463 9.60 -45.18 29.88
CA LEU D 463 8.65 -44.07 29.83
C LEU D 463 7.38 -44.51 29.13
N ARG D 464 6.85 -45.66 29.55
CA ARG D 464 5.69 -46.25 28.87
C ARG D 464 4.46 -45.37 29.08
N ARG D 465 3.80 -45.05 27.97
CA ARG D 465 2.55 -44.28 27.91
C ARG D 465 2.53 -43.13 28.93
N VAL D 466 3.51 -42.23 28.77
CA VAL D 466 3.57 -41.00 29.56
C VAL D 466 3.29 -39.76 28.73
N ALA D 467 3.03 -39.93 27.43
CA ALA D 467 2.73 -38.81 26.53
C ALA D 467 3.85 -37.78 26.53
N LEU D 468 5.04 -38.24 26.14
CA LEU D 468 6.20 -37.37 26.04
C LEU D 468 6.18 -36.59 24.74
N LYS D 469 6.62 -35.34 24.80
CA LYS D 469 6.64 -34.45 23.64
C LYS D 469 7.93 -33.64 23.63
N ASN D 470 8.26 -33.12 22.44
CA ASN D 470 9.38 -32.19 22.26
C ASN D 470 10.69 -32.82 22.74
N VAL D 471 11.10 -33.88 22.05
CA VAL D 471 12.33 -34.59 22.38
C VAL D 471 13.42 -34.37 21.34
N ASP D 472 13.08 -34.09 20.08
CA ASP D 472 14.04 -33.96 19.00
C ASP D 472 14.93 -32.72 19.11
N ILE D 473 14.88 -31.94 20.20
CA ILE D 473 15.74 -30.76 20.31
C ILE D 473 17.19 -31.19 20.44
N SER D 474 18.09 -30.31 19.99
CA SER D 474 19.52 -30.54 20.06
C SER D 474 20.15 -29.61 21.09
N PRO D 475 21.03 -30.12 21.98
CA PRO D 475 21.45 -31.52 22.06
C PRO D 475 20.40 -32.41 22.71
N SER D 476 20.57 -33.73 22.56
CA SER D 476 19.62 -34.67 23.11
C SER D 476 19.63 -34.63 24.63
N PRO D 477 18.48 -34.90 25.27
CA PRO D 477 18.46 -34.95 26.74
C PRO D 477 19.31 -36.06 27.33
N PHE D 478 19.66 -37.07 26.53
CA PHE D 478 20.41 -38.22 27.01
C PHE D 478 21.92 -38.09 26.81
N ARG D 479 22.40 -36.89 26.47
CA ARG D 479 23.83 -36.70 26.29
C ARG D 479 24.64 -37.01 27.56
N PRO D 480 24.29 -36.49 28.75
CA PRO D 480 25.07 -36.85 29.94
C PRO D 480 24.99 -38.32 30.33
N LEU D 481 23.97 -39.04 29.88
CA LEU D 481 23.75 -40.41 30.28
C LEU D 481 24.56 -41.35 29.38
N ARG D 482 25.25 -42.30 30.00
CA ARG D 482 26.09 -43.24 29.27
C ARG D 482 25.92 -44.70 29.69
N ASN D 483 25.38 -44.98 30.88
CA ASN D 483 25.34 -46.33 31.42
C ASN D 483 23.97 -46.99 31.30
N LEU D 484 23.06 -46.43 30.51
CA LEU D 484 21.74 -47.05 30.38
C LEU D 484 21.85 -48.40 29.67
N THR D 485 21.05 -49.35 30.15
CA THR D 485 20.96 -50.68 29.55
C THR D 485 19.61 -50.97 28.93
N ILE D 486 18.53 -50.53 29.58
CA ILE D 486 17.17 -50.72 29.08
C ILE D 486 16.56 -49.33 28.89
N LEU D 487 16.10 -49.05 27.66
CA LEU D 487 15.44 -47.79 27.35
C LEU D 487 14.12 -48.10 26.69
N ASP D 488 13.03 -47.66 27.31
CA ASP D 488 11.68 -47.88 26.79
C ASP D 488 10.97 -46.54 26.65
N LEU D 489 10.49 -46.25 25.45
CA LEU D 489 9.75 -45.03 25.14
C LEU D 489 8.47 -45.38 24.40
N SER D 490 7.85 -46.49 24.78
CA SER D 490 6.74 -47.05 24.03
C SER D 490 5.42 -46.39 24.40
N ASN D 491 4.45 -46.50 23.49
CA ASN D 491 3.08 -46.04 23.70
C ASN D 491 3.03 -44.55 24.01
N ASN D 492 3.94 -43.76 23.44
CA ASN D 492 4.01 -42.34 23.71
C ASN D 492 3.68 -41.47 22.50
N ASN D 493 3.64 -42.05 21.29
CA ASN D 493 3.32 -41.32 20.07
C ASN D 493 4.28 -40.15 19.86
N ILE D 494 5.55 -40.48 19.66
CA ILE D 494 6.57 -39.45 19.45
C ILE D 494 6.28 -38.69 18.17
N ALA D 495 6.26 -37.37 18.26
CA ALA D 495 5.92 -36.54 17.10
C ALA D 495 7.05 -36.55 16.07
N ASN D 496 8.29 -36.36 16.53
CA ASN D 496 9.42 -36.26 15.63
C ASN D 496 10.67 -36.81 16.31
N ILE D 497 11.65 -37.18 15.49
CA ILE D 497 12.94 -37.65 15.99
C ILE D 497 14.00 -37.23 14.98
N ASN D 498 15.25 -37.12 15.44
CA ASN D 498 16.34 -36.69 14.60
C ASN D 498 17.56 -37.57 14.88
N GLU D 499 18.69 -37.21 14.28
CA GLU D 499 19.90 -38.00 14.44
C GLU D 499 20.53 -37.82 15.81
N ASP D 500 20.33 -36.66 16.44
CA ASP D 500 20.97 -36.38 17.72
C ASP D 500 20.50 -37.29 18.84
N LEU D 501 19.35 -37.93 18.69
CA LEU D 501 18.86 -38.85 19.70
C LEU D 501 19.52 -40.21 19.58
N LEU D 502 19.85 -40.81 20.73
CA LEU D 502 20.41 -42.15 20.81
C LEU D 502 21.72 -42.28 20.02
N GLU D 503 22.58 -41.28 20.12
CA GLU D 503 23.91 -41.32 19.51
C GLU D 503 24.97 -41.38 20.59
N GLY D 504 25.93 -42.27 20.42
CA GLY D 504 26.99 -42.45 21.40
C GLY D 504 26.60 -43.23 22.63
N LEU D 505 25.38 -43.77 22.68
CA LEU D 505 24.90 -44.55 23.82
C LEU D 505 25.43 -45.97 23.71
N GLU D 506 26.68 -46.15 24.10
CA GLU D 506 27.36 -47.43 23.90
C GLU D 506 26.77 -48.54 24.75
N ASN D 507 26.37 -48.22 25.99
CA ASN D 507 26.00 -49.25 26.95
C ASN D 507 24.58 -49.77 26.77
N LEU D 508 23.79 -49.20 25.86
CA LEU D 508 22.42 -49.64 25.68
C LEU D 508 22.36 -51.05 25.13
N GLU D 509 21.43 -51.85 25.65
CA GLU D 509 21.23 -53.22 25.20
C GLU D 509 19.78 -53.51 24.83
N ILE D 510 18.82 -52.93 25.55
CA ILE D 510 17.40 -53.16 25.32
C ILE D 510 16.75 -51.84 24.95
N LEU D 511 16.06 -51.81 23.82
CA LEU D 511 15.39 -50.61 23.34
C LEU D 511 14.03 -51.00 22.78
N ASP D 512 12.97 -50.38 23.28
CA ASP D 512 11.60 -50.70 22.88
C ASP D 512 10.89 -49.43 22.43
N PHE D 513 10.40 -49.45 21.18
CA PHE D 513 9.63 -48.33 20.62
C PHE D 513 8.26 -48.80 20.12
N GLN D 514 7.54 -49.55 20.94
CA GLN D 514 6.21 -50.01 20.54
C GLN D 514 5.24 -48.84 20.53
N HIS D 515 4.47 -48.72 19.45
CA HIS D 515 3.36 -47.76 19.35
C HIS D 515 3.86 -46.33 19.52
N ASN D 516 4.69 -45.89 18.58
CA ASN D 516 5.25 -44.54 18.64
C ASN D 516 5.10 -43.74 17.36
N ASN D 517 4.50 -44.31 16.31
CA ASN D 517 4.27 -43.61 15.03
C ASN D 517 5.58 -43.11 14.44
N LEU D 518 6.46 -44.06 14.11
CA LEU D 518 7.75 -43.78 13.52
C LEU D 518 7.74 -43.97 12.01
N ALA D 519 6.56 -44.16 11.42
CA ALA D 519 6.46 -44.53 10.01
C ALA D 519 7.15 -43.53 9.11
N ARG D 520 6.70 -42.27 9.12
CA ARG D 520 7.20 -41.28 8.18
C ARG D 520 8.65 -40.89 8.42
N LEU D 521 9.23 -41.26 9.57
CA LEU D 521 10.62 -40.93 9.83
C LEU D 521 11.58 -41.72 8.96
N TRP D 522 11.15 -42.84 8.40
CA TRP D 522 12.00 -43.65 7.53
C TRP D 522 11.47 -43.64 6.09
N ASN D 526 9.94 -38.48 1.51
CA ASN D 526 11.32 -38.08 1.77
C ASN D 526 11.37 -36.72 2.46
N PRO D 527 11.26 -36.70 3.79
CA PRO D 527 11.29 -35.43 4.54
C PRO D 527 12.71 -34.91 4.72
N GLY D 528 13.30 -34.46 3.62
CA GLY D 528 14.66 -33.97 3.66
C GLY D 528 15.71 -35.03 3.91
N GLY D 529 15.43 -36.27 3.53
CA GLY D 529 16.35 -37.35 3.75
C GLY D 529 16.00 -38.17 4.98
N PRO D 530 16.07 -39.49 4.85
CA PRO D 530 15.74 -40.36 6.00
C PRO D 530 16.75 -40.19 7.12
N VAL D 531 16.26 -40.36 8.35
CA VAL D 531 17.10 -40.25 9.54
C VAL D 531 17.81 -41.59 9.75
N ASN D 532 19.15 -41.54 9.81
CA ASN D 532 19.96 -42.74 9.99
C ASN D 532 20.03 -43.09 11.47
N PHE D 533 18.88 -43.51 12.00
CA PHE D 533 18.79 -43.89 13.40
C PHE D 533 19.54 -45.20 13.63
N LEU D 534 19.94 -45.42 14.90
CA LEU D 534 20.83 -46.52 15.28
C LEU D 534 22.15 -46.44 14.53
N LYS D 535 22.87 -45.34 14.79
CA LYS D 535 24.18 -45.08 14.18
C LYS D 535 25.26 -45.52 15.15
N GLY D 536 25.89 -46.66 14.86
CA GLY D 536 26.94 -47.18 15.71
C GLY D 536 26.48 -47.64 17.08
N LEU D 537 25.33 -48.30 17.15
CA LEU D 537 24.79 -48.81 18.40
C LEU D 537 25.13 -50.29 18.50
N SER D 538 26.40 -50.58 18.82
CA SER D 538 26.91 -51.94 18.71
C SER D 538 26.34 -52.86 19.79
N HIS D 539 26.22 -52.37 21.02
CA HIS D 539 25.93 -53.24 22.15
C HIS D 539 24.44 -53.52 22.35
N LEU D 540 23.57 -52.96 21.52
CA LEU D 540 22.14 -53.26 21.63
C LEU D 540 21.90 -54.75 21.39
N HIS D 541 21.06 -55.34 22.24
CA HIS D 541 20.75 -56.76 22.16
C HIS D 541 19.43 -57.03 21.46
N ILE D 542 18.35 -56.42 21.95
CA ILE D 542 17.02 -56.63 21.40
C ILE D 542 16.45 -55.28 20.98
N LEU D 543 15.88 -55.23 19.78
CA LEU D 543 15.24 -54.03 19.26
C LEU D 543 13.79 -54.35 18.94
N ASN D 544 12.88 -53.51 19.46
CA ASN D 544 11.45 -53.74 19.31
C ASN D 544 10.79 -52.45 18.83
N LEU D 545 10.23 -52.48 17.62
CA LEU D 545 9.51 -51.35 17.03
C LEU D 545 8.16 -51.82 16.52
N GLU D 546 7.46 -52.61 17.32
CA GLU D 546 6.19 -53.18 16.90
C GLU D 546 5.09 -52.13 16.86
N SER D 547 4.25 -52.22 15.83
CA SER D 547 3.05 -51.39 15.68
C SER D 547 3.40 -49.91 15.63
N ASN D 548 4.24 -49.55 14.67
CA ASN D 548 4.56 -48.15 14.40
C ASN D 548 4.13 -47.71 13.00
N GLY D 549 3.53 -48.60 12.21
CA GLY D 549 3.02 -48.22 10.91
C GLY D 549 4.05 -48.00 9.83
N LEU D 550 5.27 -48.50 10.03
CA LEU D 550 6.34 -48.30 9.05
C LEU D 550 5.92 -48.84 7.68
N ASP D 551 6.14 -48.04 6.65
CA ASP D 551 5.76 -48.39 5.29
C ASP D 551 6.93 -48.71 4.37
N GLU D 552 8.08 -48.08 4.58
CA GLU D 552 9.25 -48.33 3.76
C GLU D 552 10.51 -48.15 4.61
N ILE D 553 11.37 -49.17 4.59
CA ILE D 553 12.62 -49.15 5.34
C ILE D 553 13.75 -48.87 4.35
N PRO D 554 14.44 -47.74 4.45
CA PRO D 554 15.54 -47.45 3.52
C PRO D 554 16.76 -48.28 3.85
N VAL D 555 17.65 -48.40 2.85
CA VAL D 555 18.88 -49.16 3.04
C VAL D 555 19.84 -48.36 3.94
N GLY D 556 20.78 -49.09 4.52
CA GLY D 556 21.77 -48.47 5.40
C GLY D 556 21.21 -47.93 6.69
N VAL D 557 20.27 -48.64 7.31
CA VAL D 557 19.72 -48.23 8.60
C VAL D 557 20.04 -49.22 9.71
N PHE D 558 20.39 -50.46 9.41
CA PHE D 558 20.78 -51.45 10.41
C PHE D 558 22.28 -51.69 10.44
N LYS D 559 23.06 -50.76 9.90
CA LYS D 559 24.51 -50.92 9.86
C LYS D 559 25.10 -50.83 11.26
N ASN D 560 26.25 -51.49 11.43
CA ASN D 560 27.03 -51.52 12.67
C ASN D 560 26.30 -52.19 13.82
N LEU D 561 25.19 -52.89 13.56
CA LEU D 561 24.45 -53.61 14.60
C LEU D 561 24.83 -55.08 14.49
N PHE D 562 25.97 -55.42 15.07
CA PHE D 562 26.49 -56.79 15.01
C PHE D 562 26.03 -57.66 16.16
N GLU D 563 25.88 -57.08 17.35
CA GLU D 563 25.49 -57.83 18.54
C GLU D 563 23.98 -57.86 18.75
N LEU D 564 23.20 -57.27 17.84
CA LEU D 564 21.76 -57.28 17.97
C LEU D 564 21.22 -58.70 17.81
N LYS D 565 20.22 -59.05 18.61
CA LYS D 565 19.69 -60.40 18.64
C LYS D 565 18.23 -60.52 18.23
N SER D 566 17.41 -59.49 18.44
CA SER D 566 15.98 -59.60 18.18
C SER D 566 15.48 -58.35 17.47
N ILE D 567 14.67 -58.55 16.44
CA ILE D 567 13.98 -57.48 15.73
C ILE D 567 12.49 -57.81 15.72
N ASN D 568 11.67 -56.86 16.14
CA ASN D 568 10.22 -57.02 16.17
C ASN D 568 9.58 -55.81 15.50
N LEU D 569 9.14 -55.99 14.25
CA LEU D 569 8.50 -54.94 13.48
C LEU D 569 7.06 -55.31 13.13
N GLY D 570 6.39 -56.03 14.02
CA GLY D 570 5.05 -56.50 13.75
C GLY D 570 4.01 -55.40 13.81
N LEU D 571 2.81 -55.75 13.35
CA LEU D 571 1.66 -54.85 13.34
C LEU D 571 1.96 -53.56 12.57
N ASN D 572 2.69 -53.70 11.47
CA ASN D 572 3.00 -52.59 10.59
C ASN D 572 2.48 -52.89 9.18
N ASN D 573 2.81 -52.02 8.23
CA ASN D 573 2.44 -52.21 6.82
C ASN D 573 3.72 -52.12 5.99
N LEU D 574 4.42 -53.24 5.88
CA LEU D 574 5.70 -53.30 5.18
C LEU D 574 5.56 -54.24 3.98
N ASN D 575 5.71 -53.68 2.78
CA ASN D 575 5.63 -54.46 1.56
C ASN D 575 6.83 -54.20 0.66
N LYS D 576 7.43 -53.01 0.81
CA LYS D 576 8.61 -52.63 0.03
C LYS D 576 9.85 -53.02 0.81
N LEU D 577 10.34 -54.23 0.52
CA LEU D 577 11.53 -54.77 1.18
C LEU D 577 12.73 -54.52 0.27
N GLU D 578 13.51 -53.50 0.61
CA GLU D 578 14.68 -53.16 -0.18
C GLU D 578 15.75 -54.24 -0.04
N PRO D 579 16.58 -54.44 -1.07
CA PRO D 579 17.66 -55.41 -0.96
C PRO D 579 18.70 -54.99 0.07
N PHE D 580 19.31 -56.00 0.71
CA PHE D 580 20.42 -55.80 1.64
C PHE D 580 20.04 -54.89 2.80
N ILE D 581 18.80 -55.02 3.30
CA ILE D 581 18.40 -54.28 4.48
C ILE D 581 19.15 -54.79 5.71
N PHE D 582 19.20 -56.11 5.87
CA PHE D 582 19.87 -56.74 7.01
C PHE D 582 21.20 -57.30 6.52
N ASP D 583 22.28 -56.54 6.72
CA ASP D 583 23.62 -56.95 6.34
C ASP D 583 24.50 -57.28 7.54
N ASP D 584 24.40 -56.52 8.62
CA ASP D 584 25.16 -56.77 9.84
C ASP D 584 24.41 -57.64 10.84
N GLN D 585 23.21 -58.09 10.50
CA GLN D 585 22.40 -58.92 11.41
C GLN D 585 22.76 -60.39 11.27
N THR D 586 24.05 -60.67 11.44
CA THR D 586 24.54 -62.04 11.39
C THR D 586 24.37 -62.78 12.72
N SER D 587 24.01 -62.07 13.79
CA SER D 587 23.80 -62.67 15.11
C SER D 587 22.35 -62.60 15.55
N LEU D 588 21.42 -62.38 14.61
CA LEU D 588 20.01 -62.28 14.95
C LEU D 588 19.50 -63.62 15.48
N ARG D 589 18.74 -63.57 16.56
CA ARG D 589 18.20 -64.77 17.18
C ARG D 589 16.71 -64.94 17.01
N SER D 590 15.95 -63.85 16.89
CA SER D 590 14.49 -63.94 16.74
C SER D 590 14.03 -62.77 15.89
N LEU D 591 13.38 -63.06 14.77
CA LEU D 591 12.83 -62.06 13.87
C LEU D 591 11.31 -62.15 13.89
N ASN D 592 10.66 -61.03 14.19
CA ASN D 592 9.20 -60.96 14.27
C ASN D 592 8.70 -59.95 13.25
N LEU D 593 7.86 -60.42 12.32
CA LEU D 593 7.25 -59.56 11.31
C LEU D 593 5.80 -59.92 11.08
N GLN D 594 5.12 -60.42 12.11
CA GLN D 594 3.75 -60.88 11.98
C GLN D 594 2.78 -59.71 11.82
N LYS D 595 1.63 -60.02 11.23
CA LYS D 595 0.54 -59.04 11.06
C LYS D 595 1.01 -57.81 10.26
N ASN D 596 1.84 -58.04 9.25
CA ASN D 596 2.31 -57.00 8.35
C ASN D 596 1.75 -57.22 6.95
N LEU D 597 2.18 -56.38 6.02
CA LEU D 597 1.75 -56.44 4.63
C LEU D 597 2.82 -57.05 3.72
N ILE D 598 3.58 -58.01 4.23
CA ILE D 598 4.64 -58.62 3.44
C ILE D 598 4.02 -59.51 2.36
N THR D 599 4.45 -59.33 1.13
CA THR D 599 3.95 -60.09 -0.02
C THR D 599 4.94 -61.12 -0.53
N SER D 600 6.22 -60.78 -0.60
CA SER D 600 7.25 -61.69 -1.10
C SER D 600 8.43 -61.72 -0.13
N VAL D 601 9.06 -62.88 -0.05
CA VAL D 601 10.23 -63.09 0.80
C VAL D 601 11.40 -63.40 -0.13
N GLU D 602 12.32 -62.45 -0.27
CA GLU D 602 13.46 -62.60 -1.16
C GLU D 602 14.70 -63.02 -0.39
N LYS D 603 15.57 -63.78 -1.06
CA LYS D 603 16.79 -64.26 -0.41
C LYS D 603 17.72 -63.12 -0.04
N ASP D 604 17.90 -62.15 -0.94
CA ASP D 604 18.85 -61.07 -0.71
C ASP D 604 18.43 -60.14 0.42
N VAL D 605 17.19 -60.23 0.89
CA VAL D 605 16.71 -59.38 1.97
C VAL D 605 16.77 -60.09 3.32
N PHE D 606 16.37 -61.37 3.37
CA PHE D 606 16.29 -62.12 4.62
C PHE D 606 17.36 -63.20 4.71
N GLY D 607 18.44 -63.09 3.96
CA GLY D 607 19.50 -64.08 3.98
C GLY D 607 20.30 -64.08 5.27
N PRO D 608 21.07 -63.02 5.50
CA PRO D 608 21.93 -62.96 6.69
C PRO D 608 21.16 -63.13 8.00
N PRO D 609 19.96 -62.53 8.15
CA PRO D 609 19.20 -62.78 9.39
C PRO D 609 18.77 -64.22 9.56
N PHE D 610 18.69 -65.01 8.49
CA PHE D 610 18.25 -66.39 8.57
C PHE D 610 19.41 -67.38 8.73
N GLN D 611 20.64 -66.88 8.82
CA GLN D 611 21.79 -67.78 8.94
C GLN D 611 21.76 -68.55 10.25
N ASN D 612 21.42 -67.88 11.35
CA ASN D 612 21.39 -68.50 12.67
C ASN D 612 20.14 -68.09 13.44
N LEU D 613 19.02 -67.88 12.75
CA LEU D 613 17.78 -67.52 13.42
C LEU D 613 17.24 -68.70 14.20
N ASN D 614 16.73 -68.41 15.40
CA ASN D 614 16.17 -69.44 16.28
C ASN D 614 14.65 -69.51 16.25
N SER D 615 13.98 -68.36 16.18
CA SER D 615 12.52 -68.33 16.11
C SER D 615 12.10 -67.27 15.10
N LEU D 616 11.15 -67.64 14.23
CA LEU D 616 10.66 -66.76 13.18
C LEU D 616 9.15 -66.63 13.29
N ASP D 617 8.64 -65.41 13.09
CA ASP D 617 7.21 -65.14 13.21
C ASP D 617 6.82 -64.13 12.14
N MET D 618 6.12 -64.59 11.10
CA MET D 618 5.56 -63.71 10.07
C MET D 618 4.15 -64.15 9.72
N ARG D 619 3.35 -64.47 10.73
CA ARG D 619 1.98 -64.90 10.50
C ARG D 619 1.08 -63.71 10.17
N PHE D 620 -0.13 -64.01 9.69
CA PHE D 620 -1.13 -62.99 9.36
C PHE D 620 -0.60 -61.99 8.33
N ASN D 621 0.03 -62.51 7.28
CA ASN D 621 0.56 -61.68 6.22
C ASN D 621 -0.02 -62.07 4.87
N PRO D 622 -0.31 -61.12 3.98
CA PRO D 622 -0.83 -61.47 2.65
C PRO D 622 0.25 -62.06 1.76
N PHE D 623 0.62 -63.32 2.02
CA PHE D 623 1.65 -63.97 1.23
C PHE D 623 1.16 -64.25 -0.19
N ASP D 624 2.07 -64.17 -1.14
CA ASP D 624 1.78 -64.44 -2.55
C ASP D 624 2.40 -65.78 -2.92
N CYS D 625 1.55 -66.79 -3.14
CA CYS D 625 2.01 -68.13 -3.49
C CYS D 625 2.37 -68.15 -4.97
N THR D 626 3.54 -67.61 -5.29
CA THR D 626 4.05 -67.54 -6.65
C THR D 626 5.50 -68.00 -6.66
N CYS D 627 6.00 -68.30 -7.87
CA CYS D 627 7.36 -68.79 -8.02
C CYS D 627 8.38 -67.73 -7.62
N GLU D 628 8.14 -66.47 -7.98
CA GLU D 628 9.10 -65.41 -7.70
C GLU D 628 9.11 -64.99 -6.23
N SER D 629 8.08 -65.32 -5.47
CA SER D 629 7.89 -64.78 -4.12
C SER D 629 8.37 -65.73 -3.02
N ILE D 630 7.83 -66.94 -2.99
CA ILE D 630 8.01 -67.83 -1.83
C ILE D 630 8.87 -69.03 -2.14
N SER D 631 9.39 -69.18 -3.35
CA SER D 631 10.17 -70.37 -3.70
C SER D 631 11.37 -70.51 -2.78
N TRP D 632 12.16 -69.45 -2.62
CA TRP D 632 13.30 -69.49 -1.71
C TRP D 632 12.82 -69.67 -0.26
N PHE D 633 11.74 -68.99 0.12
CA PHE D 633 11.23 -69.14 1.48
C PHE D 633 10.70 -70.54 1.72
N VAL D 634 10.01 -71.13 0.74
CA VAL D 634 9.51 -72.49 0.90
C VAL D 634 10.67 -73.48 1.01
N ASN D 635 11.71 -73.29 0.19
CA ASN D 635 12.89 -74.16 0.29
C ASN D 635 13.56 -74.03 1.65
N TRP D 636 13.69 -72.80 2.15
CA TRP D 636 14.30 -72.58 3.46
C TRP D 636 13.48 -73.26 4.55
N ILE D 637 12.16 -73.10 4.51
CA ILE D 637 11.30 -73.73 5.51
C ILE D 637 11.43 -75.25 5.45
N ASN D 638 11.50 -75.80 4.24
CA ASN D 638 11.66 -77.24 4.09
C ASN D 638 13.00 -77.72 4.64
N GLN D 639 14.05 -76.91 4.50
CA GLN D 639 15.37 -77.33 4.96
C GLN D 639 15.92 -76.47 6.09
N THR D 640 15.10 -76.18 7.09
CA THR D 640 15.56 -75.49 8.29
C THR D 640 14.94 -76.15 9.52
N HIS D 641 15.52 -75.84 10.68
CA HIS D 641 15.02 -76.32 11.96
C HIS D 641 14.56 -75.17 12.85
N THR D 642 14.28 -74.01 12.26
CA THR D 642 13.84 -72.86 13.04
C THR D 642 12.47 -73.12 13.66
N ASN D 643 12.32 -72.77 14.94
CA ASN D 643 11.08 -72.98 15.66
C ASN D 643 10.09 -71.89 15.27
N ILE D 644 9.03 -72.28 14.56
CA ILE D 644 8.00 -71.36 14.11
C ILE D 644 6.65 -71.88 14.61
N SER D 645 5.91 -71.02 15.30
CA SER D 645 4.61 -71.40 15.84
C SER D 645 3.50 -71.05 14.86
N GLU D 646 2.50 -71.93 14.77
CA GLU D 646 1.35 -71.73 13.89
C GLU D 646 1.78 -71.55 12.44
N LEU D 647 2.79 -72.32 12.02
CA LEU D 647 3.32 -72.20 10.66
C LEU D 647 2.29 -72.66 9.63
N SER D 648 1.57 -73.75 9.91
CA SER D 648 0.65 -74.33 8.95
C SER D 648 -0.75 -73.73 9.01
N THR D 649 -1.04 -72.90 10.02
CA THR D 649 -2.38 -72.35 10.20
C THR D 649 -2.49 -70.91 9.72
N HIS D 650 -1.65 -70.02 10.23
CA HIS D 650 -1.75 -68.58 9.96
C HIS D 650 -0.75 -68.12 8.92
N TYR D 651 -0.45 -68.94 7.92
CA TYR D 651 0.45 -68.57 6.84
C TYR D 651 -0.19 -68.78 5.48
N LEU D 652 -1.52 -68.70 5.42
CA LEU D 652 -2.22 -68.92 4.16
C LEU D 652 -1.99 -67.75 3.20
N CYS D 653 -1.87 -68.07 1.92
CA CYS D 653 -1.67 -67.05 0.90
C CYS D 653 -2.96 -66.31 0.61
N ASN D 654 -2.82 -65.10 0.06
CA ASN D 654 -3.96 -64.27 -0.29
C ASN D 654 -4.18 -64.16 -1.80
N THR D 655 -3.21 -64.57 -2.62
CA THR D 655 -3.30 -64.46 -4.07
C THR D 655 -2.37 -65.50 -4.68
N PRO D 656 -2.72 -66.07 -5.84
CA PRO D 656 -3.95 -65.85 -6.62
C PRO D 656 -5.17 -66.56 -6.07
N HIS D 657 -6.24 -66.62 -6.88
CA HIS D 657 -7.47 -67.27 -6.44
C HIS D 657 -7.27 -68.76 -6.23
N HIS D 658 -6.49 -69.40 -7.12
CA HIS D 658 -6.24 -70.84 -6.96
C HIS D 658 -5.50 -71.14 -5.67
N TYR D 659 -4.55 -70.30 -5.29
CA TYR D 659 -3.74 -70.50 -4.09
C TYR D 659 -4.25 -69.68 -2.91
N TYR D 660 -5.42 -69.06 -3.02
CA TYR D 660 -5.98 -68.32 -1.90
C TYR D 660 -6.39 -69.28 -0.79
N GLY D 661 -6.04 -68.92 0.44
CA GLY D 661 -6.33 -69.79 1.58
C GLY D 661 -5.64 -71.13 1.51
N PHE D 662 -4.37 -71.15 1.09
CA PHE D 662 -3.62 -72.38 0.93
C PHE D 662 -2.41 -72.37 1.84
N PRO D 663 -2.08 -73.50 2.47
CA PRO D 663 -0.92 -73.55 3.37
C PRO D 663 0.37 -73.18 2.65
N LEU D 664 1.23 -72.44 3.35
CA LEU D 664 2.49 -71.99 2.77
C LEU D 664 3.51 -73.11 2.73
N LYS D 665 3.51 -73.98 3.75
CA LYS D 665 4.51 -75.06 3.80
C LYS D 665 4.27 -76.11 2.72
N LEU D 666 3.02 -76.29 2.30
CA LEU D 666 2.68 -77.30 1.29
C LEU D 666 2.76 -76.74 -0.12
N PHE D 667 3.89 -76.14 -0.47
CA PHE D 667 4.11 -75.55 -1.78
C PHE D 667 5.23 -76.31 -2.49
N ASP D 668 4.98 -76.70 -3.73
CA ASP D 668 5.95 -77.47 -4.52
C ASP D 668 6.83 -76.49 -5.30
N THR D 669 8.15 -76.61 -5.11
CA THR D 669 9.12 -75.78 -5.79
C THR D 669 9.79 -76.51 -6.96
N SER D 670 9.27 -77.68 -7.34
CA SER D 670 9.87 -78.43 -8.45
C SER D 670 9.71 -77.71 -9.78
N SER D 671 8.74 -76.83 -9.92
CA SER D 671 8.56 -76.05 -11.13
C SER D 671 9.29 -74.72 -11.10
N CYS D 672 10.02 -74.43 -10.03
CA CYS D 672 10.78 -73.19 -9.88
C CYS D 672 12.26 -73.45 -10.11
N LYS D 673 13.03 -72.36 -10.12
CA LYS D 673 14.48 -72.39 -10.30
C LYS D 673 14.91 -73.27 -11.46
#